data_6DVE
#
_entry.id   6DVE
#
_cell.length_a   142.762
_cell.length_b   160.613
_cell.length_c   240.181
_cell.angle_alpha   90.00
_cell.angle_beta   90.00
_cell.angle_gamma   90.00
#
_symmetry.space_group_name_H-M   'P 21 21 21'
#
loop_
_entity.id
_entity.type
_entity.pdbx_description
1 polymer 'DNA-directed RNA polymerase subunit alpha'
2 polymer 'DNA-directed RNA polymerase subunit beta'
3 polymer "DNA-directed RNA polymerase subunit beta'"
4 polymer 'DNA-directed RNA polymerase subunit omega'
5 polymer 'ECF RNA polymerase sigma factor SigL'
6 polymer "DNA (5'-D(*GP*CP*AP*TP*CP*CP*GP*TP*GP*AP*GP*T)-3')"
7 polymer "DNA (5'-D(P*CP*GP*TP*GP*TP*GP*AP*GP*TP*AP*AP*CP*TP*GP*TP*CP*AP*CP*GP*GP*AP*TP*GP*C)-3')"
8 non-polymer 'ZINC ION'
#
loop_
_entity_poly.entity_id
_entity_poly.type
_entity_poly.pdbx_seq_one_letter_code
_entity_poly.pdbx_strand_id
1 'polypeptide(L)'
;MGHHHHHHHHHHMLISQRPTLSEDVLTDNRSQFVIEPLEPGFGYTLGNSLRRTLLSSIPGAAVTSIRIDGVLHEFTTVPG
VKEDVTEIILNLKSLVVSSEEDEPVTMYLRKQGPGEVTAGDIVPPAGVTVHNPGMHIATLNDKGKLEVELVVERGRGYVP
AVQNRASGAEIGRIPVDSIYSPVLKVTYKVDATRVEQRTDFDKLILDVETKNSISPRDALASAGKTLVELFGLARELNVE
AEGIEIGPSPAEADHIASFALPIDDLDLTVRSYNCLKREGVHTVGELVARTESDLLDIRNFGQKSIDEVKIKLHQLGLSL
KDSPPSFDPSEVAGYDVATGTWSTEGAYDEQDYAETEQL
;
A,B
2 'polypeptide(L)'
;MLEGCILADSRQSKTAASPSPSRPQSSSNNSVPGAPNRVSFAKLREPLEVPGLLDVQTDSFEWLIGSPRWRESAAERGDV
NPVGGLEEVLYELSPIEDFSGSMSLSFSDPRFDDVKAPVDECKDKDMTYAAPLFVTAEFINNNTGEIKSQTVFMGDFPMM
TEKGTFIINGTERVVVSQLVRSPGVYFDETIDKSTDKTLHSVKVIPSRGAWLEFDVDKRDTVGVRIDRKRRQPVTVLLKA
LGWTSEQIVERFGFSEIMRSTLEKDNTVGTDEALLDIYRKLRPGEPPTKESAQTLLENLFFKEKRYDLARVGRYKVNKKL
GLHVGEPITSSTLTEEDVVATIEYLVRLHEGQTTMTVPGGVEVPVETDDIDHFGNRRLRTVGELIQNQIRVGMSRMERVV
RERMTTQDVEAITPQTLINIRPVVAAIKEFFGTSQLSQFMDQNNPLSGLTHKRRLSALGPGGLSRERAGLEVRDVHPSHY
GRMCPIETPEGPNIGLIGSLSVYARVNPFGFIETPYRKVVDGVVSDEIVYLTADEEDRHVVAQANSPIDADGRFVEPRVL
VRRKAGEVEYVPSSEVDYMDVSPRQMVSVATAMIPFLEHDDANRALMGANMQRQAVPLVRSEAPLVGTGMELRAAIDAGD
VVVAEESGVIEEVSADYITVMHDNGTRRTYRMRKFARSNHGTCANQCPIVDAGDRVEAGQVIADGPCTDDGEMALGKNLL
VAIMPWEGHNYEDAIILSNRLVEEDVLTSIHIEEHEIDARDTKLGAEEITRDIPNISDEVLADLDERGIVRIGAEVRDGD
ILVGKVTPKGETELTPEERLLRAIFGEKAREVRDTSLKVPHGESGKVIGIRVFSREDEDELPAGVNELVRVYVAQKRKIS
DGDKLAGRHGNKGVIGKILPVEDMPFLADGTPVDIILNTHGVPRRMNIGQILETHLGWCAHSGWKVDAAKGVPDWAARLP
DELLEAQPNAIVSTPVFDGAQEAELQGLLSCTLPNRDGDVLVDADGKAMLFDGRSGEPFPYPVTVGYMYIMKLHHLVDDK
IHARSTGPYSMITQQPLGGKAQFGGQRFGEMECWAMQAYGAAYTLQELLTIKSDDTVGRVKVYEAIVKGENIPEPGIPES
FKVLLKELQSLCLNVEVLSSDGAAIELREGEDEDLERAAANLGINLSRNESASVEDLA
;
C
3 'polypeptide(L)'
;MLDVNFFDELRIGLATAEDIRQWSYGEVKKPETINYRTLKPEKDGLFCEKIFGPTRDWECYCGKYKRVRFKGIICERCGV
EVTRAKVRRERMGHIELAAPVTHIWYFKGVPSRLGYLLDLAPKDLEKIIYFAAYVITSVDEEMRHNELSTLEAEMAVERK
AVEDQRDGELEARAQKLEADLAELEAEGAKADARRKVRDGGEREMRQIRDRAQRELDRLEDIWSTFTKLAPKQLIVDENL
YRELVDRYGEYFTGAMGAESIQKLIENFDIDAEAESLRDVIRNGKGQKKLRALKRLKVVAAFQQSGNSPMGMVLDAVPVI
PPELRPMVQLDGGRFATSDLNDLYRRVINRNNRLKRLIDLGAPEIIVNNEKRMLQESVDALFDNGRRGRPVTGPGNRPLK
SLSDLLKGKQGRFRQNLLGKRVDYSGRSVIVVGPQLKLHQCGLPKLMALELFKPFVMKRLVDLNHAQNIKSAKRMVERQR
PQVWDVLEEVIAEHPVLLNRAPTLHRLGIQAFEPMLVEGKAIQLHPLVCEAFNADFDGDQMAVHLPLSAEAQAEARILML
SSNNILSPASGRPLAMPRLDMVTGLYYLTTEVPGDTGEYQPASGDHPETGVYSSPAEAIMAADRGVLSVRAKIKVRLTQL
RPPVEIEAELFGHSGWQPGDAWMAETTLGRVMFNELLPLGYPFVNKQMHKKVQAAIINDLAERYPMIVVAQTVDKLKDAG
FYWATRSGVTVSMADVLVPPRKKEILDHYEERADKVEKQFQRGALNHDERNEALVEIWKEATDEVGQALREHYPDDNPII
TIVDSGATGNFTQTRTLAGMKGLVTNPKGEFIPRPVKSSFREGLTVLEYFINTHGARKGLADTALRTADSGYLTRRLVDV
SQDVIVREHDCQTERGIVVELAERAPDGTLIRDPYIETSAYARTLGTDAVDEAGNVIVERGQDLGDPEIDALLAAGITQV
KVRSVLTCATSTGVCATCYGRSMATGKLVDIGEAVGIVAAQSIGEPGTQLTMRTFHQGGVGEDITGGLPRVQELFEARVP
RGKAPIADVTGRVRLEDGERFYKITIVPDDGGEEVVYDKISKRQRLRVFKHEDGSERVLSDGDHVEVGQQLMEGSADPHE
VLRVQGPREVQIHLVREVQEVYRAQGVSIHDKHIEVIVRQMLRRVTIIDSGSTEFLPGSLIDRAEFEAENRRVVAEGGEP
AAGRPVLMGITKASLATDSWLSAASFQETTRVLTDAAINCRSDKLNGLKENVIIGKLIPAGTGINRYRNIAVQPTEEARA
AAYTIPSYEDQYYSPDFGAATGAAVPLDDYGYSDYR
;
D
4 'polypeptide(L)'
;MSISQSDASLAAVPAVDQFDPSSGASGGYDTPLGITNPPIDELLDRVSSKYALVIYAAKRARQINDYYNQLGEGILEYVG
PLVEPGLQEKPLSIALREIHADLLEHTEGE
;
E
5 'polypeptide(L)'
;(MSE)ARVSGAAAAEAAL(MSE)RALYDEHAAVLWRYALRLTGDAAQAEDVVQETLLRAWQHPEVIGDTARPARAWLFTV
ARN(MSE)IIDERRSARFRNVVGSTDQSGTPEQSTPDEVNAALDRLLIADALAQLSAEHRAVIQRSYYRGWSTAQIATDL
GIAEGTVKSRLHYAVRALRLTLQELGVTR
;
F
6 'polydeoxyribonucleotide' (DG)(DC)(DA)(DT)(DC)(DC)(DG)(DT)(DG)(DA)(DG)(DT) G
7 'polydeoxyribonucleotide'
;(DC)(DG)(DT)(DG)(DT)(DC)(DA)(DG)(DT)(DA)(DA)(DC)(DT)(DG)(DT)(DC)(DA)(DC)(DG)(DG)
(DA)(DT)(DG)(DC)
;
H
#
# COMPACT_ATOMS: atom_id res chain seq x y z
N LEU A 14 59.91 -35.50 3.13
CA LEU A 14 59.22 -34.23 3.37
C LEU A 14 59.18 -33.91 4.86
N ILE A 15 59.66 -32.72 5.22
CA ILE A 15 59.76 -32.31 6.61
C ILE A 15 59.81 -30.79 6.67
N SER A 16 59.64 -30.23 7.87
CA SER A 16 59.47 -28.79 8.03
C SER A 16 60.76 -28.04 7.85
N GLN A 17 60.63 -26.80 7.35
CA GLN A 17 61.68 -25.79 7.39
C GLN A 17 61.05 -24.53 7.95
N ARG A 18 61.72 -23.89 8.90
CA ARG A 18 61.13 -22.74 9.57
C ARG A 18 60.92 -21.59 8.58
N PRO A 19 59.74 -20.99 8.54
CA PRO A 19 59.45 -19.99 7.51
C PRO A 19 60.28 -18.73 7.67
N THR A 20 60.38 -17.99 6.57
CA THR A 20 61.18 -16.78 6.48
C THR A 20 60.34 -15.66 5.92
N LEU A 21 60.48 -14.47 6.50
CA LEU A 21 59.81 -13.26 6.07
C LEU A 21 60.83 -12.28 5.53
N SER A 22 60.66 -11.87 4.28
CA SER A 22 61.57 -10.94 3.61
C SER A 22 60.79 -9.75 3.08
N GLU A 23 61.37 -8.56 3.22
CA GLU A 23 60.71 -7.32 2.85
C GLU A 23 61.30 -6.76 1.56
N ASP A 24 60.42 -6.37 0.65
CA ASP A 24 60.77 -5.60 -0.54
C ASP A 24 60.01 -4.28 -0.49
N VAL A 25 60.67 -3.20 -0.89
CA VAL A 25 60.06 -1.88 -0.89
C VAL A 25 59.77 -1.46 -2.32
N LEU A 26 58.60 -0.88 -2.55
CA LEU A 26 58.25 -0.33 -3.85
C LEU A 26 58.29 1.19 -3.86
N THR A 27 57.64 1.82 -2.87
CA THR A 27 57.76 3.25 -2.64
C THR A 27 57.96 3.50 -1.16
N ASP A 28 57.92 4.76 -0.73
CA ASP A 28 58.08 5.05 0.69
C ASP A 28 56.84 4.69 1.50
N ASN A 29 55.73 4.35 0.85
CA ASN A 29 54.51 3.97 1.56
C ASN A 29 53.88 2.71 0.95
N ARG A 30 54.70 1.84 0.36
CA ARG A 30 54.21 0.57 -0.15
C ARG A 30 55.33 -0.47 -0.11
N SER A 31 55.02 -1.61 0.50
CA SER A 31 56.00 -2.68 0.64
C SER A 31 55.34 -4.03 0.46
N GLN A 32 56.07 -4.95 -0.16
CA GLN A 32 55.69 -6.34 -0.24
C GLN A 32 56.48 -7.15 0.77
N PHE A 33 55.87 -8.22 1.27
CA PHE A 33 56.45 -9.09 2.27
C PHE A 33 56.23 -10.53 1.84
N VAL A 34 57.32 -11.25 1.58
CA VAL A 34 57.25 -12.64 1.13
C VAL A 34 57.51 -13.54 2.33
N ILE A 35 56.61 -14.48 2.56
CA ILE A 35 56.70 -15.46 3.63
C ILE A 35 56.76 -16.84 3.00
N GLU A 36 57.81 -17.58 3.30
CA GLU A 36 58.01 -18.90 2.71
C GLU A 36 59.10 -19.62 3.48
N PRO A 37 59.01 -20.95 3.63
CA PRO A 37 57.96 -21.80 3.06
C PRO A 37 56.74 -21.99 3.97
N LEU A 38 55.58 -22.16 3.36
CA LEU A 38 54.34 -22.43 4.07
C LEU A 38 53.71 -23.70 3.51
N GLU A 39 52.92 -24.37 4.35
CA GLU A 39 52.26 -25.60 3.93
C GLU A 39 51.31 -25.31 2.76
N PRO A 40 51.03 -26.29 1.92
CA PRO A 40 50.12 -26.05 0.78
C PRO A 40 48.71 -25.72 1.26
N GLY A 41 48.15 -24.66 0.68
CA GLY A 41 46.85 -24.18 1.09
C GLY A 41 46.85 -23.27 2.29
N PHE A 42 48.02 -22.92 2.82
CA PHE A 42 48.13 -22.13 4.04
C PHE A 42 48.38 -20.65 3.79
N GLY A 43 48.91 -20.29 2.62
CA GLY A 43 49.30 -18.91 2.40
C GLY A 43 48.13 -17.95 2.29
N TYR A 44 47.06 -18.38 1.63
CA TYR A 44 45.88 -17.52 1.48
C TYR A 44 45.34 -17.09 2.83
N THR A 45 45.24 -18.02 3.78
CA THR A 45 44.64 -17.69 5.06
C THR A 45 45.53 -16.77 5.89
N LEU A 46 46.85 -16.98 5.83
CA LEU A 46 47.77 -16.07 6.52
C LEU A 46 47.68 -14.66 5.94
N GLY A 47 47.72 -14.56 4.60
CA GLY A 47 47.57 -13.27 3.97
C GLY A 47 46.27 -12.58 4.35
N ASN A 48 45.19 -13.36 4.44
CA ASN A 48 43.89 -12.77 4.77
C ASN A 48 43.85 -12.30 6.22
N SER A 49 44.39 -13.10 7.14
CA SER A 49 44.42 -12.67 8.54
C SER A 49 45.23 -11.40 8.71
N LEU A 50 46.40 -11.33 8.06
CA LEU A 50 47.21 -10.12 8.13
C LEU A 50 46.48 -8.93 7.52
N ARG A 51 45.83 -9.14 6.36
CA ARG A 51 45.11 -8.06 5.71
C ARG A 51 43.95 -7.56 6.57
N ARG A 52 43.25 -8.47 7.24
CA ARG A 52 42.11 -8.08 8.06
C ARG A 52 42.56 -7.33 9.31
N THR A 53 43.65 -7.78 9.95
CA THR A 53 44.16 -7.04 11.10
C THR A 53 44.74 -5.69 10.68
N LEU A 54 45.27 -5.59 9.46
CA LEU A 54 45.85 -4.33 9.00
C LEU A 54 44.75 -3.31 8.69
N LEU A 55 43.72 -3.72 7.95
CA LEU A 55 42.67 -2.81 7.53
C LEU A 55 41.76 -2.36 8.66
N SER A 56 41.97 -2.83 9.90
CA SER A 56 41.03 -2.56 10.97
C SER A 56 41.69 -2.08 12.25
N SER A 57 42.71 -2.81 12.72
CA SER A 57 43.21 -2.58 14.07
C SER A 57 44.68 -2.14 14.09
N ILE A 58 45.03 -1.13 13.32
CA ILE A 58 46.36 -0.53 13.35
C ILE A 58 46.25 0.84 14.01
N PRO A 59 47.00 1.11 15.07
CA PRO A 59 46.84 2.37 15.79
C PRO A 59 47.26 3.57 14.94
N GLY A 60 46.53 4.66 15.09
CA GLY A 60 46.83 5.89 14.40
C GLY A 60 46.10 7.06 15.03
N ALA A 61 46.49 8.26 14.62
CA ALA A 61 45.92 9.48 15.16
C ALA A 61 45.04 10.16 14.11
N ALA A 62 44.00 10.83 14.59
CA ALA A 62 43.09 11.57 13.73
C ALA A 62 42.48 12.70 14.52
N VAL A 63 41.81 13.61 13.81
CA VAL A 63 41.20 14.79 14.42
C VAL A 63 39.81 14.39 14.93
N THR A 64 39.58 14.61 16.23
CA THR A 64 38.28 14.30 16.82
C THR A 64 37.25 15.37 16.48
N SER A 65 37.47 16.60 16.93
CA SER A 65 36.56 17.71 16.70
C SER A 65 37.34 18.92 16.23
N ILE A 66 36.62 19.94 15.76
CA ILE A 66 37.20 21.21 15.38
C ILE A 66 36.39 22.33 16.01
N ARG A 67 36.88 23.55 15.86
CA ARG A 67 36.19 24.73 16.39
C ARG A 67 36.61 25.93 15.57
N ILE A 68 35.68 26.45 14.77
CA ILE A 68 35.90 27.67 14.00
C ILE A 68 35.24 28.83 14.75
N ASP A 69 35.93 29.97 14.77
CA ASP A 69 35.50 31.08 15.61
C ASP A 69 34.15 31.63 15.16
N GLY A 70 33.97 31.86 13.86
CA GLY A 70 32.78 32.53 13.37
C GLY A 70 31.55 31.66 13.23
N VAL A 71 31.67 30.34 13.42
CA VAL A 71 30.56 29.44 13.21
C VAL A 71 30.21 28.74 14.52
N LEU A 72 28.98 28.23 14.59
CA LEU A 72 28.51 27.46 15.73
C LEU A 72 28.06 26.06 15.35
N HIS A 73 28.02 25.71 14.06
CA HIS A 73 27.62 24.39 13.62
C HIS A 73 28.14 24.18 12.19
N GLU A 74 27.90 22.98 11.66
CA GLU A 74 28.44 22.61 10.34
C GLU A 74 27.75 23.36 9.21
N PHE A 75 26.47 23.67 9.36
CA PHE A 75 25.64 24.11 8.23
C PHE A 75 25.60 25.63 8.16
N THR A 76 26.74 26.21 7.78
CA THR A 76 26.86 27.65 7.62
C THR A 76 28.08 27.94 6.75
N THR A 77 28.34 29.24 6.56
CA THR A 77 29.47 29.70 5.74
C THR A 77 30.30 30.68 6.54
N VAL A 78 31.56 30.81 6.15
CA VAL A 78 32.48 31.80 6.71
C VAL A 78 32.66 32.91 5.67
N PRO A 79 32.58 34.17 6.07
CA PRO A 79 32.72 35.26 5.09
C PRO A 79 34.11 35.25 4.45
N GLY A 80 34.14 35.29 3.12
CA GLY A 80 35.35 35.39 2.35
C GLY A 80 35.86 34.07 1.79
N VAL A 81 35.54 32.95 2.43
CA VAL A 81 36.01 31.65 1.98
C VAL A 81 35.05 31.10 0.94
N LYS A 82 35.59 30.33 -0.01
CA LYS A 82 34.79 29.79 -1.09
C LYS A 82 33.99 28.56 -0.65
N GLU A 83 34.49 27.82 0.32
CA GLU A 83 33.86 26.58 0.76
C GLU A 83 33.07 26.82 2.05
N ASP A 84 31.88 26.23 2.12
CA ASP A 84 31.12 26.25 3.35
C ASP A 84 31.81 25.37 4.41
N VAL A 85 31.30 25.43 5.64
CA VAL A 85 31.92 24.69 6.74
C VAL A 85 31.85 23.19 6.49
N THR A 86 30.78 22.71 5.87
CA THR A 86 30.66 21.29 5.58
C THR A 86 31.75 20.83 4.61
N GLU A 87 31.98 21.61 3.55
CA GLU A 87 33.02 21.28 2.60
C GLU A 87 34.41 21.35 3.24
N ILE A 88 34.61 22.32 4.14
CA ILE A 88 35.89 22.43 4.83
C ILE A 88 36.12 21.21 5.73
N ILE A 89 35.07 20.75 6.40
CA ILE A 89 35.20 19.55 7.24
C ILE A 89 35.47 18.32 6.38
N LEU A 90 34.82 18.23 5.21
CA LEU A 90 35.10 17.13 4.30
C LEU A 90 36.54 17.15 3.82
N ASN A 91 37.09 18.36 3.58
CA ASN A 91 38.49 18.47 3.19
C ASN A 91 39.41 18.07 4.35
N LEU A 92 39.04 18.44 5.58
CA LEU A 92 39.84 18.07 6.74
C LEU A 92 39.78 16.57 7.03
N LYS A 93 38.73 15.89 6.58
CA LYS A 93 38.67 14.44 6.74
C LYS A 93 39.80 13.72 6.02
N SER A 94 40.40 14.35 5.00
CA SER A 94 41.51 13.75 4.27
C SER A 94 42.84 13.88 5.00
N LEU A 95 42.89 14.65 6.09
CA LEU A 95 44.14 14.91 6.78
C LEU A 95 44.71 13.63 7.39
N VAL A 96 46.02 13.45 7.24
CA VAL A 96 46.75 12.38 7.90
C VAL A 96 47.68 13.01 8.93
N VAL A 97 47.67 12.46 10.14
CA VAL A 97 48.42 13.04 11.26
C VAL A 97 48.73 11.91 12.23
N SER A 98 49.89 12.01 12.88
CA SER A 98 50.29 11.07 13.91
C SER A 98 50.57 11.81 15.20
N SER A 99 50.23 11.19 16.33
CA SER A 99 50.38 11.81 17.65
C SER A 99 51.23 10.92 18.55
N GLU A 100 52.09 11.55 19.35
CA GLU A 100 52.89 10.85 20.34
C GLU A 100 52.27 10.86 21.72
N GLU A 101 51.31 11.76 21.98
CA GLU A 101 50.80 11.96 23.33
C GLU A 101 49.77 10.92 23.73
N ASP A 102 49.01 10.38 22.77
CA ASP A 102 47.88 9.49 23.04
C ASP A 102 46.84 10.12 23.94
N GLU A 103 46.82 11.44 24.01
CA GLU A 103 45.86 12.20 24.80
C GLU A 103 45.37 13.37 23.96
N PRO A 104 44.19 13.90 24.26
CA PRO A 104 43.65 15.01 23.46
C PRO A 104 44.58 16.21 23.46
N VAL A 105 45.00 16.61 22.26
CA VAL A 105 45.86 17.77 22.05
C VAL A 105 45.21 18.65 21.00
N THR A 106 45.67 19.90 20.90
CA THR A 106 45.03 20.90 20.06
C THR A 106 46.02 21.50 19.07
N MET A 107 45.68 21.41 17.78
CA MET A 107 46.34 22.12 16.70
C MET A 107 45.59 23.42 16.42
N TYR A 108 46.31 24.39 15.86
CA TYR A 108 45.74 25.71 15.58
C TYR A 108 46.03 26.09 14.13
N LEU A 109 45.19 26.99 13.60
CA LEU A 109 45.32 27.44 12.22
C LEU A 109 44.73 28.83 12.10
N ARG A 110 45.56 29.81 11.75
CA ARG A 110 45.11 31.16 11.47
C ARG A 110 45.65 31.60 10.12
N LYS A 111 44.76 32.08 9.25
CA LYS A 111 45.19 32.54 7.94
C LYS A 111 44.28 33.66 7.45
N GLN A 112 44.89 34.73 6.95
CA GLN A 112 44.19 35.87 6.39
C GLN A 112 44.32 35.85 4.87
N GLY A 113 43.20 36.04 4.18
CA GLY A 113 43.20 36.07 2.74
C GLY A 113 43.84 37.34 2.20
N PRO A 114 44.08 37.40 0.88
CA PRO A 114 43.78 36.34 -0.10
C PRO A 114 44.78 35.18 -0.04
N GLY A 115 44.46 34.08 -0.70
CA GLY A 115 45.33 32.93 -0.79
C GLY A 115 44.62 31.65 -0.44
N GLU A 116 45.36 30.55 -0.56
CA GLU A 116 44.84 29.21 -0.30
C GLU A 116 45.35 28.71 1.04
N VAL A 117 44.43 28.30 1.91
CA VAL A 117 44.77 27.66 3.16
C VAL A 117 44.96 26.17 2.90
N THR A 118 46.16 25.67 3.19
CA THR A 118 46.53 24.27 3.02
C THR A 118 46.81 23.64 4.38
N ALA A 119 47.22 22.37 4.36
CA ALA A 119 47.53 21.67 5.60
C ALA A 119 48.85 22.13 6.21
N GLY A 120 49.74 22.71 5.41
CA GLY A 120 50.99 23.25 5.95
C GLY A 120 50.80 24.50 6.78
N ASP A 121 49.70 25.22 6.57
CA ASP A 121 49.40 26.41 7.36
C ASP A 121 49.04 26.07 8.81
N ILE A 122 48.79 24.81 9.12
CA ILE A 122 48.47 24.40 10.48
C ILE A 122 49.76 24.32 11.29
N VAL A 123 49.71 24.82 12.53
CA VAL A 123 50.85 24.76 13.43
C VAL A 123 50.60 23.66 14.46
N PRO A 124 51.23 22.50 14.32
CA PRO A 124 50.99 21.40 15.26
C PRO A 124 51.81 21.57 16.52
N PRO A 125 51.25 21.24 17.69
CA PRO A 125 52.05 21.27 18.93
C PRO A 125 53.09 20.17 18.96
N ALA A 126 53.85 20.09 20.06
CA ALA A 126 54.90 19.09 20.19
C ALA A 126 54.31 17.69 20.25
N GLY A 127 54.84 16.79 19.43
CA GLY A 127 54.37 15.41 19.40
C GLY A 127 53.62 15.06 18.14
N VAL A 128 52.74 15.93 17.71
CA VAL A 128 51.93 15.70 16.52
C VAL A 128 52.55 16.42 15.34
N THR A 129 52.25 15.95 14.14
CA THR A 129 52.78 16.57 12.93
C THR A 129 51.93 16.15 11.73
N VAL A 130 51.80 17.07 10.78
CA VAL A 130 51.03 16.84 9.56
C VAL A 130 51.94 16.21 8.51
N HIS A 131 51.41 15.21 7.80
CA HIS A 131 52.20 14.43 6.85
C HIS A 131 51.92 14.76 5.40
N ASN A 132 51.07 15.74 5.11
CA ASN A 132 50.84 16.21 3.74
C ASN A 132 50.52 17.69 3.78
N PRO A 133 51.54 18.54 3.91
CA PRO A 133 51.30 19.99 4.06
C PRO A 133 50.74 20.66 2.83
N GLY A 134 50.55 19.95 1.72
CA GLY A 134 50.05 20.54 0.49
C GLY A 134 48.59 20.30 0.20
N MET A 135 47.84 19.70 1.13
CA MET A 135 46.43 19.42 0.89
C MET A 135 45.61 20.70 0.90
N HIS A 136 44.76 20.86 -0.12
CA HIS A 136 43.87 22.01 -0.17
C HIS A 136 42.85 21.94 0.94
N ILE A 137 42.68 23.05 1.67
CA ILE A 137 41.66 23.18 2.70
C ILE A 137 40.63 24.23 2.33
N ALA A 138 41.08 25.43 1.97
CA ALA A 138 40.13 26.49 1.67
C ALA A 138 40.75 27.51 0.73
N THR A 139 39.87 28.29 0.09
CA THR A 139 40.27 29.41 -0.77
C THR A 139 39.70 30.68 -0.16
N LEU A 140 40.56 31.66 0.11
CA LEU A 140 40.17 32.89 0.78
C LEU A 140 40.49 34.08 -0.13
N ASN A 141 39.57 35.04 -0.17
CA ASN A 141 39.78 36.26 -0.93
C ASN A 141 40.21 37.38 0.02
N ASP A 142 39.97 38.63 -0.37
CA ASP A 142 40.43 39.76 0.42
C ASP A 142 39.74 39.82 1.78
N LYS A 143 38.45 39.50 1.83
CA LYS A 143 37.66 39.59 3.05
C LYS A 143 37.67 38.30 3.87
N GLY A 144 38.49 37.33 3.49
CA GLY A 144 38.47 36.03 4.12
C GLY A 144 39.47 35.92 5.27
N LYS A 145 38.99 35.41 6.40
CA LYS A 145 39.82 35.14 7.57
C LYS A 145 39.37 33.82 8.17
N LEU A 146 40.32 32.90 8.38
CA LEU A 146 40.01 31.58 8.88
C LEU A 146 40.83 31.31 10.14
N GLU A 147 40.13 31.00 11.24
CA GLU A 147 40.75 30.70 12.52
C GLU A 147 40.10 29.42 13.06
N VAL A 148 40.86 28.33 13.11
CA VAL A 148 40.34 27.01 13.41
C VAL A 148 41.22 26.34 14.46
N GLU A 149 40.58 25.75 15.47
CA GLU A 149 41.22 24.81 16.39
C GLU A 149 40.83 23.40 15.99
N LEU A 150 41.76 22.45 16.18
CA LEU A 150 41.55 21.07 15.76
C LEU A 150 42.04 20.15 16.87
N VAL A 151 41.11 19.47 17.54
CA VAL A 151 41.49 18.52 18.60
C VAL A 151 41.86 17.20 17.94
N VAL A 152 43.08 16.74 18.18
CA VAL A 152 43.57 15.45 17.72
C VAL A 152 43.75 14.54 18.92
N GLU A 153 43.14 13.36 18.85
CA GLU A 153 43.35 12.28 19.80
C GLU A 153 44.00 11.11 19.05
N ARG A 154 44.02 9.94 19.68
CA ARG A 154 44.63 8.77 19.06
C ARG A 154 43.85 7.52 19.46
N GLY A 155 43.32 6.83 18.46
CA GLY A 155 42.63 5.56 18.68
C GLY A 155 42.95 4.57 17.58
N ARG A 156 41.97 3.75 17.21
CA ARG A 156 42.16 2.81 16.11
C ARG A 156 40.83 2.63 15.39
N GLY A 157 40.92 2.20 14.13
CA GLY A 157 39.72 1.94 13.36
C GLY A 157 38.99 3.21 13.00
N TYR A 158 37.66 3.14 13.05
CA TYR A 158 36.80 4.26 12.69
C TYR A 158 35.78 4.47 13.80
N VAL A 159 35.69 5.70 14.29
CA VAL A 159 34.72 6.09 15.31
C VAL A 159 33.85 7.19 14.73
N PRO A 160 32.53 7.13 14.90
CA PRO A 160 31.68 8.24 14.46
C PRO A 160 31.89 9.47 15.32
N ALA A 161 31.34 10.59 14.85
CA ALA A 161 31.45 11.84 15.58
C ALA A 161 30.78 11.72 16.94
N VAL A 162 31.50 12.10 17.99
CA VAL A 162 30.98 11.98 19.35
C VAL A 162 29.90 13.03 19.58
N GLN A 163 28.77 12.59 20.11
CA GLN A 163 27.64 13.50 20.34
C GLN A 163 27.99 14.55 21.40
N ASN A 164 27.35 15.71 21.27
CA ASN A 164 27.57 16.77 22.26
C ASN A 164 26.87 16.45 23.58
N ARG A 165 25.82 15.64 23.54
CA ARG A 165 25.18 15.22 24.78
C ARG A 165 26.03 14.22 25.54
N ALA A 166 26.79 13.39 24.83
CA ALA A 166 27.67 12.42 25.49
C ALA A 166 28.93 13.09 26.04
N SER A 167 29.51 14.02 25.27
CA SER A 167 30.70 14.73 25.72
C SER A 167 30.31 15.94 26.57
N GLY A 168 31.31 16.50 27.23
CA GLY A 168 31.15 17.75 27.94
C GLY A 168 31.41 18.98 27.08
N ALA A 169 31.62 18.79 25.79
CA ALA A 169 31.89 19.91 24.89
C ALA A 169 30.66 20.81 24.76
N GLU A 170 30.89 22.11 24.73
CA GLU A 170 29.82 23.08 24.67
C GLU A 170 29.43 23.32 23.21
N ILE A 171 28.65 24.38 22.96
CA ILE A 171 27.97 24.54 21.68
C ILE A 171 28.97 24.76 20.56
N GLY A 172 30.00 25.59 20.79
CA GLY A 172 30.90 25.99 19.72
C GLY A 172 31.68 24.86 19.09
N ARG A 173 31.84 23.74 19.78
CA ARG A 173 32.65 22.64 19.27
C ARG A 173 31.87 21.82 18.25
N ILE A 174 32.57 21.45 17.17
CA ILE A 174 31.98 20.71 16.06
C ILE A 174 32.69 19.36 15.97
N PRO A 175 32.04 18.28 16.42
CA PRO A 175 32.67 16.96 16.30
C PRO A 175 32.71 16.47 14.87
N VAL A 176 33.75 15.70 14.57
CA VAL A 176 33.99 15.16 13.23
C VAL A 176 34.23 13.66 13.37
N ASP A 177 33.85 12.92 12.32
CA ASP A 177 34.18 11.50 12.25
C ASP A 177 35.69 11.33 12.14
N SER A 178 36.23 10.37 12.88
CA SER A 178 37.66 10.13 12.94
C SER A 178 37.99 8.79 12.32
N ILE A 179 38.91 8.79 11.34
CA ILE A 179 39.38 7.57 10.70
C ILE A 179 40.82 7.32 11.16
N TYR A 180 40.99 6.51 12.19
CA TYR A 180 42.30 6.33 12.81
C TYR A 180 43.20 5.36 12.06
N SER A 181 42.70 4.66 11.04
CA SER A 181 43.50 3.65 10.37
C SER A 181 44.56 4.30 9.50
N PRO A 182 45.84 3.94 9.68
CA PRO A 182 46.91 4.55 8.87
C PRO A 182 47.18 3.80 7.58
N VAL A 183 46.73 2.55 7.48
CA VAL A 183 46.93 1.76 6.28
C VAL A 183 45.91 2.17 5.24
N LEU A 184 46.30 2.08 3.96
CA LEU A 184 45.47 2.52 2.86
C LEU A 184 44.92 1.36 2.03
N LYS A 185 45.77 0.41 1.66
CA LYS A 185 45.33 -0.69 0.79
C LYS A 185 46.22 -1.89 1.01
N VAL A 186 45.61 -3.05 1.28
CA VAL A 186 46.32 -4.29 1.54
C VAL A 186 45.75 -5.38 0.66
N THR A 187 46.63 -6.19 0.07
CA THR A 187 46.23 -7.34 -0.73
C THR A 187 47.28 -8.43 -0.56
N TYR A 188 47.12 -9.52 -1.31
CA TYR A 188 48.09 -10.60 -1.26
C TYR A 188 47.90 -11.53 -2.45
N LYS A 189 48.95 -12.29 -2.74
CA LYS A 189 48.90 -13.34 -3.74
C LYS A 189 49.84 -14.46 -3.32
N VAL A 190 49.45 -15.71 -3.58
CA VAL A 190 50.29 -16.83 -3.21
C VAL A 190 50.71 -17.58 -4.46
N ASP A 191 51.89 -18.19 -4.38
CA ASP A 191 52.41 -19.07 -5.42
C ASP A 191 52.45 -20.48 -4.87
N ALA A 192 51.74 -21.39 -5.51
CA ALA A 192 51.61 -22.77 -5.06
C ALA A 192 52.46 -23.68 -5.95
N THR A 193 53.31 -24.48 -5.32
CA THR A 193 54.14 -25.45 -6.04
C THR A 193 53.36 -26.74 -6.14
N ARG A 194 52.63 -26.90 -7.25
CA ARG A 194 51.75 -28.04 -7.45
C ARG A 194 52.38 -29.14 -8.29
N VAL A 195 53.72 -29.13 -8.41
CA VAL A 195 54.41 -30.21 -9.10
C VAL A 195 54.31 -31.47 -8.26
N GLU A 196 53.70 -32.52 -8.82
CA GLU A 196 53.51 -33.77 -8.09
C GLU A 196 54.83 -34.39 -7.68
N GLN A 197 55.22 -34.18 -6.42
CA GLN A 197 56.48 -34.70 -5.91
C GLN A 197 56.41 -34.73 -4.39
N ARG A 198 57.54 -35.00 -3.74
CA ARG A 198 57.59 -35.08 -2.29
C ARG A 198 57.49 -33.72 -1.62
N THR A 199 57.83 -32.64 -2.32
CA THR A 199 57.92 -31.31 -1.73
C THR A 199 56.91 -30.38 -2.39
N ASP A 200 55.95 -29.91 -1.61
CA ASP A 200 55.01 -28.87 -2.02
C ASP A 200 54.98 -27.79 -0.96
N PHE A 201 54.94 -26.54 -1.39
CA PHE A 201 54.91 -25.42 -0.44
C PHE A 201 54.28 -24.21 -1.10
N ASP A 202 53.66 -23.37 -0.29
CA ASP A 202 53.05 -22.13 -0.73
C ASP A 202 53.89 -20.94 -0.29
N LYS A 203 54.08 -19.99 -1.20
CA LYS A 203 54.79 -18.75 -0.90
C LYS A 203 53.79 -17.61 -0.87
N LEU A 204 53.68 -16.93 0.27
CA LEU A 204 52.74 -15.84 0.43
C LEU A 204 53.44 -14.51 0.11
N ILE A 205 52.72 -13.64 -0.58
CA ILE A 205 53.21 -12.30 -0.95
C ILE A 205 52.15 -11.32 -0.47
N LEU A 206 52.41 -10.66 0.65
CA LEU A 206 51.54 -9.64 1.19
C LEU A 206 51.94 -8.28 0.63
N ASP A 207 50.96 -7.45 0.31
CA ASP A 207 51.20 -6.12 -0.25
C ASP A 207 50.51 -5.11 0.64
N VAL A 208 51.28 -4.20 1.24
CA VAL A 208 50.78 -3.24 2.21
C VAL A 208 51.09 -1.84 1.71
N GLU A 209 50.08 -0.96 1.76
CA GLU A 209 50.24 0.45 1.39
C GLU A 209 49.59 1.30 2.46
N THR A 210 50.38 2.20 3.06
CA THR A 210 49.95 3.06 4.14
C THR A 210 49.72 4.49 3.63
N LYS A 211 49.50 5.42 4.55
CA LYS A 211 49.19 6.80 4.22
C LYS A 211 50.22 7.76 4.81
N ASN A 212 51.50 7.37 4.76
CA ASN A 212 52.62 8.20 5.22
C ASN A 212 52.56 8.51 6.72
N SER A 213 51.54 8.00 7.41
CA SER A 213 51.53 8.13 8.86
C SER A 213 52.55 7.19 9.50
N ILE A 214 52.61 5.95 9.02
CA ILE A 214 53.62 4.98 9.43
C ILE A 214 54.11 4.25 8.19
N SER A 215 55.29 3.64 8.30
CA SER A 215 55.80 2.86 7.20
C SER A 215 55.14 1.48 7.18
N PRO A 216 55.09 0.81 6.02
CA PRO A 216 54.36 -0.47 5.94
C PRO A 216 54.84 -1.52 6.92
N ARG A 217 56.16 -1.63 7.13
CA ARG A 217 56.66 -2.66 8.04
C ARG A 217 56.24 -2.39 9.48
N ASP A 218 56.07 -1.13 9.87
CA ASP A 218 55.58 -0.83 11.20
C ASP A 218 54.13 -1.29 11.38
N ALA A 219 53.29 -1.06 10.37
CA ALA A 219 51.92 -1.55 10.43
C ALA A 219 51.87 -3.07 10.46
N LEU A 220 52.72 -3.73 9.67
CA LEU A 220 52.78 -5.18 9.70
C LEU A 220 53.24 -5.69 11.06
N ALA A 221 54.16 -4.96 11.71
CA ALA A 221 54.61 -5.36 13.04
C ALA A 221 53.51 -5.19 14.08
N SER A 222 52.71 -4.12 13.95
CA SER A 222 51.58 -3.94 14.86
C SER A 222 50.57 -5.07 14.69
N ALA A 223 50.26 -5.41 13.43
CA ALA A 223 49.35 -6.54 13.18
C ALA A 223 49.94 -7.85 13.70
N GLY A 224 51.26 -8.00 13.60
CA GLY A 224 51.90 -9.21 14.08
C GLY A 224 51.83 -9.33 15.59
N LYS A 225 52.04 -8.23 16.31
CA LYS A 225 51.87 -8.26 17.76
C LYS A 225 50.43 -8.56 18.13
N THR A 226 49.47 -7.93 17.43
CA THR A 226 48.06 -8.23 17.62
C THR A 226 47.80 -9.73 17.53
N LEU A 227 48.22 -10.33 16.42
CA LEU A 227 47.88 -11.72 16.17
C LEU A 227 48.67 -12.68 17.06
N VAL A 228 49.90 -12.33 17.42
CA VAL A 228 50.65 -13.15 18.38
C VAL A 228 49.91 -13.19 19.71
N GLU A 229 49.56 -12.01 20.24
CA GLU A 229 48.84 -11.98 21.51
C GLU A 229 47.51 -12.70 21.41
N LEU A 230 46.83 -12.58 20.27
CA LEU A 230 45.49 -13.15 20.14
C LEU A 230 45.55 -14.67 20.03
N PHE A 231 46.43 -15.19 19.19
CA PHE A 231 46.59 -16.64 19.08
C PHE A 231 47.23 -17.25 20.31
N GLY A 232 47.84 -16.44 21.18
CA GLY A 232 48.31 -16.95 22.45
C GLY A 232 47.21 -17.45 23.38
N LEU A 233 45.94 -17.22 23.02
CA LEU A 233 44.82 -17.69 23.83
C LEU A 233 44.59 -19.20 23.70
N ALA A 234 45.03 -19.81 22.60
CA ALA A 234 44.87 -21.25 22.45
C ALA A 234 46.02 -22.03 23.07
N ARG A 235 47.16 -21.38 23.29
CA ARG A 235 48.32 -22.07 23.86
C ARG A 235 48.12 -22.36 25.34
N GLU A 236 47.41 -21.49 26.06
CA GLU A 236 47.15 -21.73 27.47
C GLU A 236 46.21 -22.91 27.63
N LEU A 237 46.55 -23.82 28.54
CA LEU A 237 45.76 -25.02 28.73
C LEU A 237 44.57 -24.73 29.65
N ASN A 238 43.64 -25.68 29.67
CA ASN A 238 42.41 -25.52 30.44
C ASN A 238 42.57 -26.05 31.86
N MET B 13 47.32 1.33 20.88
CA MET B 13 45.93 1.60 20.56
C MET B 13 45.07 1.68 21.82
N LEU B 14 44.10 0.78 21.92
CA LEU B 14 43.21 0.71 23.07
C LEU B 14 43.12 -0.73 23.56
N ILE B 15 42.74 -0.88 24.83
CA ILE B 15 42.72 -2.19 25.47
C ILE B 15 41.49 -2.97 25.02
N SER B 16 41.70 -4.26 24.74
CA SER B 16 40.63 -5.18 24.38
C SER B 16 40.82 -6.44 25.24
N GLN B 17 40.14 -6.48 26.38
CA GLN B 17 40.38 -7.52 27.38
C GLN B 17 39.20 -8.49 27.44
N ARG B 18 39.37 -9.51 28.29
CA ARG B 18 38.43 -10.60 28.57
C ARG B 18 38.13 -11.51 27.39
N PRO B 19 39.13 -11.96 26.59
CA PRO B 19 38.84 -13.06 25.65
C PRO B 19 39.32 -14.39 26.21
N THR B 20 38.39 -15.30 26.49
CA THR B 20 38.71 -16.55 27.16
C THR B 20 38.42 -17.74 26.26
N LEU B 21 39.10 -18.85 26.56
CA LEU B 21 38.95 -20.10 25.83
C LEU B 21 38.35 -21.15 26.76
N SER B 22 37.21 -21.71 26.36
CA SER B 22 36.55 -22.76 27.12
C SER B 22 36.42 -24.01 26.26
N GLU B 23 36.37 -25.17 26.90
CA GLU B 23 36.35 -26.45 26.21
C GLU B 23 35.19 -27.30 26.72
N ASP B 24 34.43 -27.87 25.79
CA ASP B 24 33.40 -28.86 26.08
C ASP B 24 33.78 -30.15 25.37
N VAL B 25 33.89 -31.24 26.12
CA VAL B 25 34.41 -32.50 25.62
C VAL B 25 33.23 -33.35 25.15
N LEU B 26 33.09 -33.52 23.84
CA LEU B 26 32.01 -34.36 23.33
C LEU B 26 32.36 -35.84 23.50
N THR B 27 33.45 -36.26 22.88
CA THR B 27 34.05 -37.57 23.10
C THR B 27 35.48 -37.38 23.56
N ASP B 28 36.12 -38.50 23.92
CA ASP B 28 37.50 -38.42 24.42
C ASP B 28 38.46 -37.86 23.38
N ASN B 29 38.13 -38.02 22.10
CA ASN B 29 38.95 -37.50 21.01
C ASN B 29 38.17 -36.53 20.13
N ARG B 30 37.24 -35.78 20.72
CA ARG B 30 36.50 -34.74 20.00
C ARG B 30 36.01 -33.70 20.99
N SER B 31 36.31 -32.43 20.70
CA SER B 31 35.99 -31.35 21.61
C SER B 31 35.58 -30.11 20.85
N GLN B 32 34.76 -29.29 21.51
CA GLN B 32 34.36 -27.98 21.00
C GLN B 32 34.97 -26.90 21.89
N PHE B 33 35.76 -26.03 21.28
CA PHE B 33 36.36 -24.90 21.97
C PHE B 33 35.62 -23.62 21.60
N VAL B 34 35.48 -22.72 22.56
CA VAL B 34 34.85 -21.42 22.34
C VAL B 34 35.83 -20.34 22.77
N ILE B 35 36.16 -19.46 21.84
CA ILE B 35 36.94 -18.25 22.11
C ILE B 35 35.94 -17.11 22.18
N GLU B 36 35.83 -16.49 23.35
CA GLU B 36 34.69 -15.61 23.60
C GLU B 36 35.02 -14.63 24.70
N PRO B 37 34.71 -13.34 24.52
CA PRO B 37 34.26 -12.79 23.23
C PRO B 37 35.37 -12.03 22.51
N LEU B 38 35.36 -12.08 21.19
CA LEU B 38 36.33 -11.39 20.37
C LEU B 38 35.76 -10.10 19.80
N GLU B 39 36.65 -9.18 19.45
CA GLU B 39 36.22 -7.92 18.88
C GLU B 39 35.70 -8.11 17.45
N PRO B 40 34.77 -7.27 17.01
CA PRO B 40 34.25 -7.40 15.64
C PRO B 40 35.26 -6.89 14.62
N GLY B 41 35.68 -7.76 13.71
CA GLY B 41 35.22 -9.13 13.69
C GLY B 41 36.37 -10.12 13.64
N PHE B 42 37.14 -10.19 14.73
CA PHE B 42 38.31 -11.05 14.77
C PHE B 42 37.98 -12.54 14.77
N GLY B 43 36.72 -12.91 14.98
CA GLY B 43 36.35 -14.31 14.93
C GLY B 43 36.59 -14.94 13.57
N TYR B 44 36.45 -14.16 12.50
CA TYR B 44 36.72 -14.66 11.17
C TYR B 44 38.21 -14.58 10.82
N THR B 45 38.94 -13.64 11.42
CA THR B 45 40.37 -13.53 11.13
C THR B 45 41.13 -14.75 11.61
N LEU B 46 40.84 -15.22 12.82
CA LEU B 46 41.56 -16.33 13.43
C LEU B 46 40.77 -17.63 13.43
N GLY B 47 39.71 -17.71 12.64
CA GLY B 47 38.93 -18.93 12.54
C GLY B 47 39.47 -19.88 11.50
N ASN B 48 39.43 -19.45 10.23
CA ASN B 48 40.00 -20.26 9.16
C ASN B 48 41.48 -20.51 9.38
N SER B 49 42.18 -19.54 9.96
CA SER B 49 43.60 -19.73 10.27
C SER B 49 43.80 -20.87 11.25
N LEU B 50 43.04 -20.87 12.34
CA LEU B 50 43.15 -21.96 13.32
C LEU B 50 42.77 -23.30 12.71
N ARG B 51 41.71 -23.33 11.89
CA ARG B 51 41.29 -24.59 11.28
C ARG B 51 42.37 -25.15 10.36
N ARG B 52 42.92 -24.31 9.48
CA ARG B 52 43.93 -24.78 8.55
C ARG B 52 45.22 -25.13 9.28
N THR B 53 45.54 -24.43 10.36
CA THR B 53 46.72 -24.77 11.16
C THR B 53 46.56 -26.13 11.81
N LEU B 54 45.37 -26.42 12.33
CA LEU B 54 45.11 -27.74 12.88
C LEU B 54 45.23 -28.81 11.79
N LEU B 55 44.59 -28.57 10.64
CA LEU B 55 44.47 -29.61 9.63
C LEU B 55 45.74 -29.84 8.83
N SER B 56 46.66 -28.88 8.78
CA SER B 56 47.79 -28.97 7.86
C SER B 56 49.16 -28.77 8.49
N SER B 57 49.26 -28.60 9.80
CA SER B 57 50.55 -28.28 10.42
C SER B 57 50.66 -28.89 11.81
N ILE B 58 50.45 -30.21 11.91
CA ILE B 58 50.69 -30.95 13.14
C ILE B 58 51.45 -32.22 12.77
N PRO B 59 52.63 -32.47 13.34
CA PRO B 59 53.43 -33.62 12.91
C PRO B 59 52.80 -34.94 13.34
N GLY B 60 52.68 -35.86 12.38
CA GLY B 60 52.15 -37.18 12.66
C GLY B 60 52.67 -38.18 11.65
N ALA B 61 52.58 -39.45 12.00
CA ALA B 61 53.09 -40.54 11.17
C ALA B 61 51.93 -41.32 10.56
N ALA B 62 52.16 -41.82 9.35
CA ALA B 62 51.11 -42.56 8.65
C ALA B 62 51.74 -43.47 7.61
N VAL B 63 50.91 -44.35 7.04
CA VAL B 63 51.35 -45.31 6.05
C VAL B 63 51.48 -44.61 4.70
N THR B 64 52.66 -44.75 4.09
CA THR B 64 53.02 -44.12 2.81
C THR B 64 52.76 -45.04 1.63
N SER B 65 53.17 -46.31 1.73
CA SER B 65 53.00 -47.27 0.66
C SER B 65 52.98 -48.67 1.26
N ILE B 66 52.31 -49.59 0.57
CA ILE B 66 52.24 -50.98 1.03
C ILE B 66 52.66 -51.91 -0.10
N ARG B 67 52.80 -53.18 0.23
CA ARG B 67 53.19 -54.21 -0.72
C ARG B 67 52.67 -55.55 -0.22
N ILE B 68 51.80 -56.18 -1.00
CA ILE B 68 51.14 -57.41 -0.61
C ILE B 68 51.76 -58.56 -1.40
N ASP B 69 52.22 -59.59 -0.68
CA ASP B 69 52.79 -60.76 -1.33
C ASP B 69 51.70 -61.51 -2.09
N GLY B 70 52.00 -61.89 -3.33
CA GLY B 70 51.04 -62.52 -4.20
C GLY B 70 50.29 -61.58 -5.11
N VAL B 71 50.57 -60.28 -5.04
CA VAL B 71 49.94 -59.28 -5.89
C VAL B 71 51.05 -58.54 -6.63
N LEU B 72 51.10 -58.70 -7.95
CA LEU B 72 52.16 -58.12 -8.76
C LEU B 72 51.62 -57.20 -9.84
N HIS B 73 50.89 -57.72 -10.82
CA HIS B 73 50.40 -56.92 -11.95
C HIS B 73 48.88 -56.84 -12.01
N GLU B 74 48.18 -57.34 -11.01
CA GLU B 74 46.71 -57.39 -11.03
C GLU B 74 46.10 -56.24 -10.24
N PHE B 75 46.34 -56.20 -8.93
CA PHE B 75 45.74 -55.22 -8.01
C PHE B 75 44.22 -55.28 -8.00
N THR B 76 43.64 -56.40 -8.43
CA THR B 76 42.20 -56.59 -8.47
C THR B 76 41.68 -57.38 -7.27
N THR B 77 42.33 -58.50 -6.96
CA THR B 77 41.88 -59.37 -5.87
C THR B 77 43.10 -60.03 -5.24
N VAL B 78 43.04 -60.22 -3.93
CA VAL B 78 44.08 -60.93 -3.18
C VAL B 78 43.55 -62.32 -2.86
N PRO B 79 44.16 -63.39 -3.35
CA PRO B 79 43.66 -64.74 -3.06
C PRO B 79 43.91 -65.11 -1.60
N GLY B 80 42.92 -65.76 -1.00
CA GLY B 80 43.02 -66.21 0.38
C GLY B 80 42.35 -65.30 1.39
N VAL B 81 41.81 -64.16 0.96
CA VAL B 81 41.11 -63.24 1.85
C VAL B 81 39.84 -62.75 1.15
N LYS B 82 38.85 -62.38 1.97
CA LYS B 82 37.58 -61.93 1.41
C LYS B 82 37.69 -60.53 0.82
N GLU B 83 38.37 -59.62 1.51
CA GLU B 83 38.53 -58.26 1.00
C GLU B 83 39.43 -58.24 -0.22
N ASP B 84 39.11 -57.36 -1.17
CA ASP B 84 39.96 -57.15 -2.33
C ASP B 84 41.07 -56.18 -1.97
N VAL B 85 41.79 -55.68 -2.97
CA VAL B 85 42.99 -54.89 -2.71
C VAL B 85 42.63 -53.53 -2.12
N THR B 86 41.76 -52.78 -2.80
CA THR B 86 41.43 -51.43 -2.35
C THR B 86 40.75 -51.43 -0.99
N GLU B 87 39.97 -52.46 -0.69
CA GLU B 87 39.34 -52.55 0.62
C GLU B 87 40.38 -52.75 1.71
N ILE B 88 41.44 -53.51 1.42
CA ILE B 88 42.56 -53.61 2.36
C ILE B 88 43.23 -52.26 2.53
N ILE B 89 43.45 -51.56 1.41
CA ILE B 89 44.11 -50.25 1.44
C ILE B 89 43.32 -49.29 2.32
N LEU B 90 41.99 -49.36 2.26
CA LEU B 90 41.15 -48.42 3.01
C LEU B 90 41.37 -48.55 4.51
N ASN B 91 41.15 -49.73 5.06
CA ASN B 91 41.33 -49.90 6.50
C ASN B 91 42.79 -49.90 6.92
N LEU B 92 43.74 -50.05 5.99
CA LEU B 92 45.13 -49.80 6.34
C LEU B 92 45.43 -48.31 6.42
N LYS B 93 44.68 -47.50 5.65
CA LYS B 93 44.89 -46.05 5.66
C LYS B 93 44.44 -45.44 6.98
N SER B 94 43.40 -45.99 7.60
CA SER B 94 42.89 -45.49 8.87
C SER B 94 43.68 -46.01 10.07
N LEU B 95 44.73 -46.79 9.83
CA LEU B 95 45.57 -47.28 10.93
C LEU B 95 46.32 -46.12 11.55
N VAL B 96 46.11 -45.89 12.84
CA VAL B 96 46.80 -44.83 13.57
C VAL B 96 48.14 -45.36 14.05
N VAL B 97 49.18 -44.55 13.90
CA VAL B 97 50.54 -44.95 14.24
C VAL B 97 51.38 -43.73 14.54
N SER B 98 52.12 -43.76 15.65
CA SER B 98 53.02 -42.69 16.04
C SER B 98 54.46 -43.18 15.94
N SER B 99 55.28 -42.45 15.19
CA SER B 99 56.67 -42.83 14.95
C SER B 99 57.59 -41.70 15.40
N GLU B 100 58.59 -42.04 16.22
CA GLU B 100 59.59 -41.09 16.66
C GLU B 100 60.86 -41.13 15.83
N GLU B 101 60.87 -41.92 14.74
CA GLU B 101 62.10 -42.13 13.99
C GLU B 101 62.43 -40.96 13.07
N ASP B 102 61.40 -40.21 12.64
CA ASP B 102 61.56 -39.11 11.68
C ASP B 102 62.07 -39.58 10.33
N GLU B 103 62.03 -40.88 10.07
CA GLU B 103 62.53 -41.47 8.84
C GLU B 103 61.56 -42.57 8.41
N PRO B 104 61.55 -42.91 7.11
CA PRO B 104 60.68 -44.01 6.67
C PRO B 104 61.08 -45.32 7.31
N VAL B 105 60.09 -46.02 7.88
CA VAL B 105 60.31 -47.26 8.61
C VAL B 105 59.42 -48.34 8.01
N THR B 106 60.00 -49.51 7.76
CA THR B 106 59.27 -50.64 7.20
C THR B 106 58.83 -51.59 8.31
N MET B 107 57.53 -51.88 8.35
CA MET B 107 56.96 -52.89 9.23
C MET B 107 56.39 -54.01 8.37
N TYR B 108 56.36 -55.21 8.94
CA TYR B 108 55.83 -56.38 8.25
C TYR B 108 54.65 -56.94 9.04
N LEU B 109 53.60 -57.35 8.33
CA LEU B 109 52.41 -57.92 8.93
C LEU B 109 52.12 -59.24 8.23
N ARG B 110 52.22 -60.35 8.97
CA ARG B 110 52.02 -61.68 8.41
C ARG B 110 51.16 -62.50 9.35
N LYS B 111 50.20 -63.22 8.76
CA LYS B 111 49.37 -64.14 9.54
C LYS B 111 48.83 -65.23 8.62
N GLN B 112 48.89 -66.46 9.10
CA GLN B 112 48.45 -67.63 8.34
C GLN B 112 47.33 -68.34 9.10
N GLY B 113 46.56 -69.14 8.36
CA GLY B 113 45.48 -69.90 8.94
C GLY B 113 44.17 -69.15 8.90
N PRO B 114 43.06 -69.88 8.90
CA PRO B 114 41.74 -69.21 8.88
C PRO B 114 41.51 -68.41 10.15
N GLY B 115 40.93 -67.22 9.98
CA GLY B 115 40.65 -66.36 11.11
C GLY B 115 40.49 -64.90 10.76
N GLU B 116 41.05 -64.00 11.55
CA GLU B 116 40.93 -62.58 11.30
C GLU B 116 42.24 -61.88 11.65
N VAL B 117 42.67 -60.96 10.78
CA VAL B 117 43.85 -60.14 11.02
C VAL B 117 43.42 -58.90 11.78
N THR B 118 44.29 -58.42 12.66
CA THR B 118 44.07 -57.19 13.40
C THR B 118 45.32 -56.33 13.30
N ALA B 119 45.20 -55.07 13.70
CA ALA B 119 46.36 -54.20 13.82
C ALA B 119 47.18 -54.49 15.07
N GLY B 120 46.80 -55.49 15.85
CA GLY B 120 47.59 -55.94 16.97
C GLY B 120 48.45 -57.12 16.59
N ASP B 121 48.02 -57.86 15.56
CA ASP B 121 48.83 -58.94 15.00
C ASP B 121 50.01 -58.43 14.19
N ILE B 122 50.15 -57.12 14.05
CA ILE B 122 51.32 -56.53 13.40
C ILE B 122 52.48 -56.50 14.40
N VAL B 123 53.69 -56.55 13.89
CA VAL B 123 54.89 -56.45 14.73
C VAL B 123 55.51 -55.07 14.47
N PRO B 124 55.51 -54.18 15.45
CA PRO B 124 56.06 -52.84 15.22
C PRO B 124 57.52 -52.77 15.63
N PRO B 125 58.39 -52.30 14.74
CA PRO B 125 59.78 -52.07 15.12
C PRO B 125 59.89 -51.00 16.19
N ALA B 126 61.04 -51.00 16.88
CA ALA B 126 61.25 -50.09 18.00
C ALA B 126 61.19 -48.64 17.54
N GLY B 127 60.39 -47.83 18.24
CA GLY B 127 60.20 -46.43 17.94
C GLY B 127 58.79 -46.09 17.49
N VAL B 128 58.12 -47.00 16.81
CA VAL B 128 56.78 -46.77 16.32
C VAL B 128 55.78 -47.45 17.25
N THR B 129 54.55 -46.98 17.20
CA THR B 129 53.49 -47.48 18.09
C THR B 129 52.17 -47.47 17.34
N VAL B 130 51.47 -48.60 17.39
CA VAL B 130 50.13 -48.75 16.81
C VAL B 130 49.13 -48.56 17.93
N HIS B 131 48.26 -47.55 17.79
CA HIS B 131 47.35 -47.18 18.87
C HIS B 131 46.00 -47.86 18.79
N ASN B 132 45.70 -48.58 17.71
CA ASN B 132 44.42 -49.27 17.56
C ASN B 132 44.66 -50.73 17.21
N PRO B 133 45.13 -51.54 18.17
CA PRO B 133 45.37 -52.96 17.87
C PRO B 133 44.11 -53.73 17.52
N GLY B 134 42.94 -53.28 17.97
CA GLY B 134 41.69 -53.93 17.67
C GLY B 134 41.07 -53.58 16.34
N MET B 135 41.77 -52.82 15.50
CA MET B 135 41.22 -52.42 14.21
C MET B 135 41.22 -53.61 13.25
N HIS B 136 40.07 -53.89 12.65
CA HIS B 136 39.97 -54.96 11.68
C HIS B 136 40.72 -54.59 10.40
N ILE B 137 41.42 -55.57 9.82
CA ILE B 137 42.19 -55.38 8.60
C ILE B 137 41.73 -56.33 7.50
N ALA B 138 41.59 -57.62 7.82
CA ALA B 138 41.21 -58.61 6.82
C ALA B 138 40.66 -59.84 7.51
N THR B 139 39.93 -60.64 6.74
CA THR B 139 39.42 -61.94 7.17
C THR B 139 40.16 -63.03 6.41
N LEU B 140 40.79 -63.94 7.13
CA LEU B 140 41.61 -64.98 6.53
C LEU B 140 40.76 -66.20 6.21
N ASN B 141 40.64 -66.52 4.92
CA ASN B 141 39.90 -67.68 4.47
C ASN B 141 40.54 -68.97 5.00
N ASP B 142 39.85 -70.08 4.76
CA ASP B 142 40.36 -71.38 5.19
C ASP B 142 41.72 -71.66 4.56
N LYS B 143 42.69 -72.01 5.41
CA LYS B 143 44.08 -72.19 4.98
C LYS B 143 44.61 -70.94 4.29
N GLY B 144 44.22 -69.77 4.81
CA GLY B 144 44.63 -68.51 4.23
C GLY B 144 45.88 -67.94 4.89
N LYS B 145 46.69 -67.27 4.08
CA LYS B 145 47.93 -66.67 4.52
C LYS B 145 48.08 -65.29 3.89
N LEU B 146 48.49 -64.31 4.69
CA LEU B 146 48.66 -62.95 4.22
C LEU B 146 49.97 -62.38 4.71
N GLU B 147 50.77 -61.87 3.78
CA GLU B 147 51.99 -61.13 4.06
C GLU B 147 51.88 -59.76 3.42
N VAL B 148 52.16 -58.71 4.18
CA VAL B 148 52.08 -57.35 3.67
C VAL B 148 53.15 -56.50 4.34
N GLU B 149 53.77 -55.61 3.56
CA GLU B 149 54.79 -54.71 4.06
C GLU B 149 54.23 -53.29 4.07
N LEU B 150 54.27 -52.64 5.22
CA LEU B 150 53.82 -51.27 5.37
C LEU B 150 55.03 -50.36 5.55
N VAL B 151 54.96 -49.16 4.97
CA VAL B 151 55.96 -48.12 5.19
C VAL B 151 55.29 -47.01 5.97
N VAL B 152 55.95 -46.54 7.03
CA VAL B 152 55.42 -45.48 7.87
C VAL B 152 56.39 -44.31 7.81
N GLU B 153 55.84 -43.12 7.59
CA GLU B 153 56.64 -41.90 7.49
C GLU B 153 55.99 -40.78 8.30
N ARG B 154 56.82 -39.84 8.72
CA ARG B 154 56.35 -38.65 9.41
C ARG B 154 56.06 -37.54 8.41
N GLY B 155 55.10 -36.69 8.76
CA GLY B 155 54.73 -35.59 7.89
C GLY B 155 53.65 -34.76 8.54
N ARG B 156 53.08 -33.86 7.75
CA ARG B 156 52.00 -33.01 8.25
C ARG B 156 50.93 -32.84 7.19
N GLY B 157 49.67 -32.90 7.62
CA GLY B 157 48.55 -32.70 6.74
C GLY B 157 48.14 -33.95 5.97
N TYR B 158 47.85 -33.78 4.69
CA TYR B 158 47.37 -34.87 3.84
C TYR B 158 48.08 -34.78 2.50
N VAL B 159 48.99 -35.70 2.23
CA VAL B 159 49.66 -35.78 0.94
C VAL B 159 48.87 -36.72 0.05
N PRO B 160 48.62 -36.37 -1.20
CA PRO B 160 47.79 -37.23 -2.06
C PRO B 160 48.48 -38.54 -2.37
N ALA B 161 47.68 -39.49 -2.86
CA ALA B 161 48.24 -40.72 -3.41
C ALA B 161 48.93 -40.42 -4.73
N VAL B 162 49.74 -41.38 -5.18
CA VAL B 162 50.53 -41.28 -6.41
C VAL B 162 51.53 -40.14 -6.30
N GLN B 163 51.57 -39.48 -5.13
CA GLN B 163 52.70 -38.60 -4.82
C GLN B 163 53.90 -39.42 -4.38
N ASN B 164 53.67 -40.57 -3.78
CA ASN B 164 54.71 -41.55 -3.46
C ASN B 164 54.92 -42.54 -4.60
N ARG B 165 54.61 -42.14 -5.84
CA ARG B 165 54.79 -43.02 -6.98
C ARG B 165 56.25 -43.36 -7.20
N ALA B 166 57.15 -42.40 -6.96
CA ALA B 166 58.58 -42.62 -7.15
C ALA B 166 59.22 -43.31 -5.96
N SER B 167 58.61 -43.22 -4.78
CA SER B 167 59.18 -43.89 -3.61
C SER B 167 58.99 -45.40 -3.67
N GLY B 168 57.87 -45.85 -4.24
CA GLY B 168 57.61 -47.28 -4.30
C GLY B 168 58.52 -47.96 -5.30
N ALA B 169 59.11 -49.09 -4.89
CA ALA B 169 59.99 -49.83 -5.77
C ALA B 169 59.18 -50.59 -6.82
N GLU B 170 59.79 -50.80 -7.98
CA GLU B 170 59.14 -51.51 -9.06
C GLU B 170 59.05 -53.01 -8.77
N ILE B 171 58.21 -53.37 -7.80
CA ILE B 171 58.04 -54.77 -7.41
C ILE B 171 56.76 -54.90 -6.59
N GLY B 172 55.61 -54.71 -7.26
CA GLY B 172 54.33 -54.90 -6.61
C GLY B 172 54.04 -53.99 -5.44
N ARG B 173 54.73 -52.86 -5.35
CA ARG B 173 54.48 -51.88 -4.29
C ARG B 173 53.52 -50.81 -4.78
N ILE B 174 52.58 -50.43 -3.93
CA ILE B 174 51.53 -49.48 -4.27
C ILE B 174 51.60 -48.31 -3.31
N PRO B 175 51.61 -47.06 -3.80
CA PRO B 175 51.52 -45.92 -2.90
C PRO B 175 50.08 -45.66 -2.50
N VAL B 176 49.92 -45.04 -1.33
CA VAL B 176 48.60 -44.77 -0.77
C VAL B 176 48.54 -43.33 -0.28
N ASP B 177 47.32 -42.87 -0.03
CA ASP B 177 47.12 -41.59 0.64
C ASP B 177 47.67 -41.69 2.07
N SER B 178 48.45 -40.69 2.46
CA SER B 178 49.06 -40.67 3.79
C SER B 178 48.38 -39.60 4.63
N ILE B 179 47.54 -40.02 5.56
CA ILE B 179 46.88 -39.10 6.48
C ILE B 179 47.83 -38.81 7.64
N TYR B 180 48.82 -37.94 7.40
CA TYR B 180 49.80 -37.61 8.43
C TYR B 180 49.16 -36.91 9.61
N SER B 181 48.21 -36.01 9.33
CA SER B 181 47.69 -35.12 10.36
C SER B 181 46.97 -35.91 11.45
N PRO B 182 47.25 -35.63 12.73
CA PRO B 182 46.54 -36.35 13.81
C PRO B 182 45.07 -35.98 13.92
N VAL B 183 44.66 -34.80 13.44
CA VAL B 183 43.27 -34.38 13.50
C VAL B 183 42.55 -34.87 12.25
N LEU B 184 41.27 -35.19 12.42
CA LEU B 184 40.47 -35.75 11.33
C LEU B 184 39.53 -34.73 10.70
N LYS B 185 38.79 -33.99 11.52
CA LYS B 185 37.77 -33.08 10.98
C LYS B 185 37.62 -31.88 11.90
N VAL B 186 37.84 -30.69 11.35
CA VAL B 186 37.71 -29.45 12.11
C VAL B 186 36.76 -28.52 11.36
N THR B 187 35.74 -28.04 12.06
CA THR B 187 34.81 -27.05 11.54
C THR B 187 34.77 -25.86 12.50
N TYR B 188 34.25 -24.74 12.01
CA TYR B 188 34.19 -23.54 12.85
C TYR B 188 33.05 -22.64 12.40
N LYS B 189 32.46 -21.95 13.37
CA LYS B 189 31.42 -20.97 13.10
C LYS B 189 31.60 -19.79 14.05
N VAL B 190 30.93 -18.68 13.74
CA VAL B 190 31.06 -17.44 14.49
C VAL B 190 29.67 -16.96 14.87
N ASP B 191 29.44 -16.74 16.16
CA ASP B 191 28.20 -16.21 16.68
C ASP B 191 28.45 -14.84 17.30
N ALA B 192 27.39 -14.25 17.86
CA ALA B 192 27.45 -12.92 18.43
C ALA B 192 27.25 -12.98 19.94
N THR B 193 28.19 -12.40 20.68
CA THR B 193 28.09 -12.20 22.11
C THR B 193 28.37 -10.73 22.40
N ARG B 194 28.04 -10.30 23.62
CA ARG B 194 28.16 -8.90 23.98
C ARG B 194 28.39 -8.77 25.48
N VAL B 195 29.53 -8.18 25.83
CA VAL B 195 29.70 -7.52 27.12
C VAL B 195 29.65 -6.03 26.83
N GLU B 196 29.16 -5.26 27.81
CA GLU B 196 28.81 -3.85 27.63
C GLU B 196 27.63 -3.73 26.67
N GLN B 197 27.55 -2.64 25.91
CA GLN B 197 26.32 -2.30 25.19
C GLN B 197 26.21 -3.01 23.83
N ARG B 198 27.15 -2.74 22.92
CA ARG B 198 27.02 -3.22 21.55
C ARG B 198 26.97 -4.74 21.51
N THR B 199 26.09 -5.27 20.65
CA THR B 199 25.79 -6.70 20.59
C THR B 199 26.32 -7.35 19.32
N ASP B 200 27.54 -6.99 18.91
CA ASP B 200 28.14 -7.56 17.72
C ASP B 200 29.54 -8.12 17.98
N PHE B 201 29.86 -8.47 19.21
CA PHE B 201 31.16 -9.08 19.48
C PHE B 201 31.18 -10.51 18.97
N ASP B 202 32.36 -10.95 18.52
CA ASP B 202 32.48 -12.27 17.92
C ASP B 202 32.70 -13.35 18.98
N LYS B 203 32.09 -14.50 18.75
CA LYS B 203 32.29 -15.70 19.57
C LYS B 203 32.62 -16.83 18.61
N LEU B 204 33.86 -17.33 18.69
CA LEU B 204 34.31 -18.36 17.75
C LEU B 204 34.11 -19.75 18.35
N ILE B 205 33.49 -20.63 17.58
CA ILE B 205 33.23 -22.01 17.99
C ILE B 205 33.99 -22.92 17.04
N LEU B 206 34.93 -23.69 17.60
CA LEU B 206 35.70 -24.68 16.86
C LEU B 206 35.29 -26.07 17.31
N ASP B 207 34.98 -26.94 16.34
CA ASP B 207 34.67 -28.34 16.60
C ASP B 207 35.79 -29.17 15.98
N VAL B 208 36.57 -29.85 16.82
CA VAL B 208 37.72 -30.61 16.36
C VAL B 208 37.55 -32.07 16.76
N GLU B 209 37.63 -32.96 15.77
CA GLU B 209 37.62 -34.40 15.97
C GLU B 209 38.96 -34.95 15.49
N THR B 210 39.70 -35.59 16.38
CA THR B 210 41.05 -36.06 16.12
C THR B 210 41.15 -37.56 16.39
N LYS B 211 42.29 -38.13 16.00
CA LYS B 211 42.58 -39.51 16.30
C LYS B 211 43.10 -39.64 17.74
N ASN B 212 43.28 -40.89 18.17
CA ASN B 212 43.74 -41.15 19.54
C ASN B 212 45.24 -40.96 19.71
N SER B 213 45.92 -40.34 18.74
CA SER B 213 47.32 -40.01 18.91
C SER B 213 47.50 -38.89 19.94
N ILE B 214 46.66 -37.86 19.86
CA ILE B 214 46.66 -36.76 20.81
C ILE B 214 45.23 -36.28 21.03
N SER B 215 45.00 -35.67 22.18
CA SER B 215 43.70 -35.11 22.50
C SER B 215 43.52 -33.78 21.79
N PRO B 216 42.26 -33.33 21.63
CA PRO B 216 42.04 -32.01 20.98
C PRO B 216 42.73 -30.86 21.70
N ARG B 217 42.90 -30.96 23.02
CA ARG B 217 43.57 -29.90 23.77
C ARG B 217 44.98 -29.65 23.24
N ASP B 218 45.78 -30.72 23.16
CA ASP B 218 47.17 -30.58 22.71
C ASP B 218 47.24 -30.21 21.24
N ALA B 219 46.28 -30.65 20.42
CA ALA B 219 46.25 -30.24 19.02
C ALA B 219 46.06 -28.74 18.90
N LEU B 220 45.08 -28.20 19.65
CA LEU B 220 44.87 -26.75 19.64
C LEU B 220 46.08 -26.01 20.17
N ALA B 221 46.73 -26.56 21.21
CA ALA B 221 47.91 -25.90 21.76
C ALA B 221 49.06 -25.88 20.76
N SER B 222 49.26 -26.98 20.04
CA SER B 222 50.31 -27.02 19.02
C SER B 222 50.03 -26.05 17.90
N ALA B 223 48.78 -25.99 17.43
CA ALA B 223 48.41 -25.01 16.42
C ALA B 223 48.68 -23.60 16.92
N GLY B 224 48.35 -23.32 18.18
CA GLY B 224 48.61 -22.01 18.74
C GLY B 224 50.09 -21.66 18.77
N LYS B 225 50.93 -22.61 19.18
CA LYS B 225 52.37 -22.37 19.21
C LYS B 225 52.91 -22.08 17.81
N THR B 226 52.52 -22.89 16.84
CA THR B 226 53.00 -22.69 15.47
C THR B 226 52.55 -21.34 14.93
N LEU B 227 51.30 -20.95 15.20
CA LEU B 227 50.80 -19.67 14.72
C LEU B 227 51.48 -18.50 15.42
N VAL B 228 51.79 -18.66 16.71
CA VAL B 228 52.50 -17.60 17.44
C VAL B 228 53.88 -17.39 16.83
N GLU B 229 54.57 -18.47 16.46
CA GLU B 229 55.85 -18.32 15.78
C GLU B 229 55.66 -17.66 14.41
N LEU B 230 54.66 -18.12 13.65
CA LEU B 230 54.41 -17.58 12.32
C LEU B 230 54.21 -16.07 12.36
N PHE B 231 53.37 -15.59 13.28
CA PHE B 231 53.11 -14.15 13.36
C PHE B 231 54.18 -13.41 14.15
N GLY B 232 54.99 -14.10 14.94
CA GLY B 232 56.16 -13.47 15.52
C GLY B 232 57.20 -13.13 14.47
N LEU B 233 57.22 -13.90 13.37
CA LEU B 233 58.03 -13.51 12.23
C LEU B 233 57.75 -12.06 11.82
N ALA B 234 56.48 -11.65 11.84
CA ALA B 234 56.13 -10.27 11.52
C ALA B 234 56.27 -9.34 12.73
N ARG B 235 56.04 -9.88 13.94
CA ARG B 235 56.19 -9.08 15.14
C ARG B 235 57.62 -8.58 15.34
N GLU B 236 58.60 -9.37 14.91
CA GLU B 236 60.01 -9.03 15.10
C GLU B 236 60.46 -7.84 14.27
N LEU B 237 59.63 -7.34 13.35
CA LEU B 237 60.08 -6.30 12.43
C LEU B 237 60.33 -4.97 13.14
N ASN B 238 59.42 -4.58 14.03
CA ASN B 238 59.52 -3.26 14.66
C ASN B 238 59.21 -3.24 16.15
N VAL B 239 58.48 -4.23 16.68
CA VAL B 239 58.07 -4.26 18.08
C VAL B 239 57.35 -2.95 18.42
N GLU B 240 56.32 -2.63 17.64
CA GLU B 240 55.50 -1.46 17.89
C GLU B 240 54.35 -1.82 18.83
N ALA B 241 53.81 -0.80 19.50
CA ALA B 241 52.76 -1.02 20.49
C ALA B 241 51.46 -1.43 19.81
N GLU B 242 50.61 -2.11 20.58
CA GLU B 242 49.31 -2.55 20.12
C GLU B 242 48.47 -2.95 21.33
N GLY B 243 47.19 -2.63 21.29
CA GLY B 243 46.33 -2.86 22.44
C GLY B 243 46.08 -4.34 22.65
N ILE B 244 46.21 -4.78 23.90
CA ILE B 244 46.02 -6.18 24.25
C ILE B 244 44.59 -6.42 24.73
N SER C 28 31.60 15.14 -29.47
CA SER C 28 31.24 15.67 -28.16
C SER C 28 29.73 15.80 -28.01
N ASN C 29 29.26 15.94 -26.78
CA ASN C 29 27.84 16.04 -26.48
C ASN C 29 27.56 17.37 -25.80
N ASN C 30 26.60 18.13 -26.34
CA ASN C 30 26.13 19.38 -25.77
C ASN C 30 27.27 20.40 -25.65
N SER C 31 27.88 20.71 -26.80
CA SER C 31 28.96 21.69 -26.86
C SER C 31 28.40 23.07 -27.19
N VAL C 32 27.55 23.57 -26.30
CA VAL C 32 26.91 24.88 -26.49
C VAL C 32 27.07 25.76 -25.25
N PRO C 33 26.92 25.27 -24.00
CA PRO C 33 27.04 26.18 -22.85
C PRO C 33 28.43 26.21 -22.23
N GLY C 34 29.29 25.28 -22.63
CA GLY C 34 30.58 25.13 -21.98
C GLY C 34 30.60 24.09 -20.89
N ALA C 35 29.81 23.04 -21.04
CA ALA C 35 29.68 22.00 -20.03
C ALA C 35 30.84 21.04 -20.09
N PRO C 36 31.00 20.17 -19.09
CA PRO C 36 32.03 19.12 -19.19
C PRO C 36 31.78 18.23 -20.40
N ASN C 37 32.88 17.79 -21.00
CA ASN C 37 32.84 17.04 -22.25
C ASN C 37 32.48 15.58 -21.97
N ARG C 38 31.20 15.25 -22.12
CA ARG C 38 30.75 13.87 -22.07
C ARG C 38 30.71 13.30 -23.48
N VAL C 39 31.29 12.13 -23.67
CA VAL C 39 31.48 11.54 -24.99
C VAL C 39 30.29 10.65 -25.32
N SER C 40 29.58 10.98 -26.39
CA SER C 40 28.34 10.28 -26.74
C SER C 40 28.61 9.14 -27.71
N PHE C 41 27.89 8.03 -27.53
CA PHE C 41 27.99 6.88 -28.41
C PHE C 41 26.98 7.01 -29.54
N ALA C 42 26.74 8.24 -29.98
CA ALA C 42 25.63 8.52 -30.88
C ALA C 42 26.04 8.32 -32.33
N LYS C 43 25.21 7.58 -33.07
CA LYS C 43 25.34 7.45 -34.51
C LYS C 43 24.40 8.38 -35.28
N LEU C 44 23.38 8.90 -34.61
CA LEU C 44 22.40 9.78 -35.24
C LEU C 44 22.61 11.21 -34.79
N ARG C 45 22.70 12.12 -35.75
CA ARG C 45 22.88 13.53 -35.43
C ARG C 45 21.59 14.12 -34.85
N GLU C 46 21.75 15.23 -34.13
CA GLU C 46 20.61 15.92 -33.52
C GLU C 46 20.16 17.04 -34.43
N PRO C 47 19.01 16.93 -35.10
CA PRO C 47 18.56 18.00 -35.99
C PRO C 47 17.95 19.18 -35.24
N LEU C 48 17.39 18.92 -34.06
CA LEU C 48 16.75 19.94 -33.26
C LEU C 48 17.14 19.75 -31.80
N GLU C 49 17.56 20.83 -31.15
CA GLU C 49 17.98 20.75 -29.76
C GLU C 49 16.78 20.85 -28.82
N VAL C 50 16.95 20.31 -27.62
CA VAL C 50 15.85 20.25 -26.64
C VAL C 50 15.33 21.66 -26.37
N PRO C 51 14.01 21.90 -26.47
CA PRO C 51 13.48 23.24 -26.17
C PRO C 51 13.52 23.54 -24.68
N GLY C 52 13.02 24.72 -24.30
CA GLY C 52 12.91 25.06 -22.89
C GLY C 52 11.96 24.12 -22.18
N LEU C 53 12.50 23.24 -21.33
CA LEU C 53 11.68 22.28 -20.61
C LEU C 53 10.68 22.94 -19.67
N LEU C 54 10.81 24.25 -19.43
CA LEU C 54 9.86 25.00 -18.61
C LEU C 54 8.91 25.85 -19.44
N ASP C 55 8.83 25.61 -20.76
CA ASP C 55 7.99 26.44 -21.61
C ASP C 55 6.51 26.27 -21.31
N VAL C 56 6.11 25.07 -20.86
CA VAL C 56 4.69 24.83 -20.58
C VAL C 56 4.18 25.77 -19.51
N GLN C 57 4.94 25.96 -18.44
CA GLN C 57 4.55 26.89 -17.40
C GLN C 57 4.83 28.34 -17.77
N THR C 58 5.87 28.57 -18.58
CA THR C 58 6.31 29.94 -18.86
C THR C 58 5.40 30.63 -19.88
N ASP C 59 5.26 30.04 -21.07
CA ASP C 59 4.53 30.68 -22.15
C ASP C 59 3.07 30.88 -21.81
N SER C 60 2.48 29.96 -21.05
CA SER C 60 1.08 30.10 -20.64
C SER C 60 0.88 31.39 -19.84
N PHE C 61 1.71 31.60 -18.82
CA PHE C 61 1.59 32.80 -18.00
C PHE C 61 1.96 34.04 -18.80
N GLU C 62 2.96 33.93 -19.68
CA GLU C 62 3.34 35.08 -20.51
C GLU C 62 2.18 35.54 -21.39
N TRP C 63 1.44 34.57 -21.96
CA TRP C 63 0.23 34.91 -22.69
C TRP C 63 -0.83 35.48 -21.77
N LEU C 64 -0.93 34.96 -20.55
CA LEU C 64 -1.96 35.42 -19.62
C LEU C 64 -1.78 36.90 -19.31
N ILE C 65 -0.54 37.33 -19.01
CA ILE C 65 -0.29 38.70 -18.60
C ILE C 65 0.16 39.59 -19.76
N GLY C 66 0.24 39.06 -20.97
CA GLY C 66 0.61 39.85 -22.13
C GLY C 66 2.00 40.43 -22.05
N SER C 67 2.99 39.58 -21.76
CA SER C 67 4.37 40.02 -21.65
C SER C 67 4.90 40.43 -23.02
N PRO C 68 5.94 41.28 -23.06
CA PRO C 68 6.56 41.61 -24.35
C PRO C 68 7.10 40.41 -25.08
N ARG C 69 7.61 39.40 -24.36
CA ARG C 69 8.09 38.19 -25.02
C ARG C 69 6.96 37.48 -25.75
N TRP C 70 5.81 37.34 -25.10
CA TRP C 70 4.67 36.70 -25.75
C TRP C 70 4.20 37.50 -26.96
N ARG C 71 4.17 38.83 -26.85
CA ARG C 71 3.70 39.65 -27.96
C ARG C 71 4.64 39.56 -29.15
N GLU C 72 5.96 39.59 -28.91
CA GLU C 72 6.92 39.47 -29.99
C GLU C 72 7.02 38.05 -30.54
N SER C 73 6.66 37.05 -29.74
CA SER C 73 6.61 35.68 -30.25
C SER C 73 5.39 35.47 -31.14
N ALA C 74 4.25 36.06 -30.76
CA ALA C 74 3.08 36.02 -31.61
C ALA C 74 3.21 36.95 -32.81
N ALA C 75 4.12 37.92 -32.75
CA ALA C 75 4.34 38.81 -33.89
C ALA C 75 4.91 38.05 -35.07
N GLU C 76 6.03 37.33 -34.86
CA GLU C 76 6.59 36.51 -35.92
C GLU C 76 5.75 35.27 -36.20
N ARG C 77 4.81 34.93 -35.32
CA ARG C 77 3.91 33.80 -35.54
C ARG C 77 2.86 34.10 -36.61
N GLY C 78 2.77 35.35 -37.07
CA GLY C 78 1.80 35.74 -38.07
C GLY C 78 0.54 36.36 -37.52
N ASP C 79 0.42 36.50 -36.20
CA ASP C 79 -0.79 37.05 -35.60
C ASP C 79 -0.95 38.53 -35.96
N VAL C 80 -2.20 38.95 -36.06
CA VAL C 80 -2.55 40.35 -36.31
C VAL C 80 -3.42 40.82 -35.15
N ASN C 81 -2.95 41.86 -34.45
CA ASN C 81 -3.59 42.38 -33.25
C ASN C 81 -3.79 41.27 -32.21
N PRO C 82 -2.72 40.75 -31.63
CA PRO C 82 -2.88 39.70 -30.61
C PRO C 82 -3.39 40.28 -29.30
N VAL C 83 -4.04 39.41 -28.52
CA VAL C 83 -4.69 39.80 -27.28
C VAL C 83 -4.32 38.81 -26.20
N GLY C 84 -3.80 39.32 -25.08
CA GLY C 84 -3.46 38.48 -23.95
C GLY C 84 -4.70 37.99 -23.22
N GLY C 85 -4.45 37.15 -22.21
CA GLY C 85 -5.56 36.57 -21.46
C GLY C 85 -6.37 37.61 -20.71
N LEU C 86 -5.68 38.50 -19.99
CA LEU C 86 -6.39 39.55 -19.25
C LEU C 86 -7.12 40.49 -20.19
N GLU C 87 -6.47 40.88 -21.29
CA GLU C 87 -7.14 41.72 -22.29
C GLU C 87 -8.33 40.99 -22.90
N GLU C 88 -8.21 39.67 -23.07
CA GLU C 88 -9.31 38.88 -23.61
C GLU C 88 -10.50 38.90 -22.65
N VAL C 89 -10.24 38.71 -21.36
CA VAL C 89 -11.31 38.75 -20.36
C VAL C 89 -11.97 40.13 -20.35
N LEU C 90 -11.15 41.19 -20.36
CA LEU C 90 -11.69 42.53 -20.30
C LEU C 90 -12.50 42.88 -21.55
N TYR C 91 -12.09 42.37 -22.72
CA TYR C 91 -12.84 42.65 -23.94
C TYR C 91 -14.13 41.86 -23.99
N GLU C 92 -14.11 40.62 -23.48
CA GLU C 92 -15.35 39.84 -23.38
C GLU C 92 -16.32 40.47 -22.40
N LEU C 93 -15.82 41.10 -21.34
CA LEU C 93 -16.69 41.73 -20.35
C LEU C 93 -17.25 43.06 -20.85
N SER C 94 -16.41 43.89 -21.47
CA SER C 94 -16.85 45.22 -21.86
C SER C 94 -17.85 45.14 -23.01
N PRO C 95 -18.92 45.97 -22.99
CA PRO C 95 -19.21 46.88 -21.88
C PRO C 95 -20.29 46.33 -20.93
N ILE C 96 -20.56 47.07 -19.86
CA ILE C 96 -21.59 46.71 -18.89
C ILE C 96 -22.71 47.73 -18.99
N GLU C 97 -23.92 47.26 -19.29
CA GLU C 97 -25.06 48.15 -19.48
C GLU C 97 -26.27 47.58 -18.76
N ASP C 98 -27.16 48.48 -18.35
CA ASP C 98 -28.41 48.09 -17.70
C ASP C 98 -29.46 47.80 -18.76
N PHE C 99 -30.70 47.57 -18.33
CA PHE C 99 -31.77 47.24 -19.27
C PHE C 99 -32.11 48.43 -20.18
N SER C 100 -31.92 49.65 -19.68
CA SER C 100 -32.23 50.83 -20.50
C SER C 100 -31.10 51.15 -21.47
N GLY C 101 -29.86 51.10 -21.01
CA GLY C 101 -28.73 51.52 -21.80
C GLY C 101 -28.25 52.92 -21.52
N SER C 102 -28.75 53.58 -20.47
CA SER C 102 -28.34 54.93 -20.14
C SER C 102 -26.98 54.98 -19.43
N MET C 103 -26.53 53.86 -18.88
CA MET C 103 -25.26 53.80 -18.17
C MET C 103 -24.39 52.71 -18.79
N SER C 104 -23.09 52.96 -18.86
CA SER C 104 -22.16 51.99 -19.41
C SER C 104 -20.83 52.10 -18.68
N LEU C 105 -20.16 50.96 -18.53
CA LEU C 105 -18.84 50.89 -17.91
C LEU C 105 -17.94 50.02 -18.77
N SER C 106 -16.70 50.49 -19.00
CA SER C 106 -15.78 49.75 -19.85
C SER C 106 -14.39 49.74 -19.24
N PHE C 107 -13.65 48.67 -19.53
CA PHE C 107 -12.28 48.47 -19.06
C PHE C 107 -11.33 48.32 -20.23
N SER C 108 -10.08 48.71 -20.02
CA SER C 108 -9.05 48.57 -21.04
C SER C 108 -7.68 48.68 -20.38
N ASP C 109 -6.63 48.49 -21.19
CA ASP C 109 -5.23 48.67 -20.84
C ASP C 109 -4.88 48.09 -19.48
N PRO C 110 -4.76 46.77 -19.35
CA PRO C 110 -4.30 46.19 -18.07
C PRO C 110 -2.77 46.24 -17.99
N ARG C 111 -2.27 46.71 -16.85
CA ARG C 111 -0.83 46.86 -16.66
C ARG C 111 -0.47 46.51 -15.21
N PHE C 112 0.80 46.18 -15.02
CA PHE C 112 1.32 45.79 -13.72
C PHE C 112 2.43 46.73 -13.29
N ASP C 113 2.45 47.06 -12.00
CA ASP C 113 3.59 47.72 -11.40
C ASP C 113 4.62 46.66 -10.99
N ASP C 114 5.73 47.11 -10.41
CA ASP C 114 6.76 46.18 -9.98
C ASP C 114 6.24 45.26 -8.87
N VAL C 115 6.94 44.15 -8.68
CA VAL C 115 6.51 43.16 -7.69
C VAL C 115 6.57 43.75 -6.29
N LYS C 116 5.66 43.32 -5.42
CA LYS C 116 5.58 43.88 -4.08
C LYS C 116 6.78 43.46 -3.23
N ALA C 117 7.15 42.19 -3.28
CA ALA C 117 8.24 41.67 -2.47
C ALA C 117 9.01 40.62 -3.25
N PRO C 118 10.32 40.50 -3.01
CA PRO C 118 11.11 39.48 -3.69
C PRO C 118 10.66 38.08 -3.32
N VAL C 119 11.25 37.11 -4.02
CA VAL C 119 10.85 35.71 -3.87
C VAL C 119 11.22 35.18 -2.50
N ASP C 120 12.50 35.31 -2.11
CA ASP C 120 12.94 34.78 -0.84
C ASP C 120 12.31 35.51 0.33
N GLU C 121 12.00 36.80 0.18
CA GLU C 121 11.29 37.51 1.25
C GLU C 121 9.89 36.95 1.43
N CYS C 122 9.22 36.60 0.33
CA CYS C 122 7.90 35.97 0.44
C CYS C 122 8.02 34.60 1.09
N LYS C 123 9.08 33.85 0.77
CA LYS C 123 9.29 32.56 1.43
C LYS C 123 9.52 32.74 2.93
N ASP C 124 10.22 33.82 3.31
CA ASP C 124 10.58 34.04 4.71
C ASP C 124 9.38 34.50 5.53
N LYS C 125 8.67 35.53 5.06
CA LYS C 125 7.59 36.13 5.83
C LYS C 125 6.23 35.50 5.53
N ASP C 126 6.19 34.43 4.75
CA ASP C 126 4.97 33.66 4.49
C ASP C 126 3.87 34.54 3.87
N MET C 127 4.26 35.33 2.87
CA MET C 127 3.31 36.11 2.09
C MET C 127 3.27 35.57 0.67
N THR C 128 2.57 36.29 -0.21
CA THR C 128 2.33 35.85 -1.57
C THR C 128 3.09 36.73 -2.56
N TYR C 129 3.82 36.09 -3.47
CA TYR C 129 4.54 36.79 -4.53
C TYR C 129 3.53 37.34 -5.54
N ALA C 130 3.36 38.66 -5.58
CA ALA C 130 2.33 39.25 -6.41
C ALA C 130 2.74 40.66 -6.82
N ALA C 131 2.10 41.15 -7.88
CA ALA C 131 2.30 42.50 -8.39
C ALA C 131 0.94 43.17 -8.53
N PRO C 132 0.84 44.47 -8.24
CA PRO C 132 -0.46 45.15 -8.35
C PRO C 132 -0.87 45.31 -9.80
N LEU C 133 -2.16 45.08 -10.07
CA LEU C 133 -2.72 45.15 -11.41
C LEU C 133 -3.53 46.43 -11.56
N PHE C 134 -3.20 47.22 -12.58
CA PHE C 134 -3.90 48.45 -12.89
C PHE C 134 -4.62 48.32 -14.22
N VAL C 135 -5.85 48.84 -14.26
CA VAL C 135 -6.64 48.89 -15.48
C VAL C 135 -7.20 50.31 -15.62
N THR C 136 -7.70 50.61 -16.82
CA THR C 136 -8.31 51.90 -17.12
C THR C 136 -9.80 51.68 -17.33
N ALA C 137 -10.61 52.15 -16.40
CA ALA C 137 -12.06 52.02 -16.46
C ALA C 137 -12.70 53.38 -16.70
N GLU C 138 -13.82 53.38 -17.42
CA GLU C 138 -14.50 54.62 -17.72
C GLU C 138 -16.01 54.39 -17.78
N PHE C 139 -16.75 55.42 -17.40
CA PHE C 139 -18.21 55.42 -17.35
C PHE C 139 -18.74 56.27 -18.50
N ILE C 140 -19.53 55.66 -19.38
CA ILE C 140 -20.13 56.32 -20.52
C ILE C 140 -21.61 56.50 -20.23
N ASN C 141 -22.07 57.75 -20.27
CA ASN C 141 -23.45 58.08 -19.97
C ASN C 141 -24.10 58.60 -21.24
N ASN C 142 -25.09 57.86 -21.75
CA ASN C 142 -25.77 58.25 -22.98
C ASN C 142 -26.75 59.40 -22.75
N ASN C 143 -27.30 59.53 -21.56
CA ASN C 143 -28.31 60.54 -21.26
C ASN C 143 -27.72 61.86 -20.80
N THR C 144 -26.42 61.93 -20.53
CA THR C 144 -25.78 63.18 -20.15
C THR C 144 -24.65 63.61 -21.09
N GLY C 145 -24.09 62.70 -21.88
CA GLY C 145 -23.09 63.05 -22.86
C GLY C 145 -21.76 63.51 -22.29
N GLU C 146 -21.24 62.80 -21.29
CA GLU C 146 -19.95 63.12 -20.70
C GLU C 146 -19.38 61.87 -20.05
N ILE C 147 -18.05 61.75 -20.10
CA ILE C 147 -17.36 60.54 -19.67
C ILE C 147 -16.23 60.91 -18.72
N LYS C 148 -16.09 60.13 -17.66
CA LYS C 148 -14.99 60.27 -16.70
C LYS C 148 -14.15 59.01 -16.74
N SER C 149 -12.92 59.13 -17.24
CA SER C 149 -12.02 57.99 -17.38
C SER C 149 -10.85 58.13 -16.42
N GLN C 150 -10.47 57.03 -15.78
CA GLN C 150 -9.40 57.05 -14.78
C GLN C 150 -8.78 55.66 -14.69
N THR C 151 -7.82 55.53 -13.79
CA THR C 151 -7.12 54.27 -13.54
C THR C 151 -7.66 53.62 -12.28
N VAL C 152 -7.97 52.33 -12.36
CA VAL C 152 -8.53 51.59 -11.25
C VAL C 152 -7.62 50.42 -10.91
N PHE C 153 -7.27 50.30 -9.63
CA PHE C 153 -6.47 49.18 -9.15
C PHE C 153 -7.36 47.97 -8.92
N MET C 154 -7.02 46.84 -9.53
CA MET C 154 -7.85 45.65 -9.45
C MET C 154 -7.48 44.74 -8.29
N GLY C 155 -6.19 44.45 -8.12
CA GLY C 155 -5.77 43.59 -7.02
C GLY C 155 -4.33 43.19 -7.16
N ASP C 156 -3.82 42.56 -6.10
CA ASP C 156 -2.47 42.01 -6.09
C ASP C 156 -2.50 40.68 -6.84
N PHE C 157 -2.10 40.72 -8.11
CA PHE C 157 -2.14 39.55 -8.97
C PHE C 157 -0.93 38.66 -8.69
N PRO C 158 -1.14 37.38 -8.36
CA PRO C 158 0.01 36.50 -8.10
C PRO C 158 0.86 36.32 -9.35
N MET C 159 2.17 36.43 -9.17
CA MET C 159 3.13 36.34 -10.26
C MET C 159 3.86 35.01 -10.22
N MET C 160 4.27 34.55 -11.40
CA MET C 160 5.02 33.30 -11.54
C MET C 160 6.51 33.58 -11.51
N THR C 161 7.24 32.80 -10.73
CA THR C 161 8.68 32.96 -10.64
C THR C 161 9.35 32.52 -11.94
N GLU C 162 10.65 32.82 -12.05
CA GLU C 162 11.40 32.42 -13.23
C GLU C 162 11.52 30.91 -13.34
N LYS C 163 11.44 30.21 -12.20
CA LYS C 163 11.47 28.75 -12.18
C LYS C 163 10.13 28.12 -12.54
N GLY C 164 9.15 28.92 -12.96
CA GLY C 164 7.86 28.40 -13.34
C GLY C 164 6.95 28.04 -12.20
N THR C 165 7.17 28.61 -11.02
CA THR C 165 6.36 28.33 -9.84
C THR C 165 5.72 29.60 -9.32
N PHE C 166 4.66 29.43 -8.54
CA PHE C 166 4.08 30.52 -7.77
C PHE C 166 4.47 30.38 -6.31
N ILE C 167 4.28 31.45 -5.55
CA ILE C 167 4.56 31.44 -4.12
C ILE C 167 3.30 31.93 -3.40
N ILE C 168 2.63 31.01 -2.71
CA ILE C 168 1.43 31.33 -1.94
C ILE C 168 1.75 31.14 -0.47
N ASN C 169 1.58 32.20 0.31
CA ASN C 169 1.78 32.17 1.77
C ASN C 169 3.15 31.58 2.13
N GLY C 170 4.15 31.90 1.33
CA GLY C 170 5.51 31.47 1.60
C GLY C 170 5.83 30.05 1.17
N THR C 171 4.99 29.42 0.36
CA THR C 171 5.26 28.08 -0.14
C THR C 171 5.23 28.08 -1.67
N GLU C 172 6.22 27.43 -2.27
CA GLU C 172 6.28 27.30 -3.72
C GLU C 172 5.28 26.24 -4.18
N ARG C 173 4.36 26.65 -5.05
CA ARG C 173 3.34 25.79 -5.59
C ARG C 173 3.44 25.76 -7.11
N VAL C 174 2.96 24.67 -7.70
CA VAL C 174 3.01 24.46 -9.14
C VAL C 174 1.58 24.29 -9.64
N VAL C 175 1.23 25.03 -10.69
CA VAL C 175 -0.06 24.88 -11.35
C VAL C 175 0.10 23.81 -12.43
N VAL C 176 -0.55 22.68 -12.22
CA VAL C 176 -0.39 21.52 -13.11
C VAL C 176 -1.30 21.68 -14.31
N SER C 177 -0.75 21.45 -15.51
CA SER C 177 -1.55 21.46 -16.72
C SER C 177 -2.58 20.33 -16.68
N GLN C 178 -3.77 20.61 -17.19
CA GLN C 178 -4.89 19.68 -17.08
C GLN C 178 -5.30 19.17 -18.45
N LEU C 179 -5.44 17.85 -18.57
CA LEU C 179 -5.99 17.21 -19.76
C LEU C 179 -7.50 17.10 -19.62
N VAL C 180 -8.23 17.77 -20.50
CA VAL C 180 -9.67 17.78 -20.49
C VAL C 180 -10.18 17.36 -21.87
N ARG C 181 -11.50 17.25 -21.99
CA ARG C 181 -12.15 16.92 -23.25
C ARG C 181 -12.34 18.20 -24.05
N SER C 182 -11.81 18.21 -25.27
CA SER C 182 -11.85 19.41 -26.09
C SER C 182 -13.29 19.78 -26.44
N PRO C 183 -13.61 21.07 -26.48
CA PRO C 183 -14.97 21.47 -26.86
C PRO C 183 -15.27 21.14 -28.31
N GLY C 184 -16.51 20.77 -28.57
CA GLY C 184 -16.94 20.46 -29.92
C GLY C 184 -18.05 19.42 -29.90
N VAL C 185 -18.31 18.87 -31.09
CA VAL C 185 -19.36 17.88 -31.29
C VAL C 185 -18.71 16.53 -31.52
N TYR C 186 -19.11 15.55 -30.71
CA TYR C 186 -18.51 14.21 -30.76
C TYR C 186 -19.60 13.17 -30.92
N PHE C 187 -19.23 12.06 -31.56
CA PHE C 187 -20.17 10.99 -31.91
C PHE C 187 -19.67 9.67 -31.35
N ASP C 188 -20.62 8.83 -30.92
CA ASP C 188 -20.31 7.57 -30.27
C ASP C 188 -21.19 6.47 -30.84
N GLU C 189 -20.58 5.30 -31.08
CA GLU C 189 -21.25 4.11 -31.58
C GLU C 189 -21.33 3.10 -30.43
N THR C 190 -22.44 3.13 -29.70
CA THR C 190 -22.66 2.22 -28.59
C THR C 190 -23.55 1.05 -29.03
N ILE C 191 -23.45 -0.05 -28.29
CA ILE C 191 -24.20 -1.27 -28.57
C ILE C 191 -25.20 -1.47 -27.44
N ASP C 192 -26.47 -1.71 -27.79
CA ASP C 192 -27.52 -1.82 -26.80
C ASP C 192 -27.41 -3.13 -26.02
N LYS C 193 -27.98 -3.12 -24.81
CA LYS C 193 -27.82 -4.27 -23.92
C LYS C 193 -28.86 -5.34 -24.20
N SER C 194 -30.12 -4.94 -24.37
CA SER C 194 -31.22 -5.89 -24.45
C SER C 194 -31.55 -6.31 -25.88
N THR C 195 -31.52 -5.37 -26.82
CA THR C 195 -31.90 -5.65 -28.20
C THR C 195 -30.71 -5.98 -29.10
N ASP C 196 -29.48 -5.72 -28.64
CA ASP C 196 -28.27 -6.09 -29.37
C ASP C 196 -28.21 -5.42 -30.74
N LYS C 197 -28.60 -4.16 -30.80
CA LYS C 197 -28.52 -3.38 -32.03
C LYS C 197 -27.55 -2.22 -31.83
N THR C 198 -26.93 -1.80 -32.94
CA THR C 198 -25.91 -0.74 -32.90
C THR C 198 -26.60 0.61 -32.77
N LEU C 199 -26.40 1.29 -31.64
CA LEU C 199 -26.96 2.60 -31.39
C LEU C 199 -25.91 3.67 -31.67
N HIS C 200 -26.36 4.93 -31.65
CA HIS C 200 -25.48 6.06 -31.91
C HIS C 200 -25.93 7.26 -31.09
N SER C 201 -24.95 8.05 -30.65
CA SER C 201 -25.20 9.21 -29.79
C SER C 201 -24.26 10.34 -30.17
N VAL C 202 -24.67 11.55 -29.83
CA VAL C 202 -23.95 12.78 -30.15
C VAL C 202 -23.94 13.68 -28.93
N LYS C 203 -22.78 14.25 -28.62
CA LYS C 203 -22.64 15.21 -27.53
C LYS C 203 -22.07 16.51 -28.08
N VAL C 204 -22.66 17.63 -27.68
CA VAL C 204 -22.15 18.96 -28.04
C VAL C 204 -21.63 19.60 -26.76
N ILE C 205 -20.32 19.48 -26.54
CA ILE C 205 -19.70 19.96 -25.31
C ILE C 205 -19.19 21.37 -25.57
N PRO C 206 -19.78 22.39 -24.95
CA PRO C 206 -19.30 23.76 -25.13
C PRO C 206 -18.15 24.09 -24.17
N SER C 207 -17.42 25.15 -24.52
CA SER C 207 -16.43 25.67 -23.60
C SER C 207 -17.07 26.33 -22.38
N ARG C 208 -18.35 26.68 -22.46
CA ARG C 208 -19.08 27.30 -21.37
C ARG C 208 -20.56 27.28 -21.70
N GLY C 209 -21.39 26.98 -20.70
CA GLY C 209 -22.82 27.01 -20.91
C GLY C 209 -23.53 25.69 -20.73
N ALA C 210 -24.71 25.56 -21.30
CA ALA C 210 -25.51 24.36 -21.15
C ALA C 210 -25.08 23.28 -22.15
N TRP C 211 -25.33 22.03 -21.77
CA TRP C 211 -24.99 20.89 -22.59
C TRP C 211 -26.17 20.44 -23.44
N LEU C 212 -25.88 19.65 -24.47
CA LEU C 212 -26.87 19.26 -25.46
C LEU C 212 -26.45 17.94 -26.09
N GLU C 213 -27.23 16.88 -25.87
CA GLU C 213 -26.86 15.56 -26.38
C GLU C 213 -28.03 14.95 -27.13
N PHE C 214 -27.79 14.60 -28.40
CA PHE C 214 -28.77 13.89 -29.21
C PHE C 214 -28.45 12.40 -29.20
N ASP C 215 -29.44 11.59 -29.53
CA ASP C 215 -29.21 10.15 -29.53
C ASP C 215 -30.31 9.44 -30.30
N VAL C 216 -29.98 8.25 -30.80
CA VAL C 216 -30.94 7.34 -31.41
C VAL C 216 -31.04 6.13 -30.50
N ASP C 217 -32.21 5.94 -29.89
CA ASP C 217 -32.43 4.85 -28.95
C ASP C 217 -32.63 3.54 -29.71
N LYS C 218 -33.06 2.49 -29.01
CA LYS C 218 -33.26 1.19 -29.60
C LYS C 218 -34.60 1.05 -30.31
N ARG C 219 -35.43 2.09 -30.30
CA ARG C 219 -36.72 2.08 -30.98
C ARG C 219 -36.69 2.85 -32.29
N ASP C 220 -35.51 3.13 -32.83
CA ASP C 220 -35.34 3.84 -34.10
C ASP C 220 -36.00 5.21 -34.05
N THR C 221 -35.92 5.87 -32.91
CA THR C 221 -36.40 7.24 -32.74
C THR C 221 -35.26 8.12 -32.24
N VAL C 222 -35.30 9.39 -32.62
CA VAL C 222 -34.24 10.34 -32.31
C VAL C 222 -34.74 11.28 -31.23
N GLY C 223 -33.89 11.50 -30.20
CA GLY C 223 -34.24 12.37 -29.11
C GLY C 223 -33.07 13.23 -28.69
N VAL C 224 -33.36 14.19 -27.80
CA VAL C 224 -32.38 15.17 -27.36
C VAL C 224 -32.57 15.44 -25.88
N ARG C 225 -31.47 15.41 -25.13
CA ARG C 225 -31.43 15.84 -23.74
C ARG C 225 -30.76 17.21 -23.68
N ILE C 226 -31.45 18.17 -23.09
CA ILE C 226 -30.99 19.56 -22.99
C ILE C 226 -30.63 19.82 -21.53
N ASP C 227 -29.33 19.89 -21.24
CA ASP C 227 -28.82 20.22 -19.90
C ASP C 227 -29.34 19.22 -18.86
N ARG C 228 -29.04 17.94 -19.11
CA ARG C 228 -29.33 16.83 -18.20
C ARG C 228 -30.83 16.54 -18.10
N LYS C 229 -31.68 17.49 -18.49
CA LYS C 229 -33.12 17.37 -18.31
C LYS C 229 -33.72 16.22 -19.12
N ARG C 230 -35.03 16.07 -19.04
CA ARG C 230 -35.71 14.94 -19.68
C ARG C 230 -35.47 14.94 -21.18
N ARG C 231 -35.44 13.73 -21.75
CA ARG C 231 -35.15 13.55 -23.16
C ARG C 231 -36.41 13.82 -23.97
N GLN C 232 -36.41 14.90 -24.72
CA GLN C 232 -37.54 15.26 -25.57
C GLN C 232 -37.34 14.66 -26.97
N PRO C 233 -38.43 14.44 -27.70
CA PRO C 233 -38.29 14.06 -29.12
C PRO C 233 -37.53 15.13 -29.89
N VAL C 234 -36.73 14.68 -30.86
CA VAL C 234 -35.85 15.61 -31.57
C VAL C 234 -36.62 16.63 -32.38
N THR C 235 -37.88 16.34 -32.72
CA THR C 235 -38.68 17.30 -33.49
C THR C 235 -39.29 18.38 -32.62
N VAL C 236 -39.38 18.15 -31.30
CA VAL C 236 -39.86 19.19 -30.39
C VAL C 236 -38.92 20.40 -30.47
N LEU C 237 -37.61 20.15 -30.42
CA LEU C 237 -36.65 21.24 -30.52
C LEU C 237 -36.74 21.93 -31.87
N LEU C 238 -36.93 21.16 -32.95
CA LEU C 238 -37.03 21.75 -34.28
C LEU C 238 -38.26 22.64 -34.40
N LYS C 239 -39.39 22.21 -33.82
CA LYS C 239 -40.60 23.02 -33.86
C LYS C 239 -40.45 24.26 -32.98
N ALA C 240 -39.71 24.17 -31.88
CA ALA C 240 -39.51 25.33 -31.01
C ALA C 240 -38.66 26.40 -31.68
N LEU C 241 -37.79 26.02 -32.61
CA LEU C 241 -36.89 26.95 -33.27
C LEU C 241 -37.54 27.69 -34.43
N GLY C 242 -38.77 27.35 -34.80
CA GLY C 242 -39.45 28.00 -35.90
C GLY C 242 -39.44 27.24 -37.20
N TRP C 243 -39.15 25.94 -37.19
CA TRP C 243 -39.17 25.12 -38.39
C TRP C 243 -40.54 24.45 -38.52
N THR C 244 -41.15 24.60 -39.69
CA THR C 244 -42.45 24.00 -39.93
C THR C 244 -42.34 22.48 -40.02
N SER C 245 -43.48 21.82 -39.89
CA SER C 245 -43.52 20.36 -39.89
C SER C 245 -43.23 19.76 -41.26
N GLU C 246 -43.26 20.56 -42.33
CA GLU C 246 -42.95 20.06 -43.66
C GLU C 246 -41.50 20.27 -44.06
N GLN C 247 -40.87 21.37 -43.62
CA GLN C 247 -39.45 21.55 -43.85
C GLN C 247 -38.64 20.45 -43.17
N ILE C 248 -39.13 19.96 -42.02
CA ILE C 248 -38.46 18.86 -41.33
C ILE C 248 -38.51 17.60 -42.19
N VAL C 249 -39.68 17.29 -42.77
CA VAL C 249 -39.80 16.14 -43.65
C VAL C 249 -38.91 16.32 -44.88
N GLU C 250 -38.82 17.55 -45.37
CA GLU C 250 -37.97 17.83 -46.52
C GLU C 250 -36.50 17.58 -46.20
N ARG C 251 -36.08 17.88 -44.98
CA ARG C 251 -34.67 17.74 -44.64
C ARG C 251 -34.31 16.31 -44.25
N PHE C 252 -35.19 15.62 -43.53
CA PHE C 252 -34.90 14.30 -42.97
C PHE C 252 -35.74 13.20 -43.62
N GLY C 253 -35.99 13.33 -44.92
CA GLY C 253 -36.85 12.38 -45.61
C GLY C 253 -36.17 11.12 -46.08
N PHE C 254 -34.84 11.15 -46.28
CA PHE C 254 -34.13 10.00 -46.81
C PHE C 254 -34.01 8.85 -45.81
N SER C 255 -34.38 9.07 -44.55
CA SER C 255 -34.33 8.03 -43.54
C SER C 255 -35.73 7.78 -42.98
N GLU C 256 -36.00 6.52 -42.60
CA GLU C 256 -37.31 6.18 -42.08
C GLU C 256 -37.41 6.45 -40.59
N ILE C 257 -36.28 6.44 -39.88
CA ILE C 257 -36.30 6.68 -38.44
C ILE C 257 -36.80 8.09 -38.14
N MET C 258 -36.49 9.06 -39.00
CA MET C 258 -36.96 10.43 -38.77
C MET C 258 -38.43 10.59 -39.11
N ARG C 259 -38.91 9.89 -40.15
CA ARG C 259 -40.35 9.84 -40.39
C ARG C 259 -41.08 9.28 -39.18
N SER C 260 -40.58 8.17 -38.63
CA SER C 260 -41.16 7.61 -37.41
C SER C 260 -41.08 8.60 -36.25
N THR C 261 -39.99 9.36 -36.16
CA THR C 261 -39.85 10.35 -35.10
C THR C 261 -40.94 11.41 -35.21
N LEU C 262 -41.10 12.00 -36.39
CA LEU C 262 -42.09 13.08 -36.53
C LEU C 262 -43.52 12.55 -36.42
N GLU C 263 -43.75 11.28 -36.77
CA GLU C 263 -45.10 10.75 -36.60
C GLU C 263 -45.41 10.44 -35.14
N LYS C 264 -44.47 9.82 -34.42
CA LYS C 264 -44.67 9.48 -33.02
C LYS C 264 -44.65 10.69 -32.10
N ASP C 265 -44.42 11.89 -32.63
CA ASP C 265 -44.35 13.08 -31.81
C ASP C 265 -45.69 13.34 -31.11
N ASN C 266 -45.62 13.95 -29.94
CA ASN C 266 -46.82 14.17 -29.15
C ASN C 266 -47.52 15.48 -29.54
N THR C 267 -46.82 16.60 -29.40
CA THR C 267 -47.38 17.92 -29.64
C THR C 267 -46.77 18.53 -30.90
N VAL C 268 -47.58 19.35 -31.58
CA VAL C 268 -47.15 20.04 -32.80
C VAL C 268 -47.49 21.52 -32.66
N GLY C 269 -46.61 22.37 -33.17
CA GLY C 269 -46.82 23.81 -33.10
C GLY C 269 -45.58 24.55 -32.66
N THR C 270 -45.31 25.71 -33.28
CA THR C 270 -44.14 26.49 -32.91
C THR C 270 -44.26 27.04 -31.49
N ASP C 271 -45.45 27.49 -31.12
CA ASP C 271 -45.70 28.02 -29.79
C ASP C 271 -46.11 26.95 -28.79
N GLU C 272 -46.04 25.67 -29.17
CA GLU C 272 -46.39 24.55 -28.30
C GLU C 272 -45.17 23.79 -27.82
N ALA C 273 -44.31 23.36 -28.74
CA ALA C 273 -43.08 22.68 -28.35
C ALA C 273 -42.17 23.60 -27.55
N LEU C 274 -42.25 24.90 -27.81
CA LEU C 274 -41.46 25.87 -27.04
C LEU C 274 -41.86 25.84 -25.58
N LEU C 275 -43.17 25.86 -25.30
CA LEU C 275 -43.63 25.78 -23.92
C LEU C 275 -43.39 24.40 -23.32
N ASP C 276 -43.43 23.35 -24.14
CA ASP C 276 -43.03 22.03 -23.66
C ASP C 276 -41.60 22.06 -23.12
N ILE C 277 -40.67 22.57 -23.93
CA ILE C 277 -39.28 22.70 -23.49
C ILE C 277 -39.18 23.57 -22.24
N TYR C 278 -39.95 24.66 -22.20
CA TYR C 278 -39.90 25.56 -21.04
C TYR C 278 -40.32 24.82 -19.77
N ARG C 279 -41.43 24.07 -19.82
CA ARG C 279 -41.91 23.38 -18.64
C ARG C 279 -41.04 22.20 -18.26
N LYS C 280 -40.26 21.66 -19.21
CA LYS C 280 -39.30 20.63 -18.81
C LYS C 280 -37.99 21.21 -18.29
N LEU C 281 -37.64 22.43 -18.69
CA LEU C 281 -36.34 23.01 -18.35
C LEU C 281 -36.39 23.81 -17.05
N ARG C 282 -37.41 24.65 -16.88
CA ARG C 282 -37.57 25.47 -15.68
C ARG C 282 -38.95 25.18 -15.09
N PRO C 283 -39.09 24.08 -14.36
CA PRO C 283 -40.40 23.73 -13.79
C PRO C 283 -40.81 24.70 -12.69
N GLY C 284 -42.13 24.78 -12.49
CA GLY C 284 -42.68 25.65 -11.46
C GLY C 284 -42.90 27.08 -11.87
N GLU C 285 -42.60 27.44 -13.12
CA GLU C 285 -42.74 28.80 -13.59
C GLU C 285 -43.86 28.91 -14.62
N PRO C 286 -44.55 30.05 -14.69
CA PRO C 286 -45.59 30.24 -15.70
C PRO C 286 -44.97 30.31 -17.09
N PRO C 287 -45.44 29.50 -18.03
CA PRO C 287 -44.82 29.46 -19.36
C PRO C 287 -45.45 30.45 -20.33
N THR C 288 -44.72 31.53 -20.63
CA THR C 288 -45.13 32.51 -21.62
C THR C 288 -44.40 32.25 -22.93
N LYS C 289 -45.08 32.54 -24.04
CA LYS C 289 -44.48 32.34 -25.36
C LYS C 289 -43.19 33.12 -25.55
N GLU C 290 -42.99 34.21 -24.78
CA GLU C 290 -41.78 35.00 -24.89
C GLU C 290 -40.82 34.79 -23.73
N SER C 291 -41.22 34.02 -22.70
CA SER C 291 -40.30 33.67 -21.64
C SER C 291 -39.43 32.48 -22.03
N ALA C 292 -39.93 31.60 -22.89
CA ALA C 292 -39.14 30.53 -23.46
C ALA C 292 -38.38 30.99 -24.70
N GLN C 293 -39.00 31.85 -25.50
CA GLN C 293 -38.32 32.47 -26.63
C GLN C 293 -37.09 33.25 -26.18
N THR C 294 -37.04 33.68 -24.92
CA THR C 294 -35.88 34.41 -24.41
C THR C 294 -34.76 33.45 -24.00
N LEU C 295 -35.09 32.44 -23.19
CA LEU C 295 -34.04 31.57 -22.66
C LEU C 295 -33.52 30.62 -23.72
N LEU C 296 -34.37 30.15 -24.64
CA LEU C 296 -33.86 29.30 -25.71
C LEU C 296 -32.94 30.05 -26.67
N GLU C 297 -32.92 31.38 -26.61
CA GLU C 297 -31.92 32.15 -27.33
C GLU C 297 -30.72 32.46 -26.46
N ASN C 298 -30.93 32.71 -25.17
CA ASN C 298 -29.83 33.06 -24.27
C ASN C 298 -28.99 31.85 -23.87
N LEU C 299 -29.58 30.66 -23.84
CA LEU C 299 -28.85 29.48 -23.39
C LEU C 299 -27.98 28.85 -24.46
N PHE C 300 -28.20 29.19 -25.74
CA PHE C 300 -27.45 28.55 -26.82
C PHE C 300 -26.95 29.51 -27.89
N PHE C 301 -27.48 30.73 -28.00
CA PHE C 301 -27.13 31.61 -29.11
C PHE C 301 -26.71 33.00 -28.68
N LYS C 302 -26.79 33.32 -27.39
CA LYS C 302 -26.25 34.57 -26.86
C LYS C 302 -24.94 34.30 -26.16
N GLU C 303 -23.96 35.17 -26.40
CA GLU C 303 -22.62 34.98 -25.83
C GLU C 303 -22.57 35.16 -24.32
N LYS C 304 -23.70 35.46 -23.67
CA LYS C 304 -23.70 35.62 -22.23
C LYS C 304 -23.65 34.27 -21.51
N ARG C 305 -24.55 33.35 -21.88
CA ARG C 305 -24.68 32.07 -21.19
C ARG C 305 -24.23 30.90 -22.06
N TYR C 306 -23.56 31.16 -23.17
CA TYR C 306 -23.06 30.10 -24.03
C TYR C 306 -21.90 30.63 -24.85
N ASP C 307 -20.86 29.80 -25.01
CA ASP C 307 -19.67 30.23 -25.74
C ASP C 307 -18.87 29.01 -26.16
N LEU C 308 -18.66 28.85 -27.46
CA LEU C 308 -17.68 27.92 -27.98
C LEU C 308 -16.37 28.69 -28.18
N ALA C 309 -15.29 28.21 -27.58
CA ALA C 309 -14.01 28.88 -27.69
C ALA C 309 -13.55 28.89 -29.15
N ARG C 310 -12.48 29.66 -29.41
CA ARG C 310 -11.91 29.69 -30.76
C ARG C 310 -11.48 28.31 -31.22
N VAL C 311 -11.19 27.41 -30.27
CA VAL C 311 -10.86 26.03 -30.62
C VAL C 311 -12.12 25.18 -30.74
N GLY C 312 -13.14 25.43 -29.92
CA GLY C 312 -14.37 24.67 -30.03
C GLY C 312 -15.14 24.96 -31.30
N ARG C 313 -15.25 26.24 -31.65
CA ARG C 313 -15.88 26.62 -32.92
C ARG C 313 -15.14 25.99 -34.10
N TYR C 314 -13.81 25.97 -34.05
CA TYR C 314 -13.02 25.38 -35.12
C TYR C 314 -13.20 23.87 -35.18
N LYS C 315 -13.27 23.21 -34.02
CA LYS C 315 -13.50 21.77 -34.00
C LYS C 315 -14.87 21.43 -34.59
N VAL C 316 -15.88 22.26 -34.30
CA VAL C 316 -17.20 22.05 -34.88
C VAL C 316 -17.16 22.27 -36.38
N ASN C 317 -16.52 23.36 -36.82
CA ASN C 317 -16.46 23.69 -38.24
C ASN C 317 -15.67 22.65 -39.04
N LYS C 318 -14.76 21.91 -38.40
CA LYS C 318 -14.08 20.82 -39.09
C LYS C 318 -14.88 19.52 -39.03
N LYS C 319 -15.53 19.24 -37.91
CA LYS C 319 -16.24 17.97 -37.77
C LYS C 319 -17.48 17.92 -38.65
N LEU C 320 -18.15 19.04 -38.86
CA LEU C 320 -19.36 19.07 -39.67
C LEU C 320 -19.09 19.44 -41.13
N GLY C 321 -17.97 20.08 -41.41
CA GLY C 321 -17.67 20.47 -42.78
C GLY C 321 -18.37 21.73 -43.24
N LEU C 322 -18.46 22.73 -42.35
CA LEU C 322 -19.10 24.00 -42.69
C LEU C 322 -18.27 25.14 -42.12
N HIS C 323 -18.27 26.26 -42.85
CA HIS C 323 -17.51 27.45 -42.46
C HIS C 323 -16.02 27.15 -42.29
N VAL C 324 -15.52 26.17 -43.05
CA VAL C 324 -14.14 25.72 -42.90
C VAL C 324 -13.16 26.70 -43.51
N GLY C 325 -13.64 27.73 -44.20
CA GLY C 325 -12.77 28.73 -44.80
C GLY C 325 -12.99 30.11 -44.23
N GLU C 326 -14.12 30.30 -43.57
CA GLU C 326 -14.44 31.60 -42.99
C GLU C 326 -13.52 31.91 -41.82
N PRO C 327 -13.06 33.15 -41.68
CA PRO C 327 -12.28 33.52 -40.49
C PRO C 327 -13.10 33.32 -39.22
N ILE C 328 -12.44 32.79 -38.19
CA ILE C 328 -13.12 32.46 -36.93
C ILE C 328 -13.58 33.73 -36.25
N THR C 329 -14.83 34.12 -36.48
CA THR C 329 -15.44 35.25 -35.81
C THR C 329 -16.63 34.88 -34.94
N SER C 330 -17.30 33.77 -35.24
CA SER C 330 -18.46 33.34 -34.47
C SER C 330 -17.97 32.60 -33.22
N SER C 331 -18.16 33.23 -32.05
CA SER C 331 -17.89 32.59 -30.77
C SER C 331 -19.14 31.94 -30.18
N THR C 332 -20.07 31.51 -31.03
CA THR C 332 -21.37 31.06 -30.56
C THR C 332 -21.87 29.92 -31.42
N LEU C 333 -22.75 29.11 -30.84
CA LEU C 333 -23.45 28.08 -31.59
C LEU C 333 -24.56 28.70 -32.43
N THR C 334 -24.83 28.09 -33.58
CA THR C 334 -25.89 28.55 -34.47
C THR C 334 -26.89 27.43 -34.73
N GLU C 335 -28.05 27.80 -35.26
CA GLU C 335 -29.09 26.82 -35.55
C GLU C 335 -28.68 25.90 -36.69
N GLU C 336 -27.95 26.44 -37.67
CA GLU C 336 -27.39 25.63 -38.74
C GLU C 336 -26.57 24.47 -38.18
N ASP C 337 -25.81 24.72 -37.12
CA ASP C 337 -24.99 23.68 -36.52
C ASP C 337 -25.84 22.59 -35.90
N VAL C 338 -26.95 22.96 -35.26
CA VAL C 338 -27.85 21.96 -34.68
C VAL C 338 -28.44 21.08 -35.77
N VAL C 339 -28.92 21.71 -36.85
CA VAL C 339 -29.50 20.94 -37.95
C VAL C 339 -28.46 20.01 -38.56
N ALA C 340 -27.24 20.52 -38.77
CA ALA C 340 -26.18 19.69 -39.34
C ALA C 340 -25.77 18.56 -38.41
N THR C 341 -25.83 18.78 -37.09
CA THR C 341 -25.52 17.72 -36.14
C THR C 341 -26.54 16.59 -36.25
N ILE C 342 -27.83 16.94 -36.26
CA ILE C 342 -28.86 15.91 -36.41
C ILE C 342 -28.70 15.18 -37.74
N GLU C 343 -28.34 15.92 -38.79
CA GLU C 343 -28.14 15.33 -40.11
C GLU C 343 -26.98 14.35 -40.11
N TYR C 344 -25.89 14.69 -39.41
CA TYR C 344 -24.76 13.78 -39.26
C TYR C 344 -25.18 12.49 -38.57
N LEU C 345 -25.87 12.63 -37.43
CA LEU C 345 -26.25 11.47 -36.63
C LEU C 345 -27.17 10.52 -37.39
N VAL C 346 -28.21 11.06 -38.04
CA VAL C 346 -29.19 10.20 -38.70
C VAL C 346 -28.55 9.42 -39.83
N ARG C 347 -27.56 10.01 -40.53
CA ARG C 347 -26.87 9.27 -41.57
C ARG C 347 -25.95 8.21 -40.98
N LEU C 348 -25.26 8.54 -39.89
CA LEU C 348 -24.39 7.54 -39.27
C LEU C 348 -25.17 6.33 -38.80
N HIS C 349 -26.42 6.52 -38.37
CA HIS C 349 -27.17 5.41 -37.79
C HIS C 349 -27.37 4.27 -38.78
N GLU C 350 -27.64 4.58 -40.05
CA GLU C 350 -28.01 3.58 -41.04
C GLU C 350 -26.88 3.30 -42.03
N GLY C 351 -25.64 3.33 -41.57
CA GLY C 351 -24.51 2.83 -42.33
C GLY C 351 -23.87 3.80 -43.31
N GLN C 352 -24.34 5.05 -43.38
CA GLN C 352 -23.71 6.01 -44.29
C GLN C 352 -22.32 6.40 -43.77
N THR C 353 -21.45 6.78 -44.71
CA THR C 353 -20.06 7.08 -44.38
C THR C 353 -19.59 8.45 -44.87
N THR C 354 -20.45 9.22 -45.54
CA THR C 354 -20.04 10.50 -46.10
C THR C 354 -21.23 11.45 -46.09
N MET C 355 -20.97 12.73 -45.86
CA MET C 355 -22.04 13.72 -45.80
C MET C 355 -21.51 15.09 -46.19
N THR C 356 -22.34 15.85 -46.91
CA THR C 356 -22.06 17.25 -47.22
C THR C 356 -23.22 18.09 -46.73
N VAL C 357 -22.93 19.01 -45.81
CA VAL C 357 -23.97 19.94 -45.34
C VAL C 357 -24.39 20.84 -46.49
N PRO C 358 -25.70 21.12 -46.66
CA PRO C 358 -26.13 22.04 -47.72
C PRO C 358 -25.37 23.36 -47.68
N GLY C 359 -24.48 23.55 -48.65
CA GLY C 359 -23.59 24.70 -48.65
C GLY C 359 -22.31 24.50 -47.87
N GLY C 360 -21.88 23.26 -47.68
CA GLY C 360 -20.67 22.99 -46.93
C GLY C 360 -19.81 21.94 -47.60
N VAL C 361 -18.56 21.87 -47.16
CA VAL C 361 -17.61 20.94 -47.75
C VAL C 361 -17.92 19.51 -47.30
N GLU C 362 -17.46 18.55 -48.10
CA GLU C 362 -17.68 17.14 -47.81
C GLU C 362 -16.92 16.72 -46.56
N VAL C 363 -17.50 15.79 -45.81
CA VAL C 363 -16.90 15.34 -44.56
C VAL C 363 -17.32 13.90 -44.27
N PRO C 364 -16.43 13.05 -43.78
CA PRO C 364 -16.79 11.67 -43.48
C PRO C 364 -17.67 11.57 -42.25
N VAL C 365 -18.47 10.52 -42.19
CA VAL C 365 -19.40 10.28 -41.10
C VAL C 365 -18.86 9.11 -40.28
N GLU C 366 -18.42 9.39 -39.06
CA GLU C 366 -17.80 8.38 -38.21
C GLU C 366 -17.92 8.83 -36.76
N THR C 367 -17.46 7.97 -35.86
CA THR C 367 -17.45 8.25 -34.44
C THR C 367 -16.05 8.65 -33.98
N ASP C 368 -16.00 9.38 -32.87
CA ASP C 368 -14.76 9.91 -32.34
C ASP C 368 -14.35 9.16 -31.08
N ASP C 369 -13.04 9.08 -30.85
CA ASP C 369 -12.50 8.31 -29.73
C ASP C 369 -12.50 9.10 -28.43
N ILE C 370 -12.44 10.44 -28.51
CA ILE C 370 -12.35 11.38 -27.40
C ILE C 370 -11.10 11.12 -26.54
N ASP C 371 -10.37 10.04 -26.84
CA ASP C 371 -9.05 9.83 -26.25
C ASP C 371 -7.92 10.28 -27.15
N HIS C 372 -8.20 10.48 -28.44
CA HIS C 372 -7.20 11.02 -29.36
C HIS C 372 -6.79 12.42 -28.92
N PHE C 373 -5.49 12.69 -28.95
CA PHE C 373 -4.98 13.98 -28.51
C PHE C 373 -5.42 15.14 -29.41
N GLY C 374 -6.13 14.87 -30.49
CA GLY C 374 -6.71 15.91 -31.31
C GLY C 374 -8.10 16.26 -30.83
N ASN C 375 -8.74 15.32 -30.14
CA ASN C 375 -10.00 15.55 -29.45
C ASN C 375 -9.83 15.67 -27.95
N ARG C 376 -8.64 15.42 -27.43
CA ARG C 376 -8.32 15.58 -26.02
C ARG C 376 -7.42 16.80 -25.87
N ARG C 377 -7.92 17.83 -25.19
CA ARG C 377 -7.23 19.12 -25.12
C ARG C 377 -6.44 19.21 -23.82
N LEU C 378 -5.43 20.07 -23.84
CA LEU C 378 -4.59 20.35 -22.68
C LEU C 378 -4.62 21.85 -22.39
N ARG C 379 -5.14 22.22 -21.23
CA ARG C 379 -5.16 23.61 -20.80
C ARG C 379 -4.13 23.81 -19.69
N THR C 380 -3.29 24.82 -19.86
CA THR C 380 -2.13 25.02 -19.01
C THR C 380 -2.41 26.10 -17.96
N VAL C 381 -1.36 26.75 -17.46
CA VAL C 381 -1.49 27.66 -16.33
C VAL C 381 -2.33 28.88 -16.71
N GLY C 382 -2.04 29.47 -17.88
CA GLY C 382 -2.70 30.71 -18.26
C GLY C 382 -4.20 30.56 -18.35
N GLU C 383 -4.68 29.48 -18.97
CA GLU C 383 -6.12 29.29 -19.13
C GLU C 383 -6.78 28.94 -17.80
N LEU C 384 -6.11 28.13 -16.98
CA LEU C 384 -6.67 27.78 -15.67
C LEU C 384 -6.80 29.02 -14.79
N ILE C 385 -5.88 29.97 -14.89
CA ILE C 385 -6.02 31.21 -14.14
C ILE C 385 -7.03 32.14 -14.80
N GLN C 386 -7.10 32.13 -16.14
CA GLN C 386 -8.01 33.02 -16.86
C GLN C 386 -9.46 32.67 -16.58
N ASN C 387 -9.77 31.38 -16.45
CA ASN C 387 -11.15 30.99 -16.14
C ASN C 387 -11.56 31.49 -14.76
N GLN C 388 -10.67 31.38 -13.77
CA GLN C 388 -10.97 31.90 -12.44
C GLN C 388 -11.11 33.42 -12.47
N ILE C 389 -10.28 34.10 -13.27
CA ILE C 389 -10.41 35.54 -13.42
C ILE C 389 -11.75 35.89 -14.05
N ARG C 390 -12.19 35.09 -15.02
CA ARG C 390 -13.48 35.32 -15.66
C ARG C 390 -14.62 35.17 -14.67
N VAL C 391 -14.55 34.14 -13.81
CA VAL C 391 -15.58 33.96 -12.79
C VAL C 391 -15.55 35.12 -11.78
N GLY C 392 -14.35 35.55 -11.40
CA GLY C 392 -14.25 36.68 -10.48
C GLY C 392 -14.71 37.98 -11.08
N MET C 393 -14.64 38.10 -12.41
CA MET C 393 -15.18 39.27 -13.08
C MET C 393 -16.69 39.20 -13.18
N SER C 394 -17.24 37.99 -13.40
CA SER C 394 -18.69 37.84 -13.43
C SER C 394 -19.31 38.06 -12.06
N ARG C 395 -18.56 37.78 -10.99
CA ARG C 395 -19.06 38.01 -9.65
C ARG C 395 -19.10 39.49 -9.27
N MET C 396 -18.35 40.35 -9.95
CA MET C 396 -18.39 41.78 -9.71
C MET C 396 -19.11 42.56 -10.80
N GLU C 397 -19.39 41.95 -11.95
CA GLU C 397 -20.24 42.60 -12.94
C GLU C 397 -21.65 42.78 -12.40
N ARG C 398 -22.14 41.80 -11.63
CA ARG C 398 -23.41 41.95 -10.95
C ARG C 398 -23.34 43.08 -9.91
N VAL C 399 -22.20 43.21 -9.23
CA VAL C 399 -22.01 44.32 -8.30
C VAL C 399 -22.08 45.65 -9.02
N VAL C 400 -21.47 45.73 -10.21
CA VAL C 400 -21.52 46.96 -11.00
C VAL C 400 -22.96 47.28 -11.38
N ARG C 401 -23.67 46.31 -11.94
CA ARG C 401 -25.06 46.54 -12.35
C ARG C 401 -25.94 46.90 -11.17
N GLU C 402 -25.64 46.38 -9.99
CA GLU C 402 -26.43 46.72 -8.79
C GLU C 402 -26.12 48.11 -8.29
N ARG C 403 -24.84 48.53 -8.35
CA ARG C 403 -24.45 49.85 -7.88
C ARG C 403 -24.81 50.95 -8.86
N MET C 404 -25.06 50.62 -10.13
CA MET C 404 -25.44 51.65 -11.09
C MET C 404 -26.87 52.14 -10.82
N THR C 405 -27.81 51.22 -10.65
CA THR C 405 -29.22 51.58 -10.50
C THR C 405 -29.56 52.07 -9.09
N THR C 406 -28.62 52.05 -8.15
CA THR C 406 -28.85 52.55 -6.81
C THR C 406 -28.27 53.94 -6.59
N GLN C 407 -27.02 54.16 -7.00
CA GLN C 407 -26.40 55.46 -6.86
C GLN C 407 -26.93 56.42 -7.92
N ASP C 408 -26.66 57.71 -7.71
CA ASP C 408 -27.09 58.72 -8.69
C ASP C 408 -26.25 58.59 -9.96
N VAL C 409 -26.76 59.22 -11.03
CA VAL C 409 -26.16 59.06 -12.35
C VAL C 409 -25.27 60.26 -12.68
N GLU C 410 -24.71 60.90 -11.64
CA GLU C 410 -23.78 62.00 -11.85
C GLU C 410 -22.61 62.02 -10.88
N ALA C 411 -22.68 61.33 -9.74
CA ALA C 411 -21.54 61.18 -8.85
C ALA C 411 -20.87 59.82 -9.00
N ILE C 412 -21.18 59.09 -10.08
CA ILE C 412 -20.62 57.76 -10.30
C ILE C 412 -19.25 57.89 -10.94
N THR C 413 -18.25 57.25 -10.33
CA THR C 413 -16.92 57.10 -10.87
C THR C 413 -16.60 55.62 -10.98
N PRO C 414 -15.62 55.25 -11.83
CA PRO C 414 -15.19 53.85 -11.86
C PRO C 414 -14.77 53.30 -10.51
N GLN C 415 -14.34 54.17 -9.58
CA GLN C 415 -13.98 53.71 -8.24
C GLN C 415 -15.20 53.30 -7.43
N THR C 416 -16.36 53.93 -7.68
CA THR C 416 -17.55 53.61 -6.91
C THR C 416 -18.26 52.36 -7.41
N LEU C 417 -18.21 52.09 -8.71
CA LEU C 417 -18.89 50.93 -9.26
C LEU C 417 -18.15 49.63 -9.03
N ILE C 418 -16.87 49.70 -8.67
CA ILE C 418 -15.99 48.54 -8.65
C ILE C 418 -15.74 48.13 -7.21
N ASN C 419 -16.04 46.87 -6.90
CA ASN C 419 -15.73 46.25 -5.61
C ASN C 419 -14.89 45.02 -5.91
N ILE C 420 -13.60 45.08 -5.56
CA ILE C 420 -12.62 44.08 -5.99
C ILE C 420 -12.57 42.90 -5.03
N ARG C 421 -13.50 42.85 -4.07
CA ARG C 421 -13.51 41.76 -3.10
C ARG C 421 -13.71 40.40 -3.76
N PRO C 422 -14.78 40.17 -4.53
CA PRO C 422 -14.92 38.85 -5.17
C PRO C 422 -13.82 38.55 -6.18
N VAL C 423 -13.29 39.58 -6.84
CA VAL C 423 -12.24 39.38 -7.84
C VAL C 423 -11.03 38.71 -7.20
N VAL C 424 -10.43 39.37 -6.21
CA VAL C 424 -9.24 38.81 -5.57
C VAL C 424 -9.60 37.54 -4.80
N ALA C 425 -10.81 37.47 -4.24
CA ALA C 425 -11.22 36.26 -3.53
C ALA C 425 -11.23 35.05 -4.46
N ALA C 426 -11.57 35.25 -5.73
CA ALA C 426 -11.62 34.12 -6.67
C ALA C 426 -10.23 33.53 -6.90
N ILE C 427 -9.25 34.36 -7.22
CA ILE C 427 -7.90 33.85 -7.46
C ILE C 427 -7.29 33.32 -6.17
N LYS C 428 -7.65 33.90 -5.02
CA LYS C 428 -7.19 33.36 -3.74
C LYS C 428 -7.75 31.97 -3.51
N GLU C 429 -9.04 31.76 -3.80
CA GLU C 429 -9.64 30.44 -3.67
C GLU C 429 -8.99 29.45 -4.64
N PHE C 430 -8.66 29.90 -5.85
CA PHE C 430 -8.00 29.03 -6.81
C PHE C 430 -6.65 28.57 -6.30
N PHE C 431 -5.75 29.51 -6.02
CA PHE C 431 -4.39 29.13 -5.63
C PHE C 431 -4.35 28.45 -4.27
N GLY C 432 -5.30 28.76 -3.38
CA GLY C 432 -5.30 28.17 -2.06
C GLY C 432 -5.87 26.77 -2.02
N THR C 433 -6.90 26.51 -2.82
CA THR C 433 -7.57 25.21 -2.84
C THR C 433 -7.88 24.84 -4.28
N SER C 434 -7.12 23.88 -4.83
CA SER C 434 -7.35 23.40 -6.18
C SER C 434 -6.57 22.10 -6.37
N GLN C 435 -7.14 21.20 -7.16
CA GLN C 435 -6.46 19.96 -7.50
C GLN C 435 -5.32 20.19 -8.49
N LEU C 436 -5.29 21.35 -9.14
CA LEU C 436 -4.22 21.71 -10.06
C LEU C 436 -3.13 22.54 -9.41
N SER C 437 -3.47 23.35 -8.40
CA SER C 437 -2.47 24.07 -7.62
C SER C 437 -1.92 23.12 -6.56
N GLN C 438 -0.74 22.56 -6.82
CA GLN C 438 -0.21 21.49 -6.01
C GLN C 438 1.07 21.91 -5.29
N PHE C 439 1.24 21.34 -4.09
CA PHE C 439 2.48 21.47 -3.35
C PHE C 439 3.63 20.93 -4.18
N MET C 440 4.62 21.78 -4.44
CA MET C 440 5.69 21.42 -5.38
C MET C 440 6.53 20.26 -4.85
N ASP C 441 6.78 19.29 -5.73
CA ASP C 441 7.68 18.18 -5.43
C ASP C 441 9.12 18.69 -5.45
N GLN C 442 9.78 18.68 -4.30
CA GLN C 442 11.12 19.23 -4.17
C GLN C 442 12.06 18.25 -3.47
N ASN C 443 11.98 16.97 -3.83
CA ASN C 443 13.00 16.02 -3.37
C ASN C 443 14.34 16.30 -4.03
N ASN C 444 14.35 16.38 -5.34
CA ASN C 444 15.53 16.70 -6.14
C ASN C 444 15.09 17.57 -7.31
N PRO C 445 16.04 18.26 -7.96
CA PRO C 445 15.65 19.11 -9.10
C PRO C 445 14.87 18.39 -10.19
N LEU C 446 15.21 17.13 -10.47
CA LEU C 446 14.46 16.37 -11.47
C LEU C 446 13.00 16.21 -11.07
N SER C 447 12.74 15.98 -9.78
CA SER C 447 11.36 15.86 -9.32
C SER C 447 10.58 17.15 -9.57
N GLY C 448 11.21 18.30 -9.34
CA GLY C 448 10.53 19.57 -9.60
C GLY C 448 10.28 19.81 -11.07
N LEU C 449 11.27 19.52 -11.91
CA LEU C 449 11.08 19.66 -13.35
C LEU C 449 9.93 18.78 -13.83
N THR C 450 9.93 17.50 -13.42
CA THR C 450 8.85 16.59 -13.78
C THR C 450 7.49 17.10 -13.29
N HIS C 451 7.44 17.59 -12.05
CA HIS C 451 6.19 18.11 -11.51
C HIS C 451 5.70 19.31 -12.29
N LYS C 452 6.61 20.13 -12.81
CA LYS C 452 6.23 21.23 -13.67
C LYS C 452 5.83 20.78 -15.07
N ARG C 453 6.23 19.59 -15.50
CA ARG C 453 5.83 19.08 -16.80
C ARG C 453 4.73 18.02 -16.71
N ARG C 454 3.89 18.08 -15.67
CA ARG C 454 2.85 17.07 -15.50
C ARG C 454 1.64 17.37 -16.37
N LEU C 455 0.95 16.31 -16.79
CA LEU C 455 -0.32 16.39 -17.52
C LEU C 455 -1.31 15.53 -16.76
N SER C 456 -2.16 16.16 -15.96
CA SER C 456 -3.09 15.46 -15.09
C SER C 456 -4.48 15.47 -15.69
N ALA C 457 -5.10 14.30 -15.78
CA ALA C 457 -6.47 14.16 -16.26
C ALA C 457 -7.50 14.32 -15.14
N LEU C 458 -7.06 14.51 -13.91
CA LEU C 458 -7.95 14.66 -12.78
C LEU C 458 -8.28 16.13 -12.53
N GLY C 459 -9.23 16.35 -11.63
CA GLY C 459 -9.62 17.70 -11.25
C GLY C 459 -10.92 18.14 -11.90
N PRO C 460 -11.33 19.38 -11.62
CA PRO C 460 -12.56 19.90 -12.22
C PRO C 460 -12.44 20.01 -13.73
N GLY C 461 -13.54 19.69 -14.42
CA GLY C 461 -13.56 19.68 -15.87
C GLY C 461 -13.00 18.43 -16.50
N GLY C 462 -12.21 17.65 -15.77
CA GLY C 462 -11.67 16.41 -16.30
C GLY C 462 -12.55 15.22 -16.03
N LEU C 463 -12.18 14.40 -15.05
CA LEU C 463 -12.93 13.21 -14.71
C LEU C 463 -12.71 12.86 -13.25
N SER C 464 -13.67 12.14 -12.68
CA SER C 464 -13.52 11.58 -11.35
C SER C 464 -12.75 10.27 -11.42
N ARG C 465 -12.00 9.97 -10.36
CA ARG C 465 -11.25 8.72 -10.31
C ARG C 465 -12.17 7.51 -10.40
N GLU C 466 -13.38 7.61 -9.84
CA GLU C 466 -14.32 6.51 -9.91
C GLU C 466 -14.97 6.40 -11.29
N ARG C 467 -14.86 7.43 -12.12
CA ARG C 467 -15.39 7.38 -13.48
C ARG C 467 -14.27 7.30 -14.49
N ALA C 468 -13.36 6.35 -14.32
CA ALA C 468 -12.21 6.19 -15.23
C ALA C 468 -11.99 4.71 -15.47
N GLY C 469 -12.30 4.25 -16.69
CA GLY C 469 -12.09 2.87 -17.06
C GLY C 469 -10.65 2.60 -17.45
N LEU C 470 -10.41 1.37 -17.90
CA LEU C 470 -9.09 0.96 -18.33
C LEU C 470 -8.72 1.48 -19.71
N GLU C 471 -9.57 2.27 -20.34
CA GLU C 471 -9.31 2.85 -21.64
C GLU C 471 -8.76 4.27 -21.57
N VAL C 472 -9.10 5.01 -20.51
CA VAL C 472 -8.53 6.34 -20.33
C VAL C 472 -7.08 6.29 -19.88
N ARG C 473 -6.65 5.19 -19.27
CA ARG C 473 -5.34 5.10 -18.64
C ARG C 473 -4.27 4.49 -19.54
N ASP C 474 -4.66 3.68 -20.52
CA ASP C 474 -3.68 2.99 -21.34
C ASP C 474 -3.09 3.94 -22.40
N VAL C 475 -2.04 3.47 -23.06
CA VAL C 475 -1.30 4.29 -24.03
C VAL C 475 -2.09 4.38 -25.33
N HIS C 476 -2.16 5.59 -25.88
CA HIS C 476 -2.80 5.88 -27.15
C HIS C 476 -1.75 6.14 -28.23
N PRO C 477 -1.96 5.68 -29.46
CA PRO C 477 -0.94 5.88 -30.50
C PRO C 477 -0.70 7.33 -30.85
N SER C 478 -1.61 8.24 -30.50
CA SER C 478 -1.40 9.66 -30.75
C SER C 478 -0.51 10.31 -29.69
N HIS C 479 -0.17 9.59 -28.63
CA HIS C 479 0.72 10.12 -27.60
C HIS C 479 2.18 10.12 -28.02
N TYR C 480 2.49 9.63 -29.22
CA TYR C 480 3.87 9.59 -29.68
C TYR C 480 4.43 11.01 -29.80
N GLY C 481 5.55 11.25 -29.12
CA GLY C 481 6.17 12.56 -29.16
C GLY C 481 5.43 13.65 -28.42
N ARG C 482 4.34 13.32 -27.72
CA ARG C 482 3.54 14.30 -27.01
C ARG C 482 3.47 14.00 -25.52
N MET C 483 2.99 12.83 -25.13
CA MET C 483 3.00 12.39 -23.74
C MET C 483 3.81 11.11 -23.61
N CYS C 484 4.56 11.00 -22.53
CA CYS C 484 5.45 9.85 -22.35
C CYS C 484 4.63 8.59 -22.09
N PRO C 485 4.93 7.48 -22.77
CA PRO C 485 4.27 6.21 -22.47
C PRO C 485 4.89 5.43 -21.32
N ILE C 486 5.92 5.96 -20.67
CA ILE C 486 6.64 5.27 -19.61
C ILE C 486 6.38 5.94 -18.25
N GLU C 487 6.68 7.22 -18.15
CA GLU C 487 6.62 7.91 -16.85
C GLU C 487 5.17 8.12 -16.45
N THR C 488 4.72 7.35 -15.46
CA THR C 488 3.40 7.48 -14.86
C THR C 488 3.42 6.68 -13.57
N PRO C 489 2.75 7.15 -12.51
CA PRO C 489 2.76 6.39 -11.26
C PRO C 489 2.08 5.04 -11.42
N GLU C 490 2.47 4.09 -10.59
CA GLU C 490 1.91 2.74 -10.63
C GLU C 490 0.84 2.53 -9.56
N GLY C 491 0.44 3.57 -8.85
CA GLY C 491 -0.60 3.47 -7.86
C GLY C 491 -1.98 3.62 -8.46
N PRO C 492 -2.90 4.23 -7.72
CA PRO C 492 -4.26 4.44 -8.24
C PRO C 492 -4.35 5.51 -9.32
N ASN C 493 -3.28 6.28 -9.55
CA ASN C 493 -3.26 7.33 -10.56
C ASN C 493 -2.49 6.92 -11.81
N ILE C 494 -2.51 5.64 -12.15
CA ILE C 494 -1.79 5.15 -13.33
C ILE C 494 -2.56 5.54 -14.59
N GLY C 495 -1.87 6.15 -15.54
CA GLY C 495 -2.49 6.57 -16.78
C GLY C 495 -3.19 7.90 -16.67
N LEU C 496 -3.70 8.22 -15.48
CA LEU C 496 -4.38 9.49 -15.27
C LEU C 496 -3.42 10.67 -15.22
N ILE C 497 -2.15 10.42 -14.89
CA ILE C 497 -1.13 11.46 -14.81
C ILE C 497 0.02 11.04 -15.72
N GLY C 498 0.29 11.85 -16.75
CA GLY C 498 1.40 11.65 -17.64
C GLY C 498 2.43 12.76 -17.52
N SER C 499 3.52 12.58 -18.26
CA SER C 499 4.58 13.57 -18.34
C SER C 499 4.75 13.98 -19.80
N LEU C 500 4.85 15.29 -20.04
CA LEU C 500 5.02 15.78 -21.40
C LEU C 500 6.32 15.28 -22.00
N SER C 501 6.27 14.91 -23.28
CA SER C 501 7.48 14.49 -23.97
C SER C 501 8.48 15.64 -24.07
N VAL C 502 9.73 15.29 -24.39
CA VAL C 502 10.82 16.26 -24.35
C VAL C 502 10.58 17.39 -25.34
N TYR C 503 10.47 17.05 -26.63
CA TYR C 503 10.34 18.05 -27.68
C TYR C 503 8.92 18.55 -27.86
N ALA C 504 7.96 18.09 -27.06
CA ALA C 504 6.57 18.48 -27.23
C ALA C 504 6.33 19.91 -26.77
N ARG C 505 5.30 20.52 -27.34
CA ARG C 505 4.87 21.86 -26.96
C ARG C 505 3.37 21.96 -27.15
N VAL C 506 2.80 23.09 -26.74
CA VAL C 506 1.37 23.32 -26.78
C VAL C 506 1.09 24.52 -27.68
N ASN C 507 0.09 24.38 -28.55
CA ASN C 507 -0.35 25.48 -29.40
C ASN C 507 -1.39 26.32 -28.68
N PRO C 508 -1.64 27.55 -29.16
CA PRO C 508 -2.66 28.40 -28.50
C PRO C 508 -4.05 27.81 -28.47
N PHE C 509 -4.31 26.71 -29.18
CA PHE C 509 -5.62 26.06 -29.12
C PHE C 509 -5.74 25.18 -27.88
N GLY C 510 -4.68 24.45 -27.54
CA GLY C 510 -4.70 23.58 -26.39
C GLY C 510 -4.18 22.19 -26.68
N PHE C 511 -3.95 21.89 -27.96
CA PHE C 511 -3.43 20.60 -28.37
C PHE C 511 -1.90 20.60 -28.28
N ILE C 512 -1.34 19.40 -28.20
CA ILE C 512 0.10 19.22 -28.06
C ILE C 512 0.71 18.95 -29.44
N GLU C 513 1.69 19.76 -29.81
CA GLU C 513 2.39 19.63 -31.08
C GLU C 513 3.74 18.97 -30.87
N THR C 514 4.19 18.24 -31.89
CA THR C 514 5.51 17.62 -31.88
C THR C 514 6.23 17.92 -33.18
N PRO C 515 7.54 18.12 -33.14
CA PRO C 515 8.27 18.49 -34.35
C PRO C 515 8.63 17.28 -35.20
N TYR C 516 8.70 17.52 -36.51
CA TYR C 516 9.11 16.51 -37.48
C TYR C 516 9.91 17.16 -38.59
N ARG C 517 10.86 16.41 -39.12
CA ARG C 517 11.63 16.83 -40.30
C ARG C 517 10.85 16.45 -41.54
N LYS C 518 10.59 17.45 -42.40
CA LYS C 518 9.75 17.24 -43.57
C LYS C 518 10.55 16.58 -44.68
N VAL C 519 10.14 15.39 -45.09
CA VAL C 519 10.77 14.64 -46.17
C VAL C 519 9.94 14.87 -47.42
N VAL C 520 10.50 15.61 -48.38
CA VAL C 520 9.79 15.97 -49.61
C VAL C 520 9.53 14.72 -50.44
N ASP C 521 10.57 14.19 -51.09
CA ASP C 521 10.47 12.99 -51.92
C ASP C 521 11.63 12.07 -51.54
N GLY C 522 11.51 11.40 -50.40
CA GLY C 522 12.58 10.55 -49.91
C GLY C 522 13.87 11.29 -49.65
N VAL C 523 13.79 12.58 -49.36
CA VAL C 523 14.97 13.42 -49.11
C VAL C 523 14.81 14.07 -47.74
N VAL C 524 15.77 13.82 -46.87
CA VAL C 524 15.73 14.40 -45.53
C VAL C 524 16.07 15.88 -45.62
N SER C 525 15.19 16.73 -45.12
CA SER C 525 15.37 18.16 -45.11
C SER C 525 15.57 18.65 -43.67
N ASP C 526 16.35 19.73 -43.54
CA ASP C 526 16.54 20.37 -42.24
C ASP C 526 15.35 21.24 -41.84
N GLU C 527 14.36 21.39 -42.70
CA GLU C 527 13.15 22.13 -42.36
C GLU C 527 12.31 21.31 -41.39
N ILE C 528 11.99 21.91 -40.24
CA ILE C 528 11.27 21.24 -39.17
C ILE C 528 9.93 21.93 -38.97
N VAL C 529 8.86 21.15 -38.87
CA VAL C 529 7.52 21.67 -38.68
C VAL C 529 6.84 20.93 -37.55
N TYR C 530 6.06 21.66 -36.74
CA TYR C 530 5.33 21.08 -35.63
C TYR C 530 3.93 20.66 -36.09
N LEU C 531 3.54 19.44 -35.75
CA LEU C 531 2.24 18.89 -36.10
C LEU C 531 1.44 18.60 -34.85
N THR C 532 0.12 18.80 -34.96
CA THR C 532 -0.79 18.42 -33.87
C THR C 532 -1.09 16.94 -33.99
N ALA C 533 -2.01 16.45 -33.15
CA ALA C 533 -2.32 15.02 -33.15
C ALA C 533 -3.04 14.61 -34.43
N ASP C 534 -4.08 15.35 -34.81
CA ASP C 534 -4.82 14.99 -36.02
C ASP C 534 -4.05 15.37 -37.27
N GLU C 535 -3.19 16.39 -37.20
CA GLU C 535 -2.36 16.73 -38.35
C GLU C 535 -1.35 15.62 -38.66
N GLU C 536 -0.88 14.92 -37.63
CA GLU C 536 0.08 13.84 -37.85
C GLU C 536 -0.56 12.66 -38.56
N ASP C 537 -1.85 12.43 -38.37
CA ASP C 537 -2.52 11.29 -38.98
C ASP C 537 -2.70 11.46 -40.49
N ARG C 538 -2.80 12.71 -40.95
CA ARG C 538 -2.96 12.96 -42.38
C ARG C 538 -1.69 12.72 -43.18
N HIS C 539 -0.61 12.29 -42.54
CA HIS C 539 0.63 11.93 -43.21
C HIS C 539 1.15 10.64 -42.61
N VAL C 540 2.30 10.18 -43.12
CA VAL C 540 3.00 9.04 -42.57
C VAL C 540 4.43 9.46 -42.25
N VAL C 541 4.91 9.07 -41.08
CA VAL C 541 6.20 9.52 -40.57
C VAL C 541 7.12 8.32 -40.39
N ALA C 542 8.40 8.51 -40.69
CA ALA C 542 9.39 7.45 -40.56
C ALA C 542 10.02 7.47 -39.18
N GLN C 543 10.48 6.30 -38.74
CA GLN C 543 11.15 6.19 -37.46
C GLN C 543 12.46 6.95 -37.47
N ALA C 544 12.87 7.43 -36.28
CA ALA C 544 14.03 8.30 -36.18
C ALA C 544 15.30 7.59 -36.62
N ASN C 545 15.44 6.31 -36.27
CA ASN C 545 16.66 5.55 -36.58
C ASN C 545 16.64 4.98 -37.99
N SER C 546 16.33 5.81 -38.97
CA SER C 546 16.31 5.32 -40.34
C SER C 546 17.68 5.50 -40.98
N PRO C 547 18.17 4.51 -41.74
CA PRO C 547 19.43 4.68 -42.48
C PRO C 547 19.24 5.71 -43.59
N ILE C 548 20.03 6.78 -43.54
CA ILE C 548 19.86 7.94 -44.40
C ILE C 548 21.17 8.25 -45.10
N ASP C 549 21.09 8.51 -46.40
CA ASP C 549 22.25 8.96 -47.16
C ASP C 549 22.70 10.33 -46.67
N ALA C 550 23.99 10.63 -46.92
CA ALA C 550 24.51 11.95 -46.58
C ALA C 550 23.75 13.06 -47.29
N ASP C 551 23.20 12.78 -48.47
CA ASP C 551 22.36 13.75 -49.15
C ASP C 551 20.94 13.79 -48.56
N GLY C 552 20.45 12.65 -48.06
CA GLY C 552 19.16 12.61 -47.42
C GLY C 552 18.26 11.49 -47.87
N ARG C 553 18.70 10.72 -48.88
CA ARG C 553 17.87 9.67 -49.45
C ARG C 553 17.90 8.42 -48.59
N PHE C 554 16.74 7.79 -48.43
CA PHE C 554 16.64 6.58 -47.64
C PHE C 554 17.41 5.44 -48.30
N VAL C 555 18.13 4.67 -47.49
CA VAL C 555 18.90 3.55 -48.01
C VAL C 555 17.97 2.43 -48.49
N GLU C 556 16.97 2.10 -47.69
CA GLU C 556 16.06 1.04 -48.10
C GLU C 556 14.79 1.63 -48.70
N PRO C 557 14.26 0.99 -49.75
CA PRO C 557 12.96 1.45 -50.27
C PRO C 557 11.85 1.34 -49.24
N ARG C 558 11.68 0.16 -48.64
CA ARG C 558 10.69 -0.06 -47.60
C ARG C 558 11.31 0.26 -46.24
N VAL C 559 10.72 1.21 -45.52
CA VAL C 559 11.18 1.58 -44.20
C VAL C 559 10.03 1.41 -43.22
N LEU C 560 10.40 1.20 -41.95
CA LEU C 560 9.43 1.13 -40.86
C LEU C 560 8.77 2.50 -40.67
N VAL C 561 7.47 2.55 -40.87
CA VAL C 561 6.71 3.79 -40.86
C VAL C 561 5.48 3.61 -40.00
N ARG C 562 5.18 4.63 -39.20
CA ARG C 562 3.96 4.71 -38.40
C ARG C 562 2.85 5.34 -39.24
N ARG C 563 1.62 4.87 -39.04
CA ARG C 563 0.47 5.31 -39.80
C ARG C 563 -0.73 5.38 -38.86
N LYS C 564 -1.72 6.18 -39.27
CA LYS C 564 -2.96 6.41 -38.53
C LYS C 564 -3.54 5.12 -37.95
N ALA C 565 -4.20 5.24 -36.80
CA ALA C 565 -4.73 4.09 -36.05
C ALA C 565 -3.61 3.18 -35.55
N GLY C 566 -2.41 3.74 -35.40
CA GLY C 566 -1.29 3.02 -34.83
C GLY C 566 -0.88 1.79 -35.61
N GLU C 567 -0.59 1.95 -36.90
CA GLU C 567 -0.18 0.85 -37.76
C GLU C 567 1.29 1.03 -38.13
N VAL C 568 2.12 0.02 -37.81
CA VAL C 568 3.54 0.05 -38.11
C VAL C 568 3.79 -0.92 -39.26
N GLU C 569 4.37 -0.42 -40.35
CA GLU C 569 4.65 -1.31 -41.47
C GLU C 569 5.72 -0.72 -42.37
N TYR C 570 6.23 -1.57 -43.26
CA TYR C 570 7.20 -1.12 -44.26
C TYR C 570 6.49 -0.39 -45.39
N VAL C 571 7.11 0.70 -45.84
CA VAL C 571 6.49 1.58 -46.85
C VAL C 571 7.57 2.13 -47.76
N PRO C 572 7.21 2.40 -49.01
CA PRO C 572 8.20 2.90 -49.98
C PRO C 572 8.78 4.24 -49.57
N SER C 573 9.99 4.50 -50.09
CA SER C 573 10.71 5.71 -49.71
C SER C 573 10.04 6.97 -50.26
N SER C 574 9.32 6.84 -51.37
CA SER C 574 8.62 7.98 -51.96
C SER C 574 7.29 8.26 -51.26
N GLU C 575 6.99 7.56 -50.17
CA GLU C 575 5.77 7.78 -49.41
C GLU C 575 6.02 8.52 -48.11
N VAL C 576 7.25 8.53 -47.62
CA VAL C 576 7.58 9.17 -46.35
C VAL C 576 7.46 10.68 -46.50
N ASP C 577 6.52 11.27 -45.75
CA ASP C 577 6.33 12.72 -45.78
C ASP C 577 7.14 13.42 -44.70
N TYR C 578 7.23 12.84 -43.50
CA TYR C 578 7.99 13.42 -42.41
C TYR C 578 8.73 12.31 -41.69
N MET C 579 9.59 12.70 -40.74
CA MET C 579 10.27 11.73 -39.90
C MET C 579 10.57 12.35 -38.55
N ASP C 580 10.82 11.49 -37.58
CA ASP C 580 11.04 11.92 -36.20
C ASP C 580 12.33 12.72 -36.06
N VAL C 581 12.34 13.60 -35.05
CA VAL C 581 13.51 14.42 -34.80
C VAL C 581 14.61 13.59 -34.14
N SER C 582 14.33 13.05 -32.96
CA SER C 582 15.27 12.28 -32.18
C SER C 582 14.66 10.94 -31.79
N PRO C 583 15.48 9.91 -31.58
CA PRO C 583 14.92 8.63 -31.12
C PRO C 583 14.15 8.75 -29.82
N ARG C 584 14.61 9.59 -28.90
CA ARG C 584 13.98 9.81 -27.60
C ARG C 584 12.80 10.78 -27.67
N GLN C 585 12.25 11.03 -28.86
CA GLN C 585 11.16 11.99 -29.01
C GLN C 585 9.91 11.58 -28.24
N MET C 586 9.70 10.29 -27.98
CA MET C 586 8.51 9.80 -27.32
C MET C 586 8.58 9.81 -25.80
N VAL C 587 9.78 9.78 -25.23
CA VAL C 587 9.95 9.62 -23.79
C VAL C 587 9.99 10.98 -23.09
N SER C 588 9.85 10.97 -21.76
CA SER C 588 9.89 12.18 -20.96
C SER C 588 11.33 12.51 -20.59
N VAL C 589 11.50 13.56 -19.79
CA VAL C 589 12.83 13.99 -19.38
C VAL C 589 13.45 12.95 -18.44
N ALA C 590 12.70 12.54 -17.40
CA ALA C 590 13.21 11.53 -16.49
C ALA C 590 13.36 10.17 -17.16
N THR C 591 12.47 9.85 -18.11
CA THR C 591 12.58 8.59 -18.83
C THR C 591 13.81 8.58 -19.74
N ALA C 592 14.12 9.71 -20.36
CA ALA C 592 15.29 9.82 -21.22
C ALA C 592 16.60 9.80 -20.44
N MET C 593 16.55 9.77 -19.12
CA MET C 593 17.75 9.75 -18.29
C MET C 593 18.18 8.33 -17.91
N ILE C 594 17.48 7.31 -18.40
CA ILE C 594 17.79 5.92 -18.09
C ILE C 594 18.70 5.39 -19.20
N PRO C 595 19.97 5.11 -18.93
CA PRO C 595 20.85 4.56 -19.96
C PRO C 595 20.45 3.13 -20.30
N PHE C 596 20.66 2.76 -21.57
CA PHE C 596 20.28 1.45 -22.09
C PHE C 596 18.81 1.17 -21.80
N LEU C 597 17.96 2.18 -22.03
CA LEU C 597 16.54 2.02 -21.78
C LEU C 597 15.92 0.99 -22.71
N GLU C 598 16.47 0.84 -23.92
CA GLU C 598 15.95 -0.12 -24.88
C GLU C 598 16.15 -1.57 -24.45
N HIS C 599 16.89 -1.82 -23.37
CA HIS C 599 17.11 -3.16 -22.85
C HIS C 599 16.32 -3.44 -21.58
N ASP C 600 15.45 -2.54 -21.17
CA ASP C 600 14.65 -2.70 -19.97
C ASP C 600 13.17 -2.76 -20.35
N ASP C 601 12.44 -3.68 -19.73
CA ASP C 601 11.01 -3.76 -19.94
C ASP C 601 10.33 -2.53 -19.36
N ALA C 602 9.15 -2.20 -19.90
CA ALA C 602 8.45 -0.99 -19.50
C ALA C 602 8.07 -1.02 -18.02
N ASN C 603 7.81 -2.22 -17.48
CA ASN C 603 7.46 -2.33 -16.06
C ASN C 603 8.56 -1.74 -15.17
N ARG C 604 9.80 -2.20 -15.36
CA ARG C 604 10.88 -1.71 -14.51
C ARG C 604 11.38 -0.34 -14.95
N ALA C 605 11.20 0.01 -16.23
CA ALA C 605 11.58 1.35 -16.68
C ALA C 605 10.70 2.42 -16.05
N LEU C 606 9.40 2.15 -15.94
CA LEU C 606 8.50 3.04 -15.22
C LEU C 606 8.99 3.27 -13.80
N MET C 607 9.38 2.19 -13.11
CA MET C 607 9.85 2.31 -11.74
C MET C 607 11.16 3.08 -11.65
N GLY C 608 12.05 2.86 -12.62
CA GLY C 608 13.30 3.62 -12.63
C GLY C 608 13.06 5.11 -12.79
N ALA C 609 12.19 5.48 -13.73
CA ALA C 609 11.89 6.89 -13.95
C ALA C 609 11.18 7.50 -12.73
N ASN C 610 10.32 6.72 -12.08
CA ASN C 610 9.59 7.25 -10.93
C ASN C 610 10.44 7.31 -9.67
N MET C 611 11.46 6.46 -9.56
CA MET C 611 12.35 6.48 -8.41
C MET C 611 13.50 7.46 -8.57
N GLN C 612 13.84 7.83 -9.80
CA GLN C 612 14.77 8.94 -9.99
C GLN C 612 14.25 10.22 -9.36
N ARG C 613 12.94 10.42 -9.37
CA ARG C 613 12.34 11.59 -8.72
C ARG C 613 12.39 11.50 -7.21
N GLN C 614 12.61 10.30 -6.66
CA GLN C 614 12.64 10.10 -5.22
C GLN C 614 14.06 10.15 -4.65
N ALA C 615 15.05 10.52 -5.46
CA ALA C 615 16.42 10.58 -4.98
C ALA C 615 16.58 11.70 -3.96
N VAL C 616 17.56 11.53 -3.07
CA VAL C 616 17.82 12.46 -1.98
C VAL C 616 19.13 13.18 -2.28
N PRO C 617 19.18 14.51 -2.15
CA PRO C 617 20.45 15.23 -2.36
C PRO C 617 21.45 14.86 -1.28
N LEU C 618 22.60 14.35 -1.69
CA LEU C 618 23.64 13.94 -0.78
C LEU C 618 24.48 15.14 -0.35
N VAL C 619 25.39 14.91 0.60
CA VAL C 619 26.29 15.97 1.05
C VAL C 619 27.14 16.46 -0.13
N ARG C 620 27.88 15.55 -0.75
CA ARG C 620 28.58 15.80 -1.99
C ARG C 620 27.96 14.93 -3.08
N SER C 621 28.04 15.40 -4.33
CA SER C 621 27.39 14.74 -5.45
C SER C 621 28.42 14.37 -6.51
N GLU C 622 28.24 13.19 -7.10
CA GLU C 622 29.10 12.71 -8.18
C GLU C 622 28.26 12.53 -9.45
N ALA C 623 28.77 13.05 -10.56
CA ALA C 623 28.11 12.82 -11.83
C ALA C 623 28.31 11.37 -12.27
N PRO C 624 27.30 10.76 -12.90
CA PRO C 624 27.42 9.34 -13.26
C PRO C 624 28.41 9.13 -14.39
N LEU C 625 29.14 8.02 -14.31
CA LEU C 625 30.06 7.66 -15.40
C LEU C 625 29.30 7.30 -16.67
N VAL C 626 28.25 6.50 -16.53
CA VAL C 626 27.38 6.14 -17.66
C VAL C 626 26.23 7.12 -17.69
N GLY C 627 26.20 7.98 -18.71
CA GLY C 627 25.18 8.99 -18.84
C GLY C 627 24.38 8.84 -20.14
N THR C 628 23.50 9.81 -20.36
CA THR C 628 22.65 9.83 -21.54
C THR C 628 22.67 11.17 -22.26
N GLY C 629 23.35 12.17 -21.70
CA GLY C 629 23.36 13.52 -22.24
C GLY C 629 22.26 14.40 -21.72
N MET C 630 21.17 13.80 -21.22
CA MET C 630 20.04 14.58 -20.73
C MET C 630 20.31 15.20 -19.37
N GLU C 631 21.30 14.68 -18.63
CA GLU C 631 21.55 15.18 -17.28
C GLU C 631 21.79 16.69 -17.27
N LEU C 632 22.62 17.17 -18.20
CA LEU C 632 22.98 18.59 -18.25
C LEU C 632 21.74 19.48 -18.44
N ARG C 633 21.00 19.25 -19.52
CA ARG C 633 19.83 20.10 -19.79
C ARG C 633 18.77 19.93 -18.72
N ALA C 634 18.62 18.74 -18.16
CA ALA C 634 17.67 18.55 -17.07
C ALA C 634 18.06 19.42 -15.88
N ALA C 635 19.32 19.38 -15.47
CA ALA C 635 19.76 20.19 -14.34
C ALA C 635 19.59 21.67 -14.63
N ILE C 636 19.89 22.09 -15.86
CA ILE C 636 19.86 23.52 -16.19
C ILE C 636 18.44 24.04 -16.22
N ASP C 637 17.54 23.34 -16.94
CA ASP C 637 16.16 23.77 -17.04
C ASP C 637 15.37 23.57 -15.76
N ALA C 638 15.87 22.72 -14.84
CA ALA C 638 15.17 22.52 -13.57
C ALA C 638 15.12 23.82 -12.76
N GLY C 639 16.18 24.61 -12.83
CA GLY C 639 16.21 25.89 -12.14
C GLY C 639 16.80 25.88 -10.75
N ASP C 640 17.56 24.84 -10.40
CA ASP C 640 18.21 24.77 -9.10
C ASP C 640 19.71 25.06 -9.17
N VAL C 641 20.25 25.27 -10.36
CA VAL C 641 21.64 25.68 -10.52
C VAL C 641 21.68 27.19 -10.66
N VAL C 642 22.87 27.75 -10.86
CA VAL C 642 23.06 29.19 -11.01
C VAL C 642 23.75 29.42 -12.35
N VAL C 643 22.99 29.88 -13.34
CA VAL C 643 23.52 30.15 -14.68
C VAL C 643 23.84 31.61 -14.80
N ALA C 644 24.85 31.92 -15.61
CA ALA C 644 25.27 33.30 -15.84
C ALA C 644 24.38 33.94 -16.89
N GLU C 645 23.73 35.06 -16.52
CA GLU C 645 22.86 35.74 -17.47
C GLU C 645 23.66 36.41 -18.58
N GLU C 646 24.75 37.09 -18.24
CA GLU C 646 25.57 37.81 -19.20
C GLU C 646 27.01 37.37 -19.08
N SER C 647 27.73 37.43 -20.19
CA SER C 647 29.14 37.05 -20.19
C SER C 647 29.97 38.06 -19.43
N GLY C 648 31.06 37.59 -18.83
CA GLY C 648 31.94 38.46 -18.08
C GLY C 648 32.99 37.66 -17.34
N VAL C 649 33.62 38.33 -16.36
CA VAL C 649 34.66 37.72 -15.54
C VAL C 649 34.20 37.75 -14.09
N ILE C 650 34.73 36.83 -13.30
CA ILE C 650 34.36 36.69 -11.90
C ILE C 650 35.15 37.72 -11.09
N GLU C 651 34.44 38.68 -10.51
CA GLU C 651 35.10 39.70 -9.69
C GLU C 651 35.41 39.18 -8.30
N GLU C 652 34.40 38.68 -7.59
CA GLU C 652 34.58 38.16 -6.24
C GLU C 652 33.69 36.95 -6.03
N VAL C 653 34.28 35.85 -5.61
CA VAL C 653 33.57 34.60 -5.38
C VAL C 653 33.68 34.26 -3.89
N SER C 654 32.54 33.92 -3.28
CA SER C 654 32.48 33.51 -1.89
C SER C 654 31.45 32.41 -1.75
N ALA C 655 31.45 31.75 -0.59
CA ALA C 655 30.44 30.76 -0.28
C ALA C 655 29.05 31.37 -0.15
N ASP C 656 28.95 32.70 -0.07
CA ASP C 656 27.69 33.40 0.08
C ASP C 656 27.16 33.98 -1.23
N TYR C 657 28.04 34.51 -2.08
CA TYR C 657 27.58 35.11 -3.33
C TYR C 657 28.71 35.08 -4.35
N ILE C 658 28.34 35.28 -5.62
CA ILE C 658 29.26 35.33 -6.74
C ILE C 658 28.97 36.60 -7.53
N THR C 659 29.99 37.44 -7.70
CA THR C 659 29.85 38.69 -8.44
C THR C 659 30.49 38.54 -9.81
N VAL C 660 29.77 38.94 -10.85
CA VAL C 660 30.23 38.85 -12.23
C VAL C 660 30.35 40.27 -12.78
N MET C 661 31.54 40.60 -13.30
CA MET C 661 31.81 41.88 -13.92
C MET C 661 31.64 41.72 -15.44
N HIS C 662 30.62 42.36 -15.99
CA HIS C 662 30.30 42.20 -17.39
C HIS C 662 31.28 42.97 -18.27
N ASP C 663 31.16 42.76 -19.59
CA ASP C 663 32.04 43.44 -20.53
C ASP C 663 31.72 44.92 -20.62
N ASN C 664 30.43 45.28 -20.57
CA ASN C 664 30.04 46.67 -20.67
C ASN C 664 30.49 47.46 -19.45
N GLY C 665 30.46 46.85 -18.27
CA GLY C 665 30.89 47.52 -17.06
C GLY C 665 30.00 47.27 -15.87
N THR C 666 28.80 46.76 -16.11
CA THR C 666 27.87 46.48 -15.03
C THR C 666 28.26 45.21 -14.29
N ARG C 667 27.80 45.10 -13.05
CA ARG C 667 28.07 43.96 -12.19
C ARG C 667 26.75 43.30 -11.80
N ARG C 668 26.72 41.97 -11.85
CA ARG C 668 25.56 41.21 -11.42
C ARG C 668 25.99 40.18 -10.38
N THR C 669 25.31 40.16 -9.25
CA THR C 669 25.68 39.29 -8.14
C THR C 669 24.59 38.26 -7.89
N TYR C 670 24.97 36.99 -7.91
CA TYR C 670 24.08 35.87 -7.65
C TYR C 670 24.33 35.35 -6.24
N ARG C 671 23.28 35.30 -5.44
CA ARG C 671 23.39 34.84 -4.06
C ARG C 671 23.12 33.34 -3.97
N MET C 672 23.92 32.66 -3.16
CA MET C 672 23.82 31.22 -3.00
C MET C 672 22.78 30.87 -1.94
N ARG C 673 21.99 29.83 -2.23
CA ARG C 673 21.01 29.31 -1.30
C ARG C 673 21.66 28.20 -0.50
N LYS C 674 21.98 28.48 0.76
CA LYS C 674 22.81 27.60 1.58
C LYS C 674 21.94 26.95 2.67
N PHE C 675 21.89 25.61 2.64
CA PHE C 675 21.26 24.81 3.69
C PHE C 675 19.82 25.24 3.95
N ALA C 676 19.05 25.35 2.86
CA ALA C 676 17.65 25.72 2.94
C ALA C 676 16.77 24.47 2.93
N ARG C 677 15.75 24.46 3.76
CA ARG C 677 14.83 23.33 3.83
C ARG C 677 13.92 23.33 2.60
N SER C 678 13.84 22.18 1.94
CA SER C 678 12.97 22.04 0.78
C SER C 678 11.55 21.73 1.24
N ASN C 679 10.65 21.44 0.30
CA ASN C 679 9.27 21.13 0.64
C ASN C 679 9.16 19.77 1.34
N HIS C 680 10.10 18.87 1.08
CA HIS C 680 10.04 17.51 1.60
C HIS C 680 11.17 17.22 2.59
N GLY C 681 11.74 18.26 3.19
CA GLY C 681 12.77 18.08 4.19
C GLY C 681 14.16 17.82 3.67
N THR C 682 14.36 17.85 2.35
CA THR C 682 15.70 17.69 1.79
C THR C 682 16.47 18.99 1.88
N CYS C 683 17.79 18.88 1.72
CA CYS C 683 18.69 20.02 1.86
C CYS C 683 18.98 20.60 0.48
N ALA C 684 18.50 21.82 0.25
CA ALA C 684 18.76 22.56 -0.98
C ALA C 684 19.96 23.47 -0.72
N ASN C 685 21.14 23.05 -1.16
CA ASN C 685 22.38 23.77 -0.91
C ASN C 685 23.11 23.98 -2.23
N GLN C 686 23.35 25.24 -2.58
CA GLN C 686 24.11 25.59 -3.76
C GLN C 686 25.56 25.87 -3.41
N CYS C 687 26.46 25.55 -4.34
CA CYS C 687 27.89 25.75 -4.14
C CYS C 687 28.51 26.36 -5.38
N PRO C 688 29.39 27.34 -5.22
CA PRO C 688 30.06 27.94 -6.38
C PRO C 688 30.99 26.95 -7.07
N ILE C 689 31.11 27.13 -8.39
CA ILE C 689 32.00 26.32 -9.21
C ILE C 689 33.19 27.13 -9.69
N VAL C 690 32.94 28.35 -10.19
CA VAL C 690 34.02 29.17 -10.73
C VAL C 690 34.88 29.73 -9.59
N ASP C 691 36.06 30.21 -9.97
CA ASP C 691 37.01 30.83 -9.05
C ASP C 691 37.18 32.30 -9.41
N ALA C 692 38.11 32.96 -8.72
CA ALA C 692 38.34 34.38 -8.95
C ALA C 692 39.06 34.62 -10.27
N GLY C 693 38.47 35.46 -11.11
CA GLY C 693 39.08 35.81 -12.38
C GLY C 693 38.92 34.76 -13.47
N ASP C 694 37.73 34.19 -13.61
CA ASP C 694 37.46 33.18 -14.62
C ASP C 694 36.51 33.77 -15.67
N ARG C 695 36.95 33.76 -16.92
CA ARG C 695 36.10 34.19 -18.02
C ARG C 695 34.98 33.17 -18.22
N VAL C 696 33.75 33.61 -18.02
CA VAL C 696 32.57 32.75 -18.10
C VAL C 696 31.63 33.31 -19.15
N GLU C 697 31.19 32.44 -20.07
CA GLU C 697 30.29 32.85 -21.14
C GLU C 697 28.86 32.94 -20.63
N ALA C 698 27.98 33.48 -21.47
CA ALA C 698 26.58 33.63 -21.11
C ALA C 698 25.86 32.29 -21.14
N GLY C 699 24.92 32.11 -20.21
CA GLY C 699 24.20 30.86 -20.13
C GLY C 699 25.00 29.70 -19.59
N GLN C 700 26.12 29.97 -18.93
CA GLN C 700 26.99 28.94 -18.37
C GLN C 700 26.74 28.78 -16.88
N VAL C 701 26.86 27.55 -16.40
CA VAL C 701 26.66 27.24 -14.99
C VAL C 701 27.86 27.74 -14.21
N ILE C 702 27.66 28.76 -13.37
CA ILE C 702 28.70 29.25 -12.47
C ILE C 702 28.60 28.63 -11.09
N ALA C 703 27.47 28.01 -10.76
CA ALA C 703 27.27 27.36 -9.47
C ALA C 703 26.12 26.38 -9.61
N ASP C 704 26.22 25.27 -8.87
CA ASP C 704 25.23 24.21 -8.94
C ASP C 704 24.71 23.88 -7.54
N GLY C 705 23.46 23.42 -7.48
CA GLY C 705 22.82 23.14 -6.23
C GLY C 705 22.76 21.66 -5.91
N PRO C 706 21.65 21.21 -5.33
CA PRO C 706 21.53 19.81 -4.92
C PRO C 706 21.44 18.88 -6.13
N CYS C 707 21.99 17.68 -5.95
CA CYS C 707 21.98 16.64 -6.99
C CYS C 707 22.57 17.14 -8.30
N THR C 708 23.65 17.92 -8.22
CA THR C 708 24.27 18.47 -9.40
C THR C 708 25.79 18.44 -9.25
N ASP C 709 26.47 18.08 -10.34
CA ASP C 709 27.93 18.04 -10.38
C ASP C 709 28.38 18.64 -11.70
N ASP C 710 28.94 19.86 -11.65
CA ASP C 710 29.42 20.57 -12.83
C ASP C 710 28.31 20.81 -13.84
N GLY C 711 27.06 20.87 -13.37
CA GLY C 711 25.93 21.16 -14.22
C GLY C 711 25.13 19.97 -14.69
N GLU C 712 25.36 18.79 -14.13
CA GLU C 712 24.67 17.57 -14.54
C GLU C 712 23.94 16.96 -13.35
N MET C 713 22.83 16.28 -13.64
CA MET C 713 22.01 15.65 -12.61
C MET C 713 22.80 14.54 -11.93
N ALA C 714 23.08 14.72 -10.64
CA ALA C 714 23.85 13.75 -9.85
C ALA C 714 22.91 13.19 -8.78
N LEU C 715 22.01 12.30 -9.21
CA LEU C 715 21.03 11.72 -8.31
C LEU C 715 21.59 10.62 -7.43
N GLY C 716 22.83 10.21 -7.63
CA GLY C 716 23.41 9.14 -6.85
C GLY C 716 24.92 9.12 -6.91
N LYS C 717 25.49 7.94 -6.71
CA LYS C 717 26.93 7.74 -6.66
C LYS C 717 27.33 6.55 -7.52
N ASN C 718 28.57 6.59 -8.01
CA ASN C 718 29.16 5.48 -8.74
C ASN C 718 29.75 4.49 -7.74
N LEU C 719 29.15 3.30 -7.65
CA LEU C 719 29.54 2.30 -6.68
C LEU C 719 30.09 1.07 -7.39
N LEU C 720 31.16 0.51 -6.83
CA LEU C 720 31.75 -0.73 -7.33
C LEU C 720 30.84 -1.90 -6.94
N VAL C 721 30.20 -2.51 -7.95
CA VAL C 721 29.18 -3.53 -7.73
C VAL C 721 29.71 -4.88 -8.21
N ALA C 722 29.43 -5.91 -7.42
CA ALA C 722 29.69 -7.30 -7.78
C ALA C 722 28.37 -8.06 -7.72
N ILE C 723 28.14 -8.91 -8.73
CA ILE C 723 26.86 -9.60 -8.89
C ILE C 723 27.07 -11.03 -8.41
N MET C 724 26.73 -11.28 -7.15
CA MET C 724 26.90 -12.62 -6.59
C MET C 724 26.12 -12.75 -5.30
N PRO C 725 25.52 -13.90 -5.02
CA PRO C 725 24.95 -14.12 -3.69
C PRO C 725 26.05 -14.19 -2.65
N TRP C 726 25.78 -13.63 -1.46
CA TRP C 726 26.79 -13.54 -0.40
C TRP C 726 26.15 -13.90 0.94
N GLU C 727 26.29 -15.17 1.33
CA GLU C 727 25.91 -15.67 2.64
C GLU C 727 24.46 -15.37 3.00
N GLY C 728 23.60 -15.19 1.99
CA GLY C 728 22.19 -14.96 2.21
C GLY C 728 21.81 -13.56 2.63
N HIS C 729 22.77 -12.69 2.95
CA HIS C 729 22.46 -11.33 3.36
C HIS C 729 21.90 -10.49 2.22
N ASN C 730 22.00 -10.96 0.97
CA ASN C 730 21.37 -10.28 -0.15
C ASN C 730 20.26 -11.15 -0.73
N TYR C 731 19.30 -11.52 0.12
CA TYR C 731 18.24 -12.44 -0.28
C TYR C 731 17.11 -11.67 -0.98
N GLU C 732 16.76 -12.12 -2.18
CA GLU C 732 15.76 -11.50 -3.06
C GLU C 732 15.74 -9.97 -2.96
N ASP C 733 16.74 -9.33 -3.55
CA ASP C 733 16.89 -7.89 -3.72
C ASP C 733 17.41 -7.17 -2.47
N ALA C 734 17.63 -7.87 -1.36
CA ALA C 734 18.38 -7.26 -0.27
C ALA C 734 19.78 -6.89 -0.75
N ILE C 735 20.32 -5.80 -0.22
CA ILE C 735 21.54 -5.21 -0.74
C ILE C 735 22.57 -5.12 0.39
N ILE C 736 23.76 -5.64 0.14
CA ILE C 736 24.88 -5.57 1.08
C ILE C 736 25.74 -4.39 0.69
N LEU C 737 26.14 -3.59 1.68
CA LEU C 737 26.93 -2.40 1.45
C LEU C 737 28.27 -2.49 2.16
N SER C 738 29.27 -1.81 1.58
CA SER C 738 30.56 -1.65 2.23
C SER C 738 30.49 -0.52 3.24
N ASN C 739 31.10 -0.73 4.42
CA ASN C 739 31.11 0.30 5.44
C ASN C 739 31.89 1.54 5.00
N ARG C 740 32.65 1.45 3.91
CA ARG C 740 33.32 2.62 3.35
C ARG C 740 32.31 3.73 3.08
N LEU C 741 31.17 3.39 2.49
CA LEU C 741 30.12 4.37 2.22
C LEU C 741 29.65 5.08 3.47
N VAL C 742 29.81 4.45 4.65
CA VAL C 742 29.49 5.12 5.89
C VAL C 742 30.67 5.97 6.36
N GLU C 743 31.89 5.44 6.23
CA GLU C 743 33.05 6.15 6.75
C GLU C 743 33.39 7.39 5.94
N GLU C 744 33.08 7.39 4.65
CA GLU C 744 33.43 8.47 3.76
C GLU C 744 32.24 9.31 3.32
N ASP C 745 31.08 9.13 3.97
CA ASP C 745 29.88 9.93 3.70
C ASP C 745 29.49 9.88 2.22
N VAL C 746 29.61 8.70 1.62
CA VAL C 746 29.26 8.55 0.21
C VAL C 746 27.75 8.64 0.03
N LEU C 747 26.99 8.00 0.91
CA LEU C 747 25.53 8.02 0.87
C LEU C 747 24.94 8.76 2.06
N THR C 748 25.63 9.79 2.51
CA THR C 748 25.17 10.64 3.61
C THR C 748 24.47 11.87 3.06
N SER C 749 23.33 12.22 3.66
CA SER C 749 22.52 13.33 3.20
C SER C 749 22.09 14.18 4.39
N ILE C 750 21.82 15.46 4.11
CA ILE C 750 21.37 16.41 5.12
C ILE C 750 19.86 16.53 5.03
N HIS C 751 19.19 16.51 6.18
CA HIS C 751 17.73 16.61 6.25
C HIS C 751 17.34 17.64 7.28
N ILE C 752 16.49 18.59 6.88
CA ILE C 752 16.10 19.71 7.73
C ILE C 752 14.61 19.61 8.04
N GLU C 753 14.27 19.71 9.32
CA GLU C 753 12.89 19.71 9.79
C GLU C 753 12.57 21.06 10.41
N GLU C 754 11.31 21.47 10.24
CA GLU C 754 10.81 22.75 10.73
C GLU C 754 9.83 22.51 11.86
N HIS C 755 10.13 23.00 13.06
CA HIS C 755 9.23 22.93 14.19
C HIS C 755 8.72 24.32 14.49
N GLU C 756 7.50 24.40 15.02
CA GLU C 756 6.82 25.67 15.15
C GLU C 756 5.89 25.64 16.35
N ILE C 757 5.80 26.77 17.06
CA ILE C 757 4.87 26.88 18.18
C ILE C 757 4.53 28.35 18.40
N ASP C 758 3.34 28.60 18.93
CA ASP C 758 2.85 29.95 19.13
C ASP C 758 2.36 30.13 20.56
N ALA C 759 2.50 31.37 21.05
CA ALA C 759 1.97 31.80 22.33
C ALA C 759 0.76 32.67 22.07
N ARG C 760 -0.41 32.22 22.54
CA ARG C 760 -1.70 32.83 22.28
C ARG C 760 -2.25 33.52 23.53
N ASP C 761 -3.48 34.02 23.39
CA ASP C 761 -4.25 34.54 24.51
C ASP C 761 -5.30 33.53 24.89
N THR C 762 -5.33 33.14 26.15
CA THR C 762 -6.25 32.11 26.65
C THR C 762 -7.33 32.76 27.52
N LYS C 763 -8.25 31.91 27.99
CA LYS C 763 -9.39 32.40 28.77
C LYS C 763 -8.96 32.93 30.12
N LEU C 764 -7.89 32.39 30.71
CA LEU C 764 -7.45 32.76 32.04
C LEU C 764 -6.18 33.60 32.02
N GLY C 765 -5.78 34.12 30.85
CA GLY C 765 -4.58 34.92 30.75
C GLY C 765 -3.98 34.89 29.36
N ALA C 766 -2.68 34.65 29.28
CA ALA C 766 -1.99 34.60 27.99
C ALA C 766 -0.82 33.64 28.09
N GLU C 767 -0.68 32.78 27.08
CA GLU C 767 0.47 31.89 27.00
C GLU C 767 1.73 32.73 26.77
N GLU C 768 2.76 32.49 27.58
CA GLU C 768 4.00 33.21 27.48
C GLU C 768 5.16 32.24 27.25
N ILE C 769 6.09 32.63 26.41
CA ILE C 769 7.29 31.85 26.12
C ILE C 769 8.37 32.32 27.09
N THR C 770 8.74 31.45 28.03
CA THR C 770 9.71 31.82 29.06
C THR C 770 10.58 30.63 29.39
N ARG C 771 11.79 30.93 29.88
CA ARG C 771 12.69 29.89 30.38
C ARG C 771 12.20 29.29 31.68
N ASP C 772 11.41 30.03 32.46
CA ASP C 772 10.90 29.56 33.74
C ASP C 772 9.75 28.58 33.48
N ILE C 773 10.02 27.29 33.68
CA ILE C 773 9.04 26.23 33.48
C ILE C 773 8.87 25.51 34.81
N PRO C 774 7.64 25.27 35.26
CA PRO C 774 7.45 24.66 36.60
C PRO C 774 8.00 23.24 36.68
N ASN C 775 8.72 22.97 37.77
CA ASN C 775 9.20 21.62 38.10
C ASN C 775 10.12 21.06 37.02
N ILE C 776 11.03 21.89 36.52
CA ILE C 776 12.04 21.48 35.55
C ILE C 776 13.40 21.91 36.07
N SER C 777 14.38 21.02 36.00
CA SER C 777 15.72 21.31 36.49
C SER C 777 16.40 22.35 35.62
N ASP C 778 17.50 22.90 36.14
CA ASP C 778 18.34 23.81 35.38
C ASP C 778 19.21 23.08 34.36
N GLU C 779 19.14 21.76 34.30
CA GLU C 779 19.93 20.96 33.37
C GLU C 779 19.22 20.78 32.03
N VAL C 780 17.90 20.58 32.05
CA VAL C 780 17.15 20.47 30.80
C VAL C 780 17.04 21.84 30.14
N LEU C 781 16.91 22.90 30.94
CA LEU C 781 16.84 24.26 30.45
C LEU C 781 18.22 24.86 30.16
N ALA C 782 19.28 24.05 30.21
CA ALA C 782 20.62 24.57 30.02
C ALA C 782 20.88 24.97 28.56
N ASP C 783 20.23 24.31 27.62
CA ASP C 783 20.39 24.63 26.20
C ASP C 783 19.48 25.77 25.76
N LEU C 784 18.72 26.38 26.66
CA LEU C 784 17.84 27.49 26.34
C LEU C 784 18.50 28.80 26.72
N ASP C 785 18.14 29.86 25.97
CA ASP C 785 18.61 31.20 26.30
C ASP C 785 17.71 31.83 27.37
N GLU C 786 17.80 33.15 27.54
CA GLU C 786 16.99 33.80 28.56
C GLU C 786 15.53 33.91 28.17
N ARG C 787 15.20 33.69 26.89
CA ARG C 787 13.82 33.77 26.42
C ARG C 787 13.08 32.44 26.54
N GLY C 788 13.80 31.34 26.76
CA GLY C 788 13.20 30.02 26.70
C GLY C 788 13.34 29.33 25.37
N ILE C 789 14.19 29.84 24.48
CA ILE C 789 14.39 29.30 23.14
C ILE C 789 15.71 28.54 23.11
N VAL C 790 15.73 27.40 22.42
CA VAL C 790 16.99 26.67 22.24
C VAL C 790 17.97 27.53 21.46
N ARG C 791 19.24 27.42 21.80
CA ARG C 791 20.27 28.24 21.20
C ARG C 791 20.79 27.61 19.91
N ILE C 792 21.32 28.47 19.04
CA ILE C 792 21.83 28.01 17.74
C ILE C 792 23.07 27.17 17.94
N GLY C 793 23.12 26.01 17.26
CA GLY C 793 24.23 25.11 17.35
C GLY C 793 24.08 24.00 18.36
N ALA C 794 23.12 24.11 19.27
CA ALA C 794 22.94 23.09 20.30
C ALA C 794 22.30 21.84 19.69
N GLU C 795 22.92 20.70 19.93
CA GLU C 795 22.38 19.42 19.47
C GLU C 795 21.26 18.98 20.41
N VAL C 796 20.14 18.54 19.84
CA VAL C 796 18.95 18.19 20.61
C VAL C 796 18.50 16.79 20.20
N ARG C 797 18.30 15.93 21.19
CA ARG C 797 17.70 14.62 20.97
C ARG C 797 16.19 14.73 21.06
N ASP C 798 15.50 13.60 21.02
CA ASP C 798 14.05 13.59 21.18
C ASP C 798 13.68 13.82 22.64
N GLY C 799 12.66 14.64 22.86
CA GLY C 799 12.24 15.00 24.19
C GLY C 799 12.84 16.30 24.72
N ASP C 800 13.90 16.78 24.10
CA ASP C 800 14.51 18.04 24.52
C ASP C 800 13.57 19.21 24.24
N ILE C 801 13.67 20.24 25.09
CA ILE C 801 12.82 21.41 24.96
C ILE C 801 13.41 22.36 23.92
N LEU C 802 12.60 22.75 22.95
CA LEU C 802 12.98 23.74 21.95
C LEU C 802 12.47 25.13 22.28
N VAL C 803 11.21 25.24 22.71
CA VAL C 803 10.60 26.52 23.08
C VAL C 803 9.80 26.31 24.35
N GLY C 804 10.20 26.99 25.43
CA GLY C 804 9.50 26.85 26.69
C GLY C 804 8.27 27.73 26.80
N LYS C 805 7.09 27.13 26.66
CA LYS C 805 5.84 27.85 26.74
C LYS C 805 5.00 27.28 27.88
N VAL C 806 4.42 28.17 28.69
CA VAL C 806 3.56 27.79 29.80
C VAL C 806 2.18 28.37 29.56
N THR C 807 1.14 27.61 29.93
CA THR C 807 -0.23 28.05 29.74
C THR C 807 -0.96 28.06 31.07
N PRO C 808 -1.61 29.16 31.45
CA PRO C 808 -2.29 29.20 32.75
C PRO C 808 -3.54 28.31 32.75
N LYS C 809 -3.59 27.41 33.72
CA LYS C 809 -4.70 26.48 33.88
C LYS C 809 -5.52 26.85 35.11
N GLY C 810 -6.83 26.73 35.00
CA GLY C 810 -7.70 27.11 36.09
C GLY C 810 -7.59 26.18 37.28
N GLU C 811 -8.01 26.70 38.44
CA GLU C 811 -7.97 25.90 39.66
C GLU C 811 -9.07 24.84 39.64
N THR C 812 -10.23 25.15 39.07
CA THR C 812 -11.34 24.21 38.96
C THR C 812 -11.12 23.13 37.90
N GLU C 813 -9.92 23.05 37.33
CA GLU C 813 -9.57 22.05 36.33
C GLU C 813 -8.59 21.01 36.87
N LEU C 814 -8.44 20.92 38.19
CA LEU C 814 -7.39 20.12 38.80
C LEU C 814 -7.93 18.78 39.28
N THR C 815 -7.10 17.74 39.12
CA THR C 815 -7.42 16.43 39.65
C THR C 815 -7.38 16.48 41.18
N PRO C 816 -8.24 15.73 41.87
CA PRO C 816 -8.11 15.63 43.34
C PRO C 816 -6.71 15.19 43.77
N GLU C 817 -6.18 14.14 43.14
CA GLU C 817 -4.80 13.73 43.44
C GLU C 817 -3.82 14.83 43.11
N GLU C 818 -4.07 15.60 42.04
CA GLU C 818 -3.16 16.67 41.67
C GLU C 818 -3.21 17.81 42.68
N ARG C 819 -4.41 18.13 43.20
CA ARG C 819 -4.51 19.15 44.23
C ARG C 819 -3.83 18.72 45.52
N LEU C 820 -4.00 17.45 45.89
CA LEU C 820 -3.30 16.92 47.06
C LEU C 820 -1.79 16.96 46.86
N LEU C 821 -1.33 16.62 45.65
CA LEU C 821 0.10 16.64 45.35
C LEU C 821 0.65 18.06 45.37
N ARG C 822 -0.15 19.04 44.95
CA ARG C 822 0.26 20.43 45.07
C ARG C 822 0.30 20.87 46.53
N ALA C 823 -0.54 20.28 47.37
CA ALA C 823 -0.51 20.62 48.79
C ALA C 823 0.70 20.00 49.48
N ILE C 824 1.08 18.79 49.09
CA ILE C 824 2.13 18.06 49.79
C ILE C 824 3.50 18.45 49.25
N PHE C 825 3.54 19.41 48.34
CA PHE C 825 4.79 19.98 47.89
C PHE C 825 4.90 21.47 48.14
N GLY C 826 3.85 22.11 48.67
CA GLY C 826 3.89 23.51 49.06
C GLY C 826 4.17 24.50 47.95
N GLU C 827 4.09 24.09 46.68
CA GLU C 827 4.39 24.99 45.56
C GLU C 827 3.12 25.73 45.18
N LYS C 828 2.94 26.92 45.73
CA LYS C 828 1.85 27.79 45.33
C LYS C 828 2.22 28.54 44.04
N ALA C 829 1.24 29.26 43.51
CA ALA C 829 1.42 30.15 42.36
C ALA C 829 1.93 29.42 41.12
N ARG C 830 1.69 28.12 41.02
CA ARG C 830 2.02 27.36 39.81
C ARG C 830 0.77 27.13 38.96
N GLU C 831 -0.08 28.14 38.83
CA GLU C 831 -1.32 28.02 38.06
C GLU C 831 -1.07 27.74 36.59
N VAL C 832 0.18 27.78 36.12
CA VAL C 832 0.52 27.51 34.73
C VAL C 832 0.99 26.06 34.61
N ARG C 833 0.77 25.48 33.44
CA ARG C 833 1.20 24.13 33.13
C ARG C 833 2.13 24.15 31.92
N ASP C 834 2.90 23.07 31.80
CA ASP C 834 3.91 22.94 30.76
C ASP C 834 3.25 22.62 29.42
N THR C 835 3.49 23.48 28.43
CA THR C 835 3.05 23.25 27.06
C THR C 835 4.19 23.60 26.10
N SER C 836 5.41 23.25 26.48
CA SER C 836 6.58 23.62 25.70
C SER C 836 6.69 22.78 24.43
N LEU C 837 7.43 23.32 23.46
CA LEU C 837 7.68 22.62 22.20
C LEU C 837 8.86 21.68 22.38
N LYS C 838 8.58 20.37 22.34
CA LYS C 838 9.61 19.35 22.51
C LYS C 838 9.88 18.66 21.18
N VAL C 839 11.05 18.02 21.10
CA VAL C 839 11.46 17.34 19.88
C VAL C 839 10.66 16.04 19.75
N PRO C 840 10.06 15.77 18.60
CA PRO C 840 9.28 14.54 18.44
C PRO C 840 10.18 13.30 18.47
N HIS C 841 9.52 12.16 18.65
CA HIS C 841 10.24 10.89 18.66
C HIS C 841 10.81 10.59 17.28
N GLY C 842 12.09 10.23 17.24
CA GLY C 842 12.77 9.95 16.00
C GLY C 842 13.48 11.13 15.37
N GLU C 843 13.47 12.29 16.02
CA GLU C 843 14.12 13.49 15.52
C GLU C 843 15.34 13.82 16.36
N SER C 844 16.43 14.20 15.70
CA SER C 844 17.67 14.54 16.39
C SER C 844 18.63 15.25 15.44
N GLY C 845 19.20 16.37 15.87
CA GLY C 845 20.13 17.09 15.03
C GLY C 845 20.51 18.42 15.65
N LYS C 846 21.25 19.21 14.88
CA LYS C 846 21.71 20.52 15.30
C LYS C 846 20.69 21.60 14.95
N VAL C 847 20.47 22.52 15.88
CA VAL C 847 19.62 23.67 15.63
C VAL C 847 20.40 24.68 14.79
N ILE C 848 19.93 24.94 13.57
CA ILE C 848 20.66 25.78 12.64
C ILE C 848 20.06 27.17 12.48
N GLY C 849 18.79 27.36 12.81
CA GLY C 849 18.15 28.64 12.61
C GLY C 849 16.92 28.81 13.49
N ILE C 850 16.69 30.05 13.92
CA ILE C 850 15.52 30.42 14.70
C ILE C 850 14.89 31.64 14.06
N ARG C 851 13.55 31.65 13.98
CA ARG C 851 12.81 32.79 13.49
C ARG C 851 11.69 33.11 14.47
N VAL C 852 11.63 34.35 14.92
CA VAL C 852 10.69 34.78 15.95
C VAL C 852 9.84 35.91 15.39
N PHE C 853 8.52 35.78 15.54
CA PHE C 853 7.56 36.82 15.16
C PHE C 853 6.73 37.18 16.38
N SER C 854 6.66 38.46 16.70
CA SER C 854 5.92 38.91 17.86
C SER C 854 4.94 40.02 17.47
N ARG C 855 3.73 39.93 18.01
CA ARG C 855 2.78 41.04 17.87
C ARG C 855 3.37 42.32 18.44
N GLU C 856 4.06 42.22 19.57
CA GLU C 856 4.76 43.37 20.13
C GLU C 856 5.86 43.87 19.20
N ASP C 857 6.54 42.95 18.50
CA ASP C 857 7.63 43.32 17.60
C ASP C 857 7.16 43.99 16.32
N GLU C 858 5.85 44.22 16.16
CA GLU C 858 5.14 44.85 15.05
C GLU C 858 4.84 43.86 13.92
N ASP C 859 5.36 42.65 13.97
CA ASP C 859 4.99 41.63 13.00
C ASP C 859 3.53 41.23 13.18
N GLU C 860 2.87 40.92 12.08
CA GLU C 860 1.43 40.65 12.09
C GLU C 860 1.19 39.15 12.21
N LEU C 861 0.52 38.76 13.29
CA LEU C 861 0.12 37.40 13.57
C LEU C 861 -1.39 37.25 13.46
N PRO C 862 -1.90 36.02 13.30
CA PRO C 862 -3.36 35.84 13.34
C PRO C 862 -3.93 36.27 14.67
N ALA C 863 -5.16 36.78 14.63
CA ALA C 863 -5.79 37.36 15.81
C ALA C 863 -5.87 36.34 16.94
N GLY C 864 -5.36 36.71 18.11
CA GLY C 864 -5.32 35.82 19.25
C GLY C 864 -3.95 35.25 19.56
N VAL C 865 -2.91 35.67 18.85
CA VAL C 865 -1.56 35.17 19.03
C VAL C 865 -0.66 36.31 19.44
N ASN C 866 0.18 36.09 20.45
CA ASN C 866 1.13 37.09 20.90
C ASN C 866 2.56 36.80 20.48
N GLU C 867 2.90 35.53 20.21
CA GLU C 867 4.26 35.20 19.78
C GLU C 867 4.23 33.96 18.92
N LEU C 868 5.28 33.80 18.10
CA LEU C 868 5.41 32.67 17.20
C LEU C 868 6.89 32.39 17.00
N VAL C 869 7.29 31.12 17.11
CA VAL C 869 8.69 30.72 16.99
C VAL C 869 8.78 29.52 16.07
N ARG C 870 9.70 29.61 15.10
CA ARG C 870 10.05 28.50 14.22
C ARG C 870 11.52 28.14 14.45
N VAL C 871 11.78 26.87 14.71
CA VAL C 871 13.12 26.34 14.94
C VAL C 871 13.43 25.34 13.84
N TYR C 872 14.58 25.49 13.19
CA TYR C 872 15.02 24.58 12.15
C TYR C 872 16.08 23.63 12.71
N VAL C 873 15.84 22.33 12.56
CA VAL C 873 16.74 21.30 13.08
C VAL C 873 17.28 20.51 11.90
N ALA C 874 18.60 20.44 11.78
CA ALA C 874 19.25 19.74 10.67
C ALA C 874 19.96 18.51 11.20
N GLN C 875 19.73 17.38 10.53
CA GLN C 875 20.37 16.12 10.86
C GLN C 875 21.20 15.65 9.67
N LYS C 876 22.32 14.99 9.98
CA LYS C 876 23.26 14.46 8.99
C LYS C 876 23.12 12.94 9.00
N ARG C 877 22.32 12.42 8.08
CA ARG C 877 21.98 11.00 8.06
C ARG C 877 22.95 10.24 7.18
N LYS C 878 23.73 9.35 7.79
CA LYS C 878 24.50 8.38 7.04
C LYS C 878 23.59 7.25 6.57
N ILE C 879 24.11 6.44 5.64
CA ILE C 879 23.34 5.30 5.16
C ILE C 879 23.27 4.25 6.26
N SER C 880 22.06 3.74 6.51
CA SER C 880 21.81 2.84 7.63
C SER C 880 21.18 1.55 7.14
N ASP C 881 21.07 0.58 8.05
CA ASP C 881 20.45 -0.70 7.73
C ASP C 881 18.97 -0.50 7.45
N GLY C 882 18.54 -0.84 6.23
CA GLY C 882 17.16 -0.73 5.83
C GLY C 882 16.85 0.46 4.95
N ASP C 883 17.78 1.41 4.80
CA ASP C 883 17.57 2.51 3.88
C ASP C 883 17.41 2.00 2.46
N LYS C 884 16.38 2.49 1.77
CA LYS C 884 16.02 1.98 0.46
C LYS C 884 16.90 2.61 -0.62
N LEU C 885 17.77 1.81 -1.22
CA LEU C 885 18.53 2.22 -2.38
C LEU C 885 17.89 1.66 -3.65
N ALA C 886 18.31 2.22 -4.79
CA ALA C 886 17.78 1.79 -6.07
C ALA C 886 18.68 2.33 -7.17
N GLY C 887 18.55 1.73 -8.35
CA GLY C 887 19.23 2.18 -9.53
C GLY C 887 18.31 2.91 -10.49
N ARG C 888 18.74 3.01 -11.75
CA ARG C 888 17.96 3.69 -12.77
C ARG C 888 17.14 2.72 -13.62
N HIS C 889 17.16 1.43 -13.30
CA HIS C 889 16.46 0.41 -14.08
C HIS C 889 15.37 -0.29 -13.27
N GLY C 890 14.79 0.42 -12.30
CA GLY C 890 13.76 -0.17 -11.48
C GLY C 890 14.24 -1.27 -10.55
N ASN C 891 15.52 -1.26 -10.19
CA ASN C 891 16.10 -2.27 -9.31
C ASN C 891 16.24 -1.67 -7.92
N LYS C 892 15.19 -1.83 -7.11
CA LYS C 892 15.15 -1.27 -5.77
C LYS C 892 15.45 -2.35 -4.73
N GLY C 893 15.89 -1.91 -3.55
CA GLY C 893 16.17 -2.82 -2.47
C GLY C 893 16.63 -2.11 -1.21
N VAL C 894 16.35 -2.70 -0.05
CA VAL C 894 16.75 -2.11 1.22
C VAL C 894 18.09 -2.67 1.66
N ILE C 895 18.79 -1.91 2.48
CA ILE C 895 20.13 -2.31 2.94
C ILE C 895 19.97 -3.41 3.98
N GLY C 896 20.38 -4.63 3.61
CA GLY C 896 20.27 -5.77 4.50
C GLY C 896 21.42 -5.93 5.47
N LYS C 897 22.60 -5.46 5.07
CA LYS C 897 23.78 -5.63 5.91
C LYS C 897 24.87 -4.67 5.46
N ILE C 898 25.51 -4.03 6.44
CA ILE C 898 26.66 -3.17 6.19
C ILE C 898 27.89 -3.82 6.82
N LEU C 899 28.58 -4.67 6.06
CA LEU C 899 29.72 -5.40 6.59
C LEU C 899 30.91 -4.46 6.79
N PRO C 900 31.87 -4.86 7.63
CA PRO C 900 33.13 -4.12 7.70
C PRO C 900 33.86 -4.18 6.37
N VAL C 901 34.78 -3.24 6.17
CA VAL C 901 35.45 -3.10 4.89
C VAL C 901 36.32 -4.32 4.56
N GLU C 902 36.74 -5.08 5.58
CA GLU C 902 37.57 -6.25 5.33
C GLU C 902 36.77 -7.50 5.02
N ASP C 903 35.49 -7.56 5.38
CA ASP C 903 34.66 -8.70 5.04
C ASP C 903 34.21 -8.69 3.58
N MET C 904 34.41 -7.59 2.87
CA MET C 904 33.86 -7.45 1.53
C MET C 904 34.67 -8.28 0.53
N PRO C 905 34.00 -8.90 -0.45
CA PRO C 905 34.72 -9.57 -1.53
C PRO C 905 35.57 -8.58 -2.32
N PHE C 906 36.89 -8.60 -2.09
CA PHE C 906 37.78 -7.62 -2.69
C PHE C 906 38.46 -8.20 -3.93
N LEU C 907 38.87 -7.30 -4.82
CA LEU C 907 39.46 -7.70 -6.09
C LEU C 907 40.89 -8.19 -5.88
N ALA C 908 41.65 -8.29 -6.98
CA ALA C 908 42.99 -8.84 -6.92
C ALA C 908 43.96 -7.88 -6.24
N ASP C 909 43.76 -6.57 -6.40
CA ASP C 909 44.66 -5.57 -5.83
C ASP C 909 44.15 -5.03 -4.49
N GLY C 910 43.27 -5.76 -3.82
CA GLY C 910 42.84 -5.42 -2.48
C GLY C 910 41.69 -4.43 -2.40
N THR C 911 41.30 -3.81 -3.50
CA THR C 911 40.20 -2.85 -3.48
C THR C 911 38.88 -3.57 -3.25
N PRO C 912 38.21 -3.36 -2.12
CA PRO C 912 36.95 -4.06 -1.88
C PRO C 912 35.80 -3.42 -2.64
N VAL C 913 34.83 -4.25 -3.02
CA VAL C 913 33.64 -3.75 -3.68
C VAL C 913 32.82 -2.92 -2.71
N ASP C 914 31.95 -2.07 -3.26
CA ASP C 914 31.12 -1.19 -2.45
C ASP C 914 29.71 -1.72 -2.23
N ILE C 915 29.21 -2.53 -3.14
CA ILE C 915 27.81 -2.99 -3.07
C ILE C 915 27.73 -4.37 -3.72
N ILE C 916 26.96 -5.26 -3.09
CA ILE C 916 26.80 -6.64 -3.54
C ILE C 916 25.33 -6.82 -3.93
N LEU C 917 25.07 -6.96 -5.22
CA LEU C 917 23.72 -7.15 -5.73
C LEU C 917 23.47 -8.61 -6.03
N ASN C 918 22.31 -9.11 -5.60
CA ASN C 918 21.98 -10.52 -5.79
C ASN C 918 21.77 -10.84 -7.26
N THR C 919 22.22 -12.02 -7.67
CA THR C 919 22.07 -12.43 -9.07
C THR C 919 20.67 -12.90 -9.37
N HIS C 920 19.96 -13.47 -8.38
CA HIS C 920 18.66 -14.07 -8.64
C HIS C 920 17.63 -13.03 -9.07
N GLY C 921 17.73 -11.80 -8.56
CA GLY C 921 16.77 -10.77 -8.89
C GLY C 921 17.12 -9.96 -10.11
N VAL C 922 17.77 -10.60 -11.09
CA VAL C 922 18.20 -9.91 -12.31
C VAL C 922 17.44 -10.42 -13.53
N PRO C 923 17.46 -11.73 -13.85
CA PRO C 923 16.84 -12.18 -15.11
C PRO C 923 15.33 -12.28 -15.04
N ARG C 924 14.72 -12.08 -13.86
CA ARG C 924 13.27 -12.06 -13.76
C ARG C 924 12.71 -10.72 -14.24
N ARG C 925 13.32 -9.63 -13.80
CA ARG C 925 12.77 -8.31 -14.07
C ARG C 925 12.97 -7.87 -15.50
N MET C 926 13.83 -8.55 -16.26
CA MET C 926 14.14 -8.21 -17.64
C MET C 926 14.73 -6.81 -17.74
N ASN C 927 15.59 -6.45 -16.79
CA ASN C 927 16.27 -5.16 -16.77
C ASN C 927 17.77 -5.40 -16.93
N ILE C 928 18.18 -5.88 -18.11
CA ILE C 928 19.59 -6.14 -18.38
C ILE C 928 20.41 -4.86 -18.48
N GLY C 929 19.75 -3.70 -18.54
CA GLY C 929 20.48 -2.44 -18.55
C GLY C 929 21.47 -2.33 -17.41
N GLN C 930 21.04 -2.63 -16.19
CA GLN C 930 21.93 -2.58 -15.04
C GLN C 930 23.16 -3.45 -15.25
N ILE C 931 23.00 -4.57 -15.95
CA ILE C 931 24.16 -5.39 -16.31
C ILE C 931 25.02 -4.66 -17.33
N LEU C 932 24.41 -4.21 -18.43
CA LEU C 932 25.15 -3.55 -19.49
C LEU C 932 25.88 -2.32 -18.95
N GLU C 933 25.15 -1.47 -18.23
CA GLU C 933 25.77 -0.35 -17.52
C GLU C 933 26.97 -0.81 -16.73
N THR C 934 26.78 -1.87 -15.92
CA THR C 934 27.86 -2.38 -15.08
C THR C 934 29.11 -2.67 -15.90
N HIS C 935 28.93 -3.15 -17.12
CA HIS C 935 30.08 -3.34 -18.01
C HIS C 935 30.65 -1.98 -18.43
N LEU C 936 29.82 -1.16 -19.08
CA LEU C 936 30.29 0.14 -19.56
C LEU C 936 30.85 0.96 -18.41
N GLY C 937 30.18 0.94 -17.26
CA GLY C 937 30.69 1.63 -16.09
C GLY C 937 32.14 1.30 -15.80
N TRP C 938 32.48 -0.01 -15.80
CA TRP C 938 33.86 -0.38 -15.55
C TRP C 938 34.78 0.19 -16.62
N CYS C 939 34.34 0.13 -17.88
CA CYS C 939 35.15 0.71 -18.96
C CYS C 939 35.32 2.20 -18.76
N ALA C 940 34.36 2.86 -18.11
CA ALA C 940 34.52 4.27 -17.79
C ALA C 940 35.47 4.48 -16.62
N HIS C 941 35.54 3.52 -15.69
CA HIS C 941 36.41 3.68 -14.53
C HIS C 941 37.87 3.47 -14.88
N SER C 942 38.16 2.57 -15.83
CA SER C 942 39.52 2.22 -16.19
C SER C 942 40.00 2.90 -17.46
N GLY C 943 39.13 3.00 -18.47
CA GLY C 943 39.53 3.48 -19.77
C GLY C 943 39.88 2.34 -20.72
N TRP C 944 40.01 2.68 -21.99
CA TRP C 944 40.29 1.67 -23.00
C TRP C 944 41.16 2.26 -24.10
N LYS C 945 41.79 1.37 -24.86
CA LYS C 945 42.67 1.74 -25.96
C LYS C 945 42.50 0.72 -27.07
N VAL C 946 41.91 1.15 -28.20
CA VAL C 946 41.66 0.26 -29.31
C VAL C 946 42.93 0.09 -30.14
N ASP C 947 43.16 -1.12 -30.63
CA ASP C 947 44.33 -1.40 -31.45
C ASP C 947 44.28 -0.62 -32.75
N ALA C 948 45.14 0.39 -32.89
CA ALA C 948 45.18 1.19 -34.10
C ALA C 948 45.98 0.52 -35.22
N ALA C 949 46.89 -0.39 -34.89
CA ALA C 949 47.67 -1.07 -35.90
C ALA C 949 46.79 -1.96 -36.76
N LYS C 950 47.15 -2.07 -38.04
CA LYS C 950 46.41 -2.87 -39.02
C LYS C 950 44.96 -2.41 -39.13
N GLY C 951 44.76 -1.09 -39.08
CA GLY C 951 43.45 -0.52 -39.28
C GLY C 951 42.58 -0.57 -38.04
N VAL C 952 41.40 0.03 -38.17
CA VAL C 952 40.42 0.04 -37.08
C VAL C 952 39.70 -1.31 -37.08
N PRO C 953 39.57 -1.96 -35.92
CA PRO C 953 38.90 -3.27 -35.88
C PRO C 953 37.46 -3.20 -36.36
N ASP C 954 36.90 -4.38 -36.63
CA ASP C 954 35.59 -4.49 -37.25
C ASP C 954 34.44 -4.22 -36.29
N TRP C 955 34.70 -4.09 -34.99
CA TRP C 955 33.64 -3.78 -34.04
C TRP C 955 33.56 -2.28 -33.72
N ALA C 956 34.65 -1.54 -33.87
CA ALA C 956 34.68 -0.12 -33.58
C ALA C 956 34.61 0.74 -34.83
N ALA C 957 34.16 0.18 -35.96
CA ALA C 957 34.06 0.96 -37.18
C ALA C 957 32.93 1.98 -37.08
N ARG C 958 31.82 1.62 -36.44
CA ARG C 958 30.71 2.55 -36.26
C ARG C 958 30.96 3.56 -35.15
N LEU C 959 31.85 3.26 -34.22
CA LEU C 959 32.11 4.15 -33.10
C LEU C 959 32.80 5.42 -33.57
N PRO C 960 32.48 6.56 -32.96
CA PRO C 960 33.21 7.80 -33.28
C PRO C 960 34.68 7.69 -32.89
N ASP C 961 35.50 8.50 -33.55
CA ASP C 961 36.93 8.48 -33.30
C ASP C 961 37.28 8.94 -31.88
N GLU C 962 36.39 9.70 -31.24
CA GLU C 962 36.64 10.15 -29.87
C GLU C 962 36.54 9.01 -28.87
N LEU C 963 35.88 7.91 -29.23
CA LEU C 963 35.68 6.79 -28.32
C LEU C 963 36.82 5.78 -28.35
N LEU C 964 37.75 5.90 -29.31
CA LEU C 964 38.78 4.88 -29.44
C LEU C 964 39.78 4.92 -28.29
N GLU C 965 39.97 6.08 -27.67
CA GLU C 965 40.88 6.24 -26.54
C GLU C 965 40.14 6.87 -25.39
N ALA C 966 40.30 6.31 -24.19
CA ALA C 966 39.63 6.81 -23.00
C ALA C 966 40.57 6.76 -21.81
N GLN C 967 40.54 7.81 -21.01
CA GLN C 967 41.29 7.89 -19.76
C GLN C 967 40.45 7.37 -18.61
N PRO C 968 41.08 6.98 -17.49
CA PRO C 968 40.30 6.52 -16.34
C PRO C 968 39.34 7.58 -15.84
N ASN C 969 38.20 7.12 -15.32
CA ASN C 969 37.14 8.00 -14.83
C ASN C 969 36.63 8.94 -15.92
N ALA C 970 36.41 8.40 -17.11
CA ALA C 970 35.86 9.16 -18.22
C ALA C 970 34.34 9.07 -18.22
N ILE C 971 33.70 10.12 -18.73
CA ILE C 971 32.24 10.21 -18.78
C ILE C 971 31.78 9.92 -20.20
N VAL C 972 30.67 9.18 -20.33
CA VAL C 972 30.14 8.78 -21.61
C VAL C 972 28.63 8.97 -21.62
N SER C 973 28.07 9.06 -22.82
CA SER C 973 26.64 9.23 -23.03
C SER C 973 26.10 8.06 -23.84
N THR C 974 25.01 7.46 -23.36
CA THR C 974 24.28 6.42 -24.08
C THR C 974 22.85 6.91 -24.25
N PRO C 975 22.56 7.67 -25.30
CA PRO C 975 21.21 8.20 -25.49
C PRO C 975 20.18 7.08 -25.64
N VAL C 976 18.94 7.38 -25.26
CA VAL C 976 17.88 6.39 -25.30
C VAL C 976 17.60 5.97 -26.73
N PHE C 977 17.46 4.67 -26.94
CA PHE C 977 17.23 4.04 -28.25
C PHE C 977 18.38 4.28 -29.22
N ASP C 978 19.50 4.81 -28.73
CA ASP C 978 20.72 4.95 -29.51
C ASP C 978 21.88 4.56 -28.61
N GLY C 979 23.08 5.08 -28.88
CA GLY C 979 24.20 4.84 -27.98
C GLY C 979 24.89 3.51 -28.22
N ALA C 980 25.39 2.93 -27.13
CA ALA C 980 26.26 1.77 -27.22
C ALA C 980 25.49 0.52 -27.62
N GLN C 981 26.04 -0.22 -28.59
CA GLN C 981 25.55 -1.53 -28.96
C GLN C 981 26.37 -2.61 -28.27
N GLU C 982 25.82 -3.83 -28.23
CA GLU C 982 26.50 -4.92 -27.54
C GLU C 982 27.78 -5.32 -28.26
N ALA C 983 27.82 -5.20 -29.58
CA ALA C 983 29.02 -5.55 -30.33
C ALA C 983 30.19 -4.64 -29.98
N GLU C 984 29.91 -3.37 -29.65
CA GLU C 984 30.96 -2.44 -29.27
C GLU C 984 31.34 -2.58 -27.80
N LEU C 985 30.37 -2.87 -26.94
CA LEU C 985 30.66 -3.07 -25.52
C LEU C 985 31.50 -4.32 -25.30
N GLN C 986 31.19 -5.40 -26.04
CA GLN C 986 31.99 -6.61 -25.95
C GLN C 986 33.44 -6.36 -26.35
N GLY C 987 33.64 -5.53 -27.38
CA GLY C 987 35.01 -5.19 -27.78
C GLY C 987 35.69 -4.27 -26.80
N LEU C 988 34.94 -3.34 -26.18
CA LEU C 988 35.52 -2.47 -25.18
C LEU C 988 36.00 -3.26 -23.96
N LEU C 989 35.25 -4.30 -23.58
CA LEU C 989 35.68 -5.14 -22.46
C LEU C 989 37.01 -5.83 -22.72
N SER C 990 37.39 -6.02 -23.98
CA SER C 990 38.62 -6.74 -24.30
C SER C 990 39.86 -5.86 -24.22
N CYS C 991 39.72 -4.55 -24.35
CA CYS C 991 40.85 -3.63 -24.37
C CYS C 991 40.78 -2.64 -23.22
N THR C 992 40.41 -3.12 -22.04
CA THR C 992 40.35 -2.25 -20.86
C THR C 992 41.75 -1.88 -20.40
N LEU C 993 41.87 -0.68 -19.84
CA LEU C 993 43.17 -0.17 -19.44
C LEU C 993 43.66 -0.91 -18.19
N PRO C 994 44.95 -1.23 -18.10
CA PRO C 994 45.47 -1.89 -16.90
C PRO C 994 45.53 -0.91 -15.73
N ASN C 995 45.71 -1.48 -14.55
CA ASN C 995 45.75 -0.70 -13.32
C ASN C 995 47.11 -0.01 -13.19
N ARG C 996 47.41 0.48 -11.99
CA ARG C 996 48.72 1.10 -11.75
C ARG C 996 49.83 0.05 -11.72
N ASP C 997 49.52 -1.17 -11.30
CA ASP C 997 50.51 -2.23 -11.28
C ASP C 997 50.78 -2.81 -12.67
N GLY C 998 49.86 -2.63 -13.61
CA GLY C 998 50.08 -3.04 -14.99
C GLY C 998 49.29 -4.24 -15.45
N ASP C 999 48.53 -4.89 -14.57
CA ASP C 999 47.75 -6.06 -14.95
C ASP C 999 46.27 -5.70 -15.02
N VAL C 1000 45.55 -6.40 -15.88
CA VAL C 1000 44.12 -6.19 -16.08
C VAL C 1000 43.35 -7.00 -15.05
N LEU C 1001 42.32 -6.39 -14.47
CA LEU C 1001 41.55 -7.02 -13.41
C LEU C 1001 40.37 -7.83 -13.95
N VAL C 1002 39.55 -7.23 -14.81
CA VAL C 1002 38.39 -7.92 -15.34
C VAL C 1002 38.73 -8.55 -16.67
N ASP C 1003 37.94 -9.55 -17.05
CA ASP C 1003 38.16 -10.29 -18.29
C ASP C 1003 37.32 -9.70 -19.41
N ALA C 1004 37.52 -10.23 -20.62
CA ALA C 1004 36.71 -9.81 -21.76
C ALA C 1004 35.25 -10.21 -21.58
N ASP C 1005 34.96 -11.21 -20.76
CA ASP C 1005 33.58 -11.53 -20.40
C ASP C 1005 32.98 -10.52 -19.44
N GLY C 1006 33.77 -9.59 -18.93
CA GLY C 1006 33.31 -8.64 -17.94
C GLY C 1006 33.39 -9.10 -16.51
N LYS C 1007 34.04 -10.23 -16.25
CA LYS C 1007 34.15 -10.80 -14.92
C LYS C 1007 35.58 -10.68 -14.41
N ALA C 1008 35.72 -10.79 -13.09
CA ALA C 1008 37.01 -10.75 -12.43
C ALA C 1008 36.99 -11.71 -11.24
N MET C 1009 38.18 -12.11 -10.81
CA MET C 1009 38.33 -13.06 -9.71
C MET C 1009 38.28 -12.30 -8.39
N LEU C 1010 37.40 -12.74 -7.49
CA LEU C 1010 37.20 -12.09 -6.21
C LEU C 1010 37.73 -12.97 -5.09
N PHE C 1011 38.06 -12.33 -3.97
CA PHE C 1011 38.58 -12.99 -2.78
C PHE C 1011 37.58 -12.84 -1.65
N ASP C 1012 37.28 -13.96 -0.97
CA ASP C 1012 36.39 -13.92 0.19
C ASP C 1012 37.13 -13.29 1.36
N GLY C 1013 36.70 -12.08 1.74
CA GLY C 1013 37.35 -11.37 2.82
C GLY C 1013 37.16 -11.98 4.20
N ARG C 1014 36.21 -12.90 4.34
CA ARG C 1014 35.96 -13.52 5.63
C ARG C 1014 36.83 -14.73 5.91
N SER C 1015 37.20 -15.48 4.87
CA SER C 1015 38.06 -16.65 5.01
C SER C 1015 39.41 -16.48 4.37
N GLY C 1016 39.48 -15.85 3.20
CA GLY C 1016 40.71 -15.65 2.47
C GLY C 1016 40.81 -16.44 1.18
N GLU C 1017 40.09 -17.55 1.08
CA GLU C 1017 40.12 -18.32 -0.14
C GLU C 1017 39.48 -17.53 -1.29
N PRO C 1018 40.06 -17.56 -2.48
CA PRO C 1018 39.43 -16.88 -3.62
C PRO C 1018 38.14 -17.58 -4.01
N PHE C 1019 37.20 -16.79 -4.53
CA PHE C 1019 35.93 -17.35 -4.94
C PHE C 1019 36.13 -18.27 -6.15
N PRO C 1020 35.44 -19.43 -6.18
CA PRO C 1020 35.78 -20.45 -7.17
C PRO C 1020 35.55 -20.05 -8.61
N TYR C 1021 34.78 -19.00 -8.87
CA TYR C 1021 34.43 -18.63 -10.23
C TYR C 1021 34.51 -17.12 -10.39
N PRO C 1022 34.80 -16.63 -11.60
CA PRO C 1022 34.80 -15.18 -11.83
C PRO C 1022 33.41 -14.59 -11.67
N VAL C 1023 33.39 -13.32 -11.28
CA VAL C 1023 32.15 -12.61 -10.97
C VAL C 1023 32.11 -11.31 -11.75
N THR C 1024 30.94 -11.00 -12.31
CA THR C 1024 30.71 -9.74 -13.00
C THR C 1024 30.90 -8.57 -12.03
N VAL C 1025 31.94 -7.77 -12.26
CA VAL C 1025 32.27 -6.65 -11.39
C VAL C 1025 32.38 -5.40 -12.23
N GLY C 1026 31.69 -4.34 -11.81
CA GLY C 1026 31.73 -3.09 -12.54
C GLY C 1026 31.37 -1.93 -11.65
N TYR C 1027 30.91 -0.85 -12.28
CA TYR C 1027 30.46 0.34 -11.57
C TYR C 1027 29.04 0.68 -11.98
N MET C 1028 28.16 0.84 -10.99
CA MET C 1028 26.76 1.14 -11.22
C MET C 1028 26.38 2.41 -10.47
N TYR C 1029 25.43 3.15 -11.03
CA TYR C 1029 24.96 4.39 -10.43
C TYR C 1029 23.80 4.08 -9.50
N ILE C 1030 24.02 4.25 -8.20
CA ILE C 1030 23.03 3.90 -7.16
C ILE C 1030 22.54 5.20 -6.53
N MET C 1031 21.23 5.31 -6.37
CA MET C 1031 20.60 6.50 -5.78
C MET C 1031 20.05 6.18 -4.40
N LYS C 1032 20.06 7.18 -3.53
CA LYS C 1032 19.50 7.08 -2.19
C LYS C 1032 18.09 7.65 -2.23
N LEU C 1033 17.10 6.76 -2.21
CA LEU C 1033 15.71 7.20 -2.28
C LEU C 1033 15.25 7.73 -0.93
N HIS C 1034 14.18 8.52 -0.97
CA HIS C 1034 13.64 9.16 0.24
C HIS C 1034 12.69 8.19 0.97
N HIS C 1035 13.23 7.00 1.29
CA HIS C 1035 12.53 5.98 2.04
C HIS C 1035 13.53 5.41 3.05
N LEU C 1036 13.91 6.24 4.02
CA LEU C 1036 14.94 5.89 4.99
C LEU C 1036 14.29 5.38 6.27
N VAL C 1037 14.94 4.42 6.93
CA VAL C 1037 14.42 3.87 8.17
C VAL C 1037 14.40 4.92 9.27
N ASP C 1038 15.22 5.96 9.16
CA ASP C 1038 15.20 7.03 10.14
C ASP C 1038 13.83 7.69 10.20
N ASP C 1039 13.07 7.64 9.11
CA ASP C 1039 11.71 8.16 9.08
C ASP C 1039 10.65 7.06 9.20
N LYS C 1040 10.91 5.88 8.65
CA LYS C 1040 9.90 4.83 8.55
C LYS C 1040 9.81 3.95 9.78
N ILE C 1041 10.66 4.15 10.78
CA ILE C 1041 10.58 3.38 12.01
C ILE C 1041 9.61 4.07 12.96
N HIS C 1042 8.83 3.27 13.69
CA HIS C 1042 7.85 3.81 14.62
C HIS C 1042 7.44 2.72 15.60
N ALA C 1043 7.17 3.13 16.84
CA ALA C 1043 6.72 2.22 17.88
C ALA C 1043 5.95 3.02 18.91
N ARG C 1044 5.05 2.35 19.61
CA ARG C 1044 4.19 3.02 20.58
C ARG C 1044 3.76 2.04 21.66
N SER C 1045 3.98 2.41 22.92
CA SER C 1045 3.39 1.68 24.04
C SER C 1045 1.98 2.18 24.31
N THR C 1046 1.87 3.44 24.73
CA THR C 1046 0.61 4.15 24.86
C THR C 1046 0.76 5.54 24.26
N GLY C 1047 -0.29 6.33 24.34
CA GLY C 1047 -0.25 7.68 23.81
C GLY C 1047 -1.62 8.28 23.60
N PRO C 1048 -1.73 9.20 22.63
CA PRO C 1048 -3.01 9.87 22.41
C PRO C 1048 -4.05 8.95 21.80
N TYR C 1049 -5.31 9.24 22.09
CA TYR C 1049 -6.45 8.51 21.55
C TYR C 1049 -7.41 9.50 20.93
N SER C 1050 -8.01 9.11 19.81
CA SER C 1050 -9.02 9.95 19.17
C SER C 1050 -10.19 10.18 20.12
N MET C 1051 -10.57 11.45 20.28
CA MET C 1051 -11.54 11.82 21.32
C MET C 1051 -12.87 11.10 21.13
N ILE C 1052 -13.32 10.96 19.89
CA ILE C 1052 -14.66 10.42 19.63
C ILE C 1052 -14.68 8.91 19.83
N THR C 1053 -13.84 8.18 19.07
CA THR C 1053 -13.86 6.73 19.10
C THR C 1053 -13.04 6.13 20.23
N GLN C 1054 -12.24 6.95 20.93
CA GLN C 1054 -11.39 6.47 22.04
C GLN C 1054 -10.43 5.38 21.58
N GLN C 1055 -10.01 5.43 20.31
CA GLN C 1055 -9.02 4.53 19.78
C GLN C 1055 -7.71 5.28 19.52
N PRO C 1056 -6.56 4.59 19.57
CA PRO C 1056 -5.28 5.27 19.35
C PRO C 1056 -5.24 6.02 18.03
N LEU C 1057 -4.40 7.05 17.99
CA LEU C 1057 -4.26 7.89 16.81
C LEU C 1057 -3.64 7.10 15.65
N GLY C 1058 -3.60 7.73 14.49
CA GLY C 1058 -3.01 7.14 13.31
C GLY C 1058 -1.80 7.91 12.82
N GLY C 1059 -0.92 7.23 12.10
CA GLY C 1059 0.27 7.86 11.57
C GLY C 1059 1.37 8.02 12.62
N LYS C 1060 2.60 8.11 12.12
CA LYS C 1060 3.75 8.27 13.01
C LYS C 1060 3.80 9.67 13.61
N ALA C 1061 3.37 10.68 12.85
CA ALA C 1061 3.46 12.06 13.33
C ALA C 1061 2.62 12.29 14.57
N GLN C 1062 1.48 11.61 14.67
CA GLN C 1062 0.61 11.72 15.84
C GLN C 1062 0.92 10.68 16.91
N PHE C 1063 2.06 10.00 16.81
CA PHE C 1063 2.47 9.01 17.80
C PHE C 1063 1.42 7.92 17.98
N GLY C 1064 0.82 7.49 16.87
CA GLY C 1064 -0.25 6.51 16.91
C GLY C 1064 0.26 5.09 16.79
N GLY C 1065 -0.69 4.15 16.93
CA GLY C 1065 -0.39 2.75 16.84
C GLY C 1065 -0.84 2.13 15.52
N GLN C 1066 -0.39 0.90 15.29
CA GLN C 1066 -0.73 0.19 14.07
C GLN C 1066 -2.18 -0.27 14.09
N ARG C 1067 -2.79 -0.29 12.91
CA ARG C 1067 -4.20 -0.66 12.77
C ARG C 1067 -4.29 -2.16 12.52
N PHE C 1068 -4.84 -2.89 13.49
CA PHE C 1068 -5.13 -4.32 13.31
C PHE C 1068 -6.42 -4.40 12.51
N GLY C 1069 -6.29 -4.43 11.20
CA GLY C 1069 -7.41 -4.27 10.30
C GLY C 1069 -8.35 -5.46 10.28
N GLU C 1070 -9.28 -5.41 9.32
CA GLU C 1070 -10.30 -6.44 9.21
C GLU C 1070 -9.70 -7.79 8.80
N MET C 1071 -8.74 -7.77 7.88
CA MET C 1071 -8.15 -9.02 7.40
C MET C 1071 -7.31 -9.70 8.48
N GLU C 1072 -6.70 -8.93 9.38
CA GLU C 1072 -5.83 -9.50 10.41
C GLU C 1072 -6.63 -10.26 11.46
N CYS C 1073 -7.83 -9.78 11.79
CA CYS C 1073 -8.70 -10.52 12.70
C CYS C 1073 -9.06 -11.89 12.15
N TRP C 1074 -9.18 -12.00 10.82
CA TRP C 1074 -9.44 -13.30 10.22
C TRP C 1074 -8.28 -14.26 10.45
N ALA C 1075 -7.04 -13.75 10.39
CA ALA C 1075 -5.89 -14.57 10.70
C ALA C 1075 -5.93 -15.02 12.16
N MET C 1076 -6.25 -14.09 13.06
CA MET C 1076 -6.38 -14.44 14.48
C MET C 1076 -7.39 -15.57 14.66
N GLN C 1077 -8.54 -15.45 14.01
CA GLN C 1077 -9.60 -16.44 14.17
C GLN C 1077 -9.24 -17.78 13.51
N ALA C 1078 -8.54 -17.74 12.38
CA ALA C 1078 -8.11 -18.97 11.73
C ALA C 1078 -7.09 -19.71 12.57
N TYR C 1079 -6.24 -18.99 13.32
CA TYR C 1079 -5.37 -19.64 14.27
C TYR C 1079 -6.14 -20.22 15.45
N GLY C 1080 -7.30 -19.64 15.76
CA GLY C 1080 -8.00 -19.99 16.98
C GLY C 1080 -7.54 -19.24 18.21
N ALA C 1081 -6.68 -18.22 18.02
CA ALA C 1081 -6.15 -17.43 19.14
C ALA C 1081 -7.22 -16.43 19.57
N ALA C 1082 -8.14 -16.89 20.42
CA ALA C 1082 -9.24 -16.06 20.87
C ALA C 1082 -8.76 -14.98 21.83
N TYR C 1083 -7.89 -15.34 22.78
CA TYR C 1083 -7.48 -14.40 23.81
C TYR C 1083 -6.64 -13.27 23.24
N THR C 1084 -5.76 -13.57 22.27
CA THR C 1084 -4.99 -12.52 21.63
C THR C 1084 -5.90 -11.52 20.93
N LEU C 1085 -6.91 -12.02 20.22
CA LEU C 1085 -7.85 -11.13 19.52
C LEU C 1085 -8.61 -10.26 20.51
N GLN C 1086 -9.17 -10.89 21.56
CA GLN C 1086 -9.89 -10.13 22.57
C GLN C 1086 -8.99 -9.09 23.23
N GLU C 1087 -7.71 -9.42 23.42
CA GLU C 1087 -6.76 -8.48 23.99
C GLU C 1087 -6.58 -7.28 23.06
N LEU C 1088 -6.38 -7.54 21.76
CA LEU C 1088 -6.20 -6.44 20.81
C LEU C 1088 -7.42 -5.54 20.77
N LEU C 1089 -8.62 -6.13 20.81
CA LEU C 1089 -9.82 -5.35 20.54
C LEU C 1089 -10.24 -4.46 21.71
N THR C 1090 -9.89 -4.82 22.94
CA THR C 1090 -10.37 -4.06 24.09
C THR C 1090 -9.25 -3.39 24.87
N ILE C 1091 -8.55 -4.17 25.70
CA ILE C 1091 -7.64 -3.60 26.69
C ILE C 1091 -6.48 -2.88 26.00
N LYS C 1092 -6.00 -3.41 24.88
CA LYS C 1092 -4.87 -2.78 24.20
C LYS C 1092 -5.27 -1.49 23.50
N SER C 1093 -6.56 -1.29 23.26
CA SER C 1093 -6.97 -0.19 22.38
C SER C 1093 -8.17 0.58 22.91
N ASP C 1094 -9.37 0.02 22.72
CA ASP C 1094 -10.59 0.78 22.91
C ASP C 1094 -10.89 1.01 24.40
N ASP C 1095 -10.78 -0.05 25.20
CA ASP C 1095 -11.27 -0.05 26.58
C ASP C 1095 -10.84 1.20 27.34
N THR C 1096 -11.82 1.90 27.90
CA THR C 1096 -11.54 3.15 28.60
C THR C 1096 -10.81 2.90 29.91
N VAL C 1097 -11.30 1.96 30.71
CA VAL C 1097 -10.68 1.64 31.99
C VAL C 1097 -9.78 0.40 31.91
N GLY C 1098 -9.92 -0.42 30.86
CA GLY C 1098 -9.07 -1.59 30.74
C GLY C 1098 -7.63 -1.26 30.41
N ARG C 1099 -7.40 -0.20 29.62
CA ARG C 1099 -6.05 0.17 29.26
C ARG C 1099 -5.27 0.72 30.46
N VAL C 1100 -5.95 1.40 31.37
CA VAL C 1100 -5.26 1.99 32.52
C VAL C 1100 -4.89 0.91 33.53
N LYS C 1101 -5.85 0.04 33.85
CA LYS C 1101 -5.56 -1.03 34.80
C LYS C 1101 -4.57 -2.04 34.23
N VAL C 1102 -4.45 -2.15 32.91
CA VAL C 1102 -3.40 -2.99 32.32
C VAL C 1102 -2.02 -2.37 32.58
N TYR C 1103 -1.89 -1.06 32.36
CA TYR C 1103 -0.63 -0.38 32.67
C TYR C 1103 -0.29 -0.52 34.14
N GLU C 1104 -1.29 -0.38 35.01
CA GLU C 1104 -1.06 -0.55 36.44
C GLU C 1104 -0.66 -1.98 36.78
N ALA C 1105 -1.32 -2.97 36.15
CA ALA C 1105 -0.99 -4.36 36.40
C ALA C 1105 0.43 -4.68 35.93
N ILE C 1106 0.90 -3.99 34.89
CA ILE C 1106 2.27 -4.24 34.42
C ILE C 1106 3.27 -3.61 35.39
N VAL C 1107 3.07 -2.34 35.73
CA VAL C 1107 4.04 -1.67 36.61
C VAL C 1107 3.98 -2.21 38.04
N LYS C 1108 2.91 -2.90 38.40
CA LYS C 1108 2.82 -3.54 39.72
C LYS C 1108 3.35 -4.97 39.71
N GLY C 1109 3.58 -5.56 38.54
CA GLY C 1109 3.92 -6.96 38.44
C GLY C 1109 2.74 -7.90 38.54
N GLU C 1110 1.53 -7.37 38.64
CA GLU C 1110 0.34 -8.21 38.73
C GLU C 1110 0.03 -8.84 37.37
N ASN C 1111 -1.01 -9.67 37.35
CA ASN C 1111 -1.45 -10.28 36.11
C ASN C 1111 -2.34 -9.33 35.33
N ILE C 1112 -2.51 -9.62 34.04
CA ILE C 1112 -3.32 -8.76 33.17
C ILE C 1112 -4.79 -8.92 33.53
N PRO C 1113 -5.53 -7.83 33.76
CA PRO C 1113 -6.93 -7.96 34.17
C PRO C 1113 -7.84 -8.46 33.06
N GLU C 1114 -9.14 -8.56 33.35
CA GLU C 1114 -10.10 -9.09 32.39
C GLU C 1114 -10.62 -7.97 31.48
N PRO C 1115 -10.71 -8.23 30.18
CA PRO C 1115 -11.19 -7.20 29.25
C PRO C 1115 -12.61 -6.77 29.56
N GLY C 1116 -12.88 -5.49 29.34
CA GLY C 1116 -14.19 -4.90 29.54
C GLY C 1116 -14.96 -4.76 28.24
N ILE C 1117 -15.81 -3.74 28.18
CA ILE C 1117 -16.67 -3.49 27.03
C ILE C 1117 -16.07 -2.36 26.22
N PRO C 1118 -15.92 -2.52 24.90
CA PRO C 1118 -15.33 -1.44 24.09
C PRO C 1118 -16.22 -0.21 24.06
N GLU C 1119 -15.58 0.97 24.10
CA GLU C 1119 -16.32 2.22 24.05
C GLU C 1119 -16.90 2.47 22.66
N SER C 1120 -16.24 1.99 21.61
CA SER C 1120 -16.77 2.15 20.26
C SER C 1120 -18.12 1.47 20.10
N PHE C 1121 -18.34 0.36 20.81
CA PHE C 1121 -19.64 -0.31 20.76
C PHE C 1121 -20.72 0.53 21.45
N LYS C 1122 -20.37 1.15 22.58
CA LYS C 1122 -21.29 2.10 23.22
C LYS C 1122 -21.63 3.23 22.26
N VAL C 1123 -20.65 3.74 21.54
CA VAL C 1123 -20.89 4.80 20.57
C VAL C 1123 -21.80 4.30 19.45
N LEU C 1124 -21.60 3.06 19.02
CA LEU C 1124 -22.46 2.48 17.99
C LEU C 1124 -23.92 2.41 18.46
N LEU C 1125 -24.13 1.98 19.71
CA LEU C 1125 -25.48 1.92 20.24
C LEU C 1125 -26.11 3.31 20.35
N LYS C 1126 -25.34 4.28 20.86
CA LYS C 1126 -25.85 5.63 20.99
C LYS C 1126 -26.11 6.28 19.64
N GLU C 1127 -25.42 5.84 18.59
CA GLU C 1127 -25.70 6.33 17.24
C GLU C 1127 -26.93 5.67 16.65
N LEU C 1128 -27.10 4.36 16.86
CA LEU C 1128 -28.31 3.69 16.42
C LEU C 1128 -29.55 4.27 17.08
N GLN C 1129 -29.41 4.74 18.32
CA GLN C 1129 -30.54 5.39 18.99
C GLN C 1129 -30.97 6.66 18.27
N SER C 1130 -30.02 7.40 17.69
CA SER C 1130 -30.35 8.65 17.02
C SER C 1130 -31.10 8.44 15.71
N LEU C 1131 -31.06 7.23 15.15
CA LEU C 1131 -31.79 6.90 13.94
C LEU C 1131 -33.14 6.26 14.23
N CYS C 1132 -33.71 6.53 15.41
CA CYS C 1132 -35.01 6.00 15.81
C CYS C 1132 -35.02 4.47 15.80
N LEU C 1133 -33.98 3.90 16.41
CA LEU C 1133 -33.87 2.45 16.58
C LEU C 1133 -33.66 2.15 18.06
N ASN C 1134 -34.58 1.38 18.63
CA ASN C 1134 -34.56 1.08 20.06
C ASN C 1134 -33.74 -0.19 20.27
N VAL C 1135 -32.44 -0.02 20.51
CA VAL C 1135 -31.53 -1.13 20.76
C VAL C 1135 -31.36 -1.30 22.26
N GLU C 1136 -31.36 -2.55 22.71
CA GLU C 1136 -31.23 -2.87 24.13
C GLU C 1136 -30.43 -4.15 24.29
N VAL C 1137 -29.57 -4.18 25.30
CA VAL C 1137 -28.77 -5.35 25.62
C VAL C 1137 -29.47 -6.12 26.73
N LEU C 1138 -29.90 -7.34 26.43
CA LEU C 1138 -30.60 -8.19 27.38
C LEU C 1138 -29.65 -9.19 28.01
N SER C 1139 -29.98 -9.60 29.23
CA SER C 1139 -29.21 -10.61 29.94
C SER C 1139 -29.79 -11.99 29.65
N SER C 1140 -29.20 -13.02 30.28
CA SER C 1140 -29.68 -14.39 30.09
C SER C 1140 -31.09 -14.58 30.64
N ASP C 1141 -31.53 -13.72 31.55
CA ASP C 1141 -32.89 -13.79 32.08
C ASP C 1141 -33.89 -12.98 31.25
N GLY C 1142 -33.42 -11.92 30.60
CA GLY C 1142 -34.28 -11.16 29.71
C GLY C 1142 -34.50 -9.72 30.14
N ALA C 1143 -33.68 -9.22 31.05
CA ALA C 1143 -33.80 -7.85 31.56
C ALA C 1143 -32.84 -6.93 30.82
N ALA C 1144 -33.34 -5.79 30.36
CA ALA C 1144 -32.50 -4.82 29.67
C ALA C 1144 -31.58 -4.13 30.66
N ILE C 1145 -30.28 -4.34 30.50
CA ILE C 1145 -29.28 -3.76 31.39
C ILE C 1145 -28.72 -2.49 30.76
N GLU C 1146 -28.31 -1.55 31.61
CA GLU C 1146 -27.80 -0.27 31.18
C GLU C 1146 -26.28 -0.23 31.30
N LEU C 1147 -25.69 0.76 30.64
CA LEU C 1147 -24.24 0.95 30.64
C LEU C 1147 -23.92 2.25 31.38
N ARG C 1148 -24.06 2.20 32.71
CA ARG C 1148 -23.82 3.30 33.63
C ARG C 1148 -24.58 4.57 33.26
N GLU C 1149 -25.51 4.47 32.31
CA GLU C 1149 -26.32 5.60 31.86
C GLU C 1149 -27.77 5.37 32.21
N GLY C 1150 -28.50 6.47 32.45
CA GLY C 1150 -29.90 6.38 32.78
C GLY C 1150 -30.79 7.02 31.73
N GLU C 1151 -32.00 7.42 32.12
CA GLU C 1151 -32.95 8.03 31.19
C GLU C 1151 -33.95 8.84 31.98
N ASP C 1152 -34.08 10.13 31.65
CA ASP C 1152 -35.06 11.01 32.26
C ASP C 1152 -35.92 11.62 31.16
N GLU C 1153 -37.00 12.29 31.56
CA GLU C 1153 -37.91 12.91 30.61
C GLU C 1153 -38.12 14.39 30.94
N ASP D 3 -19.58 -4.16 35.27
CA ASP D 3 -20.16 -4.34 33.95
C ASP D 3 -19.51 -5.53 33.24
N VAL D 4 -20.04 -6.72 33.50
CA VAL D 4 -19.49 -7.95 32.95
C VAL D 4 -19.80 -8.02 31.46
N ASN D 5 -19.19 -8.98 30.76
CA ASN D 5 -19.29 -9.08 29.31
C ASN D 5 -20.05 -10.32 28.85
N PHE D 6 -20.88 -10.91 29.70
CA PHE D 6 -21.71 -12.05 29.30
C PHE D 6 -23.17 -11.68 29.42
N PHE D 7 -23.76 -11.23 28.31
CA PHE D 7 -25.19 -11.02 28.19
C PHE D 7 -25.63 -11.57 26.84
N ASP D 8 -26.66 -12.42 26.85
CA ASP D 8 -26.98 -13.25 25.70
C ASP D 8 -27.44 -12.45 24.49
N GLU D 9 -28.62 -11.84 24.56
CA GLU D 9 -29.26 -11.28 23.39
C GLU D 9 -29.07 -9.76 23.31
N LEU D 10 -28.99 -9.28 22.06
CA LEU D 10 -29.04 -7.87 21.74
C LEU D 10 -30.30 -7.63 20.91
N ARG D 11 -31.21 -6.82 21.43
CA ARG D 11 -32.52 -6.62 20.83
C ARG D 11 -32.57 -5.29 20.09
N ILE D 12 -33.15 -5.31 18.88
CA ILE D 12 -33.38 -4.11 18.10
C ILE D 12 -34.86 -4.05 17.73
N GLY D 13 -35.40 -2.84 17.65
CA GLY D 13 -36.79 -2.65 17.30
C GLY D 13 -37.08 -1.20 16.99
N LEU D 14 -38.30 -0.95 16.55
CA LEU D 14 -38.73 0.40 16.24
C LEU D 14 -38.79 1.24 17.51
N ALA D 15 -38.21 2.43 17.45
CA ALA D 15 -38.21 3.35 18.58
C ALA D 15 -39.45 4.24 18.49
N THR D 16 -40.36 4.07 19.44
CA THR D 16 -41.58 4.89 19.48
C THR D 16 -41.20 6.35 19.73
N ALA D 17 -42.03 7.26 19.20
CA ALA D 17 -41.85 8.68 19.48
C ALA D 17 -41.92 8.98 20.98
N GLU D 18 -42.54 8.09 21.76
CA GLU D 18 -42.54 8.23 23.21
C GLU D 18 -41.22 7.76 23.81
N ASP D 19 -40.60 6.73 23.22
CA ASP D 19 -39.26 6.32 23.67
C ASP D 19 -38.24 7.42 23.43
N ILE D 20 -38.43 8.22 22.37
CA ILE D 20 -37.52 9.34 22.10
C ILE D 20 -37.58 10.34 23.23
N ARG D 21 -38.79 10.64 23.72
CA ARG D 21 -38.91 11.54 24.87
C ARG D 21 -38.39 10.89 26.15
N GLN D 22 -38.55 9.57 26.27
CA GLN D 22 -38.00 8.86 27.42
C GLN D 22 -36.47 8.99 27.46
N TRP D 23 -35.83 8.96 26.30
CA TRP D 23 -34.37 9.09 26.26
C TRP D 23 -33.93 10.52 26.52
N SER D 24 -34.64 11.49 25.95
CA SER D 24 -34.15 12.86 25.90
C SER D 24 -34.16 13.53 27.27
N TYR D 25 -33.07 14.24 27.57
CA TYR D 25 -32.96 15.03 28.79
C TYR D 25 -33.40 16.47 28.58
N GLY D 26 -34.20 16.74 27.57
CA GLY D 26 -34.68 18.08 27.27
C GLY D 26 -34.79 18.30 25.77
N GLU D 27 -35.58 19.29 25.40
CA GLU D 27 -35.81 19.62 24.01
C GLU D 27 -34.80 20.66 23.53
N VAL D 28 -34.32 20.47 22.29
CA VAL D 28 -33.38 21.42 21.68
C VAL D 28 -34.24 22.45 20.95
N LYS D 29 -34.50 23.56 21.63
CA LYS D 29 -35.40 24.58 21.08
C LYS D 29 -34.67 25.52 20.12
N LYS D 30 -33.65 26.22 20.62
CA LYS D 30 -32.96 27.21 19.81
C LYS D 30 -32.01 26.55 18.82
N PRO D 31 -31.80 27.15 17.65
CA PRO D 31 -30.85 26.59 16.67
C PRO D 31 -29.40 26.98 16.91
N GLU D 32 -29.12 27.84 17.90
CA GLU D 32 -27.76 28.28 18.15
C GLU D 32 -26.91 27.13 18.69
N THR D 33 -25.60 27.29 18.58
CA THR D 33 -24.65 26.31 19.08
C THR D 33 -23.99 26.80 20.36
N ILE D 34 -22.97 27.64 20.22
CA ILE D 34 -22.21 28.18 21.35
C ILE D 34 -22.08 29.69 21.17
N ASN D 35 -21.37 30.31 22.11
CA ASN D 35 -20.99 31.72 22.01
C ASN D 35 -19.55 31.79 21.53
N TYR D 36 -19.31 32.61 20.51
CA TYR D 36 -18.02 32.61 19.84
C TYR D 36 -17.03 33.55 20.51
N ARG D 37 -17.18 33.73 21.82
CA ARG D 37 -16.22 34.48 22.62
C ARG D 37 -15.90 33.71 23.89
N THR D 38 -16.93 33.45 24.70
CA THR D 38 -16.75 32.73 25.96
C THR D 38 -16.68 31.23 25.78
N LEU D 39 -16.91 30.72 24.57
CA LEU D 39 -16.97 29.30 24.25
C LEU D 39 -18.05 28.56 25.04
N LYS D 40 -18.93 29.30 25.72
CA LYS D 40 -20.02 28.71 26.48
C LYS D 40 -21.21 28.43 25.57
N PRO D 41 -21.78 27.24 25.60
CA PRO D 41 -22.93 26.95 24.74
C PRO D 41 -24.18 27.70 25.19
N GLU D 42 -24.95 28.17 24.21
CA GLU D 42 -26.18 28.89 24.50
C GLU D 42 -27.23 27.95 25.09
N LYS D 43 -28.11 28.50 25.91
CA LYS D 43 -29.14 27.71 26.55
C LYS D 43 -30.14 27.20 25.52
N ASP D 44 -30.56 25.94 25.70
CA ASP D 44 -31.52 25.27 24.83
C ASP D 44 -31.02 25.14 23.39
N GLY D 45 -29.70 25.21 23.19
CA GLY D 45 -29.12 25.03 21.89
C GLY D 45 -28.69 23.59 21.65
N LEU D 46 -27.97 23.40 20.54
CA LEU D 46 -27.49 22.06 20.20
C LEU D 46 -26.41 21.55 21.14
N PHE D 47 -25.87 22.40 22.01
CA PHE D 47 -24.84 22.00 22.97
C PHE D 47 -25.23 22.42 24.39
N CYS D 48 -26.52 22.58 24.64
CA CYS D 48 -26.98 23.10 25.93
C CYS D 48 -26.54 22.21 27.07
N GLU D 49 -25.94 22.82 28.09
CA GLU D 49 -25.45 22.07 29.24
C GLU D 49 -26.58 21.62 30.16
N LYS D 50 -27.71 22.35 30.16
CA LYS D 50 -28.88 21.88 30.89
C LYS D 50 -29.39 20.54 30.35
N ILE D 51 -29.23 20.32 29.05
CA ILE D 51 -29.74 19.13 28.40
C ILE D 51 -28.70 18.02 28.41
N PHE D 52 -27.57 18.26 27.74
CA PHE D 52 -26.59 17.19 27.49
C PHE D 52 -25.61 17.00 28.63
N GLY D 53 -25.06 18.08 29.19
CA GLY D 53 -24.14 17.95 30.31
C GLY D 53 -23.14 19.08 30.38
N PRO D 54 -22.38 19.12 31.48
CA PRO D 54 -21.43 20.23 31.68
C PRO D 54 -20.24 20.12 30.75
N THR D 55 -19.76 21.27 30.29
CA THR D 55 -18.56 21.30 29.46
C THR D 55 -17.36 20.73 30.21
N ARG D 56 -17.13 21.22 31.42
CA ARG D 56 -16.05 20.75 32.27
C ARG D 56 -16.61 19.98 33.46
N ASP D 57 -15.75 19.18 34.08
CA ASP D 57 -16.19 18.33 35.19
C ASP D 57 -16.57 19.18 36.40
N TRP D 58 -17.80 18.97 36.90
CA TRP D 58 -18.31 19.65 38.09
C TRP D 58 -18.38 21.16 37.92
N GLU D 59 -18.50 21.64 36.67
CA GLU D 59 -18.62 23.05 36.39
C GLU D 59 -19.95 23.31 35.68
N CYS D 60 -20.79 24.14 36.28
CA CYS D 60 -22.09 24.47 35.73
C CYS D 60 -21.95 25.60 34.72
N TYR D 61 -23.09 26.12 34.24
CA TYR D 61 -23.09 27.18 33.25
C TYR D 61 -23.01 28.56 33.87
N CYS D 62 -23.82 28.82 34.90
CA CYS D 62 -23.84 30.13 35.53
C CYS D 62 -22.60 30.40 36.37
N GLY D 63 -21.79 29.38 36.65
CA GLY D 63 -20.57 29.56 37.42
C GLY D 63 -20.74 29.51 38.92
N LYS D 64 -21.93 29.18 39.42
CA LYS D 64 -22.15 29.14 40.86
C LYS D 64 -21.53 27.88 41.48
N TYR D 65 -21.66 26.74 40.80
CA TYR D 65 -21.15 25.47 41.31
C TYR D 65 -19.96 25.05 40.46
N LYS D 66 -18.76 25.19 41.02
CA LYS D 66 -17.53 24.82 40.34
C LYS D 66 -16.70 23.80 41.10
N ARG D 67 -17.12 23.40 42.30
CA ARG D 67 -16.36 22.52 43.16
C ARG D 67 -17.00 21.13 43.20
N VAL D 68 -16.22 20.15 43.67
CA VAL D 68 -16.67 18.77 43.69
C VAL D 68 -17.60 18.47 44.88
N ARG D 69 -17.60 19.33 45.91
CA ARG D 69 -18.40 19.05 47.08
C ARG D 69 -19.89 19.05 46.78
N PHE D 70 -20.32 19.82 45.78
CA PHE D 70 -21.73 19.82 45.34
C PHE D 70 -21.90 18.81 44.22
N LYS D 71 -21.85 17.53 44.59
CA LYS D 71 -21.95 16.45 43.62
C LYS D 71 -23.40 16.00 43.49
N GLY D 72 -23.96 16.17 42.30
CA GLY D 72 -25.32 15.75 42.02
C GLY D 72 -26.39 16.80 42.21
N ILE D 73 -26.01 18.07 42.32
CA ILE D 73 -26.97 19.15 42.58
C ILE D 73 -27.45 19.71 41.24
N ILE D 74 -28.76 19.77 41.08
CA ILE D 74 -29.36 20.41 39.91
C ILE D 74 -29.38 21.91 40.18
N CYS D 75 -28.55 22.66 39.48
CA CYS D 75 -28.49 24.11 39.69
C CYS D 75 -29.82 24.74 39.33
N GLU D 76 -30.25 25.70 40.15
CA GLU D 76 -31.55 26.33 39.98
C GLU D 76 -31.54 27.48 38.98
N ARG D 77 -30.38 28.11 38.76
CA ARG D 77 -30.33 29.28 37.89
C ARG D 77 -30.08 28.93 36.43
N CYS D 78 -29.35 27.84 36.16
CA CYS D 78 -29.07 27.42 34.80
C CYS D 78 -29.57 26.01 34.49
N GLY D 79 -30.01 25.25 35.48
CA GLY D 79 -30.59 23.95 35.23
C GLY D 79 -29.61 22.87 34.84
N VAL D 80 -28.32 23.08 35.08
CA VAL D 80 -27.28 22.13 34.68
C VAL D 80 -26.92 21.25 35.87
N GLU D 81 -26.86 19.94 35.64
CA GLU D 81 -26.37 19.01 36.63
C GLU D 81 -24.85 19.11 36.74
N VAL D 82 -24.30 18.58 37.83
CA VAL D 82 -22.86 18.69 38.08
C VAL D 82 -22.23 17.31 38.20
N THR D 83 -22.04 16.64 37.07
CA THR D 83 -21.24 15.43 36.98
C THR D 83 -20.11 15.67 35.97
N ARG D 84 -19.32 14.62 35.72
CA ARG D 84 -18.23 14.74 34.77
C ARG D 84 -18.77 14.91 33.36
N ALA D 85 -17.90 15.41 32.47
CA ALA D 85 -18.28 15.64 31.08
C ALA D 85 -18.52 14.35 30.31
N LYS D 86 -18.27 13.19 30.92
CA LYS D 86 -18.50 11.92 30.25
C LYS D 86 -19.94 11.78 29.78
N VAL D 87 -20.88 12.34 30.55
CA VAL D 87 -22.29 12.25 30.21
C VAL D 87 -22.60 12.94 28.88
N ARG D 88 -21.71 13.82 28.41
CA ARG D 88 -21.91 14.44 27.10
C ARG D 88 -21.64 13.49 25.95
N ARG D 89 -21.34 12.22 26.22
CA ARG D 89 -21.19 11.21 25.19
C ARG D 89 -22.34 10.21 25.18
N GLU D 90 -23.31 10.35 26.09
CA GLU D 90 -24.39 9.39 26.21
C GLU D 90 -25.76 9.98 26.47
N ARG D 91 -25.86 11.26 26.87
CA ARG D 91 -27.15 11.87 27.13
C ARG D 91 -27.76 12.37 25.83
N MET D 92 -28.92 11.82 25.47
CA MET D 92 -29.59 12.14 24.22
C MET D 92 -30.48 13.36 24.39
N GLY D 93 -30.69 14.07 23.28
CA GLY D 93 -31.67 15.12 23.20
C GLY D 93 -32.82 14.75 22.28
N HIS D 94 -33.69 15.72 22.04
CA HIS D 94 -34.75 15.49 21.06
C HIS D 94 -35.34 16.82 20.62
N ILE D 95 -35.83 16.83 19.38
CA ILE D 95 -36.58 17.94 18.82
C ILE D 95 -38.04 17.51 18.70
N GLU D 96 -38.93 18.32 19.25
CA GLU D 96 -40.37 18.06 19.20
C GLU D 96 -40.92 18.75 17.96
N LEU D 97 -41.42 17.95 17.02
CA LEU D 97 -41.86 18.48 15.73
C LEU D 97 -43.27 19.06 15.84
N ALA D 98 -43.49 20.17 15.14
CA ALA D 98 -44.81 20.78 15.06
C ALA D 98 -45.72 20.08 14.07
N ALA D 99 -45.18 19.16 13.26
CA ALA D 99 -45.96 18.39 12.31
C ALA D 99 -45.31 17.01 12.20
N PRO D 100 -46.10 15.94 12.19
CA PRO D 100 -45.52 14.59 12.09
C PRO D 100 -44.71 14.42 10.81
N VAL D 101 -43.71 13.55 10.88
CA VAL D 101 -42.79 13.30 9.78
C VAL D 101 -42.61 11.80 9.63
N THR D 102 -42.20 11.39 8.42
CA THR D 102 -41.97 9.99 8.11
C THR D 102 -40.48 9.68 8.07
N HIS D 103 -40.13 8.47 8.51
CA HIS D 103 -38.76 8.00 8.47
C HIS D 103 -38.40 7.61 7.04
N ILE D 104 -37.33 8.21 6.50
CA ILE D 104 -36.97 7.98 5.11
C ILE D 104 -36.53 6.54 4.86
N TRP D 105 -36.10 5.83 5.90
CA TRP D 105 -35.66 4.45 5.72
C TRP D 105 -36.80 3.53 5.28
N TYR D 106 -38.03 3.85 5.68
CA TYR D 106 -39.18 2.99 5.38
C TYR D 106 -40.03 3.51 4.23
N PHE D 107 -39.71 4.69 3.70
CA PHE D 107 -40.42 5.23 2.54
C PHE D 107 -39.60 5.10 1.26
N LYS D 108 -38.41 5.71 1.23
CA LYS D 108 -37.60 5.69 0.02
C LYS D 108 -36.75 4.42 -0.08
N GLY D 109 -36.38 3.83 1.05
CA GLY D 109 -35.63 2.59 1.05
C GLY D 109 -36.39 1.45 0.40
N VAL D 110 -35.76 0.78 -0.57
CA VAL D 110 -36.41 -0.28 -1.33
C VAL D 110 -36.28 -1.60 -0.59
N PRO D 111 -37.36 -2.38 -0.46
CA PRO D 111 -38.71 -2.00 -0.91
C PRO D 111 -39.41 -1.09 0.10
N SER D 112 -40.32 -0.26 -0.37
CA SER D 112 -41.04 0.68 0.49
C SER D 112 -41.88 -0.07 1.52
N ARG D 113 -41.53 0.06 2.79
CA ARG D 113 -42.25 -0.66 3.84
C ARG D 113 -43.66 -0.08 4.03
N LEU D 114 -43.77 1.25 4.01
CA LEU D 114 -45.09 1.88 4.11
C LEU D 114 -45.96 1.48 2.92
N GLY D 115 -45.40 1.47 1.72
CA GLY D 115 -46.16 1.05 0.56
C GLY D 115 -46.62 -0.40 0.65
N TYR D 116 -45.84 -1.24 1.32
CA TYR D 116 -46.25 -2.62 1.51
C TYR D 116 -47.34 -2.74 2.58
N LEU D 117 -47.30 -1.87 3.59
CA LEU D 117 -48.29 -1.96 4.66
C LEU D 117 -49.65 -1.46 4.19
N LEU D 118 -49.70 -0.30 3.53
CA LEU D 118 -50.95 0.33 3.13
C LEU D 118 -51.36 0.00 1.71
N ASP D 119 -50.62 -0.88 1.03
CA ASP D 119 -50.90 -1.26 -0.35
C ASP D 119 -50.91 -0.05 -1.29
N LEU D 120 -50.10 0.95 -0.97
CA LEU D 120 -50.01 2.18 -1.77
C LEU D 120 -48.78 2.12 -2.65
N ALA D 121 -48.89 2.68 -3.85
CA ALA D 121 -47.78 2.68 -4.78
C ALA D 121 -46.66 3.60 -4.26
N PRO D 122 -45.40 3.29 -4.60
CA PRO D 122 -44.30 4.15 -4.15
C PRO D 122 -44.40 5.59 -4.66
N LYS D 123 -44.72 5.77 -5.94
CA LYS D 123 -44.84 7.13 -6.48
C LYS D 123 -46.04 7.86 -5.89
N ASP D 124 -47.14 7.15 -5.64
CA ASP D 124 -48.29 7.76 -4.97
C ASP D 124 -47.92 8.20 -3.56
N LEU D 125 -47.16 7.38 -2.84
CA LEU D 125 -46.68 7.76 -1.52
C LEU D 125 -45.77 8.99 -1.62
N GLU D 126 -44.94 9.04 -2.66
CA GLU D 126 -44.04 10.18 -2.85
C GLU D 126 -44.83 11.46 -3.11
N LYS D 127 -45.91 11.35 -3.88
CA LYS D 127 -46.79 12.49 -4.10
C LYS D 127 -47.51 12.91 -2.82
N ILE D 128 -47.86 11.94 -1.97
CA ILE D 128 -48.59 12.26 -0.74
C ILE D 128 -47.69 12.99 0.24
N ILE D 129 -46.53 12.40 0.56
CA ILE D 129 -45.72 12.90 1.66
C ILE D 129 -45.23 14.32 1.39
N TYR D 130 -44.73 14.56 0.17
CA TYR D 130 -44.10 15.83 -0.16
C TYR D 130 -45.09 16.84 -0.74
N PHE D 131 -46.37 16.72 -0.39
CA PHE D 131 -47.39 17.74 -0.64
C PHE D 131 -47.55 18.02 -2.14
N ALA D 132 -47.88 16.95 -2.87
CA ALA D 132 -48.23 17.04 -4.27
C ALA D 132 -49.60 16.51 -4.60
N ALA D 133 -50.26 15.82 -3.65
CA ALA D 133 -51.58 15.26 -3.88
C ALA D 133 -52.22 14.93 -2.55
N TYR D 134 -53.50 15.27 -2.40
CA TYR D 134 -54.24 14.89 -1.21
C TYR D 134 -54.58 13.41 -1.24
N VAL D 135 -54.90 12.87 -0.07
CA VAL D 135 -55.30 11.47 0.06
C VAL D 135 -56.50 11.39 1.00
N ILE D 136 -57.44 10.52 0.64
CA ILE D 136 -58.69 10.38 1.39
C ILE D 136 -58.44 9.47 2.58
N THR D 137 -58.54 10.04 3.80
CA THR D 137 -58.35 9.24 4.99
C THR D 137 -59.63 8.50 5.40
N SER D 138 -60.79 9.11 5.17
CA SER D 138 -62.06 8.51 5.55
C SER D 138 -63.17 9.16 4.73
N VAL D 139 -64.29 8.44 4.65
CA VAL D 139 -65.47 8.91 3.91
C VAL D 139 -66.70 8.27 4.51
N ASP D 140 -67.68 9.09 4.86
CA ASP D 140 -68.94 8.63 5.45
C ASP D 140 -69.81 8.12 4.31
N GLU D 141 -69.74 6.80 4.06
CA GLU D 141 -70.43 6.22 2.92
C GLU D 141 -71.94 6.12 3.16
N GLU D 142 -72.36 5.83 4.40
CA GLU D 142 -73.78 5.72 4.68
C GLU D 142 -74.47 7.08 4.56
N MET D 143 -73.84 8.13 5.08
CA MET D 143 -74.40 9.47 4.92
C MET D 143 -74.45 9.87 3.46
N ARG D 144 -73.45 9.44 2.67
CA ARG D 144 -73.48 9.71 1.24
C ARG D 144 -74.64 8.98 0.57
N HIS D 145 -74.94 7.77 1.02
CA HIS D 145 -76.07 7.04 0.45
C HIS D 145 -77.40 7.68 0.84
N ASN D 146 -77.51 8.18 2.06
CA ASN D 146 -78.75 8.79 2.52
C ASN D 146 -79.00 10.17 1.93
N GLU D 147 -78.02 10.75 1.24
CA GLU D 147 -78.18 12.05 0.61
C GLU D 147 -77.79 12.03 -0.87
N LEU D 148 -77.67 10.85 -1.47
CA LEU D 148 -77.18 10.77 -2.85
C LEU D 148 -78.19 11.33 -3.84
N SER D 149 -79.49 11.10 -3.60
CA SER D 149 -80.51 11.58 -4.52
C SER D 149 -80.55 13.10 -4.57
N THR D 150 -80.51 13.74 -3.39
CA THR D 150 -80.58 15.20 -3.33
C THR D 150 -79.36 15.83 -3.99
N LEU D 151 -78.17 15.31 -3.68
CA LEU D 151 -76.95 15.85 -4.29
C LEU D 151 -76.93 15.61 -5.79
N GLU D 152 -77.44 14.46 -6.24
CA GLU D 152 -77.52 14.18 -7.66
C GLU D 152 -78.44 15.18 -8.36
N ALA D 153 -79.59 15.46 -7.77
CA ALA D 153 -80.50 16.43 -8.38
C ALA D 153 -79.89 17.83 -8.41
N GLU D 154 -79.20 18.21 -7.34
CA GLU D 154 -78.54 19.52 -7.32
C GLU D 154 -77.46 19.62 -8.39
N MET D 155 -76.65 18.57 -8.55
CA MET D 155 -75.64 18.56 -9.59
C MET D 155 -76.25 18.62 -10.98
N ALA D 156 -77.36 17.91 -11.18
CA ALA D 156 -78.04 17.94 -12.47
C ALA D 156 -78.57 19.33 -12.78
N VAL D 157 -79.15 20.00 -11.77
CA VAL D 157 -79.65 21.36 -11.97
C VAL D 157 -78.50 22.30 -12.30
N GLU D 158 -77.35 22.13 -11.64
CA GLU D 158 -76.20 22.98 -11.93
C GLU D 158 -75.72 22.78 -13.37
N ARG D 159 -75.62 21.53 -13.81
CA ARG D 159 -75.21 21.24 -15.17
C ARG D 159 -76.20 21.83 -16.18
N LYS D 160 -77.50 21.70 -15.90
CA LYS D 160 -78.50 22.25 -16.80
C LYS D 160 -78.41 23.77 -16.90
N ALA D 161 -78.17 24.44 -15.77
CA ALA D 161 -78.00 25.89 -15.79
C ALA D 161 -76.78 26.29 -16.60
N VAL D 162 -75.67 25.54 -16.46
CA VAL D 162 -74.48 25.82 -17.26
C VAL D 162 -74.80 25.70 -18.75
N GLU D 163 -75.51 24.63 -19.12
CA GLU D 163 -75.85 24.43 -20.53
C GLU D 163 -76.76 25.53 -21.05
N ASP D 164 -77.72 25.97 -20.23
CA ASP D 164 -78.61 27.05 -20.64
C ASP D 164 -77.85 28.34 -20.90
N GLN D 165 -76.93 28.68 -19.98
CA GLN D 165 -76.14 29.88 -20.17
C GLN D 165 -75.28 29.79 -21.44
N ARG D 166 -74.69 28.61 -21.67
CA ARG D 166 -73.90 28.40 -22.88
C ARG D 166 -74.73 28.65 -24.13
N ASP D 167 -75.91 28.03 -24.20
CA ASP D 167 -76.74 28.16 -25.39
C ASP D 167 -77.20 29.60 -25.60
N GLY D 168 -77.57 30.29 -24.52
CA GLY D 168 -77.98 31.68 -24.65
C GLY D 168 -76.86 32.57 -25.17
N GLU D 169 -75.66 32.41 -24.60
CA GLU D 169 -74.53 33.21 -25.06
C GLU D 169 -74.19 32.91 -26.52
N LEU D 170 -74.23 31.64 -26.90
CA LEU D 170 -73.95 31.27 -28.29
C LEU D 170 -74.98 31.88 -29.24
N GLU D 171 -76.25 31.86 -28.86
CA GLU D 171 -77.28 32.48 -29.70
C GLU D 171 -77.05 33.97 -29.86
N ALA D 172 -76.74 34.66 -28.75
CA ALA D 172 -76.46 36.09 -28.82
C ALA D 172 -75.32 36.37 -29.78
N ARG D 173 -74.21 35.63 -29.65
CA ARG D 173 -73.04 35.89 -30.49
C ARG D 173 -73.34 35.57 -31.96
N ALA D 174 -74.04 34.47 -32.23
CA ALA D 174 -74.32 34.11 -33.61
C ALA D 174 -75.25 35.12 -34.28
N GLN D 175 -76.25 35.60 -33.55
CA GLN D 175 -77.14 36.61 -34.12
C GLN D 175 -76.40 37.93 -34.34
N LYS D 176 -75.49 38.29 -33.43
CA LYS D 176 -74.68 39.48 -33.64
C LYS D 176 -73.80 39.32 -34.88
N LEU D 177 -73.27 38.11 -35.10
CA LEU D 177 -72.45 37.86 -36.27
C LEU D 177 -73.26 38.02 -37.55
N GLU D 178 -74.45 37.43 -37.59
CA GLU D 178 -75.29 37.55 -38.78
C GLU D 178 -75.68 39.00 -39.04
N ALA D 179 -76.01 39.74 -37.96
CA ALA D 179 -76.38 41.14 -38.13
C ALA D 179 -75.20 41.97 -38.61
N ASP D 180 -73.99 41.69 -38.10
CA ASP D 180 -72.82 42.41 -38.56
C ASP D 180 -72.52 42.12 -40.03
N LEU D 181 -72.72 40.86 -40.45
CA LEU D 181 -72.51 40.54 -41.85
C LEU D 181 -73.51 41.25 -42.75
N ALA D 182 -74.78 41.31 -42.33
CA ALA D 182 -75.77 42.07 -43.10
C ALA D 182 -75.42 43.55 -43.14
N GLU D 183 -74.94 44.10 -42.01
CA GLU D 183 -74.62 45.52 -41.94
C GLU D 183 -73.42 45.86 -42.82
N LEU D 184 -72.42 44.98 -42.86
CA LEU D 184 -71.28 45.19 -43.75
C LEU D 184 -71.62 44.88 -45.20
N GLU D 185 -72.70 44.14 -45.45
CA GLU D 185 -73.19 43.99 -46.82
C GLU D 185 -73.89 45.27 -47.28
N ALA D 186 -74.62 45.92 -46.36
CA ALA D 186 -75.23 47.22 -46.70
C ALA D 186 -74.18 48.27 -47.00
N GLU D 187 -73.03 48.20 -46.34
CA GLU D 187 -71.93 49.13 -46.59
C GLU D 187 -71.20 48.84 -47.88
N GLY D 188 -71.42 47.68 -48.49
CA GLY D 188 -70.84 47.38 -49.79
C GLY D 188 -69.43 46.85 -49.77
N ALA D 189 -68.96 46.35 -48.61
CA ALA D 189 -67.62 45.79 -48.53
C ALA D 189 -67.52 44.51 -49.35
N LYS D 190 -66.32 44.21 -49.81
CA LYS D 190 -66.09 43.01 -50.61
C LYS D 190 -66.39 41.76 -49.77
N ALA D 191 -66.92 40.73 -50.45
CA ALA D 191 -67.30 39.51 -49.76
C ALA D 191 -66.11 38.83 -49.09
N ASP D 192 -64.92 38.98 -49.68
CA ASP D 192 -63.72 38.44 -49.03
C ASP D 192 -63.47 39.10 -47.69
N ALA D 193 -63.80 40.39 -47.56
CA ALA D 193 -63.70 41.06 -46.27
C ALA D 193 -64.76 40.54 -45.30
N ARG D 194 -65.95 40.18 -45.81
CA ARG D 194 -66.96 39.58 -44.95
C ARG D 194 -66.53 38.21 -44.46
N ARG D 195 -65.73 37.49 -45.25
CA ARG D 195 -65.24 36.19 -44.84
C ARG D 195 -64.38 36.30 -43.58
N LYS D 196 -63.63 37.39 -43.44
CA LYS D 196 -62.82 37.58 -42.24
C LYS D 196 -63.70 37.72 -41.00
N VAL D 197 -64.76 38.52 -41.10
CA VAL D 197 -65.69 38.68 -39.98
C VAL D 197 -66.39 37.37 -39.67
N ARG D 198 -66.73 36.61 -40.72
CA ARG D 198 -67.37 35.31 -40.54
C ARG D 198 -66.45 34.35 -39.77
N ASP D 199 -65.19 34.27 -40.19
CA ASP D 199 -64.26 33.38 -39.52
C ASP D 199 -63.99 33.83 -38.09
N GLY D 200 -63.95 35.15 -37.86
CA GLY D 200 -63.80 35.64 -36.50
C GLY D 200 -64.97 35.28 -35.61
N GLY D 201 -66.19 35.39 -36.14
CA GLY D 201 -67.36 34.98 -35.38
C GLY D 201 -67.36 33.50 -35.07
N GLU D 202 -66.99 32.68 -36.06
CA GLU D 202 -66.90 31.24 -35.81
C GLU D 202 -65.84 30.92 -34.77
N ARG D 203 -64.72 31.64 -34.79
CA ARG D 203 -63.67 31.45 -33.80
C ARG D 203 -64.18 31.79 -32.40
N GLU D 204 -64.87 32.92 -32.26
CA GLU D 204 -65.39 33.32 -30.96
C GLU D 204 -66.43 32.33 -30.46
N MET D 205 -67.30 31.84 -31.35
CA MET D 205 -68.30 30.86 -30.93
C MET D 205 -67.66 29.55 -30.50
N ARG D 206 -66.61 29.11 -31.23
CA ARG D 206 -65.87 27.93 -30.82
C ARG D 206 -65.26 28.13 -29.43
N GLN D 207 -64.69 29.30 -29.17
CA GLN D 207 -64.13 29.61 -27.86
C GLN D 207 -65.20 29.53 -26.77
N ILE D 208 -66.37 30.09 -27.03
CA ILE D 208 -67.45 30.08 -26.02
C ILE D 208 -67.88 28.65 -25.73
N ARG D 209 -68.10 27.86 -26.78
CA ARG D 209 -68.53 26.48 -26.59
C ARG D 209 -67.49 25.67 -25.82
N ASP D 210 -66.20 25.89 -26.10
CA ASP D 210 -65.16 25.16 -25.38
C ASP D 210 -65.07 25.60 -23.93
N ARG D 211 -65.24 26.90 -23.68
CA ARG D 211 -65.23 27.38 -22.29
C ARG D 211 -66.36 26.76 -21.49
N ALA D 212 -67.51 26.54 -22.13
CA ALA D 212 -68.61 25.88 -21.43
C ALA D 212 -68.32 24.38 -21.24
N GLN D 213 -67.74 23.74 -22.26
CA GLN D 213 -67.47 22.31 -22.18
C GLN D 213 -66.45 21.98 -21.10
N ARG D 214 -65.47 22.86 -20.87
CA ARG D 214 -64.49 22.62 -19.82
C ARG D 214 -65.16 22.63 -18.44
N GLU D 215 -66.08 23.57 -18.21
CA GLU D 215 -66.83 23.59 -16.97
C GLU D 215 -67.69 22.34 -16.82
N LEU D 216 -68.34 21.91 -17.91
CA LEU D 216 -69.14 20.69 -17.85
C LEU D 216 -68.28 19.48 -17.49
N ASP D 217 -67.08 19.38 -18.07
CA ASP D 217 -66.20 18.26 -17.76
C ASP D 217 -65.72 18.33 -16.31
N ARG D 218 -65.46 19.55 -15.81
CA ARG D 218 -65.09 19.69 -14.41
C ARG D 218 -66.20 19.18 -13.49
N LEU D 219 -67.45 19.54 -13.78
CA LEU D 219 -68.56 19.06 -12.97
C LEU D 219 -68.70 17.54 -13.07
N GLU D 220 -68.53 16.99 -14.27
CA GLU D 220 -68.57 15.54 -14.43
C GLU D 220 -67.52 14.85 -13.57
N ASP D 221 -66.29 15.39 -13.58
CA ASP D 221 -65.22 14.79 -12.78
C ASP D 221 -65.48 14.93 -11.29
N ILE D 222 -66.02 16.08 -10.87
CA ILE D 222 -66.32 16.27 -9.45
C ILE D 222 -67.34 15.25 -8.98
N TRP D 223 -68.42 15.09 -9.75
CA TRP D 223 -69.46 14.14 -9.36
C TRP D 223 -68.94 12.70 -9.40
N SER D 224 -68.12 12.38 -10.40
CA SER D 224 -67.58 11.02 -10.50
C SER D 224 -66.63 10.73 -9.34
N THR D 225 -65.86 11.72 -8.90
CA THR D 225 -64.94 11.50 -7.79
C THR D 225 -65.68 11.37 -6.47
N PHE D 226 -66.70 12.22 -6.24
CA PHE D 226 -67.45 12.09 -5.00
C PHE D 226 -68.28 10.81 -4.97
N THR D 227 -68.72 10.33 -6.13
CA THR D 227 -69.48 9.09 -6.17
C THR D 227 -68.61 7.89 -5.84
N LYS D 228 -67.41 7.82 -6.41
CA LYS D 228 -66.51 6.72 -6.17
C LYS D 228 -65.38 7.13 -5.23
N LEU D 229 -65.72 7.56 -4.02
CA LEU D 229 -64.74 8.06 -3.06
C LEU D 229 -64.57 7.03 -1.95
N ALA D 230 -63.37 6.50 -1.83
CA ALA D 230 -63.01 5.50 -0.83
C ALA D 230 -61.71 5.94 -0.16
N PRO D 231 -61.40 5.41 1.02
CA PRO D 231 -60.13 5.73 1.66
C PRO D 231 -58.95 5.28 0.80
N LYS D 232 -57.79 5.88 1.08
CA LYS D 232 -56.52 5.62 0.41
C LYS D 232 -56.52 6.05 -1.06
N GLN D 233 -57.56 6.74 -1.52
CA GLN D 233 -57.55 7.29 -2.87
C GLN D 233 -56.76 8.59 -2.90
N LEU D 234 -56.18 8.88 -4.06
CA LEU D 234 -55.36 10.07 -4.23
C LEU D 234 -56.03 11.04 -5.21
N ILE D 235 -55.84 12.32 -4.94
CA ILE D 235 -56.38 13.40 -5.77
C ILE D 235 -55.22 14.32 -6.11
N VAL D 236 -54.64 14.13 -7.30
CA VAL D 236 -53.47 14.92 -7.68
C VAL D 236 -53.84 16.36 -7.96
N ASP D 237 -55.07 16.61 -8.45
CA ASP D 237 -55.51 17.96 -8.75
C ASP D 237 -55.91 18.66 -7.46
N GLU D 238 -55.29 19.80 -7.18
CA GLU D 238 -55.59 20.53 -5.96
C GLU D 238 -56.91 21.28 -6.06
N ASN D 239 -57.23 21.84 -7.23
CA ASN D 239 -58.50 22.51 -7.42
C ASN D 239 -59.67 21.53 -7.34
N LEU D 240 -59.48 20.30 -7.81
CA LEU D 240 -60.54 19.29 -7.70
C LEU D 240 -60.84 18.98 -6.23
N TYR D 241 -59.78 18.80 -5.43
CA TYR D 241 -59.98 18.53 -4.01
C TYR D 241 -60.59 19.74 -3.31
N ARG D 242 -60.20 20.95 -3.73
CA ARG D 242 -60.80 22.14 -3.17
C ARG D 242 -62.30 22.19 -3.44
N GLU D 243 -62.70 21.86 -4.68
CA GLU D 243 -64.13 21.79 -5.00
C GLU D 243 -64.83 20.70 -4.18
N LEU D 244 -64.16 19.55 -4.02
CA LEU D 244 -64.77 18.46 -3.25
C LEU D 244 -65.02 18.88 -1.81
N VAL D 245 -64.08 19.61 -1.20
CA VAL D 245 -64.28 20.06 0.17
C VAL D 245 -65.32 21.17 0.22
N ASP D 246 -65.33 22.04 -0.80
CA ASP D 246 -66.29 23.15 -0.82
C ASP D 246 -67.73 22.66 -0.98
N ARG D 247 -67.91 21.50 -1.63
CA ARG D 247 -69.24 20.95 -1.86
C ARG D 247 -69.62 19.88 -0.83
N TYR D 248 -68.92 18.74 -0.84
CA TYR D 248 -69.26 17.60 -0.02
C TYR D 248 -68.28 17.40 1.13
N GLY D 249 -67.86 18.50 1.76
CA GLY D 249 -66.93 18.42 2.88
C GLY D 249 -67.49 17.72 4.10
N GLU D 250 -68.82 17.65 4.23
CA GLU D 250 -69.44 16.98 5.35
C GLU D 250 -69.34 15.46 5.28
N TYR D 251 -68.95 14.91 4.13
CA TYR D 251 -69.05 13.48 3.89
C TYR D 251 -67.73 12.74 3.95
N PHE D 252 -66.62 13.40 3.64
CA PHE D 252 -65.32 12.74 3.62
C PHE D 252 -64.30 13.60 4.37
N THR D 253 -63.16 12.98 4.66
CA THR D 253 -62.03 13.65 5.27
C THR D 253 -60.77 13.28 4.51
N GLY D 254 -60.00 14.27 4.10
CA GLY D 254 -58.76 14.04 3.40
C GLY D 254 -57.65 14.89 4.00
N ALA D 255 -56.41 14.49 3.69
CA ALA D 255 -55.26 15.20 4.23
C ALA D 255 -54.07 15.01 3.29
N MET D 256 -53.00 15.74 3.60
CA MET D 256 -51.79 15.76 2.79
C MET D 256 -50.58 15.57 3.69
N GLY D 257 -49.45 15.23 3.08
CA GLY D 257 -48.21 15.14 3.84
C GLY D 257 -48.11 13.86 4.66
N ALA D 258 -47.35 13.94 5.75
CA ALA D 258 -47.07 12.80 6.60
C ALA D 258 -48.15 12.57 7.66
N GLU D 259 -48.83 13.62 8.10
CA GLU D 259 -49.93 13.46 9.04
C GLU D 259 -51.05 12.62 8.45
N SER D 260 -51.26 12.72 7.14
CA SER D 260 -52.25 11.89 6.47
C SER D 260 -51.88 10.41 6.56
N ILE D 261 -50.61 10.08 6.33
CA ILE D 261 -50.18 8.69 6.44
C ILE D 261 -50.25 8.22 7.89
N GLN D 262 -49.96 9.10 8.84
CA GLN D 262 -50.15 8.77 10.24
C GLN D 262 -51.60 8.36 10.51
N LYS D 263 -52.54 9.16 10.01
CA LYS D 263 -53.96 8.84 10.20
C LYS D 263 -54.33 7.54 9.48
N LEU D 264 -53.74 7.30 8.30
CA LEU D 264 -54.02 6.07 7.57
C LEU D 264 -53.52 4.85 8.33
N ILE D 265 -52.34 4.93 8.94
CA ILE D 265 -51.83 3.84 9.76
C ILE D 265 -52.72 3.65 10.97
N GLU D 266 -53.24 4.74 11.54
CA GLU D 266 -54.16 4.62 12.66
C GLU D 266 -55.45 3.95 12.24
N ASN D 267 -55.98 4.31 11.07
CA ASN D 267 -57.19 3.68 10.53
C ASN D 267 -56.80 2.49 9.64
N PHE D 268 -56.28 1.46 10.30
CA PHE D 268 -55.78 0.29 9.59
C PHE D 268 -55.98 -0.95 10.46
N ASP D 269 -56.59 -1.98 9.89
CA ASP D 269 -56.80 -3.25 10.58
C ASP D 269 -55.66 -4.19 10.21
N ILE D 270 -54.83 -4.54 11.19
CA ILE D 270 -53.65 -5.36 10.91
C ILE D 270 -54.07 -6.79 10.60
N ASP D 271 -54.84 -7.41 11.51
CA ASP D 271 -55.22 -8.81 11.35
C ASP D 271 -56.05 -9.01 10.09
N ALA D 272 -56.97 -8.08 9.81
CA ALA D 272 -57.83 -8.22 8.64
C ALA D 272 -57.02 -8.22 7.35
N GLU D 273 -56.08 -7.28 7.23
CA GLU D 273 -55.26 -7.23 6.02
C GLU D 273 -54.33 -8.44 5.92
N ALA D 274 -53.82 -8.92 7.05
CA ALA D 274 -52.98 -10.11 7.03
C ALA D 274 -53.75 -11.32 6.50
N GLU D 275 -54.96 -11.54 7.03
CA GLU D 275 -55.75 -12.67 6.56
C GLU D 275 -56.24 -12.46 5.13
N SER D 276 -56.45 -11.21 4.72
CA SER D 276 -56.81 -10.94 3.33
C SER D 276 -55.67 -11.27 2.39
N LEU D 277 -54.43 -11.08 2.83
CA LEU D 277 -53.28 -11.49 2.03
C LEU D 277 -53.17 -13.02 1.99
N ARG D 278 -53.41 -13.68 3.13
CA ARG D 278 -53.40 -15.14 3.14
C ARG D 278 -54.46 -15.72 2.22
N ASP D 279 -55.60 -15.03 2.09
CA ASP D 279 -56.62 -15.46 1.14
C ASP D 279 -56.09 -15.47 -0.29
N VAL D 280 -55.35 -14.43 -0.68
CA VAL D 280 -54.76 -14.39 -2.01
C VAL D 280 -53.70 -15.47 -2.15
N ILE D 281 -52.97 -15.77 -1.08
CA ILE D 281 -51.94 -16.81 -1.14
C ILE D 281 -52.58 -18.18 -1.34
N ARG D 282 -53.75 -18.40 -0.74
CA ARG D 282 -54.39 -19.71 -0.83
C ARG D 282 -54.83 -20.05 -2.25
N ASN D 283 -54.91 -19.07 -3.15
CA ASN D 283 -55.32 -19.27 -4.54
C ASN D 283 -54.12 -18.98 -5.43
N GLY D 284 -53.59 -20.00 -6.09
CA GLY D 284 -52.37 -19.89 -6.87
C GLY D 284 -52.47 -19.01 -8.10
N LYS D 285 -52.25 -17.71 -7.92
CA LYS D 285 -52.19 -16.74 -9.02
C LYS D 285 -50.81 -16.10 -9.02
N GLY D 286 -49.78 -16.89 -9.31
CA GLY D 286 -48.38 -16.51 -9.21
C GLY D 286 -48.05 -15.05 -9.51
N GLN D 287 -48.45 -14.59 -10.69
CA GLN D 287 -48.21 -13.21 -11.11
C GLN D 287 -48.66 -12.23 -10.03
N LYS D 288 -49.88 -12.39 -9.52
CA LYS D 288 -50.41 -11.53 -8.49
C LYS D 288 -50.33 -12.16 -7.10
N LYS D 289 -49.66 -13.30 -6.97
CA LYS D 289 -49.49 -13.98 -5.69
C LYS D 289 -48.15 -13.68 -5.03
N LEU D 290 -47.08 -13.56 -5.82
CA LEU D 290 -45.79 -13.18 -5.24
C LEU D 290 -45.85 -11.79 -4.62
N ARG D 291 -46.53 -10.86 -5.30
CA ARG D 291 -46.67 -9.49 -4.82
C ARG D 291 -47.50 -9.42 -3.54
N ALA D 292 -48.29 -10.45 -3.24
CA ALA D 292 -49.04 -10.52 -1.99
C ALA D 292 -48.24 -11.22 -0.89
N LEU D 293 -47.48 -12.25 -1.26
CA LEU D 293 -46.56 -12.88 -0.31
C LEU D 293 -45.62 -11.85 0.29
N LYS D 294 -45.04 -11.00 -0.56
CA LYS D 294 -44.07 -10.02 -0.07
C LYS D 294 -44.71 -9.00 0.85
N ARG D 295 -46.00 -8.70 0.65
CA ARG D 295 -46.71 -7.81 1.56
C ARG D 295 -46.99 -8.50 2.90
N LEU D 296 -47.37 -9.78 2.86
CA LEU D 296 -47.57 -10.50 4.11
C LEU D 296 -46.30 -10.53 4.94
N LYS D 297 -45.14 -10.65 4.27
CA LYS D 297 -43.87 -10.64 4.99
C LYS D 297 -43.72 -9.41 5.87
N VAL D 298 -44.25 -8.27 5.43
CA VAL D 298 -44.16 -7.03 6.21
C VAL D 298 -45.29 -6.93 7.24
N VAL D 299 -46.50 -7.34 6.87
CA VAL D 299 -47.65 -7.12 7.76
C VAL D 299 -47.61 -8.07 8.96
N ALA D 300 -47.23 -9.33 8.75
CA ALA D 300 -47.19 -10.28 9.85
C ALA D 300 -46.16 -9.87 10.90
N ALA D 301 -45.12 -9.14 10.49
CA ALA D 301 -44.12 -8.68 11.45
C ALA D 301 -44.72 -7.70 12.45
N PHE D 302 -45.58 -6.80 11.99
CA PHE D 302 -46.28 -5.92 12.91
C PHE D 302 -47.38 -6.64 13.66
N GLN D 303 -47.93 -7.71 13.08
CA GLN D 303 -48.98 -8.45 13.77
C GLN D 303 -48.43 -9.20 14.99
N GLN D 304 -47.40 -10.02 14.78
CA GLN D 304 -46.94 -10.91 15.84
C GLN D 304 -46.19 -10.16 16.94
N SER D 305 -45.36 -9.19 16.56
CA SER D 305 -44.48 -8.53 17.54
C SER D 305 -45.25 -7.74 18.59
N GLY D 306 -46.51 -7.42 18.35
CA GLY D 306 -47.23 -6.55 19.26
C GLY D 306 -46.72 -5.13 19.26
N ASN D 307 -45.91 -4.75 18.26
CA ASN D 307 -45.36 -3.42 18.13
C ASN D 307 -46.05 -2.70 16.98
N SER D 308 -46.61 -1.53 17.26
CA SER D 308 -47.40 -0.84 16.27
C SER D 308 -46.49 -0.28 15.16
N PRO D 309 -46.93 -0.31 13.90
CA PRO D 309 -46.18 0.34 12.83
C PRO D 309 -46.19 1.86 12.90
N MET D 310 -46.94 2.44 13.85
CA MET D 310 -47.01 3.89 14.00
C MET D 310 -45.64 4.52 14.18
N GLY D 311 -44.63 3.75 14.58
CA GLY D 311 -43.28 4.27 14.72
C GLY D 311 -42.67 4.74 13.42
N MET D 312 -43.21 4.32 12.28
CA MET D 312 -42.70 4.79 11.00
C MET D 312 -43.00 6.26 10.75
N VAL D 313 -43.89 6.86 11.53
CA VAL D 313 -44.16 8.29 11.49
C VAL D 313 -43.71 8.89 12.82
N LEU D 314 -42.86 9.91 12.75
CA LEU D 314 -42.21 10.47 13.93
C LEU D 314 -42.85 11.78 14.34
N ASP D 315 -43.08 11.92 15.65
CA ASP D 315 -43.49 13.19 16.23
C ASP D 315 -42.34 13.92 16.92
N ALA D 316 -41.27 13.20 17.28
CA ALA D 316 -40.09 13.77 17.88
C ALA D 316 -38.87 13.02 17.37
N VAL D 317 -37.80 13.75 17.08
CA VAL D 317 -36.58 13.19 16.50
C VAL D 317 -35.48 13.24 17.54
N PRO D 318 -34.76 12.16 17.80
CA PRO D 318 -33.69 12.18 18.80
C PRO D 318 -32.44 12.87 18.30
N VAL D 319 -31.69 13.42 19.24
CA VAL D 319 -30.47 14.18 18.96
C VAL D 319 -29.30 13.45 19.60
N ILE D 320 -28.32 13.10 18.79
CA ILE D 320 -27.13 12.35 19.24
C ILE D 320 -26.32 13.23 20.18
N PRO D 321 -25.69 12.67 21.21
CA PRO D 321 -24.94 13.50 22.15
C PRO D 321 -23.88 14.33 21.44
N PRO D 322 -23.50 15.47 22.02
CA PRO D 322 -22.63 16.41 21.29
C PRO D 322 -21.22 15.89 21.05
N GLU D 323 -20.68 15.05 21.95
CA GLU D 323 -19.31 14.59 21.77
C GLU D 323 -19.16 13.65 20.57
N LEU D 324 -20.26 13.06 20.10
CA LEU D 324 -20.23 12.29 18.87
C LEU D 324 -20.39 13.16 17.63
N ARG D 325 -20.74 14.43 17.83
CA ARG D 325 -20.80 15.42 16.75
C ARG D 325 -20.03 16.67 17.17
N PRO D 326 -18.74 16.53 17.48
CA PRO D 326 -18.03 17.61 18.18
C PRO D 326 -17.75 18.80 17.26
N MET D 327 -17.70 19.98 17.87
CA MET D 327 -17.35 21.22 17.20
C MET D 327 -16.01 21.68 17.75
N VAL D 328 -14.97 21.65 16.90
CA VAL D 328 -13.62 21.96 17.32
C VAL D 328 -13.29 23.38 16.94
N GLN D 329 -12.29 23.94 17.61
CA GLN D 329 -11.78 25.27 17.32
C GLN D 329 -10.50 25.15 16.51
N LEU D 330 -10.34 26.05 15.56
CA LEU D 330 -9.20 26.01 14.64
C LEU D 330 -8.11 26.98 15.08
N ASP D 331 -6.89 26.71 14.62
CA ASP D 331 -5.74 27.57 14.95
C ASP D 331 -5.83 28.93 14.30
N GLY D 332 -6.76 29.14 13.35
CA GLY D 332 -7.00 30.43 12.76
C GLY D 332 -8.03 31.27 13.47
N GLY D 333 -8.53 30.83 14.62
CA GLY D 333 -9.52 31.54 15.40
C GLY D 333 -10.95 31.09 15.15
N ARG D 334 -11.24 30.60 13.94
CA ARG D 334 -12.59 30.20 13.58
C ARG D 334 -12.86 28.78 14.09
N PHE D 335 -13.97 28.18 13.68
CA PHE D 335 -14.42 26.91 14.20
C PHE D 335 -14.72 25.94 13.07
N ALA D 336 -15.01 24.69 13.45
CA ALA D 336 -15.36 23.64 12.49
C ALA D 336 -16.23 22.62 13.18
N THR D 337 -17.44 22.42 12.68
CA THR D 337 -18.43 21.54 13.32
C THR D 337 -18.84 20.43 12.37
N SER D 338 -19.29 19.32 12.95
CA SER D 338 -19.71 18.17 12.13
C SER D 338 -20.93 18.53 11.28
N ASP D 339 -21.09 17.83 10.16
CA ASP D 339 -22.23 18.07 9.29
C ASP D 339 -23.55 17.75 9.97
N LEU D 340 -23.54 16.78 10.90
CA LEU D 340 -24.73 16.47 11.66
C LEU D 340 -25.27 17.70 12.38
N ASN D 341 -24.37 18.57 12.84
CA ASN D 341 -24.82 19.80 13.50
C ASN D 341 -25.57 20.69 12.52
N ASP D 342 -25.08 20.83 11.29
CA ASP D 342 -25.77 21.64 10.30
C ASP D 342 -27.14 21.04 9.96
N LEU D 343 -27.21 19.71 9.87
CA LEU D 343 -28.48 19.06 9.57
C LEU D 343 -29.49 19.28 10.69
N TYR D 344 -29.07 19.04 11.94
CA TYR D 344 -29.93 19.29 13.09
C TYR D 344 -30.36 20.75 13.14
N ARG D 345 -29.45 21.67 12.79
CA ARG D 345 -29.77 23.09 12.84
C ARG D 345 -30.80 23.47 11.79
N ARG D 346 -30.69 22.92 10.59
CA ARG D 346 -31.70 23.17 9.56
C ARG D 346 -33.06 22.63 10.00
N VAL D 347 -33.07 21.42 10.58
CA VAL D 347 -34.32 20.87 11.10
C VAL D 347 -34.93 21.81 12.13
N ILE D 348 -34.11 22.31 13.07
CA ILE D 348 -34.61 23.16 14.14
C ILE D 348 -35.17 24.46 13.57
N ASN D 349 -34.43 25.07 12.63
CA ASN D 349 -34.87 26.32 12.03
C ASN D 349 -36.23 26.16 11.36
N ARG D 350 -36.36 25.13 10.51
CA ARG D 350 -37.63 24.96 9.79
C ARG D 350 -38.77 24.59 10.73
N ASN D 351 -38.48 23.84 11.80
CA ASN D 351 -39.54 23.48 12.75
C ASN D 351 -40.03 24.72 13.52
N ASN D 352 -39.11 25.59 13.95
CA ASN D 352 -39.53 26.79 14.64
C ASN D 352 -40.30 27.73 13.71
N ARG D 353 -39.89 27.81 12.44
CA ARG D 353 -40.65 28.60 11.48
C ARG D 353 -42.06 28.03 11.30
N LEU D 354 -42.18 26.70 11.29
CA LEU D 354 -43.50 26.09 11.19
C LEU D 354 -44.36 26.40 12.41
N LYS D 355 -43.74 26.42 13.60
CA LYS D 355 -44.47 26.83 14.79
C LYS D 355 -45.00 28.25 14.67
N ARG D 356 -44.15 29.16 14.18
CA ARG D 356 -44.60 30.53 13.93
C ARG D 356 -45.77 30.57 12.97
N LEU D 357 -45.67 29.82 11.86
CA LEU D 357 -46.74 29.80 10.87
C LEU D 357 -48.04 29.27 11.46
N ILE D 358 -47.96 28.25 12.30
CA ILE D 358 -49.17 27.71 12.94
C ILE D 358 -49.79 28.74 13.86
N ASP D 359 -48.96 29.47 14.62
CA ASP D 359 -49.51 30.48 15.52
C ASP D 359 -50.18 31.61 14.75
N LEU D 360 -49.55 32.08 13.66
CA LEU D 360 -50.05 33.24 12.95
C LEU D 360 -51.31 32.96 12.13
N GLY D 361 -51.69 31.69 11.98
CA GLY D 361 -52.77 31.38 11.06
C GLY D 361 -52.43 31.67 9.63
N ALA D 362 -51.17 31.45 9.24
CA ALA D 362 -50.72 31.74 7.90
C ALA D 362 -51.50 30.92 6.88
N PRO D 363 -51.52 31.35 5.61
CA PRO D 363 -52.25 30.61 4.59
C PRO D 363 -51.78 29.16 4.51
N GLU D 364 -52.72 28.28 4.15
CA GLU D 364 -52.42 26.85 4.11
C GLU D 364 -51.31 26.53 3.12
N ILE D 365 -51.16 27.35 2.08
CA ILE D 365 -50.11 27.10 1.09
C ILE D 365 -48.72 27.21 1.75
N ILE D 366 -48.52 28.26 2.55
CA ILE D 366 -47.22 28.45 3.21
C ILE D 366 -46.98 27.35 4.23
N VAL D 367 -48.00 26.98 4.99
CA VAL D 367 -47.84 25.96 6.03
C VAL D 367 -47.50 24.61 5.42
N ASN D 368 -48.18 24.25 4.32
CA ASN D 368 -47.88 22.97 3.68
C ASN D 368 -46.51 22.98 3.02
N ASN D 369 -46.15 24.09 2.35
CA ASN D 369 -44.83 24.19 1.75
C ASN D 369 -43.73 24.20 2.81
N GLU D 370 -44.06 24.57 4.05
CA GLU D 370 -43.09 24.52 5.14
C GLU D 370 -42.98 23.10 5.71
N LYS D 371 -44.11 22.42 5.87
CA LYS D 371 -44.07 21.03 6.34
C LYS D 371 -43.31 20.15 5.36
N ARG D 372 -43.42 20.43 4.07
CA ARG D 372 -42.64 19.69 3.07
C ARG D 372 -41.15 19.84 3.32
N MET D 373 -40.70 21.07 3.58
CA MET D 373 -39.29 21.30 3.84
C MET D 373 -38.85 20.67 5.15
N LEU D 374 -39.73 20.63 6.15
CA LEU D 374 -39.40 19.94 7.40
C LEU D 374 -39.20 18.45 7.14
N GLN D 375 -40.07 17.85 6.32
CA GLN D 375 -39.91 16.46 5.92
C GLN D 375 -38.55 16.24 5.24
N GLU D 376 -38.22 17.10 4.28
CA GLU D 376 -36.94 16.98 3.59
C GLU D 376 -35.77 17.15 4.53
N SER D 377 -35.90 18.00 5.55
CA SER D 377 -34.82 18.21 6.50
C SER D 377 -34.59 16.98 7.36
N VAL D 378 -35.68 16.37 7.85
CA VAL D 378 -35.52 15.14 8.62
C VAL D 378 -34.94 14.03 7.75
N ASP D 379 -35.36 13.98 6.48
CA ASP D 379 -34.82 12.98 5.56
C ASP D 379 -33.33 13.19 5.34
N ALA D 380 -32.89 14.46 5.27
CA ALA D 380 -31.47 14.73 5.11
C ALA D 380 -30.69 14.40 6.38
N LEU D 381 -31.30 14.64 7.55
CA LEU D 381 -30.64 14.30 8.80
C LEU D 381 -30.43 12.79 8.92
N PHE D 382 -31.42 12.00 8.50
CA PHE D 382 -31.29 10.55 8.67
C PHE D 382 -30.48 9.92 7.54
N ASP D 383 -30.70 10.33 6.29
CA ASP D 383 -30.02 9.71 5.15
C ASP D 383 -30.06 10.73 4.00
N ASN D 384 -29.15 11.70 4.06
CA ASN D 384 -29.05 12.72 3.04
C ASN D 384 -28.55 12.11 1.74
N GLY D 385 -29.27 12.40 0.65
CA GLY D 385 -28.94 11.88 -0.65
C GLY D 385 -29.75 10.68 -1.09
N ARG D 386 -30.57 10.12 -0.19
CA ARG D 386 -31.38 8.96 -0.55
C ARG D 386 -32.44 9.33 -1.58
N ARG D 387 -33.13 10.45 -1.37
CA ARG D 387 -34.14 10.94 -2.29
C ARG D 387 -33.67 12.24 -2.92
N GLY D 388 -33.67 12.28 -4.26
CA GLY D 388 -33.29 13.49 -4.97
C GLY D 388 -31.84 13.87 -4.78
N ARG D 389 -31.57 15.16 -4.95
CA ARG D 389 -30.22 15.68 -4.83
C ARG D 389 -29.89 16.02 -3.38
N PRO D 390 -28.70 15.64 -2.92
CA PRO D 390 -28.37 15.82 -1.50
C PRO D 390 -28.18 17.27 -1.13
N VAL D 391 -28.26 17.54 0.17
CA VAL D 391 -28.03 18.88 0.71
C VAL D 391 -26.53 19.17 0.60
N THR D 392 -26.18 20.15 -0.24
CA THR D 392 -24.78 20.49 -0.47
C THR D 392 -24.30 21.48 0.58
N GLY D 393 -23.09 21.25 1.08
CA GLY D 393 -22.45 22.17 1.99
C GLY D 393 -21.63 23.20 1.23
N PRO D 394 -20.73 23.90 1.94
CA PRO D 394 -19.85 24.85 1.27
C PRO D 394 -18.85 24.13 0.37
N GLY D 395 -18.91 24.43 -0.93
CA GLY D 395 -18.04 23.77 -1.89
C GLY D 395 -18.68 22.60 -2.61
N ASN D 396 -20.01 22.57 -2.69
CA ASN D 396 -20.74 21.50 -3.38
C ASN D 396 -20.41 20.12 -2.81
N ARG D 397 -20.12 20.06 -1.51
CA ARG D 397 -19.84 18.77 -0.87
C ARG D 397 -21.08 18.24 -0.19
N PRO D 398 -21.46 16.99 -0.44
CA PRO D 398 -22.65 16.44 0.23
C PRO D 398 -22.39 16.23 1.71
N LEU D 399 -23.35 16.65 2.53
CA LEU D 399 -23.21 16.51 3.98
C LEU D 399 -23.40 15.06 4.40
N LYS D 400 -22.62 14.64 5.39
CA LYS D 400 -22.67 13.26 5.87
C LYS D 400 -23.81 13.12 6.88
N SER D 401 -24.73 12.20 6.61
CA SER D 401 -25.90 12.00 7.45
C SER D 401 -25.59 11.03 8.58
N LEU D 402 -26.61 10.76 9.40
CA LEU D 402 -26.44 9.81 10.50
C LEU D 402 -26.20 8.39 9.98
N SER D 403 -26.87 8.02 8.90
CA SER D 403 -26.67 6.70 8.32
C SER D 403 -25.31 6.59 7.62
N ASP D 404 -24.71 7.71 7.24
CA ASP D 404 -23.38 7.68 6.63
C ASP D 404 -22.29 7.30 7.61
N LEU D 405 -22.57 7.35 8.91
CA LEU D 405 -21.61 6.93 9.92
C LEU D 405 -21.51 5.41 10.05
N LEU D 406 -22.34 4.67 9.32
CA LEU D 406 -22.36 3.21 9.41
C LEU D 406 -22.13 2.53 8.08
N LYS D 407 -22.01 3.27 6.98
CA LYS D 407 -21.98 2.70 5.65
C LYS D 407 -20.55 2.39 5.20
N GLY D 408 -20.35 1.20 4.65
CA GLY D 408 -19.15 0.85 3.91
C GLY D 408 -17.87 0.82 4.75
N LYS D 409 -16.75 1.00 4.03
CA LYS D 409 -15.44 0.91 4.65
C LYS D 409 -15.21 2.05 5.64
N GLN D 410 -15.77 3.22 5.38
CA GLN D 410 -15.58 4.36 6.26
C GLN D 410 -16.59 4.40 7.41
N GLY D 411 -17.65 3.60 7.33
CA GLY D 411 -18.65 3.56 8.39
C GLY D 411 -18.09 2.99 9.68
N ARG D 412 -18.93 3.07 10.73
CA ARG D 412 -18.47 2.68 12.06
C ARG D 412 -18.05 1.21 12.10
N PHE D 413 -18.77 0.35 11.39
CA PHE D 413 -18.52 -1.10 11.46
C PHE D 413 -17.15 -1.49 10.91
N ARG D 414 -16.96 -1.35 9.60
CA ARG D 414 -15.73 -1.82 8.97
C ARG D 414 -14.51 -0.97 9.31
N GLN D 415 -14.70 0.17 9.99
CA GLN D 415 -13.60 1.07 10.30
C GLN D 415 -13.22 1.10 11.76
N ASN D 416 -14.16 0.88 12.68
CA ASN D 416 -13.89 0.96 14.11
C ASN D 416 -14.34 -0.29 14.88
N LEU D 417 -14.91 -1.28 14.21
CA LEU D 417 -15.31 -2.53 14.85
C LEU D 417 -14.59 -3.72 14.27
N LEU D 418 -14.58 -3.87 12.94
CA LEU D 418 -13.82 -4.95 12.32
C LEU D 418 -12.32 -4.71 12.42
N GLY D 419 -11.90 -3.46 12.27
CA GLY D 419 -10.50 -3.11 12.39
C GLY D 419 -10.25 -1.97 13.35
N LYS D 420 -9.35 -2.16 14.30
CA LYS D 420 -9.02 -1.15 15.30
C LYS D 420 -7.51 -0.95 15.34
N ARG D 421 -7.10 0.26 15.69
CA ARG D 421 -5.70 0.54 15.99
C ARG D 421 -5.40 0.16 17.44
N VAL D 422 -4.27 -0.49 17.65
CA VAL D 422 -3.95 -1.08 18.96
C VAL D 422 -2.68 -0.44 19.50
N ASP D 423 -2.57 -0.43 20.83
CA ASP D 423 -1.34 -0.02 21.49
C ASP D 423 -0.34 -1.17 21.49
N TYR D 424 0.84 -0.91 22.03
CA TYR D 424 1.93 -1.88 22.09
C TYR D 424 2.21 -2.45 20.70
N SER D 425 2.30 -1.55 19.73
CA SER D 425 2.49 -1.93 18.34
C SER D 425 3.50 -0.98 17.69
N GLY D 426 4.28 -1.53 16.78
CA GLY D 426 5.26 -0.76 16.04
C GLY D 426 5.29 -1.18 14.58
N ARG D 427 6.12 -0.49 13.80
CA ARG D 427 6.26 -0.80 12.38
C ARG D 427 7.62 -0.31 11.90
N SER D 428 8.26 -1.12 11.06
CA SER D 428 9.55 -0.71 10.49
C SER D 428 9.85 -1.54 9.25
N VAL D 429 10.89 -1.11 8.52
CA VAL D 429 11.32 -1.79 7.32
C VAL D 429 11.93 -3.14 7.68
N ILE D 430 11.66 -4.16 6.88
CA ILE D 430 12.15 -5.50 7.14
C ILE D 430 13.45 -5.73 6.38
N VAL D 431 14.28 -6.61 6.94
CA VAL D 431 15.60 -6.90 6.42
C VAL D 431 15.88 -8.38 6.64
N VAL D 432 16.53 -9.02 5.65
CA VAL D 432 16.82 -10.45 5.77
C VAL D 432 17.77 -10.70 6.93
N GLY D 433 17.55 -11.81 7.63
CA GLY D 433 18.39 -12.21 8.73
C GLY D 433 18.77 -13.67 8.67
N PRO D 434 19.79 -14.01 7.87
CA PRO D 434 20.18 -15.42 7.75
C PRO D 434 20.74 -16.00 9.03
N GLN D 435 21.35 -15.16 9.88
CA GLN D 435 21.91 -15.65 11.13
C GLN D 435 20.83 -16.18 12.06
N LEU D 436 19.62 -15.62 11.99
CA LEU D 436 18.58 -15.95 12.95
C LEU D 436 18.02 -17.35 12.71
N LYS D 437 17.57 -17.97 13.78
CA LYS D 437 16.89 -19.25 13.68
C LYS D 437 15.44 -19.04 13.26
N LEU D 438 14.77 -20.15 12.92
CA LEU D 438 13.42 -20.05 12.35
C LEU D 438 12.43 -19.44 13.34
N HIS D 439 12.65 -19.63 14.64
CA HIS D 439 11.74 -19.13 15.66
C HIS D 439 12.13 -17.75 16.17
N GLN D 440 13.10 -17.09 15.53
CA GLN D 440 13.63 -15.83 16.01
C GLN D 440 13.37 -14.70 15.02
N CYS D 441 13.41 -13.48 15.52
CA CYS D 441 13.32 -12.29 14.69
C CYS D 441 14.14 -11.18 15.33
N GLY D 442 14.74 -10.35 14.50
CA GLY D 442 15.56 -9.26 15.00
C GLY D 442 14.87 -7.92 14.92
N LEU D 443 14.46 -7.38 16.06
CA LEU D 443 13.83 -6.07 16.10
C LEU D 443 14.75 -5.05 16.74
N PRO D 444 14.68 -3.78 16.33
CA PRO D 444 15.61 -2.77 16.84
C PRO D 444 15.47 -2.58 18.34
N LYS D 445 16.57 -2.13 18.96
CA LYS D 445 16.56 -1.87 20.39
C LYS D 445 15.62 -0.72 20.75
N LEU D 446 15.65 0.36 19.95
CA LEU D 446 14.81 1.51 20.22
C LEU D 446 13.33 1.16 20.10
N MET D 447 12.99 0.22 19.23
CA MET D 447 11.61 -0.25 19.14
C MET D 447 11.21 -1.03 20.39
N ALA D 448 12.07 -1.96 20.82
CA ALA D 448 11.76 -2.79 21.98
C ALA D 448 11.66 -1.96 23.26
N LEU D 449 12.48 -0.90 23.38
CA LEU D 449 12.42 -0.08 24.59
C LEU D 449 11.06 0.56 24.75
N GLU D 450 10.49 1.09 23.67
CA GLU D 450 9.16 1.69 23.74
C GLU D 450 8.08 0.63 23.84
N LEU D 451 8.24 -0.49 23.13
CA LEU D 451 7.23 -1.54 23.17
C LEU D 451 7.13 -2.17 24.55
N PHE D 452 8.28 -2.38 25.21
CA PHE D 452 8.33 -2.95 26.55
C PHE D 452 8.51 -1.89 27.63
N LYS D 453 8.03 -0.67 27.37
CA LYS D 453 8.28 0.44 28.30
C LYS D 453 7.78 0.18 29.71
N PRO D 454 6.53 -0.25 29.94
CA PRO D 454 6.10 -0.46 31.33
C PRO D 454 6.86 -1.57 32.03
N PHE D 455 7.15 -2.67 31.33
CA PHE D 455 7.95 -3.74 31.92
C PHE D 455 9.35 -3.25 32.26
N VAL D 456 9.93 -2.42 31.39
CA VAL D 456 11.26 -1.88 31.64
C VAL D 456 11.24 -0.97 32.88
N MET D 457 10.19 -0.16 33.02
CA MET D 457 10.07 0.68 34.21
C MET D 457 9.93 -0.17 35.47
N LYS D 458 9.14 -1.26 35.38
CA LYS D 458 9.00 -2.18 36.51
C LYS D 458 10.36 -2.72 36.94
N ARG D 459 11.13 -3.25 35.99
CA ARG D 459 12.43 -3.83 36.35
C ARG D 459 13.44 -2.76 36.75
N LEU D 460 13.29 -1.52 36.24
CA LEU D 460 14.18 -0.44 36.66
C LEU D 460 13.92 -0.06 38.10
N VAL D 461 12.66 -0.07 38.54
CA VAL D 461 12.38 0.21 39.94
C VAL D 461 12.64 -1.00 40.83
N ASP D 462 12.69 -2.21 40.26
CA ASP D 462 12.99 -3.39 41.07
C ASP D 462 14.48 -3.47 41.39
N LEU D 463 15.34 -3.37 40.37
CA LEU D 463 16.79 -3.45 40.57
C LEU D 463 17.37 -2.17 41.17
N ASN D 464 16.53 -1.23 41.59
CA ASN D 464 16.95 0.01 42.24
C ASN D 464 17.88 0.85 41.36
N HIS D 465 17.71 0.75 40.03
CA HIS D 465 18.30 1.74 39.16
C HIS D 465 17.51 3.05 39.19
N ALA D 466 16.24 2.98 39.59
CA ALA D 466 15.39 4.14 39.78
C ALA D 466 14.76 4.07 41.17
N GLN D 467 14.52 5.24 41.75
CA GLN D 467 13.94 5.30 43.09
C GLN D 467 12.49 4.85 43.07
N ASN D 468 11.67 5.48 42.24
CA ASN D 468 10.25 5.17 42.12
C ASN D 468 9.89 4.96 40.66
N ILE D 469 8.64 4.57 40.42
CA ILE D 469 8.17 4.35 39.06
C ILE D 469 8.11 5.67 38.29
N LYS D 470 7.81 6.77 38.99
CA LYS D 470 7.72 8.07 38.34
C LYS D 470 9.04 8.44 37.67
N SER D 471 10.15 8.28 38.39
CA SER D 471 11.46 8.53 37.81
C SER D 471 11.90 7.44 36.84
N ALA D 472 11.37 6.21 36.98
CA ALA D 472 11.69 5.17 36.02
C ALA D 472 11.15 5.52 34.65
N LYS D 473 9.95 6.11 34.60
CA LYS D 473 9.42 6.56 33.31
C LYS D 473 10.32 7.59 32.66
N ARG D 474 10.82 8.56 33.44
CA ARG D 474 11.73 9.55 32.90
C ARG D 474 13.04 8.91 32.45
N MET D 475 13.50 7.88 33.17
CA MET D 475 14.69 7.15 32.75
C MET D 475 14.49 6.52 31.39
N VAL D 476 13.34 5.89 31.17
CA VAL D 476 13.09 5.28 29.88
C VAL D 476 12.96 6.34 28.79
N GLU D 477 12.32 7.47 29.12
CA GLU D 477 12.14 8.52 28.12
C GLU D 477 13.45 9.18 27.72
N ARG D 478 14.40 9.29 28.66
CA ARG D 478 15.69 9.88 28.37
C ARG D 478 16.71 8.86 27.90
N GLN D 479 16.37 7.57 27.94
CA GLN D 479 17.25 6.49 27.48
C GLN D 479 18.56 6.47 28.25
N ARG D 480 18.44 6.29 29.56
CA ARG D 480 19.61 6.15 30.41
C ARG D 480 20.29 4.81 30.14
N PRO D 481 21.62 4.75 30.24
CA PRO D 481 22.36 3.54 29.82
C PRO D 481 21.96 2.26 30.55
N GLN D 482 21.26 2.34 31.68
CA GLN D 482 20.86 1.14 32.40
C GLN D 482 19.73 0.41 31.69
N VAL D 483 18.92 1.13 30.92
CA VAL D 483 17.75 0.53 30.28
C VAL D 483 18.17 -0.48 29.23
N TRP D 484 19.35 -0.33 28.64
CA TRP D 484 19.79 -1.29 27.63
C TRP D 484 20.18 -2.63 28.27
N ASP D 485 20.69 -2.59 29.50
CA ASP D 485 20.96 -3.83 30.22
C ASP D 485 19.69 -4.43 30.79
N VAL D 486 18.71 -3.61 31.14
CA VAL D 486 17.47 -4.14 31.71
C VAL D 486 16.56 -4.71 30.62
N LEU D 487 16.50 -4.07 29.46
CA LEU D 487 15.61 -4.49 28.38
C LEU D 487 15.95 -5.89 27.89
N GLU D 488 17.23 -6.26 27.93
CA GLU D 488 17.61 -7.62 27.55
C GLU D 488 16.97 -8.65 28.48
N GLU D 489 16.96 -8.36 29.78
CA GLU D 489 16.26 -9.22 30.73
C GLU D 489 14.76 -9.21 30.49
N VAL D 490 14.22 -8.07 30.06
CA VAL D 490 12.77 -7.94 29.92
C VAL D 490 12.24 -8.84 28.80
N ILE D 491 12.85 -8.76 27.62
CA ILE D 491 12.29 -9.39 26.42
C ILE D 491 12.61 -10.89 26.38
N ALA D 492 13.17 -11.43 27.46
CA ALA D 492 13.57 -12.82 27.50
C ALA D 492 12.39 -13.77 27.30
N GLU D 493 12.38 -14.49 26.17
CA GLU D 493 11.36 -15.49 25.86
C GLU D 493 9.94 -14.90 25.87
N HIS D 494 9.82 -13.62 25.55
CA HIS D 494 8.51 -12.98 25.44
C HIS D 494 8.16 -12.83 23.97
N PRO D 495 7.32 -13.70 23.40
CA PRO D 495 7.12 -13.69 21.95
C PRO D 495 6.43 -12.42 21.47
N VAL D 496 6.69 -12.08 20.21
CA VAL D 496 6.05 -10.95 19.55
C VAL D 496 5.41 -11.45 18.26
N LEU D 497 4.53 -10.62 17.70
CA LEU D 497 3.78 -10.98 16.49
C LEU D 497 4.22 -10.07 15.35
N LEU D 498 4.69 -10.67 14.27
CA LEU D 498 5.05 -9.94 13.06
C LEU D 498 3.96 -10.10 12.02
N ASN D 499 3.61 -9.00 11.35
CA ASN D 499 2.53 -8.96 10.39
C ASN D 499 2.91 -8.10 9.19
N ARG D 500 2.52 -8.53 8.00
CA ARG D 500 2.70 -7.76 6.78
C ARG D 500 1.38 -7.74 6.02
N ALA D 501 0.88 -6.54 5.77
CA ALA D 501 -0.32 -6.40 4.94
C ALA D 501 0.02 -6.55 3.47
N PRO D 502 -0.87 -7.16 2.66
CA PRO D 502 -2.17 -7.68 3.06
C PRO D 502 -2.11 -9.03 3.75
N THR D 503 -2.90 -9.21 4.80
CA THR D 503 -2.97 -10.47 5.53
C THR D 503 -3.93 -11.40 4.77
N LEU D 504 -3.39 -12.13 3.80
CA LEU D 504 -4.21 -13.00 2.97
C LEU D 504 -4.64 -14.26 3.73
N HIS D 505 -3.68 -15.02 4.25
CA HIS D 505 -3.95 -16.21 5.03
C HIS D 505 -3.44 -16.03 6.45
N ARG D 506 -3.67 -17.05 7.28
CA ARG D 506 -3.33 -16.94 8.70
C ARG D 506 -1.83 -16.87 8.95
N LEU D 507 -1.01 -17.38 8.03
CA LEU D 507 0.43 -17.26 8.18
C LEU D 507 0.93 -15.85 7.87
N GLY D 508 0.05 -14.93 7.48
CA GLY D 508 0.41 -13.54 7.33
C GLY D 508 0.73 -12.85 8.64
N ILE D 509 0.42 -13.47 9.77
CA ILE D 509 0.82 -13.01 11.09
C ILE D 509 1.45 -14.20 11.81
N GLN D 510 2.71 -14.04 12.23
CA GLN D 510 3.43 -15.15 12.85
C GLN D 510 4.17 -14.68 14.09
N ALA D 511 4.30 -15.57 15.06
CA ALA D 511 4.97 -15.25 16.31
C ALA D 511 6.44 -15.62 16.24
N PHE D 512 7.27 -14.79 16.87
CA PHE D 512 8.72 -14.97 16.87
C PHE D 512 9.28 -14.62 18.24
N GLU D 513 10.48 -15.13 18.51
CA GLU D 513 11.21 -14.77 19.72
C GLU D 513 12.09 -13.57 19.43
N PRO D 514 11.90 -12.44 20.10
CA PRO D 514 12.66 -11.24 19.76
C PRO D 514 14.11 -11.33 20.21
N MET D 515 15.00 -10.77 19.39
CA MET D 515 16.43 -10.71 19.70
C MET D 515 16.89 -9.28 19.47
N LEU D 516 17.38 -8.64 20.53
CA LEU D 516 17.81 -7.24 20.44
C LEU D 516 18.97 -7.08 19.46
N VAL D 517 18.71 -6.38 18.35
CA VAL D 517 19.73 -6.11 17.34
C VAL D 517 19.85 -4.60 17.17
N GLU D 518 21.05 -4.16 16.80
CA GLU D 518 21.27 -2.75 16.55
C GLU D 518 20.60 -2.34 15.25
N GLY D 519 20.68 -1.05 14.93
CA GLY D 519 20.03 -0.53 13.75
C GLY D 519 18.57 -0.17 13.99
N LYS D 520 17.88 0.14 12.90
CA LYS D 520 16.49 0.55 12.96
C LYS D 520 15.58 -0.29 12.07
N ALA D 521 16.05 -1.44 11.59
CA ALA D 521 15.26 -2.30 10.73
C ALA D 521 14.93 -3.60 11.44
N ILE D 522 13.85 -4.23 10.98
CA ILE D 522 13.41 -5.52 11.52
C ILE D 522 14.08 -6.64 10.71
N GLN D 523 14.74 -7.55 11.41
CA GLN D 523 15.40 -8.68 10.76
C GLN D 523 14.45 -9.87 10.73
N LEU D 524 14.11 -10.30 9.52
CA LEU D 524 13.15 -11.38 9.29
C LEU D 524 13.88 -12.63 8.82
N HIS D 525 13.34 -13.79 9.19
CA HIS D 525 13.95 -15.05 8.79
C HIS D 525 13.72 -15.30 7.30
N PRO D 526 14.71 -15.83 6.58
CA PRO D 526 14.56 -16.00 5.13
C PRO D 526 13.54 -17.07 4.73
N LEU D 527 13.17 -17.98 5.63
CA LEU D 527 12.25 -19.05 5.27
C LEU D 527 10.79 -18.63 5.35
N VAL D 528 10.44 -17.68 6.23
CA VAL D 528 9.06 -17.23 6.35
C VAL D 528 8.69 -16.18 5.31
N CYS D 529 9.61 -15.88 4.38
CA CYS D 529 9.31 -14.90 3.35
C CYS D 529 8.20 -15.36 2.41
N GLU D 530 8.06 -16.68 2.22
CA GLU D 530 7.01 -17.18 1.34
C GLU D 530 5.63 -16.99 1.95
N ALA D 531 5.51 -17.18 3.27
CA ALA D 531 4.21 -17.04 3.92
C ALA D 531 3.72 -15.59 3.88
N PHE D 532 4.62 -14.64 4.16
CA PHE D 532 4.24 -13.23 4.13
C PHE D 532 4.18 -12.66 2.72
N ASN D 533 4.67 -13.39 1.71
CA ASN D 533 4.81 -12.88 0.35
C ASN D 533 5.60 -11.56 0.37
N ALA D 534 6.64 -11.53 1.19
CA ALA D 534 7.40 -10.32 1.46
C ALA D 534 8.75 -10.37 0.75
N ASP D 535 8.94 -9.45 -0.18
CA ASP D 535 10.27 -9.21 -0.74
C ASP D 535 10.93 -8.05 0.03
N PHE D 536 12.24 -7.91 -0.18
CA PHE D 536 12.99 -6.89 0.55
C PHE D 536 13.33 -5.71 -0.37
N ASP D 537 12.31 -5.02 -0.85
CA ASP D 537 12.47 -3.86 -1.73
C ASP D 537 11.72 -2.66 -1.17
N GLY D 538 11.75 -2.51 0.14
CA GLY D 538 11.08 -1.42 0.81
C GLY D 538 9.84 -1.79 1.61
N ASP D 539 9.67 -3.07 1.95
CA ASP D 539 8.49 -3.51 2.69
C ASP D 539 8.61 -3.13 4.16
N GLN D 540 7.45 -2.90 4.78
CA GLN D 540 7.36 -2.61 6.20
C GLN D 540 6.48 -3.65 6.88
N MET D 541 6.83 -4.01 8.11
CA MET D 541 6.04 -4.93 8.91
C MET D 541 5.70 -4.30 10.25
N ALA D 542 4.60 -4.79 10.82
CA ALA D 542 4.10 -4.36 12.11
C ALA D 542 4.37 -5.41 13.17
N VAL D 543 4.65 -4.94 14.38
CA VAL D 543 4.97 -5.77 15.53
C VAL D 543 3.92 -5.52 16.60
N HIS D 544 3.34 -6.60 17.11
CA HIS D 544 2.35 -6.53 18.18
C HIS D 544 2.84 -7.33 19.38
N LEU D 545 2.68 -6.76 20.56
CA LEU D 545 3.19 -7.36 21.79
C LEU D 545 2.05 -7.94 22.60
N PRO D 546 1.94 -9.28 22.72
CA PRO D 546 0.92 -9.86 23.59
C PRO D 546 1.26 -9.63 25.06
N LEU D 547 0.27 -9.16 25.82
CA LEU D 547 0.47 -8.80 27.22
C LEU D 547 0.02 -9.89 28.18
N SER D 548 -1.20 -10.38 28.02
CA SER D 548 -1.74 -11.37 28.94
C SER D 548 -1.01 -12.71 28.77
N ALA D 549 -1.12 -13.54 29.81
CA ALA D 549 -0.49 -14.86 29.77
C ALA D 549 -1.12 -15.74 28.69
N GLU D 550 -2.45 -15.65 28.53
CA GLU D 550 -3.12 -16.44 27.50
C GLU D 550 -2.64 -16.03 26.12
N ALA D 551 -2.44 -14.74 25.89
CA ALA D 551 -1.96 -14.28 24.59
C ALA D 551 -0.54 -14.76 24.32
N GLN D 552 0.33 -14.71 25.34
CA GLN D 552 1.69 -15.21 25.17
C GLN D 552 1.67 -16.71 24.89
N ALA D 553 0.78 -17.46 25.54
CA ALA D 553 0.68 -18.89 25.27
C ALA D 553 0.18 -19.16 23.85
N GLU D 554 -0.82 -18.40 23.40
CA GLU D 554 -1.32 -18.57 22.04
C GLU D 554 -0.24 -18.27 21.01
N ALA D 555 0.59 -17.25 21.29
CA ALA D 555 1.70 -16.95 20.38
C ALA D 555 2.79 -18.01 20.46
N ARG D 556 3.00 -18.59 21.63
CA ARG D 556 4.08 -19.56 21.81
C ARG D 556 3.75 -20.89 21.15
N ILE D 557 2.49 -21.31 21.20
CA ILE D 557 2.09 -22.64 20.76
C ILE D 557 1.38 -22.60 19.41
N LEU D 558 0.39 -21.73 19.27
CA LEU D 558 -0.44 -21.71 18.07
C LEU D 558 0.16 -20.91 16.93
N MET D 559 0.83 -19.80 17.22
CA MET D 559 1.26 -18.86 16.20
C MET D 559 2.76 -18.84 15.97
N LEU D 560 3.52 -19.70 16.65
CA LEU D 560 4.97 -19.72 16.45
C LEU D 560 5.31 -20.18 15.04
N SER D 561 6.32 -19.52 14.45
CA SER D 561 6.68 -19.82 13.07
C SER D 561 7.20 -21.24 12.91
N SER D 562 7.87 -21.77 13.94
CA SER D 562 8.40 -23.12 13.87
C SER D 562 7.30 -24.18 13.91
N ASN D 563 6.11 -23.83 14.41
CA ASN D 563 4.99 -24.76 14.47
C ASN D 563 4.06 -24.63 13.27
N ASN D 564 4.44 -23.85 12.27
CA ASN D 564 3.62 -23.62 11.08
C ASN D 564 4.50 -23.68 9.83
N ILE D 565 5.08 -24.86 9.58
CA ILE D 565 5.93 -25.02 8.41
C ILE D 565 5.09 -25.32 7.18
N LEU D 566 4.01 -26.06 7.34
CA LEU D 566 3.18 -26.48 6.22
C LEU D 566 2.10 -25.44 5.93
N SER D 567 1.69 -25.39 4.67
CA SER D 567 0.59 -24.51 4.27
C SER D 567 -0.74 -25.11 4.74
N PRO D 568 -1.57 -24.34 5.46
CA PRO D 568 -2.88 -24.87 5.87
C PRO D 568 -3.82 -25.15 4.71
N ALA D 569 -3.45 -24.78 3.49
CA ALA D 569 -4.31 -24.96 2.33
C ALA D 569 -4.00 -26.24 1.58
N SER D 570 -2.72 -26.62 1.48
CA SER D 570 -2.30 -27.74 0.67
C SER D 570 -1.53 -28.81 1.43
N GLY D 571 -0.93 -28.49 2.57
CA GLY D 571 -0.14 -29.44 3.32
C GLY D 571 1.30 -29.53 2.91
N ARG D 572 1.69 -28.90 1.79
CA ARG D 572 3.07 -28.89 1.37
C ARG D 572 3.83 -27.76 2.07
N PRO D 573 5.12 -27.95 2.33
CA PRO D 573 5.86 -26.98 3.15
C PRO D 573 5.99 -25.63 2.45
N LEU D 574 6.15 -24.60 3.29
CA LEU D 574 6.42 -23.24 2.83
C LEU D 574 7.78 -22.73 3.29
N ALA D 575 8.16 -23.00 4.54
CA ALA D 575 9.48 -22.65 5.05
C ALA D 575 10.46 -23.69 4.53
N MET D 576 10.98 -23.44 3.32
CA MET D 576 11.90 -24.34 2.67
C MET D 576 12.86 -23.52 1.82
N PRO D 577 13.96 -24.10 1.36
CA PRO D 577 14.83 -23.40 0.40
C PRO D 577 14.04 -22.90 -0.80
N ARG D 578 14.28 -21.64 -1.17
CA ARG D 578 13.45 -20.98 -2.17
C ARG D 578 14.27 -20.41 -3.33
N LEU D 579 15.29 -19.61 -3.03
CA LEU D 579 16.07 -18.96 -4.09
C LEU D 579 17.55 -19.31 -3.98
N ASP D 580 18.29 -18.54 -3.18
CA ASP D 580 19.71 -18.81 -3.01
C ASP D 580 19.94 -20.18 -2.37
N MET D 581 19.07 -20.57 -1.45
CA MET D 581 19.27 -21.82 -0.71
C MET D 581 19.17 -23.03 -1.64
N VAL D 582 18.12 -23.08 -2.47
CA VAL D 582 17.95 -24.23 -3.35
C VAL D 582 19.03 -24.26 -4.42
N THR D 583 19.49 -23.09 -4.89
CA THR D 583 20.60 -23.06 -5.83
C THR D 583 21.88 -23.58 -5.20
N GLY D 584 22.18 -23.15 -3.97
CA GLY D 584 23.36 -23.64 -3.28
C GLY D 584 23.32 -25.12 -3.03
N LEU D 585 22.15 -25.65 -2.67
CA LEU D 585 22.03 -27.09 -2.49
C LEU D 585 22.10 -27.85 -3.80
N TYR D 586 21.57 -27.26 -4.88
CA TYR D 586 21.67 -27.86 -6.21
C TYR D 586 23.11 -27.89 -6.69
N TYR D 587 23.94 -26.96 -6.21
CA TYR D 587 25.34 -26.93 -6.62
C TYR D 587 26.07 -28.19 -6.15
N LEU D 588 26.17 -28.39 -4.83
CA LEU D 588 27.03 -29.46 -4.32
C LEU D 588 26.48 -30.85 -4.65
N THR D 589 25.17 -30.98 -4.84
CA THR D 589 24.57 -32.27 -5.19
C THR D 589 24.52 -32.51 -6.69
N THR D 590 25.50 -32.00 -7.43
CA THR D 590 25.59 -32.20 -8.87
C THR D 590 26.76 -33.13 -9.17
N GLU D 591 26.49 -34.16 -9.97
CA GLU D 591 27.52 -35.13 -10.35
C GLU D 591 28.19 -34.67 -11.64
N VAL D 592 29.47 -34.33 -11.56
CA VAL D 592 30.23 -33.80 -12.69
C VAL D 592 31.20 -34.88 -13.17
N PRO D 593 31.21 -35.21 -14.46
CA PRO D 593 32.12 -36.25 -14.94
C PRO D 593 33.59 -35.85 -14.86
N GLY D 594 34.01 -34.93 -15.73
CA GLY D 594 35.41 -34.55 -15.81
C GLY D 594 35.95 -33.77 -14.64
N ASP D 595 35.21 -33.74 -13.53
CA ASP D 595 35.65 -33.01 -12.35
C ASP D 595 36.90 -33.66 -11.76
N THR D 596 37.78 -32.83 -11.21
CA THR D 596 39.03 -33.32 -10.67
C THR D 596 38.81 -34.19 -9.44
N GLY D 597 39.69 -35.16 -9.24
CA GLY D 597 39.57 -36.08 -8.13
C GLY D 597 38.55 -37.17 -8.34
N GLU D 598 38.09 -37.40 -9.57
CA GLU D 598 37.06 -38.37 -9.84
C GLU D 598 37.61 -39.79 -9.69
N TYR D 599 36.70 -40.75 -9.59
CA TYR D 599 37.08 -42.15 -9.47
C TYR D 599 37.58 -42.70 -10.81
N GLN D 600 38.62 -43.52 -10.75
CA GLN D 600 39.18 -44.16 -11.92
C GLN D 600 39.31 -45.65 -11.66
N PRO D 601 38.87 -46.51 -12.58
CA PRO D 601 39.01 -47.95 -12.37
C PRO D 601 40.47 -48.38 -12.43
N ALA D 602 40.78 -49.43 -11.69
CA ALA D 602 42.14 -49.94 -11.60
C ALA D 602 42.59 -50.47 -12.96
N SER D 603 43.61 -49.85 -13.54
CA SER D 603 44.14 -50.25 -14.84
C SER D 603 45.65 -50.10 -14.82
N GLY D 604 46.35 -51.09 -15.36
CA GLY D 604 47.80 -51.09 -15.38
C GLY D 604 48.43 -51.29 -14.02
N ASP D 605 49.53 -50.58 -13.74
CA ASP D 605 50.23 -50.72 -12.48
C ASP D 605 49.57 -49.92 -11.35
N HIS D 606 48.77 -48.91 -11.67
CA HIS D 606 48.17 -48.16 -10.58
C HIS D 606 46.82 -48.76 -10.20
N PRO D 607 46.50 -48.81 -8.90
CA PRO D 607 45.20 -49.35 -8.47
C PRO D 607 44.05 -48.40 -8.76
N GLU D 608 42.98 -48.52 -7.99
CA GLU D 608 41.82 -47.66 -8.15
C GLU D 608 42.12 -46.28 -7.58
N THR D 609 41.95 -45.25 -8.40
CA THR D 609 42.17 -43.86 -8.00
C THR D 609 40.83 -43.21 -7.71
N GLY D 610 40.69 -42.61 -6.53
CA GLY D 610 39.49 -41.89 -6.18
C GLY D 610 38.57 -42.63 -5.22
N VAL D 611 39.16 -43.32 -4.25
CA VAL D 611 38.41 -44.02 -3.21
C VAL D 611 39.00 -43.60 -1.87
N TYR D 612 38.20 -42.95 -1.04
CA TYR D 612 38.65 -42.39 0.23
C TYR D 612 38.08 -43.18 1.39
N SER D 613 38.90 -43.35 2.43
CA SER D 613 38.49 -44.17 3.58
C SER D 613 37.42 -43.49 4.40
N SER D 614 37.47 -42.17 4.52
CA SER D 614 36.56 -41.42 5.37
C SER D 614 36.10 -40.17 4.63
N PRO D 615 34.88 -39.70 4.89
CA PRO D 615 34.48 -38.40 4.35
C PRO D 615 35.37 -37.26 4.84
N ALA D 616 35.98 -37.40 6.02
CA ALA D 616 36.96 -36.41 6.46
C ALA D 616 38.19 -36.43 5.57
N GLU D 617 38.59 -37.63 5.10
CA GLU D 617 39.69 -37.70 4.15
C GLU D 617 39.32 -37.03 2.82
N ALA D 618 38.07 -37.21 2.38
CA ALA D 618 37.62 -36.51 1.18
C ALA D 618 37.63 -35.00 1.40
N ILE D 619 37.28 -34.56 2.61
CA ILE D 619 37.32 -33.13 2.92
C ILE D 619 38.75 -32.61 2.85
N MET D 620 39.70 -33.37 3.40
CA MET D 620 41.11 -32.96 3.32
C MET D 620 41.60 -32.94 1.88
N ALA D 621 41.20 -33.92 1.07
CA ALA D 621 41.60 -33.96 -0.33
C ALA D 621 41.05 -32.76 -1.09
N ALA D 622 39.79 -32.40 -0.84
CA ALA D 622 39.23 -31.20 -1.46
C ALA D 622 39.88 -29.94 -0.91
N ASP D 623 40.38 -29.98 0.33
CA ASP D 623 41.08 -28.84 0.90
C ASP D 623 42.39 -28.57 0.17
N ARG D 624 43.19 -29.62 -0.02
CA ARG D 624 44.46 -29.42 -0.73
C ARG D 624 44.23 -28.98 -2.16
N GLY D 625 43.28 -29.60 -2.86
CA GLY D 625 42.98 -29.24 -4.22
C GLY D 625 42.98 -30.42 -5.17
N VAL D 626 42.94 -31.62 -4.61
CA VAL D 626 42.92 -32.85 -5.41
C VAL D 626 41.50 -33.24 -5.78
N LEU D 627 40.61 -33.26 -4.81
CA LEU D 627 39.23 -33.68 -5.01
C LEU D 627 38.31 -32.48 -5.16
N SER D 628 37.29 -32.63 -6.01
CA SER D 628 36.23 -31.64 -6.14
C SER D 628 35.00 -32.13 -5.38
N VAL D 629 34.29 -31.18 -4.78
CA VAL D 629 33.10 -31.51 -3.99
C VAL D 629 31.99 -32.10 -4.85
N ARG D 630 32.08 -31.98 -6.17
CA ARG D 630 31.05 -32.47 -7.08
C ARG D 630 31.55 -33.60 -7.98
N ALA D 631 32.58 -34.32 -7.55
CA ALA D 631 33.16 -35.40 -8.35
C ALA D 631 32.69 -36.75 -7.83
N LYS D 632 32.43 -37.68 -8.75
CA LYS D 632 31.97 -39.01 -8.39
C LYS D 632 33.12 -39.82 -7.81
N ILE D 633 32.96 -40.27 -6.56
CA ILE D 633 33.96 -41.03 -5.84
C ILE D 633 33.27 -42.10 -5.00
N LYS D 634 34.06 -43.03 -4.49
CA LYS D 634 33.60 -44.09 -3.60
C LYS D 634 34.10 -43.79 -2.20
N VAL D 635 33.16 -43.66 -1.25
CA VAL D 635 33.49 -43.29 0.12
C VAL D 635 32.91 -44.34 1.07
N ARG D 636 33.68 -44.66 2.11
CA ARG D 636 33.22 -45.52 3.20
C ARG D 636 32.54 -44.65 4.25
N LEU D 637 31.21 -44.74 4.33
CA LEU D 637 30.42 -43.98 5.26
C LEU D 637 30.14 -44.82 6.51
N THR D 638 30.03 -44.13 7.65
CA THR D 638 29.83 -44.79 8.93
C THR D 638 28.75 -44.17 9.81
N GLN D 639 28.20 -43.01 9.43
CA GLN D 639 27.19 -42.34 10.24
C GLN D 639 25.96 -41.96 9.44
N LEU D 640 25.74 -42.60 8.29
CA LEU D 640 24.57 -42.34 7.45
C LEU D 640 23.90 -43.66 7.13
N ARG D 641 22.59 -43.73 7.33
CA ARG D 641 21.87 -44.95 6.99
C ARG D 641 21.85 -45.12 5.47
N PRO D 642 22.27 -46.28 4.97
CA PRO D 642 22.19 -46.53 3.53
C PRO D 642 20.74 -46.55 3.07
N PRO D 643 20.49 -46.43 1.77
CA PRO D 643 19.12 -46.51 1.27
C PRO D 643 18.48 -47.84 1.67
N VAL D 644 17.17 -47.80 1.89
CA VAL D 644 16.43 -49.00 2.25
C VAL D 644 16.57 -50.09 1.18
N GLU D 645 16.94 -49.70 -0.04
CA GLU D 645 17.25 -50.68 -1.07
C GLU D 645 18.47 -51.50 -0.71
N ILE D 646 19.57 -50.83 -0.38
CA ILE D 646 20.84 -51.51 -0.13
C ILE D 646 21.04 -51.85 1.35
N GLU D 647 20.38 -51.13 2.26
CA GLU D 647 20.40 -51.51 3.67
C GLU D 647 19.87 -52.92 3.86
N ALA D 648 18.94 -53.35 3.00
CA ALA D 648 18.41 -54.71 3.09
C ALA D 648 19.47 -55.74 2.72
N GLU D 649 20.21 -55.50 1.63
CA GLU D 649 21.21 -56.48 1.21
C GLU D 649 22.42 -56.50 2.14
N LEU D 650 22.76 -55.36 2.75
CA LEU D 650 23.86 -55.34 3.70
C LEU D 650 23.42 -55.96 5.03
N PHE D 651 22.43 -55.36 5.68
CA PHE D 651 21.93 -55.87 6.95
C PHE D 651 20.57 -56.51 6.75
N GLY D 652 19.52 -55.70 6.64
CA GLY D 652 18.18 -56.21 6.39
C GLY D 652 17.52 -56.81 7.60
N HIS D 653 18.14 -57.84 8.18
CA HIS D 653 17.60 -58.47 9.38
C HIS D 653 17.49 -57.46 10.52
N SER D 654 18.46 -56.56 10.63
CA SER D 654 18.45 -55.50 11.62
C SER D 654 18.73 -54.18 10.93
N GLY D 655 18.15 -53.11 11.47
CA GLY D 655 18.40 -51.79 10.93
C GLY D 655 19.87 -51.42 11.03
N TRP D 656 20.31 -50.60 10.08
CA TRP D 656 21.69 -50.12 10.10
C TRP D 656 21.99 -49.41 11.41
N GLN D 657 23.19 -49.63 11.92
CA GLN D 657 23.54 -49.07 13.21
C GLN D 657 24.56 -47.96 13.08
N PRO D 658 24.41 -46.86 13.82
CA PRO D 658 25.42 -45.79 13.79
C PRO D 658 26.80 -46.31 14.19
N GLY D 659 27.68 -46.45 13.21
CA GLY D 659 28.99 -47.02 13.46
C GLY D 659 29.36 -48.05 12.40
N ASP D 660 28.35 -48.70 11.84
CA ASP D 660 28.58 -49.65 10.76
C ASP D 660 28.94 -48.91 9.48
N ALA D 661 29.83 -49.50 8.70
CA ALA D 661 30.37 -48.87 7.50
C ALA D 661 29.75 -49.47 6.24
N TRP D 662 29.78 -48.68 5.17
CA TRP D 662 29.28 -49.12 3.88
C TRP D 662 29.81 -48.20 2.79
N MET D 663 29.95 -48.74 1.58
CA MET D 663 30.50 -47.99 0.45
C MET D 663 29.40 -47.26 -0.30
N ALA D 664 29.75 -46.08 -0.83
CA ALA D 664 28.82 -45.28 -1.59
C ALA D 664 29.52 -44.63 -2.77
N GLU D 665 28.85 -44.64 -3.94
CA GLU D 665 29.34 -44.00 -5.15
C GLU D 665 28.64 -42.65 -5.30
N THR D 666 29.13 -41.65 -4.57
CA THR D 666 28.49 -40.34 -4.58
C THR D 666 29.52 -39.23 -4.76
N THR D 667 29.08 -37.98 -4.63
CA THR D 667 30.01 -36.86 -4.53
C THR D 667 30.15 -36.46 -3.07
N LEU D 668 31.25 -35.78 -2.76
CA LEU D 668 31.46 -35.28 -1.40
C LEU D 668 30.33 -34.33 -0.99
N GLY D 669 29.83 -33.54 -1.93
CA GLY D 669 28.76 -32.62 -1.63
C GLY D 669 27.47 -33.31 -1.26
N ARG D 670 27.18 -34.45 -1.89
CA ARG D 670 25.97 -35.19 -1.55
C ARG D 670 26.06 -35.78 -0.14
N VAL D 671 27.25 -36.21 0.27
CA VAL D 671 27.45 -36.68 1.64
C VAL D 671 27.27 -35.53 2.62
N MET D 672 27.87 -34.38 2.31
CA MET D 672 27.68 -33.20 3.16
C MET D 672 26.21 -32.81 3.26
N PHE D 673 25.46 -32.99 2.19
CA PHE D 673 24.03 -32.69 2.22
C PHE D 673 23.29 -33.68 3.11
N ASN D 674 23.54 -34.98 2.92
CA ASN D 674 22.87 -35.99 3.74
C ASN D 674 23.25 -35.89 5.21
N GLU D 675 24.36 -35.23 5.53
CA GLU D 675 24.73 -35.05 6.93
C GLU D 675 23.77 -34.15 7.69
N LEU D 676 22.79 -33.53 7.03
CA LEU D 676 21.90 -32.57 7.66
C LEU D 676 20.51 -33.11 7.95
N LEU D 677 20.18 -34.30 7.47
CA LEU D 677 18.82 -34.82 7.52
C LEU D 677 18.38 -35.25 8.92
N PRO D 678 19.23 -35.93 9.72
CA PRO D 678 20.55 -36.53 9.52
C PRO D 678 20.55 -38.05 9.68
N LEU D 679 21.03 -38.53 10.84
CA LEU D 679 21.08 -39.96 11.11
C LEU D 679 19.67 -40.53 11.18
N GLY D 680 19.57 -41.83 10.90
CA GLY D 680 18.29 -42.50 10.88
C GLY D 680 17.47 -42.28 9.63
N TYR D 681 17.88 -41.37 8.76
CA TYR D 681 17.17 -41.12 7.52
C TYR D 681 17.89 -41.77 6.35
N PRO D 682 17.16 -42.44 5.46
CA PRO D 682 17.79 -43.14 4.34
C PRO D 682 18.57 -42.19 3.44
N PHE D 683 19.74 -42.63 3.01
CA PHE D 683 20.59 -41.82 2.13
C PHE D 683 19.92 -41.64 0.78
N VAL D 684 20.03 -40.43 0.24
CA VAL D 684 19.50 -40.10 -1.08
C VAL D 684 20.64 -39.60 -1.95
N ASN D 685 20.88 -40.27 -3.07
CA ASN D 685 21.97 -39.95 -3.98
C ASN D 685 21.49 -39.12 -5.17
N LYS D 686 20.37 -38.42 -5.03
CA LYS D 686 19.79 -37.66 -6.13
C LYS D 686 20.44 -36.28 -6.25
N GLN D 687 20.05 -35.56 -7.30
CA GLN D 687 20.44 -34.16 -7.46
C GLN D 687 19.33 -33.29 -6.86
N MET D 688 19.70 -32.41 -5.93
CA MET D 688 18.72 -31.69 -5.13
C MET D 688 18.09 -30.57 -5.96
N HIS D 689 17.05 -30.93 -6.70
CA HIS D 689 16.15 -29.96 -7.28
C HIS D 689 15.16 -29.49 -6.21
N LYS D 690 14.46 -28.38 -6.49
CA LYS D 690 13.50 -27.87 -5.53
C LYS D 690 12.40 -28.90 -5.25
N LYS D 691 11.98 -29.64 -6.28
CA LYS D 691 10.98 -30.68 -6.07
C LYS D 691 11.51 -31.78 -5.16
N VAL D 692 12.78 -32.15 -5.33
CA VAL D 692 13.37 -33.20 -4.49
C VAL D 692 13.41 -32.76 -3.04
N GLN D 693 13.88 -31.53 -2.79
CA GLN D 693 13.95 -31.02 -1.43
C GLN D 693 12.56 -30.87 -0.82
N ALA D 694 11.58 -30.46 -1.62
CA ALA D 694 10.21 -30.32 -1.12
C ALA D 694 9.63 -31.67 -0.74
N ALA D 695 9.87 -32.70 -1.56
CA ALA D 695 9.42 -34.04 -1.21
C ALA D 695 10.09 -34.54 0.06
N ILE D 696 11.40 -34.26 0.21
CA ILE D 696 12.11 -34.66 1.42
C ILE D 696 11.50 -34.01 2.64
N ILE D 697 11.22 -32.70 2.55
CA ILE D 697 10.67 -31.99 3.71
C ILE D 697 9.25 -32.44 4.00
N ASN D 698 8.47 -32.77 2.97
CA ASN D 698 7.12 -33.29 3.20
C ASN D 698 7.18 -34.63 3.92
N ASP D 699 8.08 -35.51 3.48
CA ASP D 699 8.24 -36.80 4.14
C ASP D 699 8.75 -36.63 5.57
N LEU D 700 9.58 -35.61 5.81
CA LEU D 700 10.02 -35.33 7.17
C LEU D 700 8.87 -34.86 8.05
N ALA D 701 7.99 -34.02 7.49
CA ALA D 701 6.84 -33.54 8.24
C ALA D 701 5.86 -34.67 8.55
N GLU D 702 5.76 -35.65 7.65
CA GLU D 702 4.82 -36.75 7.89
C GLU D 702 5.33 -37.69 8.98
N ARG D 703 6.61 -38.09 8.89
CA ARG D 703 7.16 -39.08 9.80
C ARG D 703 7.82 -38.45 11.03
N TYR D 704 8.83 -37.62 10.81
CA TYR D 704 9.60 -37.05 11.91
C TYR D 704 8.83 -35.91 12.59
N PRO D 705 9.12 -35.65 13.88
CA PRO D 705 8.35 -34.62 14.61
C PRO D 705 8.61 -33.20 14.12
N MET D 706 7.96 -32.23 14.76
CA MET D 706 7.99 -30.85 14.27
C MET D 706 9.33 -30.18 14.53
N ILE D 707 9.86 -30.30 15.75
CA ILE D 707 11.10 -29.62 16.10
C ILE D 707 12.25 -30.09 15.22
N VAL D 708 12.25 -31.38 14.89
CA VAL D 708 13.28 -31.91 13.99
C VAL D 708 13.15 -31.28 12.61
N VAL D 709 11.93 -31.11 12.13
CA VAL D 709 11.71 -30.49 10.82
C VAL D 709 12.24 -29.06 10.81
N ALA D 710 11.94 -28.31 11.88
CA ALA D 710 12.38 -26.92 11.96
C ALA D 710 13.90 -26.83 11.97
N GLN D 711 14.55 -27.62 12.82
CA GLN D 711 16.02 -27.56 12.90
C GLN D 711 16.66 -28.04 11.61
N THR D 712 16.06 -29.04 10.96
CA THR D 712 16.60 -29.53 9.70
C THR D 712 16.52 -28.47 8.61
N VAL D 713 15.39 -27.77 8.53
CA VAL D 713 15.27 -26.75 7.48
C VAL D 713 16.17 -25.55 7.80
N ASP D 714 16.45 -25.29 9.08
CA ASP D 714 17.43 -24.26 9.41
C ASP D 714 18.83 -24.66 8.92
N LYS D 715 19.22 -25.92 9.17
CA LYS D 715 20.48 -26.42 8.63
C LYS D 715 20.54 -26.27 7.12
N LEU D 716 19.44 -26.62 6.44
CA LEU D 716 19.38 -26.51 4.99
C LEU D 716 19.54 -25.06 4.54
N LYS D 717 18.90 -24.13 5.24
CA LYS D 717 19.05 -22.71 4.93
C LYS D 717 20.52 -22.30 4.99
N ASP D 718 21.19 -22.62 6.11
CA ASP D 718 22.58 -22.20 6.28
C ASP D 718 23.47 -22.79 5.19
N ALA D 719 23.34 -24.10 4.94
CA ALA D 719 24.20 -24.74 3.94
C ALA D 719 23.92 -24.21 2.54
N GLY D 720 22.65 -23.99 2.21
CA GLY D 720 22.30 -23.47 0.90
C GLY D 720 22.86 -22.09 0.66
N PHE D 721 22.80 -21.22 1.68
CA PHE D 721 23.41 -19.91 1.54
C PHE D 721 24.93 -20.02 1.35
N TYR D 722 25.58 -20.84 2.19
CA TYR D 722 27.02 -21.00 2.10
C TYR D 722 27.45 -21.40 0.70
N TRP D 723 26.78 -22.40 0.12
CA TRP D 723 27.20 -22.88 -1.19
C TRP D 723 26.61 -22.11 -2.36
N ALA D 724 25.60 -21.27 -2.12
CA ALA D 724 25.17 -20.33 -3.15
C ALA D 724 26.16 -19.18 -3.28
N THR D 725 26.85 -18.84 -2.18
CA THR D 725 27.92 -17.85 -2.29
C THR D 725 29.04 -18.33 -3.20
N ARG D 726 29.30 -19.64 -3.22
CA ARG D 726 30.44 -20.20 -3.94
C ARG D 726 30.02 -21.06 -5.13
N SER D 727 28.81 -20.84 -5.66
CA SER D 727 28.36 -21.57 -6.84
C SER D 727 28.66 -20.84 -8.14
N GLY D 728 29.27 -19.66 -8.07
CA GLY D 728 29.62 -18.92 -9.28
C GLY D 728 28.45 -18.42 -10.07
N VAL D 729 27.26 -18.37 -9.46
CA VAL D 729 26.07 -17.89 -10.16
C VAL D 729 26.21 -16.39 -10.41
N THR D 730 26.34 -16.01 -11.68
CA THR D 730 26.57 -14.62 -12.04
C THR D 730 25.96 -14.35 -13.41
N VAL D 731 25.49 -13.13 -13.62
CA VAL D 731 24.92 -12.70 -14.89
C VAL D 731 25.85 -11.69 -15.52
N SER D 732 26.31 -11.98 -16.74
CA SER D 732 27.10 -11.07 -17.54
C SER D 732 26.53 -11.06 -18.95
N MET D 733 27.01 -10.09 -19.76
CA MET D 733 26.58 -10.05 -21.15
C MET D 733 27.08 -11.27 -21.92
N ALA D 734 28.19 -11.86 -21.49
CA ALA D 734 28.70 -13.06 -22.15
C ALA D 734 27.83 -14.27 -21.84
N ASP D 735 27.30 -14.35 -20.62
CA ASP D 735 26.43 -15.46 -20.26
C ASP D 735 25.10 -15.43 -21.01
N VAL D 736 24.70 -14.27 -21.52
CA VAL D 736 23.49 -14.15 -22.32
C VAL D 736 23.82 -14.56 -23.75
N LEU D 737 23.77 -15.86 -24.03
CA LEU D 737 24.10 -16.37 -25.35
C LEU D 737 22.92 -16.17 -26.30
N VAL D 738 23.23 -15.72 -27.51
CA VAL D 738 22.20 -15.43 -28.52
C VAL D 738 22.05 -16.65 -29.42
N PRO D 739 20.86 -16.90 -29.97
CA PRO D 739 20.66 -18.08 -30.83
C PRO D 739 21.59 -18.06 -32.03
N PRO D 740 22.18 -19.21 -32.39
CA PRO D 740 23.09 -19.23 -33.53
C PRO D 740 22.40 -19.02 -34.86
N ARG D 741 21.16 -19.49 -35.02
CA ARG D 741 20.42 -19.38 -36.27
C ARG D 741 19.33 -18.31 -36.19
N LYS D 742 19.56 -17.25 -35.42
CA LYS D 742 18.55 -16.20 -35.26
C LYS D 742 18.11 -15.64 -36.61
N LYS D 743 19.08 -15.19 -37.41
CA LYS D 743 18.78 -14.60 -38.72
C LYS D 743 18.05 -15.57 -39.63
N GLU D 744 18.51 -16.83 -39.69
CA GLU D 744 17.89 -17.79 -40.62
C GLU D 744 16.45 -18.09 -40.24
N ILE D 745 16.20 -18.33 -38.95
CA ILE D 745 14.84 -18.57 -38.47
C ILE D 745 13.94 -17.38 -38.79
N LEU D 746 14.36 -16.19 -38.39
CA LEU D 746 13.51 -15.02 -38.61
C LEU D 746 13.32 -14.75 -40.10
N ASP D 747 14.29 -15.12 -40.94
CA ASP D 747 14.15 -14.91 -42.38
C ASP D 747 13.17 -15.89 -43.00
N HIS D 748 13.21 -17.15 -42.57
CA HIS D 748 12.19 -18.11 -43.00
C HIS D 748 10.80 -17.59 -42.66
N TYR D 749 10.61 -17.13 -41.43
CA TYR D 749 9.25 -16.72 -41.06
C TYR D 749 8.90 -15.36 -41.67
N GLU D 750 9.89 -14.53 -41.99
CA GLU D 750 9.60 -13.29 -42.72
C GLU D 750 9.19 -13.59 -44.16
N GLU D 751 9.80 -14.62 -44.76
CA GLU D 751 9.35 -15.08 -46.08
C GLU D 751 7.89 -15.52 -46.03
N ARG D 752 7.55 -16.34 -45.04
CA ARG D 752 6.16 -16.78 -44.92
C ARG D 752 5.22 -15.61 -44.66
N ALA D 753 5.63 -14.64 -43.85
CA ALA D 753 4.80 -13.48 -43.57
C ALA D 753 4.61 -12.61 -44.80
N ASP D 754 5.67 -12.46 -45.61
CA ASP D 754 5.55 -11.71 -46.86
C ASP D 754 4.63 -12.42 -47.85
N LYS D 755 4.66 -13.75 -47.85
CA LYS D 755 3.74 -14.50 -48.71
C LYS D 755 2.29 -14.33 -48.25
N VAL D 756 2.06 -14.31 -46.94
CA VAL D 756 0.70 -14.09 -46.45
C VAL D 756 0.26 -12.65 -46.69
N GLU D 757 1.19 -11.70 -46.62
CA GLU D 757 0.86 -10.31 -46.95
C GLU D 757 0.57 -10.14 -48.43
N LYS D 758 1.23 -10.93 -49.29
CA LYS D 758 0.89 -10.90 -50.71
C LYS D 758 -0.40 -11.64 -51.01
N GLN D 759 -0.74 -12.64 -50.20
CA GLN D 759 -2.04 -13.30 -50.34
C GLN D 759 -3.17 -12.41 -49.85
N PHE D 760 -2.86 -11.38 -49.06
CA PHE D 760 -3.82 -10.36 -48.70
C PHE D 760 -3.86 -9.21 -49.70
N GLN D 761 -2.81 -9.06 -50.52
CA GLN D 761 -2.81 -8.02 -51.54
C GLN D 761 -3.78 -8.34 -52.66
N ARG D 762 -3.91 -9.61 -53.01
CA ARG D 762 -4.86 -10.03 -54.04
C ARG D 762 -6.26 -10.25 -53.51
N GLY D 763 -6.49 -10.05 -52.22
CA GLY D 763 -7.81 -10.22 -51.63
C GLY D 763 -8.22 -11.65 -51.37
N ALA D 764 -7.30 -12.60 -51.44
CA ALA D 764 -7.64 -14.00 -51.20
C ALA D 764 -7.82 -14.30 -49.72
N LEU D 765 -7.34 -13.43 -48.83
CA LEU D 765 -7.48 -13.60 -47.39
C LEU D 765 -8.24 -12.43 -46.81
N ASN D 766 -9.21 -12.73 -45.94
CA ASN D 766 -9.94 -11.68 -45.24
C ASN D 766 -9.01 -10.96 -44.27
N HIS D 767 -9.31 -9.68 -44.03
CA HIS D 767 -8.49 -8.89 -43.12
C HIS D 767 -8.52 -9.48 -41.71
N ASP D 768 -9.67 -10.02 -41.30
CA ASP D 768 -9.76 -10.68 -40.01
C ASP D 768 -9.01 -12.01 -39.98
N GLU D 769 -8.77 -12.60 -41.15
CA GLU D 769 -8.03 -13.85 -41.24
C GLU D 769 -6.53 -13.65 -41.41
N ARG D 770 -6.13 -12.53 -42.03
CA ARG D 770 -4.71 -12.24 -42.19
C ARG D 770 -4.01 -12.14 -40.84
N ASN D 771 -4.65 -11.47 -39.88
CA ASN D 771 -4.05 -11.31 -38.56
C ASN D 771 -3.89 -12.66 -37.87
N GLU D 772 -4.90 -13.53 -37.96
CA GLU D 772 -4.79 -14.84 -37.32
C GLU D 772 -3.70 -15.69 -37.98
N ALA D 773 -3.62 -15.65 -39.31
CA ALA D 773 -2.56 -16.38 -40.02
C ALA D 773 -1.17 -15.89 -39.60
N LEU D 774 -0.96 -14.57 -39.59
CA LEU D 774 0.34 -14.05 -39.16
C LEU D 774 0.62 -14.37 -37.71
N VAL D 775 -0.42 -14.39 -36.87
CA VAL D 775 -0.25 -14.75 -35.47
C VAL D 775 0.27 -16.18 -35.35
N GLU D 776 -0.32 -17.10 -36.11
CA GLU D 776 0.18 -18.48 -36.07
C GLU D 776 1.61 -18.56 -36.60
N ILE D 777 1.91 -17.79 -37.64
CA ILE D 777 3.28 -17.77 -38.19
C ILE D 777 4.27 -17.40 -37.10
N TRP D 778 4.03 -16.28 -36.42
CA TRP D 778 4.99 -15.80 -35.44
C TRP D 778 4.99 -16.65 -34.17
N LYS D 779 3.86 -17.29 -33.84
CA LYS D 779 3.87 -18.22 -32.72
C LYS D 779 4.72 -19.45 -33.00
N GLU D 780 4.76 -19.88 -34.27
CA GLU D 780 5.67 -20.95 -34.65
C GLU D 780 7.13 -20.46 -34.60
N ALA D 781 7.36 -19.24 -35.09
CA ALA D 781 8.72 -18.67 -35.09
C ALA D 781 9.30 -18.58 -33.68
N THR D 782 8.51 -18.09 -32.72
CA THR D 782 9.01 -17.96 -31.35
C THR D 782 9.39 -19.31 -30.75
N ASP D 783 8.61 -20.35 -31.06
CA ASP D 783 8.96 -21.70 -30.62
C ASP D 783 10.28 -22.15 -31.22
N GLU D 784 10.47 -21.90 -32.52
CA GLU D 784 11.75 -22.29 -33.13
C GLU D 784 12.91 -21.56 -32.47
N VAL D 785 12.72 -20.29 -32.12
CA VAL D 785 13.80 -19.52 -31.50
C VAL D 785 14.12 -20.06 -30.11
N GLY D 786 13.09 -20.33 -29.32
CA GLY D 786 13.32 -20.88 -27.98
C GLY D 786 13.98 -22.25 -28.03
N GLN D 787 13.61 -23.06 -29.01
CA GLN D 787 14.25 -24.37 -29.15
C GLN D 787 15.71 -24.23 -29.54
N ALA D 788 16.03 -23.24 -30.38
CA ALA D 788 17.44 -22.97 -30.66
C ALA D 788 18.18 -22.59 -29.38
N LEU D 789 17.57 -21.74 -28.56
CA LEU D 789 18.18 -21.33 -27.31
C LEU D 789 18.46 -22.51 -26.39
N ARG D 790 17.49 -23.43 -26.25
CA ARG D 790 17.65 -24.54 -25.31
C ARG D 790 18.89 -25.36 -25.63
N GLU D 791 19.08 -25.72 -26.90
CA GLU D 791 20.20 -26.58 -27.26
C GLU D 791 21.51 -25.80 -27.37
N HIS D 792 21.45 -24.51 -27.70
CA HIS D 792 22.68 -23.74 -27.77
C HIS D 792 23.26 -23.48 -26.38
N TYR D 793 22.39 -23.27 -25.39
CA TYR D 793 22.86 -22.93 -24.05
C TYR D 793 23.44 -24.16 -23.36
N PRO D 794 24.65 -24.09 -22.83
CA PRO D 794 25.17 -25.19 -22.02
C PRO D 794 24.49 -25.22 -20.65
N ASP D 795 24.73 -26.30 -19.92
CA ASP D 795 24.20 -26.42 -18.57
C ASP D 795 25.11 -25.76 -17.53
N ASP D 796 26.28 -25.29 -17.93
CA ASP D 796 27.13 -24.51 -17.04
C ASP D 796 26.73 -23.04 -16.99
N ASN D 797 25.99 -22.57 -17.99
CA ASN D 797 25.57 -21.18 -18.04
C ASN D 797 24.70 -20.84 -16.84
N PRO D 798 25.04 -19.81 -16.06
CA PRO D 798 24.28 -19.53 -14.84
C PRO D 798 22.83 -19.16 -15.07
N ILE D 799 22.53 -18.50 -16.20
CA ILE D 799 21.13 -18.16 -16.50
C ILE D 799 20.29 -19.42 -16.64
N ILE D 800 20.88 -20.49 -17.19
CA ILE D 800 20.16 -21.75 -17.31
C ILE D 800 20.16 -22.48 -15.98
N THR D 801 21.24 -22.37 -15.21
CA THR D 801 21.30 -23.06 -13.91
C THR D 801 20.23 -22.54 -12.96
N ILE D 802 20.06 -21.21 -12.90
CA ILE D 802 19.08 -20.62 -12.00
C ILE D 802 17.69 -21.15 -12.31
N VAL D 803 17.31 -21.18 -13.59
CA VAL D 803 15.96 -21.59 -13.96
C VAL D 803 15.79 -23.09 -13.82
N ASP D 804 16.80 -23.87 -14.20
CA ASP D 804 16.70 -25.33 -14.09
C ASP D 804 16.61 -25.78 -12.65
N SER D 805 17.25 -25.06 -11.72
CA SER D 805 17.12 -25.40 -10.31
C SER D 805 15.69 -25.25 -9.82
N GLY D 806 14.86 -24.48 -10.54
CA GLY D 806 13.51 -24.22 -10.10
C GLY D 806 13.37 -23.11 -9.09
N ALA D 807 14.48 -22.46 -8.72
CA ALA D 807 14.43 -21.39 -7.73
C ALA D 807 13.55 -20.24 -8.20
N THR D 808 13.83 -19.70 -9.38
CA THR D 808 13.11 -18.53 -9.88
C THR D 808 13.26 -18.46 -11.38
N GLY D 809 12.39 -17.67 -12.00
CA GLY D 809 12.44 -17.42 -13.42
C GLY D 809 11.95 -18.56 -14.29
N ASN D 810 11.36 -18.22 -15.43
CA ASN D 810 10.95 -19.19 -16.43
C ASN D 810 11.95 -19.20 -17.58
N PHE D 811 11.81 -20.17 -18.47
CA PHE D 811 12.58 -20.13 -19.70
C PHE D 811 11.96 -19.19 -20.72
N THR D 812 10.69 -18.82 -20.57
CA THR D 812 10.11 -17.78 -21.39
C THR D 812 10.81 -16.45 -21.14
N GLN D 813 11.17 -16.19 -19.88
CA GLN D 813 11.94 -15.00 -19.56
C GLN D 813 13.31 -15.03 -20.22
N THR D 814 13.97 -16.19 -20.21
CA THR D 814 15.27 -16.31 -20.86
C THR D 814 15.13 -16.17 -22.38
N ARG D 815 14.03 -16.64 -22.95
CA ARG D 815 13.80 -16.50 -24.38
C ARG D 815 13.58 -15.04 -24.77
N THR D 816 12.80 -14.31 -23.96
CA THR D 816 12.68 -12.87 -24.16
C THR D 816 14.02 -12.18 -23.94
N LEU D 817 14.86 -12.74 -23.09
CA LEU D 817 16.15 -12.14 -22.76
C LEU D 817 17.12 -12.25 -23.93
N ALA D 818 17.24 -13.44 -24.51
CA ALA D 818 18.23 -13.72 -25.55
C ALA D 818 17.63 -13.93 -26.93
N GLY D 819 16.48 -14.59 -27.03
CA GLY D 819 15.90 -14.87 -28.33
C GLY D 819 15.08 -13.73 -28.89
N MET D 820 13.82 -13.64 -28.47
CA MET D 820 12.93 -12.60 -28.97
C MET D 820 11.77 -12.42 -28.01
N LYS D 821 11.22 -11.21 -27.98
CA LYS D 821 10.06 -10.93 -27.14
C LYS D 821 8.82 -11.64 -27.67
N GLY D 822 8.61 -11.59 -28.98
CA GLY D 822 7.46 -12.23 -29.59
C GLY D 822 6.30 -11.27 -29.81
N LEU D 823 5.13 -11.86 -30.01
CA LEU D 823 3.92 -11.06 -30.21
C LEU D 823 3.55 -10.33 -28.93
N VAL D 824 3.41 -9.01 -29.02
CA VAL D 824 3.01 -8.19 -27.89
C VAL D 824 1.54 -7.81 -28.06
N THR D 825 0.90 -7.48 -26.95
CA THR D 825 -0.54 -7.20 -26.92
C THR D 825 -0.80 -5.71 -26.84
N ASN D 826 -1.75 -5.25 -27.64
CA ASN D 826 -2.26 -3.88 -27.56
C ASN D 826 -3.37 -3.81 -26.51
N PRO D 827 -3.80 -2.62 -26.10
CA PRO D 827 -4.82 -2.53 -25.04
C PRO D 827 -6.15 -3.12 -25.44
N LYS D 828 -6.34 -3.46 -26.72
CA LYS D 828 -7.54 -4.17 -27.12
C LYS D 828 -7.57 -5.56 -26.51
N GLY D 829 -6.54 -6.36 -26.78
CA GLY D 829 -6.45 -7.70 -26.23
C GLY D 829 -5.77 -8.68 -27.17
N GLU D 830 -6.09 -8.59 -28.45
CA GLU D 830 -5.51 -9.49 -29.44
C GLU D 830 -4.05 -9.13 -29.70
N PHE D 831 -3.29 -10.11 -30.18
CA PHE D 831 -1.88 -9.89 -30.46
C PHE D 831 -1.70 -9.04 -31.70
N ILE D 832 -0.66 -8.21 -31.67
CA ILE D 832 -0.34 -7.33 -32.81
C ILE D 832 0.13 -8.19 -33.97
N PRO D 833 -0.30 -7.92 -35.21
CA PRO D 833 0.16 -8.74 -36.34
C PRO D 833 1.66 -8.67 -36.60
N ARG D 834 2.39 -7.80 -35.90
CA ARG D 834 3.83 -7.70 -36.05
C ARG D 834 4.50 -7.93 -34.70
N PRO D 835 5.38 -8.91 -34.56
CA PRO D 835 6.01 -9.19 -33.28
C PRO D 835 7.25 -8.33 -33.05
N VAL D 836 7.72 -8.35 -31.80
CA VAL D 836 8.98 -7.70 -31.43
C VAL D 836 10.08 -8.72 -31.70
N LYS D 837 10.72 -8.60 -32.87
CA LYS D 837 11.73 -9.57 -33.26
C LYS D 837 13.00 -9.46 -32.43
N SER D 838 13.37 -8.25 -32.03
CA SER D 838 14.59 -8.05 -31.28
C SER D 838 14.43 -8.53 -29.83
N SER D 839 15.52 -8.99 -29.25
CA SER D 839 15.56 -9.38 -27.86
C SER D 839 16.07 -8.22 -27.01
N PHE D 840 15.87 -8.33 -25.69
CA PHE D 840 16.36 -7.30 -24.79
C PHE D 840 17.88 -7.28 -24.70
N ARG D 841 18.54 -8.37 -25.09
CA ARG D 841 20.00 -8.33 -25.20
C ARG D 841 20.43 -7.55 -26.43
N GLU D 842 19.74 -7.76 -27.55
CA GLU D 842 20.06 -7.03 -28.78
C GLU D 842 19.70 -5.55 -28.64
N GLY D 843 18.46 -5.27 -28.21
CA GLY D 843 18.02 -3.90 -28.06
C GLY D 843 16.83 -3.57 -28.94
N LEU D 844 15.70 -3.25 -28.31
CA LEU D 844 14.50 -2.92 -29.06
C LEU D 844 14.64 -1.57 -29.74
N THR D 845 13.93 -1.40 -30.85
CA THR D 845 13.89 -0.11 -31.53
C THR D 845 12.86 0.80 -30.86
N VAL D 846 12.66 1.97 -31.43
CA VAL D 846 11.73 2.94 -30.86
C VAL D 846 10.29 2.40 -30.95
N LEU D 847 9.88 2.00 -32.14
CA LEU D 847 8.50 1.55 -32.34
C LEU D 847 8.23 0.24 -31.60
N GLU D 848 9.23 -0.64 -31.50
CA GLU D 848 9.06 -1.90 -30.78
C GLU D 848 8.80 -1.63 -29.30
N TYR D 849 9.57 -0.71 -28.70
CA TYR D 849 9.35 -0.34 -27.31
C TYR D 849 7.97 0.28 -27.14
N PHE D 850 7.60 1.18 -28.05
CA PHE D 850 6.30 1.84 -27.96
C PHE D 850 5.16 0.84 -28.02
N ILE D 851 5.28 -0.20 -28.85
CA ILE D 851 4.20 -1.18 -28.93
C ILE D 851 4.22 -2.12 -27.73
N ASN D 852 5.41 -2.38 -27.14
CA ASN D 852 5.45 -3.20 -25.93
C ASN D 852 4.75 -2.52 -24.75
N THR D 853 4.87 -1.19 -24.67
CA THR D 853 4.21 -0.48 -23.56
C THR D 853 2.69 -0.69 -23.56
N HIS D 854 2.08 -0.88 -24.75
CA HIS D 854 0.65 -1.14 -24.85
C HIS D 854 0.21 -2.25 -23.91
N GLY D 855 0.94 -3.36 -23.90
CA GLY D 855 0.59 -4.46 -23.01
C GLY D 855 1.10 -4.27 -21.60
N ALA D 856 2.30 -3.70 -21.46
CA ALA D 856 2.88 -3.52 -20.13
C ALA D 856 1.97 -2.69 -19.22
N ARG D 857 1.54 -1.52 -19.71
CA ARG D 857 0.78 -0.62 -18.85
C ARG D 857 -0.56 -1.21 -18.48
N LYS D 858 -1.25 -1.87 -19.42
CA LYS D 858 -2.55 -2.44 -19.09
C LYS D 858 -2.41 -3.65 -18.16
N GLY D 859 -1.32 -4.42 -18.30
CA GLY D 859 -1.06 -5.47 -17.34
C GLY D 859 -0.88 -4.94 -15.93
N LEU D 860 -0.23 -3.78 -15.82
CA LEU D 860 -0.14 -3.15 -14.50
C LEU D 860 -1.48 -2.59 -14.04
N ALA D 861 -2.30 -2.10 -14.98
CA ALA D 861 -3.52 -1.39 -14.62
C ALA D 861 -4.60 -2.34 -14.12
N ASP D 862 -4.83 -3.45 -14.84
CA ASP D 862 -5.89 -4.36 -14.46
C ASP D 862 -5.57 -5.14 -13.19
N THR D 863 -4.31 -5.11 -12.74
CA THR D 863 -3.93 -5.87 -11.54
C THR D 863 -4.65 -5.35 -10.30
N ALA D 864 -4.78 -4.03 -10.18
CA ALA D 864 -5.45 -3.45 -9.02
C ALA D 864 -6.92 -3.86 -8.99
N LEU D 865 -7.60 -3.80 -10.13
CA LEU D 865 -9.00 -4.18 -10.20
C LEU D 865 -9.19 -5.67 -9.94
N ARG D 866 -8.29 -6.50 -10.47
CA ARG D 866 -8.38 -7.94 -10.22
C ARG D 866 -8.19 -8.26 -8.75
N THR D 867 -7.20 -7.62 -8.10
CA THR D 867 -7.02 -7.81 -6.67
C THR D 867 -8.20 -7.30 -5.87
N ALA D 868 -8.84 -6.22 -6.34
CA ALA D 868 -10.03 -5.70 -5.65
C ALA D 868 -11.15 -6.73 -5.67
N ASP D 869 -11.49 -7.24 -6.86
CA ASP D 869 -12.53 -8.26 -6.95
C ASP D 869 -12.14 -9.52 -6.18
N SER D 870 -10.85 -9.87 -6.16
CA SER D 870 -10.39 -11.05 -5.43
C SER D 870 -10.62 -10.88 -3.92
N GLY D 871 -10.21 -9.73 -3.38
CA GLY D 871 -10.44 -9.48 -1.95
C GLY D 871 -11.91 -9.40 -1.60
N TYR D 872 -12.73 -8.86 -2.51
CA TYR D 872 -14.17 -8.82 -2.28
C TYR D 872 -14.75 -10.23 -2.18
N LEU D 873 -14.40 -11.09 -3.15
CA LEU D 873 -14.83 -12.48 -3.09
C LEU D 873 -14.31 -13.16 -1.82
N THR D 874 -13.10 -12.80 -1.40
CA THR D 874 -12.52 -13.40 -0.21
C THR D 874 -13.32 -13.05 1.03
N ARG D 875 -13.68 -11.77 1.19
CA ARG D 875 -14.45 -11.39 2.37
C ARG D 875 -15.87 -11.93 2.34
N ARG D 876 -16.45 -12.09 1.13
CA ARG D 876 -17.73 -12.78 1.04
C ARG D 876 -17.61 -14.22 1.52
N LEU D 877 -16.59 -14.93 1.06
CA LEU D 877 -16.35 -16.30 1.50
C LEU D 877 -16.08 -16.36 3.01
N VAL D 878 -15.46 -15.31 3.56
CA VAL D 878 -15.22 -15.28 5.00
C VAL D 878 -16.53 -15.19 5.76
N ASP D 879 -17.40 -14.24 5.37
CA ASP D 879 -18.65 -14.07 6.12
C ASP D 879 -19.59 -15.25 5.92
N VAL D 880 -19.52 -15.94 4.78
CA VAL D 880 -20.43 -17.07 4.56
C VAL D 880 -20.07 -18.30 5.38
N SER D 881 -18.82 -18.41 5.84
CA SER D 881 -18.36 -19.60 6.55
C SER D 881 -17.60 -19.24 7.82
N GLN D 882 -17.92 -18.10 8.42
CA GLN D 882 -17.17 -17.66 9.60
C GLN D 882 -17.52 -18.49 10.83
N ASP D 883 -18.74 -19.00 10.92
CA ASP D 883 -19.19 -19.74 12.09
C ASP D 883 -19.08 -21.24 11.93
N VAL D 884 -18.31 -21.71 10.94
CA VAL D 884 -18.12 -23.14 10.71
C VAL D 884 -16.97 -23.59 11.60
N ILE D 885 -17.30 -24.27 12.70
CA ILE D 885 -16.31 -24.71 13.68
C ILE D 885 -16.43 -26.21 13.85
N VAL D 886 -15.31 -26.85 14.19
CA VAL D 886 -15.30 -28.27 14.52
C VAL D 886 -15.72 -28.41 15.98
N ARG D 887 -16.92 -28.93 16.21
CA ARG D 887 -17.47 -29.06 17.55
C ARG D 887 -17.62 -30.50 18.03
N GLU D 888 -17.60 -31.47 17.11
CA GLU D 888 -17.80 -32.87 17.44
C GLU D 888 -16.59 -33.67 16.99
N HIS D 889 -16.34 -34.80 17.67
CA HIS D 889 -15.25 -35.68 17.28
C HIS D 889 -15.65 -36.56 16.09
N ASP D 890 -16.84 -37.15 16.15
CA ASP D 890 -17.31 -38.03 15.09
C ASP D 890 -18.82 -38.03 15.09
N CYS D 891 -19.42 -37.67 13.95
CA CYS D 891 -20.88 -37.74 13.79
C CYS D 891 -21.37 -39.15 13.50
N GLN D 892 -20.47 -40.10 13.30
CA GLN D 892 -20.72 -41.53 13.16
C GLN D 892 -21.49 -41.90 11.91
N THR D 893 -21.78 -40.96 11.02
CA THR D 893 -22.50 -41.29 9.80
C THR D 893 -21.60 -42.06 8.84
N GLU D 894 -22.06 -43.24 8.42
CA GLU D 894 -21.32 -44.01 7.44
C GLU D 894 -21.38 -43.42 6.04
N ARG D 895 -22.15 -42.35 5.85
CA ARG D 895 -22.19 -41.69 4.54
C ARG D 895 -20.85 -41.07 4.21
N GLY D 896 -20.55 -41.04 2.92
CA GLY D 896 -19.32 -40.44 2.42
C GLY D 896 -19.46 -40.12 0.94
N ILE D 897 -18.39 -40.29 0.18
CA ILE D 897 -18.45 -40.12 -1.26
C ILE D 897 -17.35 -40.97 -1.90
N VAL D 898 -17.58 -41.37 -3.14
CA VAL D 898 -16.64 -42.18 -3.90
C VAL D 898 -15.63 -41.26 -4.56
N VAL D 899 -14.35 -41.57 -4.42
CA VAL D 899 -13.27 -40.76 -4.98
C VAL D 899 -12.53 -41.60 -6.01
N GLU D 900 -12.32 -41.02 -7.19
CA GLU D 900 -11.58 -41.70 -8.26
C GLU D 900 -10.10 -41.76 -7.90
N LEU D 901 -9.67 -42.87 -7.30
CA LEU D 901 -8.29 -42.98 -6.87
C LEU D 901 -7.34 -43.07 -8.07
N ALA D 902 -7.62 -43.97 -9.02
CA ALA D 902 -6.74 -44.17 -10.15
C ALA D 902 -7.54 -44.59 -11.36
N GLU D 903 -7.18 -44.06 -12.52
CA GLU D 903 -7.83 -44.43 -13.77
C GLU D 903 -7.28 -45.76 -14.27
N ARG D 904 -8.11 -46.49 -15.01
CA ARG D 904 -7.76 -47.82 -15.51
C ARG D 904 -7.37 -47.71 -16.98
N ALA D 905 -6.13 -48.08 -17.28
CA ALA D 905 -5.65 -48.04 -18.66
C ALA D 905 -6.35 -49.10 -19.50
N PRO D 906 -6.48 -48.88 -20.82
CA PRO D 906 -7.18 -49.86 -21.66
C PRO D 906 -6.47 -51.21 -21.74
N ASP D 907 -5.12 -51.22 -21.72
CA ASP D 907 -4.40 -52.48 -21.74
C ASP D 907 -4.44 -53.18 -20.40
N GLY D 908 -4.61 -52.43 -19.31
CA GLY D 908 -4.62 -53.00 -17.98
C GLY D 908 -3.81 -52.18 -17.01
N THR D 909 -3.27 -52.82 -15.97
CA THR D 909 -2.40 -52.19 -14.96
C THR D 909 -3.17 -51.03 -14.31
N LEU D 910 -2.44 -50.00 -13.90
CA LEU D 910 -3.04 -48.86 -13.20
C LEU D 910 -2.46 -47.57 -13.75
N ILE D 911 -3.23 -46.48 -13.59
CA ILE D 911 -2.79 -45.14 -13.97
C ILE D 911 -3.23 -44.19 -12.87
N ARG D 912 -2.27 -43.48 -12.28
CA ARG D 912 -2.59 -42.55 -11.21
C ARG D 912 -3.44 -41.40 -11.73
N ASP D 913 -4.46 -41.03 -10.95
CA ASP D 913 -5.36 -39.94 -11.29
C ASP D 913 -4.72 -38.61 -10.91
N PRO D 914 -4.98 -37.54 -11.68
CA PRO D 914 -4.43 -36.23 -11.32
C PRO D 914 -5.08 -35.61 -10.09
N TYR D 915 -6.29 -36.05 -9.71
CA TYR D 915 -7.02 -35.45 -8.62
C TYR D 915 -6.75 -36.12 -7.27
N ILE D 916 -5.70 -36.92 -7.16
CA ILE D 916 -5.41 -37.60 -5.90
C ILE D 916 -4.94 -36.60 -4.84
N GLU D 917 -4.08 -35.65 -5.24
CA GLU D 917 -3.51 -34.71 -4.29
C GLU D 917 -4.58 -33.84 -3.65
N THR D 918 -5.55 -33.38 -4.43
CA THR D 918 -6.53 -32.42 -3.95
C THR D 918 -7.84 -33.05 -3.48
N SER D 919 -8.15 -34.28 -3.91
CA SER D 919 -9.42 -34.91 -3.57
C SER D 919 -9.28 -36.21 -2.78
N ALA D 920 -8.14 -36.88 -2.85
CA ALA D 920 -7.97 -38.18 -2.20
C ALA D 920 -7.04 -38.15 -1.00
N TYR D 921 -5.92 -37.42 -1.07
CA TYR D 921 -5.00 -37.36 0.04
C TYR D 921 -5.62 -36.59 1.21
N ALA D 922 -5.10 -36.86 2.40
CA ALA D 922 -5.52 -36.22 3.65
C ALA D 922 -6.98 -36.50 3.99
N ARG D 923 -7.60 -37.48 3.34
CA ARG D 923 -8.97 -37.86 3.63
C ARG D 923 -9.01 -38.94 4.70
N THR D 924 -10.22 -39.26 5.14
CA THR D 924 -10.46 -40.34 6.10
C THR D 924 -11.53 -41.27 5.55
N LEU D 925 -11.39 -42.56 5.82
CA LEU D 925 -12.26 -43.56 5.22
C LEU D 925 -13.58 -43.67 5.97
N GLY D 926 -14.63 -44.02 5.23
CA GLY D 926 -15.93 -44.31 5.80
C GLY D 926 -16.41 -45.69 5.39
N THR D 927 -15.55 -46.42 4.68
CA THR D 927 -15.85 -47.77 4.23
C THR D 927 -14.55 -48.50 3.98
N ASP D 928 -14.43 -49.72 4.49
CA ASP D 928 -13.20 -50.50 4.33
C ASP D 928 -12.94 -50.78 2.86
N ALA D 929 -11.70 -50.57 2.45
CA ALA D 929 -11.30 -50.82 1.07
C ALA D 929 -11.12 -52.32 0.85
N VAL D 930 -11.87 -52.87 -0.10
CA VAL D 930 -11.86 -54.30 -0.38
C VAL D 930 -11.33 -54.51 -1.79
N ASP D 931 -10.28 -55.32 -1.90
CA ASP D 931 -9.72 -55.68 -3.20
C ASP D 931 -10.45 -56.94 -3.71
N GLU D 932 -9.84 -57.65 -4.66
CA GLU D 932 -10.44 -58.89 -5.13
C GLU D 932 -10.39 -59.97 -4.05
N ALA D 933 -9.39 -59.92 -3.17
CA ALA D 933 -9.32 -60.84 -2.06
C ALA D 933 -10.23 -60.38 -0.93
N GLY D 934 -10.45 -61.27 0.04
CA GLY D 934 -11.32 -60.95 1.16
C GLY D 934 -10.71 -60.01 2.17
N ASN D 935 -9.39 -59.85 2.16
CA ASN D 935 -8.70 -58.99 3.12
C ASN D 935 -8.88 -57.53 2.77
N VAL D 936 -9.10 -56.70 3.78
CA VAL D 936 -9.20 -55.26 3.62
C VAL D 936 -7.83 -54.65 3.85
N ILE D 937 -7.48 -53.66 3.03
CA ILE D 937 -6.15 -53.08 3.08
C ILE D 937 -6.06 -52.01 4.18
N VAL D 938 -7.04 -51.10 4.23
CA VAL D 938 -7.05 -50.01 5.19
C VAL D 938 -8.40 -49.98 5.89
N GLU D 939 -8.38 -49.90 7.21
CA GLU D 939 -9.60 -49.87 7.99
C GLU D 939 -10.37 -48.58 7.77
N ARG D 940 -11.64 -48.58 8.17
CA ARG D 940 -12.48 -47.40 8.12
C ARG D 940 -12.09 -46.43 9.23
N GLY D 941 -11.98 -45.14 8.87
CA GLY D 941 -11.59 -44.13 9.83
C GLY D 941 -10.10 -43.94 9.98
N GLN D 942 -9.32 -44.31 8.98
CA GLN D 942 -7.86 -44.17 9.02
C GLN D 942 -7.44 -43.04 8.09
N ASP D 943 -6.59 -42.15 8.60
CA ASP D 943 -6.14 -41.01 7.81
C ASP D 943 -5.26 -41.49 6.66
N LEU D 944 -5.68 -41.16 5.44
CA LEU D 944 -4.96 -41.60 4.24
C LEU D 944 -3.57 -40.95 4.15
N GLY D 945 -2.57 -41.64 4.69
CA GLY D 945 -1.21 -41.17 4.59
C GLY D 945 -0.61 -41.42 3.22
N ASP D 946 0.68 -41.12 3.10
CA ASP D 946 1.34 -41.31 1.81
C ASP D 946 1.53 -42.79 1.47
N PRO D 947 2.06 -43.64 2.35
CA PRO D 947 2.14 -45.07 1.99
C PRO D 947 0.80 -45.77 1.99
N GLU D 948 -0.19 -45.26 2.72
CA GLU D 948 -1.51 -45.88 2.73
C GLU D 948 -2.27 -45.67 1.42
N ILE D 949 -1.82 -44.74 0.58
CA ILE D 949 -2.39 -44.61 -0.76
C ILE D 949 -1.76 -45.62 -1.71
N ASP D 950 -0.44 -45.83 -1.60
CA ASP D 950 0.21 -46.86 -2.39
C ASP D 950 -0.25 -48.25 -1.97
N ALA D 951 -0.69 -48.41 -0.72
CA ALA D 951 -1.22 -49.69 -0.27
C ALA D 951 -2.45 -50.09 -1.06
N LEU D 952 -3.34 -49.13 -1.33
CA LEU D 952 -4.50 -49.41 -2.18
C LEU D 952 -4.13 -49.39 -3.65
N LEU D 953 -3.10 -48.62 -4.03
CA LEU D 953 -2.66 -48.59 -5.41
C LEU D 953 -2.10 -49.93 -5.84
N ALA D 954 -1.22 -50.51 -5.02
CA ALA D 954 -0.65 -51.83 -5.30
C ALA D 954 -1.62 -52.96 -5.01
N ALA D 955 -2.80 -52.67 -4.49
CA ALA D 955 -3.81 -53.68 -4.24
C ALA D 955 -4.79 -53.87 -5.38
N GLY D 956 -4.77 -52.98 -6.38
CA GLY D 956 -5.66 -53.07 -7.51
C GLY D 956 -6.94 -52.26 -7.39
N ILE D 957 -7.37 -51.96 -6.16
CA ILE D 957 -8.59 -51.19 -5.97
C ILE D 957 -8.36 -49.74 -6.40
N THR D 958 -9.32 -49.18 -7.13
CA THR D 958 -9.19 -47.85 -7.69
C THR D 958 -10.27 -46.88 -7.21
N GLN D 959 -11.10 -47.28 -6.25
CA GLN D 959 -12.16 -46.42 -5.75
C GLN D 959 -12.29 -46.60 -4.25
N VAL D 960 -12.37 -45.48 -3.53
CA VAL D 960 -12.51 -45.46 -2.08
C VAL D 960 -13.71 -44.61 -1.70
N LYS D 961 -14.43 -45.03 -0.67
CA LYS D 961 -15.53 -44.26 -0.11
C LYS D 961 -15.03 -43.57 1.16
N VAL D 962 -14.96 -42.24 1.13
CA VAL D 962 -14.33 -41.48 2.19
C VAL D 962 -15.37 -40.62 2.90
N ARG D 963 -15.09 -40.33 4.17
CA ARG D 963 -15.91 -39.40 4.93
C ARG D 963 -15.69 -37.98 4.42
N SER D 964 -16.77 -37.22 4.29
CA SER D 964 -16.71 -35.87 3.75
C SER D 964 -17.45 -34.91 4.67
N VAL D 965 -17.01 -33.64 4.64
CA VAL D 965 -17.70 -32.60 5.38
C VAL D 965 -19.09 -32.34 4.79
N LEU D 966 -19.32 -32.74 3.54
CA LEU D 966 -20.64 -32.59 2.94
C LEU D 966 -21.64 -33.55 3.58
N THR D 967 -21.25 -34.80 3.79
CA THR D 967 -22.14 -35.80 4.36
C THR D 967 -22.19 -35.77 5.87
N CYS D 968 -21.38 -34.93 6.51
CA CYS D 968 -21.37 -34.82 7.97
C CYS D 968 -22.71 -34.32 8.48
N ALA D 969 -23.44 -35.17 9.22
CA ALA D 969 -24.75 -34.82 9.75
C ALA D 969 -24.58 -34.30 11.17
N THR D 970 -24.67 -32.99 11.33
CA THR D 970 -24.58 -32.36 12.64
C THR D 970 -25.46 -31.12 12.63
N SER D 971 -25.88 -30.67 13.82
CA SER D 971 -26.82 -29.56 13.93
C SER D 971 -26.25 -28.30 13.29
N THR D 972 -25.04 -27.90 13.68
CA THR D 972 -24.44 -26.69 13.15
C THR D 972 -23.06 -26.97 12.56
N GLY D 973 -22.04 -27.02 13.40
CA GLY D 973 -20.70 -27.27 12.95
C GLY D 973 -20.53 -28.68 12.39
N VAL D 974 -19.28 -29.01 12.09
CA VAL D 974 -18.95 -30.30 11.49
C VAL D 974 -18.00 -31.05 12.42
N CYS D 975 -18.05 -32.37 12.33
CA CYS D 975 -17.20 -33.20 13.17
C CYS D 975 -15.80 -33.31 12.57
N ALA D 976 -14.84 -33.66 13.43
CA ALA D 976 -13.46 -33.76 12.99
C ALA D 976 -13.22 -34.98 12.11
N THR D 977 -13.95 -36.07 12.36
CA THR D 977 -13.71 -37.30 11.61
C THR D 977 -14.08 -37.15 10.14
N CYS D 978 -15.13 -36.37 9.84
CA CYS D 978 -15.50 -36.15 8.45
C CYS D 978 -14.62 -35.10 7.78
N TYR D 979 -14.04 -34.18 8.55
CA TYR D 979 -13.15 -33.17 7.98
C TYR D 979 -11.88 -33.81 7.46
N GLY D 980 -11.09 -34.42 8.34
CA GLY D 980 -9.90 -35.12 7.95
C GLY D 980 -8.66 -34.53 8.59
N ARG D 981 -7.55 -34.59 7.85
CA ARG D 981 -6.26 -34.15 8.36
C ARG D 981 -6.09 -32.64 8.17
N SER D 982 -5.75 -31.94 9.25
CA SER D 982 -5.43 -30.52 9.15
C SER D 982 -4.13 -30.36 8.38
N MET D 983 -4.19 -29.62 7.27
CA MET D 983 -3.04 -29.52 6.37
C MET D 983 -1.83 -28.89 7.05
N ALA D 984 -2.08 -27.91 7.92
CA ALA D 984 -0.97 -27.25 8.61
C ALA D 984 -0.43 -28.10 9.75
N THR D 985 -1.32 -28.73 10.52
CA THR D 985 -0.89 -29.55 11.64
C THR D 985 -0.39 -30.93 11.22
N GLY D 986 -0.77 -31.39 10.03
CA GLY D 986 -0.37 -32.72 9.60
C GLY D 986 -1.06 -33.86 10.29
N LYS D 987 -2.04 -33.56 11.15
CA LYS D 987 -2.79 -34.60 11.86
C LYS D 987 -4.28 -34.30 11.82
N LEU D 988 -5.06 -35.05 12.59
CA LEU D 988 -6.49 -34.82 12.65
C LEU D 988 -6.80 -33.44 13.21
N VAL D 989 -7.80 -32.78 12.64
CA VAL D 989 -8.16 -31.43 13.06
C VAL D 989 -8.68 -31.47 14.50
N ASP D 990 -8.20 -30.54 15.32
CA ASP D 990 -8.65 -30.44 16.70
C ASP D 990 -10.04 -29.83 16.76
N ILE D 991 -10.76 -30.16 17.83
CA ILE D 991 -12.10 -29.61 18.04
C ILE D 991 -11.98 -28.15 18.43
N GLY D 992 -12.68 -27.28 17.70
CA GLY D 992 -12.69 -25.86 17.97
C GLY D 992 -11.99 -25.02 16.93
N GLU D 993 -11.33 -25.63 15.95
CA GLU D 993 -10.62 -24.87 14.93
C GLU D 993 -11.59 -24.33 13.89
N ALA D 994 -11.51 -23.02 13.64
CA ALA D 994 -12.37 -22.36 12.67
C ALA D 994 -11.93 -22.73 11.27
N VAL D 995 -12.36 -23.92 10.83
CA VAL D 995 -11.98 -24.43 9.52
C VAL D 995 -12.60 -23.62 8.39
N GLY D 996 -13.71 -22.93 8.64
CA GLY D 996 -14.35 -22.16 7.59
C GLY D 996 -13.52 -20.96 7.16
N ILE D 997 -12.98 -20.21 8.12
CA ILE D 997 -12.14 -19.08 7.79
C ILE D 997 -10.84 -19.55 7.13
N VAL D 998 -10.30 -20.68 7.59
CA VAL D 998 -9.11 -21.24 6.96
C VAL D 998 -9.39 -21.58 5.50
N ALA D 999 -10.54 -22.20 5.23
CA ALA D 999 -10.91 -22.54 3.86
C ALA D 999 -11.09 -21.28 3.01
N ALA D 1000 -11.78 -20.27 3.55
CA ALA D 1000 -11.99 -19.04 2.80
C ALA D 1000 -10.67 -18.36 2.46
N GLN D 1001 -9.75 -18.31 3.42
CA GLN D 1001 -8.44 -17.72 3.14
C GLN D 1001 -7.66 -18.57 2.14
N SER D 1002 -7.80 -19.89 2.23
CA SER D 1002 -7.10 -20.77 1.29
C SER D 1002 -7.57 -20.54 -0.14
N ILE D 1003 -8.86 -20.26 -0.31
CA ILE D 1003 -9.37 -20.00 -1.66
C ILE D 1003 -9.01 -18.58 -2.11
N GLY D 1004 -9.07 -17.61 -1.19
CA GLY D 1004 -8.89 -16.22 -1.57
C GLY D 1004 -7.45 -15.78 -1.76
N GLU D 1005 -6.49 -16.55 -1.23
CA GLU D 1005 -5.08 -16.13 -1.36
C GLU D 1005 -4.57 -16.25 -2.79
N PRO D 1006 -4.78 -17.35 -3.52
CA PRO D 1006 -4.33 -17.40 -4.92
C PRO D 1006 -5.23 -16.67 -5.89
N GLY D 1007 -6.27 -15.99 -5.42
CA GLY D 1007 -7.17 -15.27 -6.29
C GLY D 1007 -6.51 -14.17 -7.09
N THR D 1008 -5.28 -13.80 -6.76
CA THR D 1008 -4.53 -12.82 -7.53
C THR D 1008 -4.09 -13.36 -8.89
N GLN D 1009 -4.19 -14.66 -9.11
CA GLN D 1009 -3.68 -15.32 -10.31
C GLN D 1009 -4.84 -15.96 -11.07
N LEU D 1010 -5.61 -15.14 -11.78
CA LEU D 1010 -6.77 -15.65 -12.51
C LEU D 1010 -6.94 -14.84 -13.80
N THR D 1011 -7.86 -15.32 -14.64
CA THR D 1011 -8.13 -14.69 -15.93
C THR D 1011 -9.53 -14.08 -15.95
N GLY D 1026 -13.35 -18.91 -18.61
CA GLY D 1026 -13.22 -19.11 -17.18
C GLY D 1026 -12.65 -17.91 -16.45
N GLY D 1027 -11.80 -18.17 -15.47
CA GLY D 1027 -11.16 -17.13 -14.70
C GLY D 1027 -11.89 -16.80 -13.41
N LEU D 1028 -11.57 -15.63 -12.87
CA LEU D 1028 -12.20 -15.19 -11.62
C LEU D 1028 -13.70 -14.97 -11.74
N PRO D 1029 -14.23 -14.32 -12.79
CA PRO D 1029 -15.70 -14.22 -12.90
C PRO D 1029 -16.39 -15.56 -12.96
N ARG D 1030 -15.72 -16.60 -13.47
CA ARG D 1030 -16.30 -17.94 -13.42
C ARG D 1030 -16.42 -18.45 -11.98
N VAL D 1031 -15.39 -18.23 -11.17
CA VAL D 1031 -15.45 -18.60 -9.76
C VAL D 1031 -16.57 -17.84 -9.07
N GLN D 1032 -16.77 -16.57 -9.44
CA GLN D 1032 -17.87 -15.80 -8.85
C GLN D 1032 -19.22 -16.33 -9.30
N GLU D 1033 -19.34 -16.71 -10.57
CA GLU D 1033 -20.57 -17.34 -11.06
C GLU D 1033 -20.88 -18.60 -10.28
N LEU D 1034 -19.85 -19.37 -9.94
CA LEU D 1034 -20.07 -20.63 -9.23
C LEU D 1034 -20.46 -20.40 -7.78
N PHE D 1035 -19.72 -19.54 -7.07
CA PHE D 1035 -19.97 -19.35 -5.64
C PHE D 1035 -21.23 -18.54 -5.38
N GLU D 1036 -21.69 -17.74 -6.33
CA GLU D 1036 -22.90 -16.95 -6.16
C GLU D 1036 -24.15 -17.66 -6.70
N ALA D 1037 -24.01 -18.89 -7.18
CA ALA D 1037 -25.14 -19.68 -7.68
C ALA D 1037 -25.89 -18.95 -8.79
N ARG D 1038 -25.14 -18.29 -9.67
CA ARG D 1038 -25.75 -17.55 -10.76
C ARG D 1038 -26.19 -18.50 -11.88
N VAL D 1039 -27.09 -18.00 -12.71
CA VAL D 1039 -27.45 -18.67 -13.95
C VAL D 1039 -26.31 -18.39 -14.94
N PRO D 1040 -25.48 -19.38 -15.25
CA PRO D 1040 -24.17 -19.09 -15.86
C PRO D 1040 -24.29 -18.55 -17.27
N ARG D 1041 -23.15 -18.05 -17.76
CA ARG D 1041 -23.06 -17.59 -19.14
C ARG D 1041 -23.15 -18.76 -20.12
N GLY D 1042 -22.56 -19.90 -19.77
CA GLY D 1042 -22.64 -21.07 -20.64
C GLY D 1042 -24.06 -21.56 -20.82
N LYS D 1043 -24.79 -21.69 -19.70
CA LYS D 1043 -26.19 -22.11 -19.71
C LYS D 1043 -26.36 -23.44 -20.45
N ALA D 1044 -25.47 -24.38 -20.14
CA ALA D 1044 -25.47 -25.65 -20.83
C ALA D 1044 -26.71 -26.46 -20.48
N PRO D 1045 -27.31 -27.15 -21.45
CA PRO D 1045 -28.47 -28.01 -21.15
C PRO D 1045 -28.05 -29.29 -20.46
N ILE D 1046 -29.05 -30.00 -19.92
CA ILE D 1046 -28.84 -31.23 -19.18
C ILE D 1046 -29.95 -32.21 -19.52
N ALA D 1047 -29.68 -33.49 -19.24
CA ALA D 1047 -30.65 -34.56 -19.47
C ALA D 1047 -31.44 -34.79 -18.19
N ASP D 1048 -32.72 -34.37 -18.20
CA ASP D 1048 -33.54 -34.52 -17.01
C ASP D 1048 -33.92 -35.97 -16.76
N VAL D 1049 -34.05 -36.76 -17.80
CA VAL D 1049 -34.45 -38.16 -17.70
C VAL D 1049 -33.52 -39.01 -18.55
N THR D 1050 -33.08 -40.14 -17.99
CA THR D 1050 -32.26 -41.07 -18.76
C THR D 1050 -33.13 -41.81 -19.77
N GLY D 1051 -32.58 -42.03 -20.96
CA GLY D 1051 -33.32 -42.69 -22.01
C GLY D 1051 -32.61 -42.66 -23.35
N ARG D 1052 -33.37 -42.44 -24.42
CA ARG D 1052 -32.83 -42.42 -25.77
C ARG D 1052 -32.86 -41.01 -26.34
N VAL D 1053 -31.74 -40.63 -26.97
CA VAL D 1053 -31.58 -39.31 -27.56
C VAL D 1053 -32.36 -39.24 -28.88
N ARG D 1054 -32.92 -38.08 -29.18
CA ARG D 1054 -33.69 -37.84 -30.40
C ARG D 1054 -33.24 -36.47 -30.92
N LEU D 1055 -32.19 -36.47 -31.73
CA LEU D 1055 -31.57 -35.25 -32.23
C LEU D 1055 -32.29 -34.80 -33.49
N GLU D 1056 -33.04 -33.69 -33.40
CA GLU D 1056 -33.72 -33.14 -34.55
C GLU D 1056 -33.05 -31.82 -34.93
N ASP D 1057 -31.80 -31.93 -35.37
CA ASP D 1057 -31.01 -30.74 -35.66
C ASP D 1057 -31.34 -30.18 -37.03
N GLY D 1058 -31.25 -28.87 -37.15
CA GLY D 1058 -31.39 -28.14 -38.40
C GLY D 1058 -30.32 -27.07 -38.50
N GLU D 1059 -30.62 -26.05 -39.28
CA GLU D 1059 -29.75 -24.87 -39.38
C GLU D 1059 -30.41 -23.61 -38.85
N ARG D 1060 -31.73 -23.52 -38.90
CA ARG D 1060 -32.43 -22.37 -38.33
C ARG D 1060 -32.33 -22.38 -36.81
N PHE D 1061 -32.27 -23.56 -36.20
CA PHE D 1061 -32.29 -23.72 -34.76
C PHE D 1061 -31.93 -25.17 -34.44
N TYR D 1062 -31.87 -25.49 -33.16
CA TYR D 1062 -31.61 -26.86 -32.73
C TYR D 1062 -32.71 -27.29 -31.77
N LYS D 1063 -33.25 -28.50 -32.00
CA LYS D 1063 -34.18 -29.10 -31.06
C LYS D 1063 -33.79 -30.54 -30.82
N ILE D 1064 -33.90 -30.96 -29.56
CA ILE D 1064 -33.57 -32.31 -29.14
C ILE D 1064 -34.65 -32.80 -28.19
N THR D 1065 -35.18 -33.98 -28.48
CA THR D 1065 -36.13 -34.64 -27.60
C THR D 1065 -35.43 -35.84 -26.97
N ILE D 1066 -35.98 -36.30 -25.85
CA ILE D 1066 -35.50 -37.51 -25.20
C ILE D 1066 -36.70 -38.39 -24.91
N VAL D 1067 -36.61 -39.66 -25.32
CA VAL D 1067 -37.63 -40.66 -25.02
C VAL D 1067 -37.22 -41.35 -23.72
N PRO D 1068 -38.05 -41.31 -22.67
CA PRO D 1068 -37.65 -41.90 -21.40
C PRO D 1068 -37.46 -43.41 -21.51
N ASP D 1069 -36.41 -43.91 -20.88
CA ASP D 1069 -36.12 -45.35 -20.91
C ASP D 1069 -37.16 -46.17 -20.16
N ASP D 1070 -37.97 -45.53 -19.31
CA ASP D 1070 -38.97 -46.24 -18.53
C ASP D 1070 -40.18 -45.32 -18.35
N GLY D 1071 -41.27 -45.63 -19.03
CA GLY D 1071 -42.49 -44.86 -18.90
C GLY D 1071 -42.32 -43.44 -19.38
N GLY D 1072 -43.05 -42.52 -18.73
CA GLY D 1072 -42.96 -41.11 -19.03
C GLY D 1072 -43.36 -40.76 -20.46
N GLU D 1073 -43.06 -39.51 -20.82
CA GLU D 1073 -43.33 -39.01 -22.16
C GLU D 1073 -42.11 -38.24 -22.65
N GLU D 1074 -42.08 -38.02 -23.97
CA GLU D 1074 -40.95 -37.36 -24.60
C GLU D 1074 -40.75 -35.96 -24.03
N VAL D 1075 -39.48 -35.61 -23.77
CA VAL D 1075 -39.12 -34.30 -23.22
C VAL D 1075 -38.38 -33.53 -24.31
N VAL D 1076 -38.89 -32.35 -24.66
CA VAL D 1076 -38.41 -31.57 -25.79
C VAL D 1076 -37.68 -30.33 -25.28
N TYR D 1077 -36.58 -29.99 -25.95
CA TYR D 1077 -35.82 -28.78 -25.65
C TYR D 1077 -35.71 -27.90 -26.90
N ASP D 1078 -35.17 -26.70 -26.70
CA ASP D 1078 -34.99 -25.74 -27.79
C ASP D 1078 -33.70 -24.98 -27.51
N LYS D 1079 -32.67 -25.18 -28.35
CA LYS D 1079 -31.38 -24.56 -28.14
C LYS D 1079 -30.87 -23.95 -29.43
N ILE D 1080 -30.01 -22.93 -29.29
CA ILE D 1080 -29.43 -22.23 -30.43
C ILE D 1080 -28.31 -23.07 -31.03
N SER D 1081 -28.17 -22.98 -32.35
CA SER D 1081 -27.16 -23.74 -33.08
C SER D 1081 -25.74 -23.24 -32.82
N LYS D 1082 -25.56 -22.16 -32.06
CA LYS D 1082 -24.22 -21.63 -31.80
C LYS D 1082 -23.42 -22.48 -30.83
N ARG D 1083 -24.06 -23.40 -30.09
CA ARG D 1083 -23.33 -24.30 -29.21
C ARG D 1083 -22.99 -25.60 -29.93
N GLN D 1084 -22.24 -26.45 -29.24
CA GLN D 1084 -21.84 -27.75 -29.76
C GLN D 1084 -21.96 -28.79 -28.65
N ARG D 1085 -22.28 -30.01 -29.04
CA ARG D 1085 -22.54 -31.08 -28.08
C ARG D 1085 -21.25 -31.57 -27.45
N LEU D 1086 -21.30 -31.86 -26.16
CA LEU D 1086 -20.16 -32.42 -25.46
C LEU D 1086 -19.97 -33.89 -25.83
N ARG D 1087 -18.72 -34.28 -26.08
CA ARG D 1087 -18.39 -35.66 -26.38
C ARG D 1087 -18.63 -36.50 -25.13
N VAL D 1088 -19.81 -37.11 -25.06
CA VAL D 1088 -20.25 -37.84 -23.88
C VAL D 1088 -19.71 -39.26 -23.92
N PHE D 1089 -19.20 -39.73 -22.78
CA PHE D 1089 -18.79 -41.11 -22.63
C PHE D 1089 -19.99 -42.04 -22.82
N LYS D 1090 -20.27 -42.41 -24.07
CA LYS D 1090 -21.41 -43.25 -24.38
C LYS D 1090 -21.23 -44.64 -23.77
N HIS D 1091 -22.33 -45.41 -23.72
CA HIS D 1091 -22.29 -46.78 -23.25
C HIS D 1091 -21.33 -47.64 -24.05
N GLU D 1092 -20.99 -47.24 -25.28
CA GLU D 1092 -19.96 -47.89 -26.08
C GLU D 1092 -18.57 -47.85 -25.45
N ASP D 1093 -18.39 -47.20 -24.28
CA ASP D 1093 -17.08 -46.98 -23.65
C ASP D 1093 -16.16 -46.11 -24.49
N GLY D 1094 -16.69 -45.39 -25.47
CA GLY D 1094 -15.93 -44.42 -26.23
C GLY D 1094 -16.23 -43.01 -25.79
N SER D 1095 -15.24 -42.37 -25.15
CA SER D 1095 -15.48 -41.06 -24.56
C SER D 1095 -15.71 -39.97 -25.60
N GLU D 1096 -15.18 -40.15 -26.80
CA GLU D 1096 -15.31 -39.14 -27.87
C GLU D 1096 -16.56 -39.35 -28.72
N ARG D 1097 -17.65 -39.80 -28.12
CA ARG D 1097 -18.90 -40.04 -28.84
C ARG D 1097 -19.70 -38.75 -28.87
N VAL D 1098 -19.64 -38.03 -30.00
CA VAL D 1098 -20.45 -36.83 -30.16
C VAL D 1098 -21.92 -37.22 -30.14
N LEU D 1099 -22.70 -36.51 -29.32
CA LEU D 1099 -24.08 -36.88 -29.08
C LEU D 1099 -24.94 -36.84 -30.34
N SER D 1100 -25.11 -37.97 -30.99
CA SER D 1100 -26.05 -38.15 -32.08
C SER D 1100 -27.25 -38.96 -31.58
N ASP D 1101 -28.31 -38.94 -32.38
CA ASP D 1101 -29.52 -39.68 -32.02
C ASP D 1101 -29.23 -41.18 -31.95
N GLY D 1102 -29.75 -41.83 -30.92
CA GLY D 1102 -29.49 -43.23 -30.67
C GLY D 1102 -28.56 -43.49 -29.49
N ASP D 1103 -27.87 -42.47 -29.00
CA ASP D 1103 -27.01 -42.65 -27.84
C ASP D 1103 -27.85 -42.86 -26.58
N HIS D 1104 -27.24 -43.51 -25.59
CA HIS D 1104 -27.88 -43.83 -24.32
C HIS D 1104 -27.25 -42.97 -23.24
N VAL D 1105 -27.80 -41.78 -23.03
CA VAL D 1105 -27.32 -40.86 -22.01
C VAL D 1105 -28.04 -41.15 -20.70
N GLU D 1106 -27.38 -40.87 -19.59
CA GLU D 1106 -27.94 -41.11 -18.27
C GLU D 1106 -28.64 -39.85 -17.75
N VAL D 1107 -29.28 -39.98 -16.60
CA VAL D 1107 -29.97 -38.84 -16.00
C VAL D 1107 -28.96 -37.85 -15.45
N GLY D 1108 -29.18 -36.57 -15.70
CA GLY D 1108 -28.26 -35.54 -15.25
C GLY D 1108 -26.98 -35.49 -16.03
N GLN D 1109 -27.01 -35.82 -17.32
CA GLN D 1109 -25.83 -35.83 -18.17
C GLN D 1109 -25.77 -34.54 -18.98
N GLN D 1110 -24.58 -33.93 -19.04
CA GLN D 1110 -24.40 -32.71 -19.78
C GLN D 1110 -24.58 -32.96 -21.28
N LEU D 1111 -25.42 -32.15 -21.92
CA LEU D 1111 -25.69 -32.32 -23.34
C LEU D 1111 -24.66 -31.58 -24.18
N MET D 1112 -24.76 -30.26 -24.24
CA MET D 1112 -23.82 -29.44 -25.00
C MET D 1112 -22.76 -28.85 -24.07
N GLU D 1113 -21.67 -28.39 -24.68
CA GLU D 1113 -20.55 -27.86 -23.92
C GLU D 1113 -20.93 -26.58 -23.20
N GLY D 1114 -20.12 -26.22 -22.21
CA GLY D 1114 -20.36 -25.01 -21.43
C GLY D 1114 -20.41 -25.27 -19.94
N SER D 1115 -21.35 -24.61 -19.25
CA SER D 1115 -21.52 -24.75 -17.81
C SER D 1115 -22.99 -24.96 -17.51
N ALA D 1116 -23.33 -26.15 -17.03
CA ALA D 1116 -24.71 -26.46 -16.69
C ALA D 1116 -25.17 -25.59 -15.52
N ASP D 1117 -26.42 -25.15 -15.57
CA ASP D 1117 -27.00 -24.32 -14.52
C ASP D 1117 -26.99 -25.05 -13.20
N PRO D 1118 -26.23 -24.57 -12.21
CA PRO D 1118 -26.19 -25.27 -10.92
C PRO D 1118 -27.53 -25.32 -10.22
N HIS D 1119 -28.47 -24.42 -10.56
CA HIS D 1119 -29.80 -24.48 -9.97
C HIS D 1119 -30.58 -25.68 -10.48
N GLU D 1120 -30.36 -26.08 -11.74
CA GLU D 1120 -31.08 -27.22 -12.31
C GLU D 1120 -30.45 -28.56 -11.98
N VAL D 1121 -29.13 -28.60 -11.80
CA VAL D 1121 -28.47 -29.84 -11.38
C VAL D 1121 -29.07 -30.33 -10.07
N LEU D 1122 -29.42 -29.41 -9.18
CA LEU D 1122 -30.04 -29.78 -7.90
C LEU D 1122 -31.40 -30.42 -8.12
N ARG D 1123 -32.26 -29.78 -8.91
CA ARG D 1123 -33.59 -30.32 -9.16
C ARG D 1123 -33.59 -31.48 -10.15
N VAL D 1124 -32.42 -31.90 -10.63
CA VAL D 1124 -32.31 -33.13 -11.42
C VAL D 1124 -31.73 -34.28 -10.61
N GLN D 1125 -30.50 -34.14 -10.12
CA GLN D 1125 -29.76 -35.28 -9.57
C GLN D 1125 -29.81 -35.38 -8.05
N GLY D 1126 -30.06 -34.28 -7.35
CA GLY D 1126 -30.13 -34.31 -5.91
C GLY D 1126 -29.06 -33.45 -5.26
N PRO D 1127 -29.26 -33.11 -3.99
CA PRO D 1127 -28.29 -32.25 -3.28
C PRO D 1127 -26.91 -32.87 -3.15
N ARG D 1128 -26.80 -34.21 -3.22
CA ARG D 1128 -25.50 -34.84 -3.06
C ARG D 1128 -24.60 -34.60 -4.26
N GLU D 1129 -25.18 -34.54 -5.46
CA GLU D 1129 -24.41 -34.47 -6.70
C GLU D 1129 -24.06 -33.03 -7.11
N VAL D 1130 -24.96 -32.08 -6.86
CA VAL D 1130 -24.69 -30.70 -7.22
C VAL D 1130 -23.50 -30.16 -6.44
N GLN D 1131 -23.32 -30.61 -5.21
CA GLN D 1131 -22.15 -30.19 -4.42
C GLN D 1131 -20.86 -30.68 -5.06
N ILE D 1132 -20.83 -31.94 -5.51
CA ILE D 1132 -19.66 -32.47 -6.19
C ILE D 1132 -19.39 -31.68 -7.47
N HIS D 1133 -20.45 -31.38 -8.21
CA HIS D 1133 -20.32 -30.59 -9.43
C HIS D 1133 -19.65 -29.25 -9.13
N LEU D 1134 -20.17 -28.51 -8.15
CA LEU D 1134 -19.59 -27.22 -7.79
C LEU D 1134 -18.14 -27.35 -7.35
N VAL D 1135 -17.87 -28.35 -6.50
CA VAL D 1135 -16.51 -28.55 -5.98
C VAL D 1135 -15.51 -28.70 -7.12
N ARG D 1136 -15.73 -29.70 -7.98
CA ARG D 1136 -14.73 -29.94 -9.02
C ARG D 1136 -14.79 -28.90 -10.13
N GLU D 1137 -15.91 -28.17 -10.28
CA GLU D 1137 -15.95 -27.09 -11.26
C GLU D 1137 -15.08 -25.93 -10.82
N VAL D 1138 -15.10 -25.58 -9.52
CA VAL D 1138 -14.18 -24.58 -9.01
C VAL D 1138 -12.75 -25.10 -9.05
N GLN D 1139 -12.57 -26.39 -8.74
CA GLN D 1139 -11.23 -26.97 -8.74
C GLN D 1139 -10.61 -26.95 -10.13
N GLU D 1140 -11.43 -27.04 -11.18
CA GLU D 1140 -10.90 -26.94 -12.54
C GLU D 1140 -10.33 -25.55 -12.81
N VAL D 1141 -11.05 -24.50 -12.41
CA VAL D 1141 -10.56 -23.14 -12.61
C VAL D 1141 -9.27 -22.92 -11.84
N TYR D 1142 -9.18 -23.47 -10.63
CA TYR D 1142 -7.95 -23.29 -9.86
C TYR D 1142 -6.82 -24.20 -10.31
N ARG D 1143 -7.12 -25.32 -10.97
CA ARG D 1143 -6.09 -26.23 -11.46
C ARG D 1143 -5.53 -25.76 -12.79
N ALA D 1144 -6.35 -25.13 -13.64
CA ALA D 1144 -5.88 -24.55 -14.90
C ALA D 1144 -5.02 -23.31 -14.72
N GLN D 1145 -4.48 -23.06 -13.52
CA GLN D 1145 -3.62 -21.91 -13.25
C GLN D 1145 -2.36 -22.29 -12.46
N GLY D 1146 -2.24 -23.53 -12.03
CA GLY D 1146 -1.11 -23.96 -11.24
C GLY D 1146 -1.29 -23.85 -9.75
N VAL D 1147 -2.53 -23.80 -9.26
CA VAL D 1147 -2.83 -23.66 -7.85
C VAL D 1147 -3.52 -24.93 -7.39
N SER D 1148 -3.00 -25.54 -6.34
CA SER D 1148 -3.52 -26.80 -5.80
C SER D 1148 -4.21 -26.52 -4.47
N ILE D 1149 -5.54 -26.47 -4.49
CA ILE D 1149 -6.34 -26.33 -3.29
C ILE D 1149 -7.07 -27.64 -3.05
N HIS D 1150 -6.97 -28.15 -1.82
CA HIS D 1150 -7.65 -29.39 -1.48
C HIS D 1150 -9.17 -29.19 -1.54
N ASP D 1151 -9.87 -30.22 -2.02
CA ASP D 1151 -11.32 -30.13 -2.17
C ASP D 1151 -12.02 -29.95 -0.83
N LYS D 1152 -11.35 -30.27 0.28
CA LYS D 1152 -11.92 -30.08 1.61
C LYS D 1152 -12.41 -28.66 1.81
N HIS D 1153 -11.57 -27.67 1.45
CA HIS D 1153 -11.89 -26.28 1.69
C HIS D 1153 -13.06 -25.82 0.82
N ILE D 1154 -13.15 -26.33 -0.41
CA ILE D 1154 -14.28 -25.97 -1.26
C ILE D 1154 -15.57 -26.60 -0.74
N GLU D 1155 -15.49 -27.85 -0.28
CA GLU D 1155 -16.66 -28.52 0.27
C GLU D 1155 -17.17 -27.80 1.51
N VAL D 1156 -16.26 -27.24 2.31
CA VAL D 1156 -16.69 -26.48 3.49
C VAL D 1156 -17.59 -25.32 3.07
N ILE D 1157 -17.27 -24.65 1.97
CA ILE D 1157 -18.10 -23.55 1.50
C ILE D 1157 -19.41 -24.07 0.92
N VAL D 1158 -19.33 -25.15 0.13
CA VAL D 1158 -20.53 -25.66 -0.53
C VAL D 1158 -21.54 -26.15 0.50
N ARG D 1159 -21.07 -26.63 1.65
CA ARG D 1159 -22.00 -27.11 2.68
C ARG D 1159 -22.92 -26.00 3.18
N GLN D 1160 -22.44 -24.75 3.22
CA GLN D 1160 -23.24 -23.65 3.71
C GLN D 1160 -24.24 -23.14 2.69
N MET D 1161 -24.11 -23.54 1.41
CA MET D 1161 -25.03 -23.07 0.39
C MET D 1161 -26.32 -23.90 0.36
N LEU D 1162 -26.25 -25.16 0.76
CA LEU D 1162 -27.42 -26.05 0.75
C LEU D 1162 -27.96 -26.29 2.15
N ARG D 1163 -27.62 -25.44 3.11
CA ARG D 1163 -28.18 -25.58 4.46
C ARG D 1163 -29.63 -25.14 4.53
N ARG D 1164 -30.12 -24.42 3.52
CA ARG D 1164 -31.47 -23.88 3.54
C ARG D 1164 -32.34 -24.53 2.46
N VAL D 1165 -33.60 -24.76 2.80
CA VAL D 1165 -34.60 -25.24 1.89
C VAL D 1165 -35.78 -24.27 1.89
N THR D 1166 -36.55 -24.28 0.81
CA THR D 1166 -37.73 -23.44 0.72
C THR D 1166 -38.96 -24.24 1.11
N ILE D 1167 -40.07 -23.51 1.32
CA ILE D 1167 -41.32 -24.09 1.77
C ILE D 1167 -42.30 -24.07 0.61
N ILE D 1168 -42.73 -25.26 0.18
CA ILE D 1168 -43.77 -25.35 -0.85
C ILE D 1168 -45.15 -25.24 -0.22
N ASP D 1169 -45.42 -26.07 0.80
CA ASP D 1169 -46.67 -26.05 1.53
C ASP D 1169 -46.38 -25.85 3.01
N SER D 1170 -47.12 -24.94 3.64
CA SER D 1170 -46.91 -24.66 5.06
C SER D 1170 -47.49 -25.75 5.94
N GLY D 1171 -48.57 -26.41 5.51
CA GLY D 1171 -49.20 -27.44 6.30
C GLY D 1171 -49.86 -26.89 7.55
N SER D 1172 -49.39 -27.31 8.72
CA SER D 1172 -49.87 -26.80 9.99
C SER D 1172 -48.84 -25.96 10.71
N THR D 1173 -47.69 -25.72 10.10
CA THR D 1173 -46.63 -24.92 10.72
C THR D 1173 -46.85 -23.44 10.44
N GLU D 1174 -46.06 -22.61 11.13
CA GLU D 1174 -46.06 -21.17 10.91
C GLU D 1174 -45.03 -20.74 9.88
N PHE D 1175 -44.42 -21.68 9.19
CA PHE D 1175 -43.44 -21.35 8.15
C PHE D 1175 -44.14 -20.73 6.96
N LEU D 1176 -43.75 -19.51 6.62
CA LEU D 1176 -44.34 -18.83 5.46
C LEU D 1176 -43.91 -19.55 4.19
N PRO D 1177 -44.84 -19.99 3.35
CA PRO D 1177 -44.46 -20.71 2.13
C PRO D 1177 -43.67 -19.81 1.18
N GLY D 1178 -42.55 -20.34 0.67
CA GLY D 1178 -41.66 -19.60 -0.17
C GLY D 1178 -40.44 -19.04 0.54
N SER D 1179 -40.47 -18.98 1.87
CA SER D 1179 -39.34 -18.48 2.63
C SER D 1179 -38.23 -19.52 2.70
N LEU D 1180 -36.99 -19.04 2.72
CA LEU D 1180 -35.82 -19.91 2.77
C LEU D 1180 -35.43 -20.11 4.23
N ILE D 1181 -35.59 -21.33 4.73
CA ILE D 1181 -35.35 -21.64 6.13
C ILE D 1181 -34.29 -22.71 6.24
N ASP D 1182 -33.50 -22.63 7.31
CA ASP D 1182 -32.44 -23.61 7.54
C ASP D 1182 -33.00 -25.03 7.57
N ARG D 1183 -32.25 -25.97 7.00
CA ARG D 1183 -32.68 -27.37 6.96
C ARG D 1183 -32.56 -28.08 8.34
N ALA D 1184 -32.28 -27.32 9.40
CA ALA D 1184 -32.30 -27.82 10.76
C ALA D 1184 -33.54 -27.39 11.52
N GLU D 1185 -33.95 -26.13 11.37
CA GLU D 1185 -35.20 -25.69 11.97
C GLU D 1185 -36.41 -26.28 11.24
N PHE D 1186 -36.29 -26.50 9.94
CA PHE D 1186 -37.38 -27.06 9.15
C PHE D 1186 -37.73 -28.46 9.64
N GLU D 1187 -36.74 -29.35 9.69
CA GLU D 1187 -36.98 -30.69 10.20
C GLU D 1187 -37.35 -30.69 11.67
N ALA D 1188 -36.81 -29.76 12.46
CA ALA D 1188 -37.16 -29.67 13.87
C ALA D 1188 -38.62 -29.29 14.07
N GLU D 1189 -39.18 -28.45 13.21
CA GLU D 1189 -40.59 -28.08 13.34
C GLU D 1189 -41.51 -29.17 12.80
N ASN D 1190 -41.13 -29.77 11.66
CA ASN D 1190 -41.91 -30.89 11.15
C ASN D 1190 -41.90 -32.08 12.10
N ARG D 1191 -40.82 -32.27 12.86
CA ARG D 1191 -40.76 -33.33 13.86
C ARG D 1191 -41.82 -33.15 14.92
N ARG D 1192 -42.07 -31.90 15.36
CA ARG D 1192 -43.08 -31.69 16.39
C ARG D 1192 -44.49 -31.73 15.79
N VAL D 1193 -44.64 -31.18 14.58
CA VAL D 1193 -45.98 -31.16 13.98
C VAL D 1193 -46.43 -32.57 13.59
N VAL D 1194 -45.49 -33.44 13.21
CA VAL D 1194 -45.86 -34.82 12.91
C VAL D 1194 -46.43 -35.50 14.14
N ALA D 1195 -45.82 -35.27 15.32
CA ALA D 1195 -46.29 -35.87 16.56
C ALA D 1195 -47.42 -35.08 17.20
N GLU D 1196 -47.82 -33.95 16.64
CA GLU D 1196 -48.91 -33.15 17.19
C GLU D 1196 -50.25 -33.47 16.56
N GLY D 1197 -50.25 -33.97 15.33
CA GLY D 1197 -51.47 -34.30 14.60
C GLY D 1197 -51.64 -33.51 13.32
N GLY D 1198 -51.14 -32.27 13.30
CA GLY D 1198 -51.24 -31.43 12.13
C GLY D 1198 -50.33 -31.92 11.00
N GLU D 1199 -50.43 -31.23 9.87
CA GLU D 1199 -49.66 -31.60 8.69
C GLU D 1199 -48.28 -30.96 8.73
N PRO D 1200 -47.21 -31.71 8.53
CA PRO D 1200 -45.87 -31.11 8.47
C PRO D 1200 -45.68 -30.30 7.20
N ALA D 1201 -44.78 -29.33 7.28
CA ALA D 1201 -44.53 -28.45 6.14
C ALA D 1201 -43.75 -29.19 5.06
N ALA D 1202 -44.06 -28.87 3.79
CA ALA D 1202 -43.32 -29.43 2.68
C ALA D 1202 -41.96 -28.77 2.55
N GLY D 1203 -41.07 -29.44 1.80
CA GLY D 1203 -39.71 -28.97 1.66
C GLY D 1203 -39.21 -29.12 0.24
N ARG D 1204 -38.14 -28.38 -0.06
CA ARG D 1204 -37.46 -28.42 -1.35
C ARG D 1204 -36.08 -27.80 -1.20
N PRO D 1205 -35.01 -28.54 -1.49
CA PRO D 1205 -33.66 -27.96 -1.37
C PRO D 1205 -33.46 -26.81 -2.34
N VAL D 1206 -32.72 -25.81 -1.89
CA VAL D 1206 -32.51 -24.57 -2.64
C VAL D 1206 -31.03 -24.21 -2.60
N LEU D 1207 -30.47 -23.93 -3.77
CA LEU D 1207 -29.08 -23.46 -3.88
C LEU D 1207 -29.06 -21.95 -3.78
N MET D 1208 -28.22 -21.43 -2.88
CA MET D 1208 -28.12 -20.00 -2.63
C MET D 1208 -26.69 -19.53 -2.84
N GLY D 1209 -26.55 -18.29 -3.31
CA GLY D 1209 -25.25 -17.67 -3.39
C GLY D 1209 -24.69 -17.35 -2.02
N ILE D 1210 -23.37 -17.17 -1.97
CA ILE D 1210 -22.70 -16.92 -0.70
C ILE D 1210 -23.16 -15.58 -0.12
N THR D 1211 -23.41 -14.59 -0.99
CA THR D 1211 -23.88 -13.30 -0.51
C THR D 1211 -25.29 -13.41 0.06
N LYS D 1212 -26.18 -14.10 -0.65
CA LYS D 1212 -27.55 -14.24 -0.19
C LYS D 1212 -27.62 -15.05 1.10
N ALA D 1213 -26.82 -16.11 1.21
CA ALA D 1213 -26.78 -16.89 2.45
C ALA D 1213 -26.15 -16.11 3.59
N SER D 1214 -25.17 -15.26 3.29
CA SER D 1214 -24.55 -14.45 4.33
C SER D 1214 -25.53 -13.41 4.88
N LEU D 1215 -26.28 -12.76 3.98
CA LEU D 1215 -27.29 -11.81 4.44
C LEU D 1215 -28.48 -12.50 5.10
N ALA D 1216 -28.69 -13.78 4.83
CA ALA D 1216 -29.79 -14.53 5.42
C ALA D 1216 -29.42 -15.14 6.77
N THR D 1217 -28.24 -14.83 7.30
CA THR D 1217 -27.86 -15.37 8.60
C THR D 1217 -28.76 -14.82 9.69
N ASP D 1218 -28.88 -15.58 10.78
CA ASP D 1218 -29.80 -15.23 11.85
C ASP D 1218 -29.33 -14.05 12.68
N SER D 1219 -28.06 -13.66 12.58
CA SER D 1219 -27.52 -12.52 13.31
C SER D 1219 -27.65 -11.26 12.47
N TRP D 1220 -28.48 -10.32 12.92
CA TRP D 1220 -28.60 -9.06 12.20
C TRP D 1220 -27.37 -8.19 12.38
N LEU D 1221 -26.64 -8.36 13.49
CA LEU D 1221 -25.41 -7.59 13.70
C LEU D 1221 -24.29 -8.11 12.79
N SER D 1222 -24.26 -9.42 12.54
CA SER D 1222 -23.25 -9.97 11.65
C SER D 1222 -23.55 -9.60 10.20
N ALA D 1223 -24.81 -9.33 9.89
CA ALA D 1223 -25.19 -8.99 8.52
C ALA D 1223 -25.06 -7.50 8.25
N ALA D 1224 -25.36 -6.66 9.25
CA ALA D 1224 -25.26 -5.21 9.08
C ALA D 1224 -23.82 -4.75 8.89
N SER D 1225 -22.85 -5.57 9.28
CA SER D 1225 -21.44 -5.26 9.09
C SER D 1225 -20.86 -5.86 7.83
N PHE D 1226 -21.69 -6.52 7.01
CA PHE D 1226 -21.22 -7.14 5.78
C PHE D 1226 -21.58 -6.28 4.57
N GLN D 1227 -22.84 -6.32 4.15
CA GLN D 1227 -23.32 -5.53 3.03
C GLN D 1227 -24.72 -5.03 3.32
N GLU D 1228 -25.10 -3.93 2.65
CA GLU D 1228 -26.44 -3.37 2.72
C GLU D 1228 -26.85 -3.10 4.17
N THR D 1229 -26.12 -2.17 4.80
CA THR D 1229 -26.33 -1.89 6.22
C THR D 1229 -27.75 -1.39 6.47
N THR D 1230 -28.20 -0.42 5.67
CA THR D 1230 -29.53 0.16 5.87
C THR D 1230 -30.62 -0.86 5.56
N ARG D 1231 -30.46 -1.63 4.47
CA ARG D 1231 -31.47 -2.61 4.11
C ARG D 1231 -31.61 -3.69 5.17
N VAL D 1232 -30.52 -4.01 5.88
CA VAL D 1232 -30.59 -4.99 6.94
C VAL D 1232 -31.20 -4.39 8.21
N LEU D 1233 -30.77 -3.17 8.56
CA LEU D 1233 -31.26 -2.55 9.79
C LEU D 1233 -32.76 -2.26 9.72
N THR D 1234 -33.26 -1.87 8.55
CA THR D 1234 -34.69 -1.60 8.42
C THR D 1234 -35.53 -2.84 8.72
N ASP D 1235 -35.23 -3.95 8.03
CA ASP D 1235 -35.97 -5.18 8.26
C ASP D 1235 -35.73 -5.72 9.67
N ALA D 1236 -34.56 -5.45 10.25
CA ALA D 1236 -34.30 -5.88 11.62
C ALA D 1236 -35.21 -5.15 12.60
N ALA D 1237 -35.34 -3.83 12.42
CA ALA D 1237 -36.24 -3.06 13.28
C ALA D 1237 -37.70 -3.45 13.05
N ILE D 1238 -38.07 -3.78 11.81
CA ILE D 1238 -39.45 -4.13 11.52
C ILE D 1238 -39.81 -5.47 12.16
N ASN D 1239 -39.06 -6.52 11.81
CA ASN D 1239 -39.31 -7.84 12.38
C ASN D 1239 -38.95 -7.93 13.85
N CYS D 1240 -38.31 -6.90 14.41
CA CYS D 1240 -37.92 -6.87 15.82
C CYS D 1240 -37.05 -8.07 16.18
N ARG D 1241 -36.05 -8.34 15.34
CA ARG D 1241 -35.19 -9.49 15.54
C ARG D 1241 -34.23 -9.25 16.70
N SER D 1242 -34.08 -10.27 17.54
CA SER D 1242 -33.13 -10.27 18.65
C SER D 1242 -31.98 -11.21 18.31
N ASP D 1243 -30.76 -10.71 18.40
CA ASP D 1243 -29.57 -11.46 18.01
C ASP D 1243 -28.94 -12.10 19.23
N LYS D 1244 -28.86 -13.43 19.23
CA LYS D 1244 -28.11 -14.15 20.25
C LYS D 1244 -26.63 -14.00 19.96
N LEU D 1245 -25.91 -13.27 20.81
CA LEU D 1245 -24.51 -12.97 20.58
C LEU D 1245 -23.64 -14.21 20.70
N ASN D 1246 -23.74 -15.11 19.72
CA ASN D 1246 -22.97 -16.36 19.68
C ASN D 1246 -22.43 -16.51 18.26
N GLY D 1247 -21.33 -15.84 17.97
CA GLY D 1247 -20.71 -15.91 16.66
C GLY D 1247 -19.41 -15.12 16.67
N LEU D 1248 -18.56 -15.45 15.69
CA LEU D 1248 -17.23 -14.87 15.64
C LEU D 1248 -17.30 -13.36 15.44
N LYS D 1249 -18.03 -12.92 14.41
CA LYS D 1249 -18.11 -11.49 14.11
C LYS D 1249 -18.74 -10.71 15.26
N GLU D 1250 -19.82 -11.23 15.83
CA GLU D 1250 -20.51 -10.56 16.92
C GLU D 1250 -19.61 -10.42 18.15
N ASN D 1251 -18.98 -11.52 18.57
CA ASN D 1251 -18.09 -11.45 19.72
C ASN D 1251 -16.87 -10.58 19.45
N VAL D 1252 -16.44 -10.50 18.18
CA VAL D 1252 -15.40 -9.55 17.81
C VAL D 1252 -15.87 -8.13 18.08
N ILE D 1253 -17.10 -7.82 17.68
CA ILE D 1253 -17.62 -6.46 17.87
C ILE D 1253 -17.75 -6.14 19.35
N ILE D 1254 -18.41 -7.01 20.11
CA ILE D 1254 -18.72 -6.70 21.52
C ILE D 1254 -17.55 -6.95 22.46
N GLY D 1255 -16.49 -7.59 22.00
CA GLY D 1255 -15.33 -7.80 22.83
C GLY D 1255 -15.29 -9.11 23.59
N LYS D 1256 -16.18 -10.04 23.29
CA LYS D 1256 -16.17 -11.34 23.95
C LYS D 1256 -15.16 -12.26 23.26
N LEU D 1257 -14.80 -13.33 23.96
CA LEU D 1257 -13.98 -14.38 23.37
C LEU D 1257 -14.75 -15.06 22.24
N ILE D 1258 -14.11 -15.20 21.09
CA ILE D 1258 -14.78 -15.81 19.94
C ILE D 1258 -15.05 -17.28 20.24
N PRO D 1259 -16.23 -17.81 19.90
CA PRO D 1259 -16.51 -19.23 20.16
C PRO D 1259 -15.76 -20.16 19.21
N ALA D 1260 -14.43 -20.09 19.21
CA ALA D 1260 -13.61 -20.91 18.36
C ALA D 1260 -12.21 -21.00 18.94
N GLY D 1261 -11.55 -22.13 18.70
CA GLY D 1261 -10.21 -22.34 19.21
C GLY D 1261 -10.16 -22.41 20.72
N THR D 1262 -9.40 -21.50 21.34
CA THR D 1262 -9.31 -21.44 22.79
C THR D 1262 -10.48 -20.70 23.43
N GLY D 1263 -11.52 -20.39 22.67
CA GLY D 1263 -12.64 -19.63 23.18
C GLY D 1263 -13.85 -20.47 23.50
N ILE D 1264 -13.89 -21.70 22.98
CA ILE D 1264 -15.04 -22.56 23.26
C ILE D 1264 -15.05 -22.97 24.72
N ASN D 1265 -16.25 -23.31 25.21
CA ASN D 1265 -16.43 -23.60 26.63
C ASN D 1265 -15.67 -24.84 27.07
N ARG D 1266 -15.28 -25.71 26.14
CA ARG D 1266 -14.54 -26.91 26.51
C ARG D 1266 -13.15 -26.57 27.04
N TYR D 1267 -12.43 -25.71 26.31
CA TYR D 1267 -11.09 -25.31 26.74
C TYR D 1267 -11.09 -24.09 27.65
N ARG D 1268 -12.16 -23.27 27.61
CA ARG D 1268 -12.17 -22.03 28.39
C ARG D 1268 -12.26 -22.32 29.88
N ASN D 1269 -13.30 -23.03 30.30
CA ASN D 1269 -13.53 -23.32 31.72
C ASN D 1269 -12.72 -24.57 32.08
N ILE D 1270 -11.46 -24.37 32.41
CA ILE D 1270 -10.55 -25.45 32.80
C ILE D 1270 -9.80 -25.03 34.06
N ALA D 1271 -9.76 -25.91 35.05
CA ALA D 1271 -9.04 -25.66 36.29
C ALA D 1271 -7.77 -26.49 36.33
N VAL D 1272 -6.69 -25.89 36.81
CA VAL D 1272 -5.39 -26.53 36.90
C VAL D 1272 -4.93 -26.50 38.36
N GLN D 1273 -4.45 -27.64 38.84
CA GLN D 1273 -3.98 -27.77 40.22
C GLN D 1273 -2.82 -28.75 40.24
N PRO D 1274 -1.89 -28.59 41.18
CA PRO D 1274 -0.81 -29.58 41.32
C PRO D 1274 -1.35 -30.94 41.75
N THR D 1275 -0.68 -31.99 41.30
CA THR D 1275 -1.16 -33.36 41.50
C THR D 1275 -0.77 -33.86 42.89
N GLU D 1276 -1.36 -33.22 43.91
CA GLU D 1276 -1.23 -33.64 45.31
C GLU D 1276 0.21 -33.54 45.82
N GLU D 1277 1.15 -34.13 45.08
CA GLU D 1277 2.55 -34.11 45.47
C GLU D 1277 3.06 -32.67 45.49
N ALA D 1278 3.88 -32.36 46.51
CA ALA D 1278 4.44 -31.03 46.66
C ALA D 1278 5.78 -31.14 47.37
N ARG D 1279 6.61 -30.11 47.19
CA ARG D 1279 7.91 -30.07 47.84
C ARG D 1279 7.76 -29.87 49.34
N ALA D 1280 8.71 -30.44 50.09
CA ALA D 1280 8.70 -30.26 51.54
C ALA D 1280 9.06 -28.84 51.93
N ALA D 1281 9.80 -28.13 51.09
CA ALA D 1281 10.18 -26.76 51.37
C ALA D 1281 9.07 -25.80 50.96
N GLY E 28 16.29 -37.64 20.40
CA GLY E 28 16.43 -37.85 18.97
C GLY E 28 16.38 -36.52 18.21
N TYR E 29 16.90 -35.47 18.84
CA TYR E 29 16.87 -34.14 18.25
C TYR E 29 17.89 -33.26 18.97
N ASP E 30 18.25 -32.16 18.31
CA ASP E 30 19.17 -31.21 18.92
C ASP E 30 18.50 -30.51 20.10
N THR E 31 19.33 -30.06 21.04
CA THR E 31 18.84 -29.42 22.25
C THR E 31 17.99 -28.21 21.91
N PRO E 32 16.75 -28.13 22.39
CA PRO E 32 15.91 -26.96 22.08
C PRO E 32 16.46 -25.70 22.72
N LEU E 33 16.64 -24.66 21.90
CA LEU E 33 17.24 -23.41 22.34
C LEU E 33 16.19 -22.31 22.37
N GLY E 34 16.19 -21.52 23.43
CA GLY E 34 15.28 -20.40 23.57
C GLY E 34 13.82 -20.75 23.78
N ILE E 35 12.93 -20.10 23.01
CA ILE E 35 11.49 -20.24 23.21
C ILE E 35 10.96 -21.59 22.78
N THR E 36 11.75 -22.38 22.04
CA THR E 36 11.31 -23.71 21.62
C THR E 36 11.47 -24.76 22.70
N ASN E 37 11.93 -24.38 23.89
CA ASN E 37 12.06 -25.29 25.02
C ASN E 37 11.00 -24.98 26.07
N PRO E 38 10.21 -25.97 26.52
CA PRO E 38 10.23 -27.38 26.13
C PRO E 38 9.79 -27.63 24.69
N PRO E 39 10.23 -28.73 24.09
CA PRO E 39 9.87 -29.00 22.68
C PRO E 39 8.37 -29.01 22.48
N ILE E 40 7.95 -28.47 21.33
CA ILE E 40 6.53 -28.39 21.00
C ILE E 40 5.93 -29.75 20.68
N ASP E 41 6.76 -30.76 20.44
CA ASP E 41 6.25 -32.10 20.15
C ASP E 41 5.93 -32.86 21.44
N GLU E 42 6.82 -32.81 22.42
CA GLU E 42 6.59 -33.52 23.67
C GLU E 42 5.52 -32.84 24.51
N LEU E 43 5.35 -31.52 24.35
CA LEU E 43 4.31 -30.82 25.10
C LEU E 43 2.91 -31.19 24.62
N LEU E 44 2.76 -31.53 23.33
CA LEU E 44 1.47 -31.93 22.80
C LEU E 44 1.12 -33.38 23.14
N ASP E 45 1.92 -34.05 23.96
CA ASP E 45 1.60 -35.42 24.38
C ASP E 45 0.82 -35.45 25.69
N ARG E 46 1.15 -34.57 26.63
CA ARG E 46 0.43 -34.46 27.89
C ARG E 46 -0.87 -33.67 27.75
N VAL E 47 -1.30 -33.35 26.54
CA VAL E 47 -2.47 -32.52 26.31
C VAL E 47 -3.27 -33.10 25.15
N SER E 48 -4.57 -32.75 25.12
CA SER E 48 -5.46 -33.29 24.11
C SER E 48 -5.33 -32.59 22.77
N SER E 49 -5.04 -31.29 22.76
CA SER E 49 -4.97 -30.55 21.51
C SER E 49 -4.08 -29.32 21.72
N LYS E 50 -3.80 -28.64 20.62
CA LYS E 50 -3.02 -27.40 20.69
C LYS E 50 -3.73 -26.34 21.51
N TYR E 51 -5.06 -26.30 21.44
CA TYR E 51 -5.83 -25.25 22.09
C TYR E 51 -5.96 -25.46 23.59
N ALA E 52 -5.87 -26.71 24.05
CA ALA E 52 -5.97 -26.97 25.49
C ALA E 52 -4.65 -26.71 26.21
N LEU E 53 -3.52 -26.95 25.54
CA LEU E 53 -2.22 -26.66 26.13
C LEU E 53 -2.09 -25.17 26.43
N VAL E 54 -2.65 -24.32 25.57
CA VAL E 54 -2.63 -22.88 25.81
C VAL E 54 -3.29 -22.55 27.14
N ILE E 55 -4.49 -23.08 27.37
CA ILE E 55 -5.22 -22.76 28.59
C ILE E 55 -4.49 -23.33 29.81
N TYR E 56 -4.04 -24.57 29.72
CA TYR E 56 -3.29 -25.18 30.82
C TYR E 56 -2.13 -24.29 31.23
N ALA E 57 -1.25 -23.98 30.26
CA ALA E 57 -0.05 -23.22 30.55
C ALA E 57 -0.37 -21.82 31.04
N ALA E 58 -1.39 -21.18 30.45
CA ALA E 58 -1.70 -19.80 30.82
C ALA E 58 -2.24 -19.71 32.24
N LYS E 59 -3.17 -20.60 32.61
CA LYS E 59 -3.71 -20.55 33.96
C LYS E 59 -2.64 -20.93 34.99
N ARG E 60 -1.77 -21.89 34.66
CA ARG E 60 -0.69 -22.22 35.58
C ARG E 60 0.29 -21.05 35.71
N ALA E 61 0.54 -20.32 34.62
CA ALA E 61 1.41 -19.16 34.68
C ALA E 61 0.81 -18.07 35.56
N ARG E 62 -0.50 -17.87 35.46
CA ARG E 62 -1.16 -16.91 36.35
C ARG E 62 -1.03 -17.34 37.80
N GLN E 63 -1.16 -18.64 38.07
CA GLN E 63 -0.98 -19.15 39.44
C GLN E 63 0.43 -18.85 39.95
N ILE E 64 1.45 -19.12 39.12
CA ILE E 64 2.82 -18.89 39.54
C ILE E 64 3.08 -17.40 39.77
N ASN E 65 2.56 -16.55 38.89
CA ASN E 65 2.73 -15.11 39.06
C ASN E 65 2.08 -14.62 40.34
N ASP E 66 0.89 -15.13 40.65
CA ASP E 66 0.22 -14.74 41.88
C ASP E 66 0.96 -15.26 43.11
N TYR E 67 1.62 -16.41 43.01
CA TYR E 67 2.48 -16.85 44.11
C TYR E 67 3.65 -15.90 44.29
N TYR E 68 4.26 -15.47 43.20
CA TYR E 68 5.40 -14.55 43.30
C TYR E 68 4.97 -13.18 43.84
N ASN E 69 3.71 -12.79 43.62
CA ASN E 69 3.23 -11.51 44.12
C ASN E 69 2.48 -11.61 45.44
N GLN E 70 2.23 -12.82 45.94
CA GLN E 70 1.54 -13.01 47.22
C GLN E 70 2.36 -13.89 48.16
N LEU E 71 3.68 -13.90 47.98
CA LEU E 71 4.54 -14.66 48.88
C LEU E 71 4.82 -13.88 50.17
N GLY E 72 4.90 -12.56 50.09
CA GLY E 72 5.18 -11.75 51.25
C GLY E 72 3.95 -11.36 52.06
N GLU E 73 2.79 -11.35 51.41
CA GLU E 73 1.54 -10.98 52.06
C GLU E 73 0.45 -11.96 51.67
N GLY E 74 -0.51 -12.13 52.58
CA GLY E 74 -1.66 -12.97 52.33
C GLY E 74 -1.44 -14.45 52.50
N ILE E 75 -2.38 -15.12 53.14
CA ILE E 75 -2.32 -16.58 53.31
C ILE E 75 -2.93 -17.23 52.09
N LEU E 76 -2.90 -18.56 52.05
CA LEU E 76 -3.46 -19.34 50.94
C LEU E 76 -2.83 -18.93 49.60
N GLU E 77 -1.54 -18.59 49.65
CA GLU E 77 -0.82 -18.24 48.43
C GLU E 77 -0.79 -19.44 47.48
N TYR E 78 -0.90 -19.15 46.18
CA TYR E 78 -0.95 -20.21 45.19
C TYR E 78 0.31 -21.07 45.25
N VAL E 79 0.18 -22.31 44.76
CA VAL E 79 1.28 -23.26 44.85
C VAL E 79 2.46 -22.76 44.04
N GLY E 80 3.65 -22.76 44.65
CA GLY E 80 4.82 -22.21 44.03
C GLY E 80 5.29 -23.03 42.85
N PRO E 81 6.40 -22.58 42.25
CA PRO E 81 6.95 -23.30 41.09
C PRO E 81 7.40 -24.70 41.49
N LEU E 82 6.87 -25.70 40.78
CA LEU E 82 7.14 -27.09 41.14
C LEU E 82 8.55 -27.50 40.76
N VAL E 83 9.06 -27.00 39.63
CA VAL E 83 10.42 -27.29 39.21
C VAL E 83 11.35 -26.20 39.72
N GLU E 84 12.65 -26.42 39.61
CA GLU E 84 13.63 -25.40 39.98
C GLU E 84 13.67 -24.32 38.90
N PRO E 85 13.30 -23.08 39.21
CA PRO E 85 13.29 -22.04 38.18
C PRO E 85 14.67 -21.44 37.96
N GLY E 86 14.89 -20.99 36.73
CA GLY E 86 16.09 -20.25 36.42
C GLY E 86 16.02 -18.82 36.90
N LEU E 87 17.18 -18.16 36.89
CA LEU E 87 17.25 -16.77 37.35
C LEU E 87 16.52 -15.87 36.38
N GLN E 88 15.53 -15.12 36.88
CA GLN E 88 14.73 -14.19 36.08
C GLN E 88 14.02 -14.93 34.94
N GLU E 89 13.49 -16.11 35.25
CA GLU E 89 12.76 -16.89 34.27
C GLU E 89 11.29 -16.50 34.26
N LYS E 90 10.73 -16.35 33.07
CA LYS E 90 9.34 -15.95 32.95
C LYS E 90 8.42 -17.05 33.49
N PRO E 91 7.32 -16.68 34.15
CA PRO E 91 6.40 -17.70 34.67
C PRO E 91 5.82 -18.60 33.59
N LEU E 92 5.67 -18.08 32.37
CA LEU E 92 5.19 -18.91 31.26
C LEU E 92 6.15 -20.07 30.99
N SER E 93 7.46 -19.77 30.97
CA SER E 93 8.44 -20.82 30.71
C SER E 93 8.47 -21.85 31.84
N ILE E 94 8.35 -21.39 33.09
CA ILE E 94 8.34 -22.32 34.23
C ILE E 94 7.12 -23.23 34.14
N ALA E 95 5.95 -22.65 33.85
CA ALA E 95 4.74 -23.43 33.72
C ALA E 95 4.85 -24.44 32.58
N LEU E 96 5.42 -24.02 31.45
CA LEU E 96 5.58 -24.94 30.34
C LEU E 96 6.52 -26.08 30.69
N ARG E 97 7.61 -25.78 31.38
CA ARG E 97 8.55 -26.82 31.79
C ARG E 97 7.88 -27.83 32.73
N GLU E 98 7.14 -27.33 33.72
CA GLU E 98 6.50 -28.25 34.66
C GLU E 98 5.33 -29.00 34.02
N ILE E 99 4.74 -28.46 32.95
CA ILE E 99 3.80 -29.26 32.16
C ILE E 99 4.54 -30.38 31.44
N HIS E 100 5.72 -30.09 30.91
CA HIS E 100 6.53 -31.12 30.26
C HIS E 100 6.98 -32.19 31.25
N ALA E 101 7.12 -31.84 32.53
CA ALA E 101 7.62 -32.75 33.54
C ALA E 101 6.53 -33.56 34.24
N ASP E 102 5.28 -33.47 33.75
CA ASP E 102 4.17 -34.25 34.30
C ASP E 102 3.95 -33.97 35.79
N LEU E 103 4.04 -32.70 36.17
CA LEU E 103 3.82 -32.30 37.56
C LEU E 103 2.47 -31.62 37.77
N LEU E 104 1.64 -31.54 36.74
CA LEU E 104 0.35 -30.86 36.83
C LEU E 104 -0.75 -31.77 36.32
N GLU E 105 -1.99 -31.42 36.68
CA GLU E 105 -3.18 -32.12 36.23
C GLU E 105 -3.97 -31.21 35.29
N HIS E 106 -5.25 -31.54 35.10
CA HIS E 106 -6.12 -30.78 34.21
C HIS E 106 -7.56 -31.19 34.49
N THR E 107 -8.49 -30.36 34.00
CA THR E 107 -9.92 -30.64 34.18
C THR E 107 -10.66 -29.97 33.01
N GLU E 108 -11.09 -30.78 32.05
CA GLU E 108 -11.80 -30.28 30.89
C GLU E 108 -13.31 -30.35 31.09
N VAL F 4 -67.79 37.31 4.85
CA VAL F 4 -68.26 35.97 5.18
C VAL F 4 -67.10 34.98 5.12
N SER F 5 -67.44 33.69 4.99
CA SER F 5 -66.42 32.65 4.94
C SER F 5 -65.64 32.67 3.63
N GLY F 6 -66.21 33.22 2.56
CA GLY F 6 -65.48 33.30 1.31
C GLY F 6 -64.43 34.39 1.28
N ALA F 7 -64.63 35.46 2.06
CA ALA F 7 -63.65 36.53 2.11
C ALA F 7 -62.33 36.04 2.70
N ALA F 8 -62.39 35.09 3.63
CA ALA F 8 -61.17 34.54 4.21
C ALA F 8 -60.47 33.56 3.27
N ALA F 9 -61.24 32.85 2.44
CA ALA F 9 -60.64 31.95 1.46
C ALA F 9 -60.03 32.73 0.30
N ALA F 10 -60.57 33.91 0.01
CA ALA F 10 -60.02 34.75 -1.05
C ALA F 10 -58.57 35.13 -0.75
N GLU F 11 -58.23 35.31 0.52
CA GLU F 11 -56.86 35.69 0.88
C GLU F 11 -55.87 34.56 0.61
N ALA F 12 -56.25 33.33 0.96
CA ALA F 12 -55.40 32.18 0.66
C ALA F 12 -55.28 31.98 -0.85
N ALA F 13 -56.39 32.14 -1.57
CA ALA F 13 -56.34 32.05 -3.03
C ALA F 13 -55.45 33.14 -3.61
N LEU F 14 -55.38 34.30 -2.95
CA LEU F 14 -54.48 35.36 -3.39
C LEU F 14 -53.03 34.99 -3.17
N ARG F 16 -51.75 31.96 -3.02
CA ARG F 16 -51.38 30.85 -3.92
C ARG F 16 -50.97 31.36 -5.30
N ALA F 17 -51.59 32.43 -5.79
CA ALA F 17 -51.26 32.96 -7.11
C ALA F 17 -49.87 33.59 -7.12
N LEU F 18 -49.55 34.42 -6.12
CA LEU F 18 -48.21 34.98 -6.05
C LEU F 18 -47.18 33.88 -5.85
N TYR F 19 -47.55 32.80 -5.16
CA TYR F 19 -46.69 31.62 -5.13
C TYR F 19 -46.38 31.20 -6.56
N ASP F 20 -47.43 30.79 -7.29
CA ASP F 20 -47.25 30.25 -8.64
C ASP F 20 -46.46 31.17 -9.55
N GLU F 21 -46.55 32.49 -9.33
CA GLU F 21 -45.94 33.42 -10.26
C GLU F 21 -44.58 33.94 -9.84
N HIS F 22 -44.21 33.87 -8.56
CA HIS F 22 -42.99 34.50 -8.08
C HIS F 22 -42.07 33.60 -7.26
N ALA F 23 -42.58 32.53 -6.65
CA ALA F 23 -41.75 31.77 -5.72
C ALA F 23 -40.63 31.04 -6.44
N ALA F 24 -40.95 30.36 -7.54
CA ALA F 24 -39.95 29.61 -8.28
C ALA F 24 -38.92 30.53 -8.93
N VAL F 25 -39.29 31.78 -9.20
CA VAL F 25 -38.33 32.72 -9.78
C VAL F 25 -37.46 33.35 -8.69
N LEU F 26 -38.03 33.58 -7.50
CA LEU F 26 -37.24 34.09 -6.39
C LEU F 26 -36.26 33.06 -5.85
N TRP F 27 -36.61 31.77 -6.00
CA TRP F 27 -35.74 30.72 -5.49
C TRP F 27 -34.40 30.71 -6.21
N ARG F 28 -34.40 30.84 -7.53
CA ARG F 28 -33.15 30.85 -8.28
C ARG F 28 -32.30 32.08 -7.94
N TYR F 29 -32.96 33.23 -7.71
CA TYR F 29 -32.25 34.43 -7.28
C TYR F 29 -31.54 34.22 -5.95
N ALA F 30 -32.28 33.74 -4.94
CA ALA F 30 -31.66 33.46 -3.65
C ALA F 30 -30.60 32.38 -3.75
N LEU F 31 -30.78 31.43 -4.66
CA LEU F 31 -29.81 30.35 -4.84
C LEU F 31 -28.52 30.87 -5.45
N ARG F 32 -28.62 31.78 -6.42
CA ARG F 32 -27.42 32.41 -6.96
C ARG F 32 -26.74 33.29 -5.92
N LEU F 33 -27.51 33.91 -5.02
CA LEU F 33 -26.89 34.76 -4.02
C LEU F 33 -26.22 33.97 -2.90
N THR F 34 -26.75 32.79 -2.57
CA THR F 34 -26.19 31.98 -1.48
C THR F 34 -25.35 30.82 -1.99
N GLY F 35 -25.85 30.06 -2.95
CA GLY F 35 -25.19 28.86 -3.42
C GLY F 35 -25.69 27.58 -2.79
N ASP F 36 -26.60 27.68 -1.82
CA ASP F 36 -27.15 26.53 -1.11
C ASP F 36 -28.66 26.51 -1.34
N ALA F 37 -29.16 25.39 -1.87
CA ALA F 37 -30.58 25.30 -2.23
C ALA F 37 -31.46 25.18 -0.98
N ALA F 38 -31.04 24.36 -0.02
CA ALA F 38 -31.82 24.20 1.21
C ALA F 38 -31.94 25.52 1.97
N GLN F 39 -30.98 26.43 1.80
CA GLN F 39 -31.09 27.76 2.37
C GLN F 39 -31.96 28.66 1.50
N ALA F 40 -31.93 28.49 0.19
CA ALA F 40 -32.77 29.28 -0.70
C ALA F 40 -34.25 29.01 -0.43
N GLU F 41 -34.61 27.77 -0.10
CA GLU F 41 -36.00 27.46 0.23
C GLU F 41 -36.43 28.20 1.49
N ASP F 42 -35.58 28.22 2.51
CA ASP F 42 -35.86 28.99 3.72
C ASP F 42 -36.07 30.46 3.40
N VAL F 43 -35.18 31.01 2.57
CA VAL F 43 -35.28 32.42 2.19
C VAL F 43 -36.61 32.70 1.51
N VAL F 44 -37.01 31.82 0.58
CA VAL F 44 -38.26 32.01 -0.15
C VAL F 44 -39.44 31.98 0.82
N GLN F 45 -39.46 31.01 1.73
CA GLN F 45 -40.58 30.90 2.66
C GLN F 45 -40.70 32.13 3.55
N GLU F 46 -39.57 32.62 4.07
CA GLU F 46 -39.60 33.81 4.92
C GLU F 46 -40.05 35.04 4.13
N THR F 47 -39.58 35.16 2.89
CA THR F 47 -39.96 36.30 2.06
C THR F 47 -41.47 36.31 1.80
N LEU F 48 -42.03 35.15 1.46
CA LEU F 48 -43.46 35.10 1.19
C LEU F 48 -44.28 35.26 2.47
N LEU F 49 -43.72 34.86 3.62
CA LEU F 49 -44.37 35.14 4.89
C LEU F 49 -44.48 36.65 5.12
N ARG F 50 -43.37 37.37 4.93
CA ARG F 50 -43.42 38.82 5.06
C ARG F 50 -44.35 39.45 4.03
N ALA F 51 -44.46 38.84 2.85
CA ALA F 51 -45.45 39.30 1.87
C ALA F 51 -46.87 39.16 2.41
N TRP F 52 -47.16 38.02 3.05
CA TRP F 52 -48.48 37.85 3.67
C TRP F 52 -48.70 38.84 4.80
N GLN F 53 -47.63 39.29 5.45
CA GLN F 53 -47.75 40.21 6.57
C GLN F 53 -47.81 41.67 6.16
N HIS F 54 -47.59 41.98 4.88
CA HIS F 54 -47.61 43.37 4.41
C HIS F 54 -48.70 43.56 3.37
N PRO F 55 -49.87 44.08 3.74
CA PRO F 55 -50.93 44.31 2.74
C PRO F 55 -50.62 45.45 1.79
N GLU F 56 -49.68 46.34 2.14
CA GLU F 56 -49.34 47.44 1.25
C GLU F 56 -48.65 46.94 -0.02
N VAL F 57 -47.88 45.85 0.09
CA VAL F 57 -47.23 45.30 -1.09
C VAL F 57 -48.21 44.49 -1.94
N ILE F 58 -49.22 43.89 -1.31
CA ILE F 58 -50.22 43.13 -2.04
C ILE F 58 -51.42 43.99 -2.45
N GLY F 59 -51.42 45.27 -2.10
CA GLY F 59 -52.54 46.13 -2.43
C GLY F 59 -52.57 46.58 -3.87
N ASP F 60 -51.53 47.31 -4.30
CA ASP F 60 -51.48 47.87 -5.64
C ASP F 60 -50.96 46.80 -6.61
N THR F 61 -51.82 46.33 -7.50
CA THR F 61 -51.39 45.48 -8.60
C THR F 61 -50.76 46.28 -9.72
N ALA F 62 -51.12 47.57 -9.84
CA ALA F 62 -50.51 48.45 -10.84
C ALA F 62 -49.07 48.80 -10.53
N ARG F 63 -48.56 48.40 -9.36
CA ARG F 63 -47.17 48.60 -8.96
C ARG F 63 -46.46 47.25 -8.90
N PRO F 64 -45.24 47.14 -9.45
CA PRO F 64 -44.56 45.85 -9.49
C PRO F 64 -44.25 45.33 -8.08
N ALA F 65 -44.63 44.08 -7.85
CA ALA F 65 -44.45 43.45 -6.55
C ALA F 65 -43.28 42.47 -6.50
N ARG F 66 -42.82 41.99 -7.67
CA ARG F 66 -41.69 41.07 -7.70
C ARG F 66 -40.42 41.75 -7.20
N ALA F 67 -40.26 43.04 -7.51
CA ALA F 67 -39.06 43.77 -7.11
C ALA F 67 -38.95 43.89 -5.59
N TRP F 68 -40.07 44.12 -4.92
CA TRP F 68 -40.07 44.14 -3.46
C TRP F 68 -39.59 42.80 -2.90
N LEU F 69 -40.02 41.70 -3.50
CA LEU F 69 -39.58 40.38 -3.06
C LEU F 69 -38.08 40.22 -3.24
N PHE F 70 -37.55 40.64 -4.40
CA PHE F 70 -36.11 40.53 -4.63
C PHE F 70 -35.33 41.35 -3.63
N THR F 71 -35.79 42.58 -3.34
CA THR F 71 -35.08 43.42 -2.39
C THR F 71 -35.13 42.83 -0.98
N VAL F 72 -36.28 42.28 -0.57
CA VAL F 72 -36.39 41.68 0.75
C VAL F 72 -35.47 40.47 0.85
N ALA F 73 -35.41 39.65 -0.21
CA ALA F 73 -34.54 38.48 -0.18
C ALA F 73 -33.07 38.90 -0.12
N ARG F 74 -32.71 39.97 -0.83
CA ARG F 74 -31.34 40.47 -0.78
C ARG F 74 -30.97 40.93 0.62
N ASN F 75 -31.87 41.69 1.26
CA ASN F 75 -31.62 42.14 2.62
C ASN F 75 -31.73 41.02 3.64
N ILE F 77 -30.41 37.81 2.82
CA ILE F 77 -29.15 37.12 2.62
C ILE F 77 -27.99 37.96 3.16
N ILE F 78 -28.02 39.27 2.95
CA ILE F 78 -26.97 40.13 3.49
C ILE F 78 -26.96 40.09 5.02
N ASP F 79 -28.12 39.88 5.65
CA ASP F 79 -28.15 39.72 7.10
C ASP F 79 -27.56 38.37 7.51
N GLU F 80 -28.00 37.29 6.87
CA GLU F 80 -27.45 35.97 7.14
C GLU F 80 -25.93 35.96 6.98
N ARG F 81 -25.40 36.81 6.10
CA ARG F 81 -23.98 36.91 5.89
C ARG F 81 -23.22 37.65 7.01
N ARG F 82 -23.78 37.80 8.22
CA ARG F 82 -23.02 38.52 9.24
C ARG F 82 -22.44 37.60 10.32
N SER F 83 -22.53 38.01 11.59
CA SER F 83 -21.64 37.51 12.63
C SER F 83 -21.77 36.00 12.83
N ALA F 84 -23.00 35.48 12.92
CA ALA F 84 -23.19 34.07 13.20
C ALA F 84 -22.56 33.20 12.12
N ARG F 85 -22.74 33.56 10.85
CA ARG F 85 -22.05 32.86 9.78
C ARG F 85 -20.54 33.11 9.82
N PHE F 86 -20.12 34.30 10.24
CA PHE F 86 -18.73 34.71 10.12
C PHE F 86 -17.77 33.70 10.76
N ARG F 87 -18.04 33.32 12.01
CA ARG F 87 -17.12 32.46 12.73
C ARG F 87 -17.28 30.99 12.34
N ASN F 88 -18.52 30.50 12.32
CA ASN F 88 -18.75 29.05 12.32
C ASN F 88 -18.61 28.44 10.94
N VAL F 89 -19.15 29.11 9.90
CA VAL F 89 -19.44 28.52 8.60
C VAL F 89 -18.21 27.88 7.93
N VAL F 90 -17.05 28.02 8.56
CA VAL F 90 -15.80 27.79 7.83
C VAL F 90 -15.56 26.29 7.63
N GLY F 91 -15.62 25.51 8.69
CA GLY F 91 -15.14 24.15 8.66
C GLY F 91 -16.19 23.13 9.02
N SER F 92 -16.02 21.92 8.51
CA SER F 92 -16.82 20.76 8.86
C SER F 92 -15.90 19.62 9.25
N THR F 93 -16.18 18.99 10.39
CA THR F 93 -15.36 17.88 10.86
C THR F 93 -15.41 16.71 9.89
N ASP F 94 -16.59 16.42 9.34
CA ASP F 94 -16.69 15.38 8.32
C ASP F 94 -15.81 15.72 7.12
N GLN F 95 -15.69 17.00 6.78
CA GLN F 95 -14.82 17.41 5.69
C GLN F 95 -13.36 17.14 6.04
N SER F 96 -12.58 16.75 5.03
CA SER F 96 -11.17 16.47 5.24
C SER F 96 -10.41 17.77 5.53
N GLY F 97 -9.18 17.61 6.04
CA GLY F 97 -8.33 18.73 6.36
C GLY F 97 -8.49 19.30 7.75
N THR F 98 -9.38 18.73 8.57
CA THR F 98 -9.60 19.17 9.93
C THR F 98 -9.07 18.14 10.90
N PRO F 99 -8.19 18.52 11.82
CA PRO F 99 -7.62 17.54 12.75
C PRO F 99 -8.66 17.03 13.73
N GLU F 100 -8.68 15.71 13.92
CA GLU F 100 -9.58 15.12 14.89
C GLU F 100 -9.10 15.41 16.31
N GLN F 101 -10.04 15.56 17.23
CA GLN F 101 -9.69 15.82 18.62
C GLN F 101 -9.01 14.60 19.23
N SER F 102 -7.86 14.83 19.86
CA SER F 102 -7.12 13.79 20.54
C SER F 102 -7.02 14.11 22.03
N THR F 103 -6.96 13.06 22.85
CA THR F 103 -6.81 13.22 24.28
C THR F 103 -5.58 12.44 24.73
N PRO F 104 -4.70 13.03 25.54
CA PRO F 104 -3.48 12.33 25.95
C PRO F 104 -3.78 11.13 26.82
N ASP F 105 -2.78 10.27 26.95
CA ASP F 105 -2.91 9.08 27.78
C ASP F 105 -2.86 9.46 29.26
N GLU F 106 -3.38 8.56 30.09
CA GLU F 106 -3.45 8.76 31.54
C GLU F 106 -2.29 8.11 32.28
N VAL F 107 -1.12 8.01 31.63
CA VAL F 107 0.00 7.30 32.24
C VAL F 107 0.54 8.05 33.45
N ASN F 108 0.85 9.34 33.27
CA ASN F 108 1.36 10.14 34.38
C ASN F 108 0.35 10.19 35.52
N ALA F 109 -0.92 10.40 35.20
CA ALA F 109 -1.96 10.44 36.23
C ALA F 109 -2.08 9.11 36.94
N ALA F 110 -1.97 7.99 36.21
CA ALA F 110 -2.07 6.68 36.83
C ALA F 110 -0.90 6.43 37.77
N LEU F 111 0.31 6.77 37.36
CA LEU F 111 1.48 6.58 38.22
C LEU F 111 1.39 7.45 39.47
N ASP F 112 0.97 8.71 39.30
CA ASP F 112 0.79 9.59 40.46
C ASP F 112 -0.28 9.05 41.40
N ARG F 113 -1.37 8.52 40.85
CA ARG F 113 -2.43 7.94 41.68
C ARG F 113 -1.92 6.72 42.45
N LEU F 114 -1.11 5.88 41.79
CA LEU F 114 -0.53 4.72 42.49
C LEU F 114 0.35 5.17 43.65
N LEU F 115 1.21 6.15 43.41
CA LEU F 115 2.10 6.63 44.47
C LEU F 115 1.30 7.28 45.60
N ILE F 116 0.24 8.02 45.26
CA ILE F 116 -0.59 8.65 46.27
C ILE F 116 -1.28 7.61 47.12
N ALA F 117 -1.80 6.55 46.50
CA ALA F 117 -2.42 5.48 47.26
C ALA F 117 -1.43 4.79 48.18
N ASP F 118 -0.21 4.52 47.67
CA ASP F 118 0.82 3.90 48.50
C ASP F 118 1.14 4.75 49.71
N ALA F 119 1.34 6.05 49.51
CA ALA F 119 1.63 6.95 50.63
C ALA F 119 0.42 7.08 51.55
N LEU F 120 -0.79 6.92 51.03
CA LEU F 120 -1.98 6.97 51.86
C LEU F 120 -2.10 5.75 52.76
N ALA F 121 -1.59 4.60 52.30
CA ALA F 121 -1.67 3.39 53.12
C ALA F 121 -0.86 3.53 54.40
N GLN F 122 0.26 4.24 54.37
CA GLN F 122 1.15 4.37 55.51
C GLN F 122 0.75 5.52 56.44
N LEU F 123 -0.50 5.94 56.40
CA LEU F 123 -1.01 6.96 57.31
C LEU F 123 -1.95 6.34 58.33
N SER F 124 -2.08 7.01 59.47
CA SER F 124 -3.04 6.57 60.47
C SER F 124 -4.45 6.66 59.90
N ALA F 125 -5.35 5.87 60.49
CA ALA F 125 -6.73 5.84 60.01
C ALA F 125 -7.36 7.23 60.06
N GLU F 126 -7.01 8.02 61.08
CA GLU F 126 -7.58 9.36 61.22
C GLU F 126 -7.08 10.27 60.10
N HIS F 127 -5.76 10.34 59.92
CA HIS F 127 -5.20 11.20 58.89
C HIS F 127 -5.67 10.77 57.50
N ARG F 128 -5.70 9.45 57.25
CA ARG F 128 -6.13 8.96 55.94
C ARG F 128 -7.61 9.27 55.71
N ALA F 129 -8.44 9.15 56.73
CA ALA F 129 -9.85 9.48 56.62
C ALA F 129 -10.11 10.98 56.58
N VAL F 130 -9.12 11.79 56.94
CA VAL F 130 -9.28 13.25 56.83
C VAL F 130 -8.84 13.76 55.47
N ILE F 131 -7.71 13.28 54.93
CA ILE F 131 -7.24 13.80 53.65
C ILE F 131 -8.13 13.31 52.51
N GLN F 132 -8.77 12.16 52.66
CA GLN F 132 -9.68 11.68 51.63
C GLN F 132 -11.05 12.35 51.68
N ARG F 133 -11.30 13.18 52.69
CA ARG F 133 -12.52 13.96 52.79
C ARG F 133 -12.33 15.43 52.46
N SER F 134 -11.09 15.87 52.27
CA SER F 134 -10.80 17.24 51.88
C SER F 134 -10.33 17.39 50.44
N TYR F 135 -9.64 16.38 49.90
CA TYR F 135 -9.16 16.41 48.53
C TYR F 135 -9.90 15.44 47.61
N TYR F 136 -10.25 14.25 48.10
CA TYR F 136 -10.98 13.30 47.28
C TYR F 136 -12.47 13.63 47.23
N ARG F 137 -13.03 14.10 48.35
CA ARG F 137 -14.43 14.50 48.40
C ARG F 137 -14.62 16.01 48.31
N GLY F 138 -13.56 16.80 48.50
CA GLY F 138 -13.62 18.22 48.30
C GLY F 138 -14.50 18.98 49.28
N TRP F 139 -14.74 18.43 50.46
CA TRP F 139 -15.58 19.10 51.44
C TRP F 139 -14.85 20.30 52.04
N SER F 140 -15.59 21.10 52.81
CA SER F 140 -15.02 22.26 53.49
C SER F 140 -14.36 21.82 54.79
N THR F 141 -13.72 22.78 55.47
CA THR F 141 -13.05 22.48 56.73
C THR F 141 -14.05 22.14 57.83
N ALA F 142 -15.21 22.81 57.84
CA ALA F 142 -16.22 22.55 58.85
C ALA F 142 -17.07 21.33 58.54
N GLN F 143 -17.20 20.97 57.26
CA GLN F 143 -18.00 19.80 56.90
C GLN F 143 -17.35 18.52 57.42
N ILE F 144 -16.02 18.40 57.29
CA ILE F 144 -15.33 17.23 57.80
C ILE F 144 -15.42 17.19 59.33
N ALA F 145 -15.36 18.36 59.97
CA ALA F 145 -15.49 18.42 61.43
C ALA F 145 -16.87 17.96 61.87
N THR F 146 -17.91 18.35 61.13
CA THR F 146 -19.26 17.90 61.47
C THR F 146 -19.42 16.41 61.23
N ASP F 147 -18.82 15.89 60.16
CA ASP F 147 -18.95 14.47 59.84
C ASP F 147 -18.24 13.61 60.88
N LEU F 148 -16.95 13.86 61.10
CA LEU F 148 -16.16 13.02 61.99
C LEU F 148 -16.49 13.23 63.47
N GLY F 149 -17.28 14.23 63.81
CA GLY F 149 -17.59 14.50 65.20
C GLY F 149 -16.42 15.02 65.99
N ILE F 150 -15.55 15.80 65.36
CA ILE F 150 -14.38 16.37 66.03
C ILE F 150 -14.42 17.88 65.92
N ALA F 151 -13.37 18.55 66.41
CA ALA F 151 -13.34 20.00 66.41
C ALA F 151 -12.83 20.53 65.08
N GLU F 152 -12.94 21.85 64.91
CA GLU F 152 -12.48 22.51 63.70
C GLU F 152 -10.96 22.50 63.61
N GLY F 153 -10.30 23.05 64.63
CA GLY F 153 -8.84 23.04 64.65
C GLY F 153 -8.28 21.63 64.62
N THR F 154 -9.06 20.66 65.06
CA THR F 154 -8.63 19.27 64.96
C THR F 154 -8.46 18.86 63.50
N VAL F 155 -9.46 19.15 62.67
CA VAL F 155 -9.36 18.85 61.24
C VAL F 155 -8.22 19.64 60.62
N LYS F 156 -8.08 20.92 61.00
CA LYS F 156 -7.01 21.74 60.47
C LYS F 156 -5.63 21.12 60.76
N SER F 157 -5.40 20.73 62.01
CA SER F 157 -4.11 20.17 62.40
C SER F 157 -3.89 18.80 61.76
N ARG F 158 -4.94 17.99 61.65
CA ARG F 158 -4.79 16.68 61.03
C ARG F 158 -4.38 16.82 59.56
N LEU F 159 -5.04 17.72 58.83
CA LEU F 159 -4.62 17.98 57.45
C LEU F 159 -3.19 18.49 57.39
N HIS F 160 -2.86 19.45 58.27
CA HIS F 160 -1.53 20.05 58.26
C HIS F 160 -0.45 19.00 58.46
N TYR F 161 -0.68 18.02 59.34
CA TYR F 161 0.34 17.00 59.54
C TYR F 161 0.32 15.93 58.45
N ALA F 162 -0.87 15.51 58.01
CA ALA F 162 -0.93 14.43 57.04
C ALA F 162 -0.31 14.83 55.71
N VAL F 163 -0.46 16.10 55.33
CA VAL F 163 0.18 16.59 54.11
C VAL F 163 1.70 16.41 54.20
N ARG F 164 2.28 16.82 55.33
CA ARG F 164 3.73 16.71 55.50
C ARG F 164 4.17 15.26 55.65
N ALA F 165 3.31 14.40 56.20
CA ALA F 165 3.65 12.98 56.27
C ALA F 165 3.70 12.36 54.88
N LEU F 166 2.74 12.72 54.02
CA LEU F 166 2.79 12.28 52.63
C LEU F 166 4.05 12.82 51.95
N ARG F 167 4.43 14.06 52.23
CA ARG F 167 5.65 14.62 51.66
C ARG F 167 6.88 13.84 52.12
N LEU F 168 6.90 13.45 53.40
CA LEU F 168 8.02 12.65 53.92
C LEU F 168 8.09 11.30 53.23
N THR F 169 6.94 10.63 53.08
CA THR F 169 6.93 9.33 52.43
C THR F 169 7.32 9.43 50.96
N LEU F 170 6.96 10.53 50.29
CA LEU F 170 7.29 10.67 48.88
C LEU F 170 8.76 11.03 48.67
N GLN F 171 9.30 11.95 49.47
CA GLN F 171 10.69 12.32 49.32
C GLN F 171 11.63 11.16 49.67
N GLU F 172 11.18 10.24 50.52
CA GLU F 172 11.98 9.06 50.81
C GLU F 172 12.00 8.08 49.64
N LEU F 173 11.05 8.18 48.72
CA LEU F 173 11.01 7.36 47.52
C LEU F 173 11.45 8.12 46.28
N GLY F 174 11.89 9.36 46.43
CA GLY F 174 12.42 10.12 45.31
C GLY F 174 11.39 10.71 44.38
N VAL F 175 10.27 11.17 44.92
CA VAL F 175 9.25 11.83 44.11
C VAL F 175 9.72 13.26 43.82
N THR F 176 9.66 13.64 42.54
CA THR F 176 10.15 14.95 42.13
C THR F 176 9.32 16.07 42.74
N ARG F 177 10.00 17.11 43.21
CA ARG F 177 9.35 18.25 43.82
C ARG F 177 8.50 19.01 42.81
#